data_8ZJC
#
_entry.id   8ZJC
#
_cell.length_a   1.00
_cell.length_b   1.00
_cell.length_c   1.00
_cell.angle_alpha   90.00
_cell.angle_beta   90.00
_cell.angle_gamma   90.00
#
_symmetry.space_group_name_H-M   'P 1'
#
loop_
_entity.id
_entity.type
_entity.pdbx_description
1 polymer 'COR1 isoform 1'
2 polymer 'Cytochrome b-c1 complex subunit 2, mitochondrial'
3 polymer 'Cytochrome b'
4 polymer 'Cytochrome c1, heme protein, mitochondrial'
5 polymer 'Cytochrome b-c1 complex subunit Rieske, mitochondrial'
6 polymer 'Cytochrome b-c1 complex subunit 6, mitochondrial'
7 polymer 'Cytochrome b-c1 complex subunit 7'
8 polymer 'Cytochrome b-c1 complex subunit 8'
9 polymer 'Cytochrome b-c1 complex subunit 9, mitochondrial'
10 polymer 'Cytochrome b-c1 complex subunit 10, mitochondrial'
11 non-polymer 5-(3,7,11,15,19,23-HEXAMETHYL-TETRACOSA-2,6,10,14,18,22-HEXAENYL)-2,3-DIMETHOXY-6-METHYL-BENZENE-1,4-DIOL
12 non-polymer '(2R)-3-{[(S)-(2-aminoethoxy)(hydroxy)phosphoryl]oxy}-2-(tetradecanoyloxy)propyl octadecanoate'
13 non-polymer '(1R)-2-{[(S)-(2-aminoethoxy)(hydroxy)phosphoryl]oxy}-1-[(heptanoyloxy)methyl]ethyl octadecanoate'
14 non-polymer 'PROTOPORPHYRIN IX CONTAINING FE'
15 non-polymer '(5S,11R)-5,8,11-trihydroxy-5,11-dioxido-17-oxo-4,6,10,12,16-pentaoxa-5,11-diphosphaoctadec-1-yl pentadecanoate'
16 non-polymer '(2R,5S,11R,14R)-5,8,11-trihydroxy-2-(nonanoyloxy)-5,11-dioxido-16-oxo-14-[(propanoyloxy)methyl]-4,6,10,12,15-pentaoxa-5,11-diphosphanonadec-1-yl undecanoate'
17 non-polymer 'FE2/S2 (INORGANIC) CLUSTER'
18 non-polymer '(1R)-2-(phosphonooxy)-1-[(tridecanoyloxy)methyl]ethyl pentadecanoate'
#
loop_
_entity_poly.entity_id
_entity_poly.type
_entity_poly.pdbx_seq_one_letter_code
_entity_poly.pdbx_strand_id
1 'polypeptide(L)'
;AEVTQLSNGIVVATEHNPSAHTASVGVVFGSGAANENPYNNGVSNLWKNIFLSKENSAVAAKEGLALSSNISRDFQSYIV
SSLPGSTDKSLDFLNQSFIQQKANLLSSSNFEATKKSVLKQVQDFEENDHPNRVLEHLHSTAFQNTPLSLPTRGTLESLE
NLVVADLESFANNHFLNSNAVVVGTGNIKHEDLVNSIESKNLSLQTGTKPVLKKKAAFLGSEVRLRDDTLPKAWISLAVE
GEPVNSPNYFVAKLAAQIFGSYNAFEPASRLQGIKLLDNIQEYQLCDNFNHFSLSYKDSGLWGFSTATRNVTMIDDLIHF
TLKQWNRLTISVTDTEVERAKSLLKLQLGQLYESGNPVNDANLLGAEVLIKGSKLSLGEAFKKIDAITVKDVKAWAGKRL
WDQDIAIAGTGQIEGLLDYMRIRSDMSMMRW
;
A,L
2 'polypeptide(L)'
;LTVSARDAPTKISTLAVKVHGGSRYATKDGVAHLLNRFNFQNTNTRSALKLVRESELLGGTFKSTLDREYITLKATFLKD
DLPYYVNALADVLYKTAFKPHELTESVLPAARYDYAVAEQCPVKSAEDQLYAITFRKGLGNPLLYDGVERVSLQDIKDFA
DKVYTKENLEVSGENVVEADLKRFVDESLLSTLPAGKSLVSKSEPKFFLGEENRVRFIGDSVAAIGIPVNKASLAQYEVL
ANYLTSALSELSGLISSAKLDKFTDGGLFTLFVRDQDSAVVSSNIKKIVADLKKGKDLSPAINYTKLKNAVQNESVSSPI
ELNFDAVKDFKLGKFNYVAVGDVSNLPYLDEL
;
B,M
3 'polypeptide(L)'
;MAFRKSNVYLSLVNSYIIDSPQPSSINYWWNMGSLLGLCLVIQIVTGIFMAMHYSSNIELAFSSVEHIMRDVHNGYILRY
LHANGASFFFMVMFMHMAKGLYYGSYRSPRVTLWNVGVIIFILTIATAFLGYCCVYGQMSHWGATVITNLFSAIPFVGND
IVSWLWGGFSVSNPTIQRFFALHYLVPFIIAAMVIMHLMALHIHGSSNPLGITGNLDRIPMHSYFIFKDLVTVFLFMLIL
ALFVFYSPNTLGHPDNYIPGNPLVTPASIVPEWYLLPFYAILRSIPDKLLGVITMFAAILVLLVLPFTDRSVVRGNTFKV
LSKFFFFIFVFNFVLLGQIGACHVEVPYVLMGQIATFIYFAYFLIIVPVISTIENVLFYIGRVNK
;
C,N
4 'polypeptide(L)'
;MTAAEHGLHAPAYAWSHNGPFETFDHASIRRGYQVYREVCAACHSLDRVAWRTLVGVSHTNEEVRNMAEEFEYDDEPDEQ
GNPKKRPGKLSDYIPGPYPNEQAARAANQGALPPDLSLIVKARHGGCDYIFSLLTGYPDEPPAGVALPPGSNYNPYFPGG
SIAMARVLFDDMVEYEDGTPATTSQMAKDVTTFLNWCAEPEHDERKRLGLKTVIILSSLYLLSIWVKKFKWAGIKTRKFV
FNPPKPRK
;
D,O
5 'polypeptide(L)'
;KSTYRTPNFDDVLKENNDADKGRSYAYFMVGAMGLLSSAGAKSTVETFISSMTATADVLAMAKVEVNLAAIPLGKNVVVK
WQGKPVFIRHRTPHEIQEANSVDMSALKDPQTDADRVKDPQWLIMLGICTHLGCVPIGEAGDFGGWFCPCHGSHYDISGR
IRKGPAPLNLEIPAYEFDGDKVIVG
;
E,P
6 'polypeptide(L)' EVTDQLEDLREHFKNTEEGKALVHHYEECAERVKIQQQQPGYADLEHKEDCVEEFFHLQHYLDTATAPRLFDKLK F,Q
7 'polypeptide(L)'
;PQSFTSIARIGDYILKSPVLSKLCVPVANQFINLAGYKKLGLKFDDLIAEENPIMQTALRRLPEDESYARAYRIIRAHQT
ELTHHLLPRNEWIKAQEDVPYLLPYILEAEAAAKEKDELDNIEVSK
;
G,R
8 'polypeptide(L)'
;GPPSGKTYMGWWGHMGGPKQKGITSYAVSPYAQKPLQGIFHNAVFNSFRRFKSQFLYVLIPAGIYWYWWKNGNEYNEFLY
SKAGREELERVNV
;
H,S
9 'polypeptide(L)' SSLYKTFFKRNAVFVGTIFAGAFVFQTVFDTAITSWYENHNKGKLWKDVKARIAA I,T
10 'polypeptide(L)' KTGLHFGRLSLRSLTAYAPNLMLWGGASMLGLFVFTEGWPKFQDTLYKKIPL U,V
#
loop_
_chem_comp.id
_chem_comp.type
_chem_comp.name
_chem_comp.formula
6PH non-polymer '(1R)-2-(phosphonooxy)-1-[(tridecanoyloxy)methyl]ethyl pentadecanoate' 'C31 H61 O8 P'
8PE non-polymer '(2R)-3-{[(S)-(2-aminoethoxy)(hydroxy)phosphoryl]oxy}-2-(tetradecanoyloxy)propyl octadecanoate' 'C37 H74 N O8 P'
9PE non-polymer '(1R)-2-{[(S)-(2-aminoethoxy)(hydroxy)phosphoryl]oxy}-1-[(heptanoyloxy)methyl]ethyl octadecanoate' 'C30 H60 N O8 P'
CN3 non-polymer '(2R,5S,11R,14R)-5,8,11-trihydroxy-2-(nonanoyloxy)-5,11-dioxido-16-oxo-14-[(propanoyloxy)methyl]-4,6,10,12,15-pentaoxa-5,11-diphosphanonadec-1-yl undecanoate' 'C36 H68 O17 P2'
CN5 non-polymer '(5S,11R)-5,8,11-trihydroxy-5,11-dioxido-17-oxo-4,6,10,12,16-pentaoxa-5,11-diphosphaoctadec-1-yl pentadecanoate' 'C26 H52 O13 P2'
FES non-polymer 'FE2/S2 (INORGANIC) CLUSTER' 'Fe2 S2'
HEM non-polymer 'PROTOPORPHYRIN IX CONTAINING FE' 'C34 H32 Fe N4 O4'
UQ6 non-polymer 5-(3,7,11,15,19,23-HEXAMETHYL-TETRACOSA-2,6,10,14,18,22-HEXAENYL)-2,3-DIMETHOXY-6-METHYL-BENZENE-1,4-DIOL 'C39 H60 O4'
#
# COMPACT_ATOMS: atom_id res chain seq x y z
N ALA A 1 -6.51 -30.44 59.78
CA ALA A 1 -5.97 -31.65 60.38
C ALA A 1 -4.71 -31.35 61.18
N GLU A 2 -4.15 -32.39 61.81
CA GLU A 2 -2.98 -32.25 62.67
C GLU A 2 -2.03 -33.40 62.37
N VAL A 3 -0.76 -33.06 62.17
CA VAL A 3 0.28 -34.04 61.85
C VAL A 3 1.07 -34.34 63.11
N THR A 4 1.80 -35.45 63.06
CA THR A 4 2.57 -35.92 64.21
C THR A 4 3.78 -36.69 63.68
N GLN A 5 4.97 -36.21 64.01
CA GLN A 5 6.22 -36.80 63.58
C GLN A 5 6.95 -37.40 64.78
N LEU A 6 7.73 -38.44 64.53
CA LEU A 6 8.58 -39.06 65.54
C LEU A 6 9.87 -39.54 64.89
N SER A 7 10.80 -39.99 65.72
CA SER A 7 12.07 -40.52 65.26
C SER A 7 12.54 -41.55 66.28
N ASN A 8 12.28 -42.83 65.98
CA ASN A 8 12.80 -43.95 66.74
C ASN A 8 13.93 -44.67 66.01
N GLY A 9 14.73 -43.92 65.26
CA GLY A 9 15.62 -44.48 64.27
C GLY A 9 15.02 -44.34 62.89
N ILE A 10 13.69 -44.45 62.82
CA ILE A 10 12.92 -44.31 61.59
C ILE A 10 11.97 -43.13 61.77
N VAL A 11 11.89 -42.27 60.77
CA VAL A 11 11.01 -41.11 60.82
C VAL A 11 9.62 -41.54 60.37
N VAL A 12 8.65 -41.38 61.26
CA VAL A 12 7.26 -41.78 61.02
C VAL A 12 6.39 -40.54 61.12
N ALA A 13 5.63 -40.28 60.05
CA ALA A 13 4.69 -39.17 59.99
C ALA A 13 3.30 -39.71 59.72
N THR A 14 2.29 -39.00 60.20
CA THR A 14 0.92 -39.45 60.10
C THR A 14 -0.01 -38.25 60.09
N GLU A 15 -1.17 -38.42 59.43
CA GLU A 15 -2.21 -37.40 59.36
C GLU A 15 -3.56 -38.11 59.38
N HIS A 16 -4.12 -38.25 60.58
CA HIS A 16 -5.33 -39.03 60.78
C HIS A 16 -6.56 -38.25 60.32
N ASN A 17 -7.53 -38.98 59.75
CA ASN A 17 -8.83 -38.44 59.37
C ASN A 17 -9.91 -39.45 59.73
N PRO A 18 -10.75 -39.22 60.75
CA PRO A 18 -11.72 -40.25 61.13
C PRO A 18 -12.88 -40.41 60.16
N SER A 19 -13.02 -39.52 59.18
CA SER A 19 -14.10 -39.59 58.22
C SER A 19 -13.80 -40.47 57.01
N ALA A 20 -12.56 -40.87 56.81
CA ALA A 20 -12.18 -41.62 55.63
C ALA A 20 -12.57 -43.09 55.76
N HIS A 21 -12.83 -43.72 54.62
CA HIS A 21 -13.18 -45.12 54.55
C HIS A 21 -12.02 -46.01 54.09
N THR A 22 -10.81 -45.47 54.00
CA THR A 22 -9.65 -46.19 53.53
C THR A 22 -8.43 -45.76 54.34
N ALA A 23 -7.31 -46.43 54.10
CA ALA A 23 -6.05 -46.10 54.75
C ALA A 23 -4.91 -46.42 53.80
N SER A 24 -3.91 -45.54 53.78
CA SER A 24 -2.73 -45.69 52.95
C SER A 24 -1.48 -45.71 53.81
N VAL A 25 -0.53 -46.56 53.43
CA VAL A 25 0.74 -46.69 54.12
C VAL A 25 1.83 -46.81 53.07
N GLY A 26 2.93 -46.10 53.26
CA GLY A 26 4.00 -46.12 52.28
C GLY A 26 5.29 -45.55 52.81
N VAL A 27 6.24 -45.42 51.89
CA VAL A 27 7.57 -44.89 52.16
C VAL A 27 7.96 -43.94 51.04
N VAL A 28 8.49 -42.79 51.42
CA VAL A 28 8.91 -41.74 50.48
C VAL A 28 10.40 -41.50 50.67
N PHE A 29 11.14 -41.57 49.56
CA PHE A 29 12.58 -41.34 49.56
C PHE A 29 12.90 -39.95 49.02
N GLY A 30 14.00 -39.39 49.52
CA GLY A 30 14.37 -38.03 49.21
C GLY A 30 15.32 -37.89 48.04
N SER A 31 15.18 -38.77 47.05
CA SER A 31 16.00 -38.78 45.85
C SER A 31 15.10 -38.98 44.65
N GLY A 32 15.37 -38.25 43.57
CA GLY A 32 14.62 -38.35 42.35
C GLY A 32 15.51 -38.25 41.13
N ALA A 33 14.95 -37.66 40.07
CA ALA A 33 15.67 -37.50 38.81
C ALA A 33 16.85 -36.55 38.93
N ALA A 34 16.80 -35.62 39.88
CA ALA A 34 17.89 -34.67 40.07
C ALA A 34 19.09 -35.27 40.81
N ASN A 35 19.03 -36.54 41.17
CA ASN A 35 20.15 -37.26 41.79
C ASN A 35 20.69 -38.34 40.88
N GLU A 36 20.62 -38.12 39.57
CA GLU A 36 21.09 -39.03 38.54
C GLU A 36 22.11 -38.33 37.66
N ASN A 37 22.69 -39.11 36.73
CA ASN A 37 23.60 -38.60 35.72
C ASN A 37 23.06 -38.95 34.34
N PRO A 38 23.58 -38.36 33.25
CA PRO A 38 23.02 -38.64 31.93
C PRO A 38 23.16 -40.09 31.47
N TYR A 39 24.01 -40.88 32.10
CA TYR A 39 24.20 -42.27 31.68
C TYR A 39 23.10 -43.18 32.20
N ASN A 40 22.60 -42.92 33.40
CA ASN A 40 21.56 -43.72 34.03
C ASN A 40 20.25 -42.95 34.18
N ASN A 41 19.93 -42.12 33.19
CA ASN A 41 18.72 -41.32 33.25
C ASN A 41 17.53 -42.18 32.91
N GLY A 42 16.70 -42.48 33.90
CA GLY A 42 15.55 -43.35 33.76
C GLY A 42 15.53 -44.54 34.70
N VAL A 43 16.54 -44.67 35.56
CA VAL A 43 16.61 -45.81 36.45
C VAL A 43 15.57 -45.74 37.55
N SER A 44 15.09 -44.54 37.90
CA SER A 44 14.01 -44.42 38.88
C SER A 44 12.66 -44.74 38.26
N ASN A 45 12.51 -44.55 36.95
CA ASN A 45 11.26 -44.89 36.28
C ASN A 45 11.10 -46.40 36.13
N LEU A 46 12.20 -47.15 36.09
CA LEU A 46 12.13 -48.61 36.04
C LEU A 46 11.79 -49.22 37.39
N TRP A 47 12.26 -48.63 38.48
CA TRP A 47 11.88 -49.12 39.80
C TRP A 47 10.39 -48.94 40.06
N LYS A 48 9.79 -47.91 39.49
CA LYS A 48 8.34 -47.74 39.60
C LYS A 48 7.61 -48.92 38.98
N ASN A 49 7.96 -49.28 37.74
CA ASN A 49 7.23 -50.29 37.00
C ASN A 49 7.61 -51.70 37.41
N ILE A 50 8.74 -51.89 38.07
CA ILE A 50 9.06 -53.18 38.67
C ILE A 50 8.22 -53.40 39.92
N PHE A 51 7.93 -52.34 40.65
CA PHE A 51 7.07 -52.43 41.82
C PHE A 51 5.61 -52.68 41.43
N LEU A 52 5.19 -52.18 40.27
CA LEU A 52 3.83 -52.31 39.80
C LEU A 52 3.66 -53.42 38.77
N SER A 53 4.63 -54.32 38.66
CA SER A 53 4.53 -55.39 37.68
C SER A 53 3.46 -56.40 38.10
N LYS A 54 3.11 -57.27 37.16
CA LYS A 54 1.91 -58.07 37.28
C LYS A 54 2.03 -59.15 38.36
N GLU A 55 3.18 -59.81 38.48
CA GLU A 55 3.32 -60.85 39.48
C GLU A 55 3.43 -60.29 40.89
N ASN A 56 3.92 -59.07 41.05
CA ASN A 56 3.92 -58.42 42.35
C ASN A 56 2.52 -57.93 42.72
N SER A 57 1.80 -57.34 41.77
CA SER A 57 0.45 -56.85 42.04
C SER A 57 -0.54 -57.98 42.28
N ALA A 58 -0.31 -59.16 41.69
CA ALA A 58 -1.18 -60.29 41.94
C ALA A 58 -1.11 -60.76 43.38
N VAL A 59 0.08 -60.72 43.98
CA VAL A 59 0.23 -61.10 45.37
C VAL A 59 -0.50 -60.11 46.27
N ALA A 60 -0.59 -58.85 45.85
CA ALA A 60 -1.27 -57.84 46.66
C ALA A 60 -2.78 -57.95 46.55
N ALA A 61 -3.30 -58.19 45.35
CA ALA A 61 -4.73 -58.23 45.12
C ALA A 61 -5.43 -59.40 45.80
N LYS A 62 -4.68 -60.43 46.21
CA LYS A 62 -5.27 -61.56 46.93
C LYS A 62 -5.60 -61.22 48.38
N GLU A 63 -4.96 -60.20 48.95
CA GLU A 63 -5.24 -59.75 50.31
C GLU A 63 -6.02 -58.45 50.36
N GLY A 64 -6.42 -57.91 49.22
CA GLY A 64 -7.18 -56.68 49.20
C GLY A 64 -6.34 -55.43 49.21
N LEU A 65 -5.24 -55.40 48.46
CA LEU A 65 -4.27 -54.32 48.48
C LEU A 65 -4.08 -53.74 47.08
N ALA A 66 -3.97 -52.43 47.01
CA ALA A 66 -3.69 -51.70 45.78
C ALA A 66 -2.38 -50.93 45.92
N LEU A 67 -1.64 -50.87 44.82
CA LEU A 67 -0.31 -50.27 44.79
C LEU A 67 -0.28 -49.00 43.93
N SER A 68 0.64 -48.10 44.27
CA SER A 68 0.85 -46.88 43.53
C SER A 68 2.31 -46.45 43.67
N SER A 69 2.73 -45.54 42.80
CA SER A 69 4.07 -45.00 42.85
C SER A 69 4.14 -43.73 41.99
N ASN A 70 5.10 -42.87 42.31
CA ASN A 70 5.25 -41.58 41.64
C ASN A 70 6.70 -41.16 41.66
N ILE A 71 7.19 -40.71 40.50
CA ILE A 71 8.57 -40.26 40.33
C ILE A 71 8.57 -38.80 39.98
N SER A 72 9.30 -38.01 40.76
CA SER A 72 9.48 -36.57 40.50
C SER A 72 10.95 -36.20 40.59
N ARG A 73 11.26 -34.91 40.54
CA ARG A 73 12.65 -34.46 40.52
C ARG A 73 13.32 -34.59 41.88
N ASP A 74 12.59 -34.34 42.98
CA ASP A 74 13.15 -34.33 44.31
C ASP A 74 12.79 -35.53 45.17
N PHE A 75 11.85 -36.38 44.77
CA PHE A 75 11.45 -37.49 45.63
C PHE A 75 10.82 -38.61 44.81
N GLN A 76 10.67 -39.75 45.48
CA GLN A 76 10.04 -40.95 44.94
C GLN A 76 9.16 -41.55 46.02
N SER A 77 8.14 -42.31 45.60
CA SER A 77 7.10 -42.78 46.50
C SER A 77 6.67 -44.19 46.13
N TYR A 78 6.32 -44.97 47.14
CA TYR A 78 5.78 -46.32 46.98
C TYR A 78 4.72 -46.53 48.05
N ILE A 79 3.45 -46.54 47.62
CA ILE A 79 2.30 -46.53 48.53
C ILE A 79 1.54 -47.84 48.43
N VAL A 80 0.98 -48.28 49.55
CA VAL A 80 0.05 -49.41 49.62
C VAL A 80 -1.22 -48.92 50.29
N SER A 81 -2.37 -49.33 49.74
CA SER A 81 -3.69 -48.93 50.23
C SER A 81 -4.50 -50.16 50.61
N SER A 82 -5.42 -49.97 51.55
CA SER A 82 -6.18 -51.07 52.12
C SER A 82 -7.41 -50.51 52.81
N LEU A 83 -8.28 -51.40 53.26
CA LEU A 83 -9.39 -51.01 54.11
C LEU A 83 -8.86 -50.64 55.50
N PRO A 84 -9.64 -49.89 56.29
CA PRO A 84 -9.11 -49.40 57.57
C PRO A 84 -8.73 -50.49 58.56
N GLY A 85 -9.41 -51.63 58.54
CA GLY A 85 -9.11 -52.72 59.44
C GLY A 85 -8.19 -53.77 58.86
N SER A 86 -7.31 -53.37 57.93
CA SER A 86 -6.37 -54.29 57.31
C SER A 86 -4.99 -53.67 57.10
N THR A 87 -4.64 -52.65 57.87
CA THR A 87 -3.38 -51.94 57.68
C THR A 87 -2.17 -52.71 58.18
N ASP A 88 -2.38 -53.80 58.92
CA ASP A 88 -1.26 -54.63 59.35
C ASP A 88 -0.70 -55.45 58.21
N LYS A 89 -1.54 -55.86 57.27
CA LYS A 89 -1.07 -56.55 56.07
C LYS A 89 -0.34 -55.62 55.13
N SER A 90 -0.67 -54.33 55.12
CA SER A 90 0.01 -53.38 54.25
C SER A 90 1.49 -53.28 54.58
N LEU A 91 1.84 -53.31 55.87
CA LEU A 91 3.23 -53.19 56.27
C LEU A 91 4.04 -54.45 55.99
N ASP A 92 3.42 -55.63 56.12
CA ASP A 92 4.12 -56.87 55.81
C ASP A 92 4.48 -56.95 54.33
N PHE A 93 3.56 -56.57 53.44
CA PHE A 93 3.86 -56.58 52.01
C PHE A 93 5.00 -55.63 51.69
N LEU A 94 5.01 -54.45 52.29
CA LEU A 94 6.10 -53.50 52.10
C LEU A 94 7.41 -54.01 52.69
N ASN A 95 7.35 -54.93 53.65
CA ASN A 95 8.56 -55.47 54.26
C ASN A 95 9.30 -56.41 53.30
N GLN A 96 8.56 -57.26 52.58
CA GLN A 96 9.14 -58.22 51.67
C GLN A 96 9.28 -57.69 50.24
N SER A 97 9.45 -56.38 50.07
CA SER A 97 9.70 -55.79 48.76
C SER A 97 10.86 -54.79 48.78
N PHE A 98 11.12 -54.18 49.94
CA PHE A 98 12.21 -53.22 50.09
C PHE A 98 13.22 -53.64 51.15
N ILE A 99 12.76 -53.99 52.35
CA ILE A 99 13.69 -54.38 53.40
C ILE A 99 14.23 -55.78 53.13
N GLN A 100 13.40 -56.65 52.58
CA GLN A 100 13.79 -57.99 52.20
C GLN A 100 13.32 -58.30 50.79
N GLN A 101 14.09 -59.14 50.10
CA GLN A 101 13.64 -59.83 48.89
C GLN A 101 13.18 -58.87 47.79
N LYS A 102 14.13 -58.08 47.29
CA LYS A 102 13.97 -57.36 46.03
C LYS A 102 14.92 -57.92 44.98
N ALA A 103 15.13 -59.24 45.03
CA ALA A 103 15.85 -59.99 44.01
C ALA A 103 14.95 -60.91 43.20
N ASN A 104 13.88 -61.42 43.82
CA ASN A 104 12.82 -62.10 43.08
C ASN A 104 12.15 -61.21 42.05
N LEU A 105 12.15 -59.89 42.28
CA LEU A 105 11.55 -58.95 41.35
C LEU A 105 12.45 -58.62 40.18
N LEU A 106 13.78 -58.76 40.34
CA LEU A 106 14.74 -58.42 39.32
C LEU A 106 15.26 -59.66 38.60
N SER A 107 14.39 -60.64 38.40
CA SER A 107 14.72 -61.78 37.57
C SER A 107 14.89 -61.36 36.12
N SER A 108 15.37 -62.29 35.30
CA SER A 108 15.65 -61.98 33.90
C SER A 108 14.35 -61.77 33.11
N SER A 109 13.36 -62.64 33.34
CA SER A 109 12.11 -62.53 32.61
C SER A 109 11.32 -61.30 33.00
N ASN A 110 11.36 -60.93 34.28
CA ASN A 110 10.61 -59.79 34.76
C ASN A 110 11.24 -58.46 34.37
N PHE A 111 12.55 -58.43 34.09
CA PHE A 111 13.24 -57.21 33.73
C PHE A 111 13.16 -56.90 32.26
N GLU A 112 13.12 -57.91 31.39
CA GLU A 112 13.03 -57.67 29.96
C GLU A 112 11.64 -57.23 29.54
N ALA A 113 10.61 -57.85 30.11
CA ALA A 113 9.24 -57.45 29.79
C ALA A 113 8.93 -56.07 30.34
N THR A 114 9.50 -55.72 31.49
CA THR A 114 9.28 -54.41 32.08
C THR A 114 9.98 -53.32 31.28
N LYS A 115 11.21 -53.60 30.84
CA LYS A 115 11.95 -52.66 30.01
C LYS A 115 11.21 -52.37 28.71
N LYS A 116 10.74 -53.40 28.01
CA LYS A 116 10.00 -53.21 26.77
C LYS A 116 8.74 -52.38 26.98
N SER A 117 8.12 -52.48 28.16
CA SER A 117 6.95 -51.69 28.46
C SER A 117 7.27 -50.23 28.69
N VAL A 118 8.47 -49.92 29.19
CA VAL A 118 8.83 -48.55 29.48
C VAL A 118 9.35 -47.85 28.23
N LEU A 119 10.01 -48.58 27.33
CA LEU A 119 10.46 -47.99 26.09
C LEU A 119 9.31 -47.57 25.19
N LYS A 120 8.15 -48.20 25.33
CA LYS A 120 6.97 -47.87 24.55
C LYS A 120 6.17 -46.71 25.13
N GLN A 121 6.27 -46.49 26.45
CA GLN A 121 5.64 -45.34 27.07
C GLN A 121 6.34 -44.04 26.68
N VAL A 122 7.68 -44.05 26.74
CA VAL A 122 8.47 -42.86 26.47
C VAL A 122 8.48 -42.51 24.99
N GLN A 123 8.21 -43.48 24.12
CA GLN A 123 8.14 -43.22 22.69
C GLN A 123 6.83 -42.56 22.31
N ASP A 124 5.72 -43.04 22.86
CA ASP A 124 4.42 -42.41 22.64
C ASP A 124 4.31 -41.05 23.31
N PHE A 125 5.09 -40.80 24.36
CA PHE A 125 5.08 -39.50 25.02
C PHE A 125 5.75 -38.44 24.15
N GLU A 126 6.84 -38.81 23.49
CA GLU A 126 7.59 -37.86 22.66
C GLU A 126 6.95 -37.56 21.33
N GLU A 127 5.87 -38.25 20.95
CA GLU A 127 5.25 -38.12 19.64
C GLU A 127 3.79 -37.67 19.68
N ASN A 128 3.17 -37.62 20.85
CA ASN A 128 1.73 -37.35 20.95
C ASN A 128 1.38 -36.33 22.02
N ASP A 129 2.19 -36.21 23.07
CA ASP A 129 1.90 -35.35 24.21
C ASP A 129 2.78 -34.11 24.11
N HIS A 130 2.29 -33.09 23.42
CA HIS A 130 3.05 -31.92 23.06
C HIS A 130 3.13 -30.87 24.18
N PRO A 131 2.05 -30.61 24.93
CA PRO A 131 2.19 -29.63 26.03
C PRO A 131 3.18 -30.04 27.09
N ASN A 132 3.24 -31.32 27.45
CA ASN A 132 4.09 -31.77 28.54
C ASN A 132 5.54 -31.94 28.13
N ARG A 133 5.82 -32.29 26.86
CA ARG A 133 7.20 -32.44 26.42
C ARG A 133 7.86 -31.12 26.10
N VAL A 134 7.09 -30.06 25.85
CA VAL A 134 7.66 -28.73 25.68
C VAL A 134 8.03 -28.14 27.03
N LEU A 135 7.29 -28.48 28.08
CA LEU A 135 7.64 -28.04 29.43
C LEU A 135 8.82 -28.82 29.98
N GLU A 136 9.05 -30.04 29.50
CA GLU A 136 10.26 -30.78 29.86
C GLU A 136 11.49 -30.17 29.20
N HIS A 137 11.36 -29.74 27.94
CA HIS A 137 12.47 -29.10 27.25
C HIS A 137 12.81 -27.73 27.83
N LEU A 138 11.85 -27.08 28.47
CA LEU A 138 12.12 -25.83 29.17
C LEU A 138 13.07 -26.05 30.34
N HIS A 139 12.83 -27.09 31.15
CA HIS A 139 13.74 -27.41 32.23
C HIS A 139 15.11 -27.82 31.70
N SER A 140 15.18 -28.36 30.49
CA SER A 140 16.42 -28.88 29.94
C SER A 140 17.34 -27.82 29.36
N THR A 141 16.81 -26.67 28.94
CA THR A 141 17.62 -25.56 28.48
C THR A 141 17.85 -24.51 29.56
N ALA A 142 16.91 -24.33 30.48
CA ALA A 142 17.06 -23.38 31.56
C ALA A 142 18.10 -23.79 32.58
N PHE A 143 18.27 -25.09 32.81
CA PHE A 143 19.17 -25.62 33.81
C PHE A 143 20.21 -26.54 33.18
N GLN A 144 20.63 -26.23 31.96
CA GLN A 144 21.52 -27.11 31.22
C GLN A 144 22.85 -27.29 31.93
N ASN A 145 23.36 -28.52 31.88
CA ASN A 145 24.61 -28.94 32.51
C ASN A 145 24.52 -28.92 34.03
N THR A 146 23.33 -29.04 34.59
CA THR A 146 23.10 -29.18 36.02
C THR A 146 22.14 -30.34 36.25
N PRO A 147 22.01 -30.82 37.50
CA PRO A 147 21.15 -31.99 37.74
C PRO A 147 19.67 -31.77 37.46
N LEU A 148 19.21 -30.52 37.55
CA LEU A 148 17.80 -30.21 37.44
C LEU A 148 17.30 -30.18 36.00
N SER A 149 18.13 -30.55 35.02
CA SER A 149 17.75 -30.59 33.61
C SER A 149 17.25 -31.94 33.14
N LEU A 150 17.47 -33.01 33.91
CA LEU A 150 17.23 -34.32 33.37
C LEU A 150 15.74 -34.66 33.39
N PRO A 151 15.19 -35.32 32.36
CA PRO A 151 13.76 -35.66 32.40
C PRO A 151 13.47 -36.81 33.34
N THR A 152 12.27 -36.79 33.92
CA THR A 152 11.88 -37.75 34.95
C THR A 152 11.59 -39.14 34.41
N ARG A 153 11.16 -39.25 33.16
CA ARG A 153 10.91 -40.55 32.55
C ARG A 153 12.15 -41.18 31.97
N GLY A 154 13.19 -40.40 31.69
CA GLY A 154 14.33 -40.85 30.94
C GLY A 154 14.18 -40.57 29.46
N THR A 155 15.22 -40.90 28.72
CA THR A 155 15.24 -40.80 27.28
C THR A 155 15.35 -42.18 26.66
N LEU A 156 15.06 -42.26 25.36
CA LEU A 156 15.11 -43.52 24.65
C LEU A 156 16.54 -43.99 24.41
N GLU A 157 17.50 -43.07 24.44
CA GLU A 157 18.89 -43.43 24.19
C GLU A 157 19.58 -43.93 25.45
N SER A 158 19.24 -43.38 26.61
CA SER A 158 19.81 -43.82 27.88
C SER A 158 19.09 -45.02 28.48
N LEU A 159 17.82 -45.23 28.13
CA LEU A 159 17.08 -46.36 28.66
C LEU A 159 17.56 -47.69 28.09
N GLU A 160 17.96 -47.71 26.83
CA GLU A 160 18.34 -48.95 26.18
C GLU A 160 19.60 -49.57 26.76
N ASN A 161 20.46 -48.76 27.39
CA ASN A 161 21.73 -49.22 27.93
C ASN A 161 21.70 -49.41 29.44
N LEU A 162 20.55 -49.82 29.97
CA LEU A 162 20.37 -50.09 31.39
C LEU A 162 20.21 -51.58 31.61
N VAL A 163 21.04 -52.13 32.51
CA VAL A 163 21.00 -53.55 32.86
C VAL A 163 20.64 -53.67 34.34
N VAL A 164 20.53 -54.90 34.83
CA VAL A 164 20.08 -55.14 36.20
C VAL A 164 21.04 -54.51 37.20
N ALA A 165 22.33 -54.55 36.91
CA ALA A 165 23.33 -54.03 37.84
C ALA A 165 23.16 -52.53 38.08
N ASP A 166 22.62 -51.81 37.10
CA ASP A 166 22.37 -50.38 37.28
C ASP A 166 21.22 -50.15 38.25
N LEU A 167 20.28 -51.09 38.32
CA LEU A 167 19.17 -50.97 39.27
C LEU A 167 19.63 -51.24 40.69
N GLU A 168 20.53 -52.21 40.88
CA GLU A 168 21.00 -52.58 42.21
C GLU A 168 21.98 -51.55 42.77
N SER A 169 22.80 -50.96 41.92
CA SER A 169 23.72 -49.91 42.37
C SER A 169 22.97 -48.69 42.87
N PHE A 170 21.91 -48.29 42.15
CA PHE A 170 21.16 -47.10 42.53
C PHE A 170 20.42 -47.29 43.84
N ALA A 171 20.04 -48.52 44.17
CA ALA A 171 19.33 -48.79 45.42
C ALA A 171 20.26 -48.77 46.62
N ASN A 172 21.48 -49.26 46.47
CA ASN A 172 22.42 -49.28 47.59
C ASN A 172 22.82 -47.88 48.03
N ASN A 173 22.74 -46.90 47.13
CA ASN A 173 23.21 -45.55 47.42
C ASN A 173 22.10 -44.59 47.85
N HIS A 174 20.83 -44.94 47.63
CA HIS A 174 19.73 -43.99 47.81
C HIS A 174 18.56 -44.50 48.64
N PHE A 175 18.30 -45.81 48.65
CA PHE A 175 17.18 -46.36 49.43
C PHE A 175 17.67 -46.66 50.84
N LEU A 176 17.83 -45.58 51.61
CA LEU A 176 18.46 -45.60 52.91
C LEU A 176 17.52 -45.05 53.97
N ASN A 177 17.72 -45.52 55.21
CA ASN A 177 16.91 -45.06 56.33
C ASN A 177 17.13 -43.59 56.64
N SER A 178 18.33 -43.08 56.39
CA SER A 178 18.61 -41.67 56.53
C SER A 178 17.90 -40.81 55.50
N ASN A 179 17.42 -41.40 54.41
CA ASN A 179 16.81 -40.70 53.30
C ASN A 179 15.34 -41.06 53.11
N ALA A 180 14.67 -41.52 54.17
CA ALA A 180 13.37 -42.15 54.04
C ALA A 180 12.41 -41.62 55.11
N VAL A 181 11.13 -41.57 54.75
CA VAL A 181 10.05 -41.23 55.66
C VAL A 181 8.91 -42.22 55.45
N VAL A 182 8.42 -42.80 56.53
CA VAL A 182 7.27 -43.68 56.51
C VAL A 182 6.04 -42.86 56.84
N VAL A 183 5.01 -42.95 55.98
CA VAL A 183 3.85 -42.07 56.05
C VAL A 183 2.59 -42.91 56.21
N GLY A 184 1.56 -42.24 56.70
CA GLY A 184 0.25 -42.84 56.89
C GLY A 184 -0.83 -41.79 56.85
N THR A 185 -1.87 -42.04 56.06
CA THR A 185 -2.96 -41.10 55.87
C THR A 185 -4.28 -41.84 55.85
N GLY A 186 -5.36 -41.09 56.04
CA GLY A 186 -6.69 -41.64 56.07
C GLY A 186 -7.10 -42.06 57.47
N ASN A 187 -7.74 -43.22 57.57
CA ASN A 187 -8.24 -43.75 58.84
C ASN A 187 -7.18 -44.66 59.43
N ILE A 188 -6.18 -44.05 60.07
CA ILE A 188 -5.13 -44.79 60.75
C ILE A 188 -4.60 -43.93 61.89
N LYS A 189 -4.51 -44.53 63.08
CA LYS A 189 -4.03 -43.81 64.25
C LYS A 189 -2.51 -43.78 64.27
N HIS A 190 -1.96 -42.69 64.81
CA HIS A 190 -0.52 -42.49 64.81
C HIS A 190 0.21 -43.51 65.67
N GLU A 191 -0.39 -43.91 66.79
CA GLU A 191 0.30 -44.81 67.71
C GLU A 191 0.19 -46.27 67.27
N ASP A 192 -0.88 -46.62 66.57
CA ASP A 192 -1.00 -47.96 66.02
C ASP A 192 0.02 -48.23 64.91
N LEU A 193 0.47 -47.20 64.20
CA LEU A 193 1.44 -47.39 63.14
C LEU A 193 2.85 -47.59 63.70
N VAL A 194 3.23 -46.81 64.72
CA VAL A 194 4.59 -46.89 65.24
C VAL A 194 4.80 -48.17 66.04
N ASN A 195 3.80 -48.62 66.78
CA ASN A 195 3.92 -49.88 67.50
C ASN A 195 3.98 -51.08 66.58
N SER A 196 3.33 -51.01 65.42
CA SER A 196 3.45 -52.07 64.43
C SER A 196 4.85 -52.13 63.85
N ILE A 197 5.51 -50.99 63.69
CA ILE A 197 6.87 -50.98 63.16
C ILE A 197 7.87 -51.43 64.22
N GLU A 198 7.62 -51.10 65.49
CA GLU A 198 8.53 -51.52 66.57
C GLU A 198 8.49 -53.01 66.81
N SER A 199 7.39 -53.69 66.49
CA SER A 199 7.25 -55.12 66.71
C SER A 199 7.94 -55.97 65.66
N LYS A 200 8.71 -55.36 64.75
CA LYS A 200 9.34 -56.06 63.65
C LYS A 200 10.82 -55.78 63.49
N ASN A 201 11.34 -54.71 64.07
CA ASN A 201 12.77 -54.38 64.00
C ASN A 201 13.22 -54.16 62.56
N LEU A 202 12.53 -53.25 61.88
CA LEU A 202 12.82 -52.97 60.47
C LEU A 202 14.00 -52.01 60.34
N SER A 203 14.70 -52.13 59.21
CA SER A 203 15.79 -51.22 58.86
C SER A 203 16.09 -51.41 57.39
N LEU A 204 15.89 -50.37 56.57
CA LEU A 204 16.09 -50.51 55.14
C LEU A 204 17.57 -50.63 54.82
N GLN A 205 18.31 -49.54 55.05
CA GLN A 205 19.76 -49.45 54.95
C GLN A 205 20.13 -48.21 55.74
N THR A 206 21.39 -48.10 56.14
CA THR A 206 21.72 -47.17 57.21
C THR A 206 21.73 -45.70 56.77
N GLY A 207 22.64 -45.27 55.91
CA GLY A 207 22.61 -43.89 55.47
C GLY A 207 23.88 -43.44 54.77
N THR A 208 24.03 -42.11 54.74
CA THR A 208 25.10 -41.40 54.02
C THR A 208 25.05 -41.65 52.52
N LYS A 209 23.99 -41.10 51.89
CA LYS A 209 23.89 -41.07 50.44
C LYS A 209 24.98 -40.17 49.83
N PRO A 210 25.14 -40.18 48.51
CA PRO A 210 26.19 -39.36 47.89
C PRO A 210 25.99 -37.86 48.09
N VAL A 211 26.92 -37.10 47.51
CA VAL A 211 27.13 -35.70 47.89
C VAL A 211 26.51 -34.72 46.91
N LEU A 212 26.36 -35.07 45.63
CA LEU A 212 25.79 -34.17 44.63
C LEU A 212 26.65 -32.92 44.45
N LYS A 213 27.55 -32.95 43.47
CA LYS A 213 28.56 -31.91 43.31
C LYS A 213 27.98 -30.54 43.00
N LYS A 214 27.34 -30.40 41.85
CA LYS A 214 26.97 -29.10 41.32
C LYS A 214 25.61 -28.65 41.84
N LYS A 215 25.46 -27.33 41.93
CA LYS A 215 24.20 -26.71 42.25
C LYS A 215 23.45 -26.36 40.97
N ALA A 216 22.18 -26.04 41.12
CA ALA A 216 21.35 -25.63 40.01
C ALA A 216 21.61 -24.17 39.68
N ALA A 217 21.75 -23.89 38.38
CA ALA A 217 22.01 -22.54 37.89
C ALA A 217 21.14 -22.26 36.67
N PHE A 218 20.40 -21.17 36.74
CA PHE A 218 19.56 -20.73 35.63
C PHE A 218 20.38 -20.05 34.54
N LEU A 219 20.11 -20.42 33.29
CA LEU A 219 20.72 -19.80 32.13
C LEU A 219 19.65 -19.37 31.14
N GLY A 220 19.76 -18.13 30.66
CA GLY A 220 18.85 -17.63 29.64
C GLY A 220 19.19 -18.22 28.29
N SER A 221 18.22 -18.82 27.63
CA SER A 221 18.47 -19.69 26.49
C SER A 221 17.14 -19.99 25.80
N GLU A 222 17.22 -20.71 24.68
CA GLU A 222 16.03 -21.15 23.97
C GLU A 222 16.33 -22.44 23.22
N VAL A 223 15.27 -23.20 22.97
CA VAL A 223 15.32 -24.39 22.14
C VAL A 223 14.05 -24.47 21.31
N ARG A 224 14.21 -24.66 20.02
CA ARG A 224 13.11 -24.69 19.06
C ARG A 224 13.07 -26.04 18.34
N LEU A 225 11.90 -26.68 18.34
CA LEU A 225 11.68 -27.96 17.69
C LEU A 225 10.56 -27.79 16.66
N ARG A 226 10.92 -27.32 15.47
CA ARG A 226 9.94 -26.96 14.46
C ARG A 226 9.40 -28.19 13.73
N ASP A 227 8.08 -28.24 13.59
CA ASP A 227 7.40 -29.33 12.88
C ASP A 227 6.18 -28.75 12.20
N ASP A 228 6.27 -28.58 10.88
CA ASP A 228 5.22 -27.95 10.10
C ASP A 228 4.07 -28.89 9.76
N THR A 229 4.17 -30.17 10.10
CA THR A 229 3.09 -31.12 9.89
C THR A 229 2.04 -31.11 11.00
N LEU A 230 2.35 -30.53 12.18
CA LEU A 230 1.42 -30.48 13.28
C LEU A 230 0.51 -29.25 13.15
N PRO A 231 -0.69 -29.26 13.75
CA PRO A 231 -1.67 -28.19 13.49
C PRO A 231 -1.67 -27.01 14.44
N LYS A 232 -0.80 -26.94 15.43
CA LYS A 232 -0.82 -25.85 16.40
C LYS A 232 0.61 -25.41 16.67
N ALA A 233 0.74 -24.40 17.52
CA ALA A 233 2.00 -24.00 18.13
C ALA A 233 1.87 -24.07 19.64
N TRP A 234 2.79 -24.79 20.28
CA TRP A 234 2.85 -24.93 21.72
C TRP A 234 4.11 -24.22 22.23
N ILE A 235 3.95 -23.32 23.20
CA ILE A 235 5.04 -22.46 23.67
C ILE A 235 5.01 -22.39 25.20
N SER A 236 6.20 -22.39 25.81
CA SER A 236 6.38 -22.13 27.23
C SER A 236 7.52 -21.13 27.43
N LEU A 237 7.40 -20.32 28.49
CA LEU A 237 8.29 -19.18 28.73
C LEU A 237 8.34 -18.92 30.23
N ALA A 238 9.54 -18.74 30.77
CA ALA A 238 9.70 -18.57 32.21
C ALA A 238 10.95 -17.77 32.55
N VAL A 239 10.94 -17.23 33.77
CA VAL A 239 12.11 -16.65 34.42
C VAL A 239 12.50 -17.50 35.62
N GLU A 240 13.60 -17.14 36.28
CA GLU A 240 14.00 -17.78 37.53
C GLU A 240 13.10 -17.33 38.66
N GLY A 241 12.66 -18.28 39.48
CA GLY A 241 11.76 -18.03 40.58
C GLY A 241 12.29 -18.47 41.92
N GLU A 242 11.37 -18.82 42.82
CA GLU A 242 11.64 -19.06 44.22
C GLU A 242 11.78 -20.55 44.53
N PRO A 243 12.72 -20.98 45.35
CA PRO A 243 12.72 -22.36 45.85
C PRO A 243 11.80 -22.50 47.06
N VAL A 244 11.64 -23.73 47.51
CA VAL A 244 11.00 -23.95 48.79
C VAL A 244 11.92 -23.46 49.91
N ASN A 245 11.32 -23.19 51.06
CA ASN A 245 12.01 -22.55 52.18
C ASN A 245 12.53 -21.16 51.81
N SER A 246 11.80 -20.48 50.92
CA SER A 246 12.03 -19.09 50.57
C SER A 246 11.03 -18.18 51.29
N PRO A 247 11.39 -16.94 51.62
CA PRO A 247 10.37 -16.04 52.19
C PRO A 247 9.32 -15.60 51.18
N ASN A 248 9.66 -15.54 49.90
CA ASN A 248 8.76 -15.08 48.86
C ASN A 248 8.01 -16.23 48.20
N TYR A 249 7.81 -17.33 48.92
CA TYR A 249 7.15 -18.50 48.35
C TYR A 249 5.71 -18.20 47.96
N PHE A 250 4.96 -17.62 48.89
CA PHE A 250 3.54 -17.36 48.66
C PHE A 250 3.27 -16.09 47.88
N VAL A 251 4.26 -15.20 47.78
CA VAL A 251 4.09 -13.99 46.98
C VAL A 251 4.23 -14.30 45.50
N ALA A 252 5.11 -15.24 45.16
CA ALA A 252 5.21 -15.70 43.77
C ALA A 252 3.99 -16.50 43.36
N LYS A 253 3.44 -17.32 44.27
CA LYS A 253 2.23 -18.07 43.96
C LYS A 253 1.03 -17.15 43.74
N LEU A 254 0.97 -16.03 44.47
CA LEU A 254 -0.13 -15.10 44.34
C LEU A 254 -0.04 -14.27 43.07
N ALA A 255 1.17 -13.98 42.60
CA ALA A 255 1.35 -13.21 41.39
C ALA A 255 1.01 -14.00 40.13
N ALA A 256 1.07 -15.33 40.19
CA ALA A 256 0.63 -16.17 39.09
C ALA A 256 -0.88 -16.28 39.02
N GLN A 257 -1.56 -16.16 40.16
CA GLN A 257 -3.01 -16.20 40.22
C GLN A 257 -3.65 -14.92 39.68
N ILE A 258 -2.87 -13.86 39.51
CA ILE A 258 -3.41 -12.60 39.00
C ILE A 258 -3.73 -12.73 37.52
N PHE A 259 -2.91 -13.48 36.78
CA PHE A 259 -3.12 -13.71 35.36
C PHE A 259 -3.83 -15.03 35.05
N GLY A 260 -3.53 -16.08 35.81
CA GLY A 260 -4.35 -17.27 35.89
C GLY A 260 -4.38 -18.14 34.65
N SER A 261 -5.52 -18.80 34.46
CA SER A 261 -5.72 -19.81 33.44
C SER A 261 -6.93 -19.48 32.59
N TYR A 262 -6.89 -19.91 31.33
CA TYR A 262 -7.88 -19.55 30.33
C TYR A 262 -8.24 -20.73 29.46
N ASN A 263 -9.52 -20.81 29.10
CA ASN A 263 -10.01 -21.71 28.06
C ASN A 263 -11.00 -20.93 27.20
N ALA A 264 -10.71 -20.86 25.91
CA ALA A 264 -11.53 -20.06 25.00
C ALA A 264 -12.90 -20.67 24.74
N PHE A 265 -13.06 -21.97 24.90
CA PHE A 265 -14.30 -22.65 24.56
C PHE A 265 -15.25 -22.82 25.75
N GLU A 266 -14.81 -22.52 26.96
CA GLU A 266 -15.69 -22.49 28.13
C GLU A 266 -16.27 -21.09 28.31
N PRO A 267 -17.59 -20.91 28.39
CA PRO A 267 -18.11 -19.53 28.43
C PRO A 267 -17.74 -18.74 29.68
N ALA A 268 -17.70 -19.38 30.85
CA ALA A 268 -17.43 -18.64 32.09
C ALA A 268 -15.96 -18.25 32.24
N SER A 269 -15.05 -18.93 31.56
CA SER A 269 -13.65 -18.56 31.61
C SER A 269 -13.34 -17.32 30.79
N ARG A 270 -14.24 -16.90 29.92
CA ARG A 270 -14.10 -15.66 29.16
C ARG A 270 -14.51 -14.42 29.96
N LEU A 271 -15.06 -14.61 31.16
CA LEU A 271 -15.59 -13.52 31.97
C LEU A 271 -14.76 -13.23 33.21
N GLN A 272 -13.58 -13.84 33.34
CA GLN A 272 -12.74 -13.64 34.50
C GLN A 272 -12.20 -12.21 34.54
N GLY A 273 -12.02 -11.71 35.75
CA GLY A 273 -11.44 -10.39 35.96
C GLY A 273 -9.95 -10.35 35.73
N ILE A 274 -9.55 -10.54 34.49
CA ILE A 274 -8.14 -10.51 34.07
C ILE A 274 -8.03 -9.55 32.90
N LYS A 275 -7.25 -8.48 33.08
CA LYS A 275 -7.15 -7.43 32.06
C LYS A 275 -6.53 -7.91 30.77
N LEU A 276 -5.71 -8.97 30.81
CA LEU A 276 -5.10 -9.50 29.61
C LEU A 276 -6.14 -10.01 28.61
N LEU A 277 -7.31 -10.40 29.07
CA LEU A 277 -8.32 -11.01 28.20
C LEU A 277 -9.01 -10.01 27.29
N ASP A 278 -8.89 -8.70 27.56
CA ASP A 278 -9.43 -7.71 26.65
C ASP A 278 -8.62 -7.56 25.38
N ASN A 279 -7.34 -7.93 25.40
CA ASN A 279 -6.48 -7.88 24.23
C ASN A 279 -6.54 -9.17 23.41
N ILE A 280 -6.69 -10.31 24.08
CA ILE A 280 -6.58 -11.61 23.40
C ILE A 280 -7.86 -11.95 22.65
N GLN A 281 -9.01 -11.54 23.17
CA GLN A 281 -10.29 -11.99 22.64
C GLN A 281 -10.75 -11.22 21.40
N GLU A 282 -10.11 -10.10 21.07
CA GLU A 282 -10.50 -9.35 19.89
C GLU A 282 -10.24 -10.11 18.61
N TYR A 283 -9.06 -10.72 18.49
CA TYR A 283 -8.68 -11.52 17.32
C TYR A 283 -8.49 -12.99 17.65
N GLN A 284 -8.73 -13.41 18.90
CA GLN A 284 -8.64 -14.79 19.33
C GLN A 284 -7.26 -15.38 19.07
N LEU A 285 -6.30 -14.85 19.84
CA LEU A 285 -4.90 -15.17 19.63
C LEU A 285 -4.51 -16.55 20.14
N CYS A 286 -5.26 -17.11 21.09
CA CYS A 286 -4.92 -18.40 21.67
C CYS A 286 -6.18 -19.23 21.93
N ASP A 287 -5.95 -20.50 22.23
CA ASP A 287 -6.97 -21.42 22.72
C ASP A 287 -6.97 -21.56 24.23
N ASN A 288 -5.79 -21.63 24.85
CA ASN A 288 -5.70 -21.71 26.31
C ASN A 288 -4.34 -21.21 26.76
N PHE A 289 -4.27 -20.75 28.00
CA PHE A 289 -3.00 -20.53 28.69
C PHE A 289 -3.16 -20.84 30.17
N ASN A 290 -2.01 -21.05 30.82
CA ASN A 290 -1.96 -21.25 32.26
C ASN A 290 -0.64 -20.73 32.79
N HIS A 291 -0.71 -20.06 33.94
CA HIS A 291 0.46 -19.50 34.62
C HIS A 291 0.86 -20.41 35.77
N PHE A 292 2.16 -20.67 35.91
CA PHE A 292 2.69 -21.56 36.91
C PHE A 292 3.77 -20.88 37.76
N SER A 293 3.94 -21.40 38.98
CA SER A 293 5.07 -21.05 39.85
C SER A 293 5.57 -22.35 40.47
N LEU A 294 6.64 -22.88 39.92
CA LEU A 294 7.23 -24.14 40.35
C LEU A 294 8.41 -23.89 41.26
N SER A 295 8.60 -24.82 42.21
CA SER A 295 9.55 -24.64 43.29
C SER A 295 10.20 -25.98 43.62
N TYR A 296 11.54 -25.96 43.69
CA TYR A 296 12.32 -27.14 44.01
C TYR A 296 13.28 -26.85 45.16
N LYS A 297 14.16 -27.80 45.47
CA LYS A 297 15.08 -27.66 46.59
C LYS A 297 16.09 -26.54 46.36
N ASP A 298 16.48 -26.28 45.12
CA ASP A 298 17.58 -25.38 44.79
C ASP A 298 17.18 -24.17 43.97
N SER A 299 16.07 -24.21 43.23
CA SER A 299 15.69 -23.12 42.35
C SER A 299 14.21 -23.24 42.01
N GLY A 300 13.75 -22.45 41.04
CA GLY A 300 12.36 -22.48 40.62
C GLY A 300 12.17 -21.80 39.28
N LEU A 301 10.91 -21.79 38.85
CA LEU A 301 10.50 -21.22 37.58
C LEU A 301 9.15 -20.51 37.73
N TRP A 302 8.99 -19.42 37.00
CA TRP A 302 7.78 -18.60 37.01
C TRP A 302 7.46 -18.18 35.59
N GLY A 303 6.25 -18.46 35.13
CA GLY A 303 5.88 -18.15 33.76
C GLY A 303 4.53 -18.67 33.28
N PHE A 304 4.45 -19.04 32.00
CA PHE A 304 3.19 -19.47 31.41
C PHE A 304 3.44 -20.41 30.23
N SER A 305 2.39 -21.16 29.90
CA SER A 305 2.34 -22.04 28.74
C SER A 305 1.09 -21.72 27.93
N THR A 306 1.18 -21.89 26.61
CA THR A 306 0.07 -21.57 25.71
C THR A 306 0.05 -22.52 24.52
N ALA A 307 -1.15 -22.64 23.92
CA ALA A 307 -1.36 -23.37 22.68
C ALA A 307 -2.32 -22.57 21.81
N THR A 308 -2.02 -22.49 20.51
CA THR A 308 -2.79 -21.65 19.61
C THR A 308 -2.79 -22.22 18.21
N ARG A 309 -3.77 -21.77 17.43
CA ARG A 309 -3.87 -22.04 16.01
C ARG A 309 -3.69 -20.80 15.14
N ASN A 310 -3.70 -19.60 15.71
CA ASN A 310 -3.39 -18.37 14.99
C ASN A 310 -1.88 -18.26 14.84
N VAL A 311 -1.37 -18.91 13.80
CA VAL A 311 0.07 -19.00 13.58
C VAL A 311 0.65 -17.76 12.90
N THR A 312 -0.17 -16.74 12.63
CA THR A 312 0.30 -15.49 12.06
C THR A 312 0.28 -14.32 13.04
N MET A 313 -0.27 -14.50 14.24
CA MET A 313 -0.36 -13.46 15.26
C MET A 313 0.30 -13.91 16.56
N ILE A 314 1.35 -14.74 16.45
CA ILE A 314 2.06 -15.21 17.64
C ILE A 314 2.77 -14.06 18.33
N ASP A 315 3.36 -13.15 17.55
CA ASP A 315 4.13 -12.06 18.13
C ASP A 315 3.28 -11.08 18.92
N ASP A 316 2.00 -10.93 18.58
CA ASP A 316 1.11 -10.08 19.35
C ASP A 316 0.68 -10.73 20.67
N LEU A 317 0.58 -12.06 20.72
CA LEU A 317 0.27 -12.75 21.96
C LEU A 317 1.40 -12.65 22.97
N ILE A 318 2.63 -12.89 22.53
CA ILE A 318 3.77 -12.83 23.43
C ILE A 318 3.99 -11.39 23.88
N HIS A 319 3.77 -10.43 22.99
CA HIS A 319 3.93 -9.02 23.34
C HIS A 319 2.93 -8.58 24.39
N PHE A 320 1.64 -8.84 24.17
CA PHE A 320 0.62 -8.37 25.11
C PHE A 320 0.76 -9.01 26.48
N THR A 321 1.23 -10.26 26.55
CA THR A 321 1.34 -10.94 27.82
C THR A 321 2.47 -10.37 28.67
N LEU A 322 3.59 -10.03 28.03
CA LEU A 322 4.72 -9.49 28.75
C LEU A 322 4.54 -8.03 29.17
N LYS A 323 3.64 -7.30 28.52
CA LYS A 323 3.32 -5.94 28.95
C LYS A 323 2.45 -5.90 30.19
N GLN A 324 1.72 -6.98 30.49
CA GLN A 324 0.99 -7.07 31.73
C GLN A 324 1.89 -7.43 32.90
N TRP A 325 2.92 -8.24 32.66
CA TRP A 325 3.89 -8.54 33.69
C TRP A 325 4.59 -7.30 34.19
N ASN A 326 4.83 -6.32 33.30
CA ASN A 326 5.46 -5.07 33.68
C ASN A 326 4.65 -4.31 34.72
N ARG A 327 3.32 -4.40 34.64
CA ARG A 327 2.46 -3.70 35.57
C ARG A 327 2.64 -4.12 37.02
N LEU A 328 3.20 -5.31 37.27
CA LEU A 328 3.42 -5.73 38.65
C LEU A 328 4.47 -4.89 39.35
N THR A 329 5.35 -4.23 38.59
CA THR A 329 6.36 -3.35 39.13
C THR A 329 5.91 -1.90 39.17
N ILE A 330 5.05 -1.50 38.24
CA ILE A 330 4.68 -0.10 38.03
C ILE A 330 3.31 0.18 38.63
N SER A 331 2.30 -0.55 38.16
CA SER A 331 0.89 -0.20 38.38
C SER A 331 0.07 -1.48 38.55
N VAL A 332 -0.12 -1.90 39.80
CA VAL A 332 -0.96 -3.04 40.11
C VAL A 332 -1.96 -2.62 41.19
N THR A 333 -3.23 -2.89 40.93
CA THR A 333 -4.31 -2.34 41.74
C THR A 333 -4.56 -3.18 42.98
N ASP A 334 -5.11 -2.54 44.00
CA ASP A 334 -5.47 -3.23 45.23
C ASP A 334 -6.57 -4.26 44.99
N THR A 335 -7.45 -4.00 44.03
CA THR A 335 -8.50 -4.95 43.68
C THR A 335 -7.91 -6.24 43.10
N GLU A 336 -6.87 -6.12 42.29
CA GLU A 336 -6.25 -7.30 41.70
C GLU A 336 -5.57 -8.16 42.75
N VAL A 337 -5.12 -7.55 43.85
CA VAL A 337 -4.41 -8.29 44.88
C VAL A 337 -5.38 -9.00 45.81
N GLU A 338 -6.59 -8.47 45.99
CA GLU A 338 -7.58 -9.10 46.85
C GLU A 338 -8.32 -10.23 46.16
N ARG A 339 -8.55 -10.11 44.85
CA ARG A 339 -9.07 -11.23 44.08
C ARG A 339 -8.14 -12.43 44.16
N ALA A 340 -6.85 -12.22 43.90
CA ALA A 340 -5.87 -13.29 43.91
C ALA A 340 -5.66 -13.93 45.27
N LYS A 341 -5.92 -13.20 46.35
CA LYS A 341 -5.85 -13.81 47.68
C LYS A 341 -6.94 -14.84 47.87
N SER A 342 -8.15 -14.52 47.44
CA SER A 342 -9.30 -15.40 47.66
C SER A 342 -9.21 -16.67 46.80
N LEU A 343 -8.81 -16.53 45.55
CA LEU A 343 -8.74 -17.70 44.67
C LEU A 343 -7.56 -18.60 44.98
N LEU A 344 -6.44 -18.03 45.43
CA LEU A 344 -5.32 -18.84 45.86
C LEU A 344 -5.66 -19.72 47.05
N LYS A 345 -6.45 -19.20 48.01
CA LYS A 345 -6.86 -20.01 49.14
C LYS A 345 -7.76 -21.15 48.71
N LEU A 346 -8.63 -20.91 47.72
CA LEU A 346 -9.45 -21.97 47.16
C LEU A 346 -8.61 -22.99 46.41
N GLN A 347 -7.55 -22.55 45.72
CA GLN A 347 -6.69 -23.47 45.01
C GLN A 347 -5.90 -24.37 45.95
N LEU A 348 -5.38 -23.79 47.04
CA LEU A 348 -4.66 -24.59 48.03
C LEU A 348 -5.57 -25.47 48.86
N GLY A 349 -6.83 -25.09 49.04
CA GLY A 349 -7.74 -25.93 49.79
C GLY A 349 -8.14 -27.19 49.06
N GLN A 350 -8.27 -27.12 47.74
CA GLN A 350 -8.62 -28.30 46.95
C GLN A 350 -7.45 -29.28 46.85
N LEU A 351 -6.23 -28.78 46.81
CA LEU A 351 -5.06 -29.64 46.71
C LEU A 351 -4.83 -30.42 47.98
N TYR A 352 -4.96 -29.77 49.13
CA TYR A 352 -4.64 -30.39 50.42
C TYR A 352 -5.83 -31.03 51.12
N GLU A 353 -7.06 -30.73 50.71
CA GLU A 353 -8.25 -31.33 51.30
C GLU A 353 -9.07 -32.06 50.25
N SER A 354 -8.40 -32.77 49.36
CA SER A 354 -9.08 -33.72 48.49
C SER A 354 -9.44 -34.95 49.30
N GLY A 355 -10.10 -35.90 48.65
CA GLY A 355 -10.55 -37.10 49.33
C GLY A 355 -9.55 -38.23 49.28
N ASN A 356 -8.59 -38.16 48.37
CA ASN A 356 -7.71 -39.28 48.10
C ASN A 356 -6.61 -39.35 49.15
N PRO A 357 -6.50 -40.43 49.93
CA PRO A 357 -5.36 -40.55 50.85
C PRO A 357 -4.02 -40.74 50.15
N VAL A 358 -4.02 -41.12 48.87
CA VAL A 358 -2.77 -41.34 48.16
C VAL A 358 -2.12 -40.00 47.80
N ASN A 359 -2.91 -39.00 47.46
CA ASN A 359 -2.37 -37.68 47.16
C ASN A 359 -1.84 -37.01 48.42
N ASP A 360 -2.50 -37.23 49.56
CA ASP A 360 -2.06 -36.65 50.82
C ASP A 360 -0.80 -37.32 51.34
N ALA A 361 -0.56 -38.59 51.01
CA ALA A 361 0.68 -39.25 51.40
C ALA A 361 1.87 -38.71 50.64
N ASN A 362 1.69 -38.26 49.40
CA ASN A 362 2.80 -37.74 48.62
C ASN A 362 3.17 -36.33 49.06
N LEU A 363 2.17 -35.51 49.41
CA LEU A 363 2.45 -34.16 49.87
C LEU A 363 3.12 -34.16 51.24
N LEU A 364 2.66 -35.03 52.14
CA LEU A 364 3.22 -35.06 53.50
C LEU A 364 4.67 -35.49 53.50
N GLY A 365 5.00 -36.56 52.79
CA GLY A 365 6.36 -37.08 52.81
C GLY A 365 7.37 -36.14 52.19
N ALA A 366 6.98 -35.45 51.11
CA ALA A 366 7.90 -34.52 50.47
C ALA A 366 8.19 -33.32 51.34
N GLU A 367 7.20 -32.84 52.08
CA GLU A 367 7.38 -31.68 52.94
C GLU A 367 8.23 -32.00 54.17
N VAL A 368 7.96 -33.13 54.82
CA VAL A 368 8.73 -33.51 55.99
C VAL A 368 10.18 -33.80 55.63
N LEU A 369 10.42 -34.31 54.42
CA LEU A 369 11.78 -34.63 53.99
C LEU A 369 12.62 -33.38 53.74
N ILE A 370 12.00 -32.23 53.50
CA ILE A 370 12.69 -31.05 52.99
C ILE A 370 12.71 -29.89 53.97
N LYS A 371 11.88 -29.92 55.03
CA LYS A 371 11.95 -28.92 56.09
C LYS A 371 11.75 -29.49 57.49
N GLY A 372 11.63 -30.80 57.64
CA GLY A 372 11.50 -31.42 58.95
C GLY A 372 10.08 -31.53 59.46
N SER A 373 9.16 -30.71 58.98
CA SER A 373 7.78 -30.72 59.47
C SER A 373 6.86 -30.29 58.35
N LYS A 374 5.57 -30.15 58.66
CA LYS A 374 4.55 -29.74 57.71
C LYS A 374 3.83 -28.52 58.25
N LEU A 375 3.71 -27.49 57.41
CA LEU A 375 2.96 -26.31 57.77
C LEU A 375 1.46 -26.58 57.67
N SER A 376 0.72 -26.08 58.65
CA SER A 376 -0.73 -26.23 58.64
C SER A 376 -1.34 -25.36 57.54
N LEU A 377 -2.58 -25.70 57.18
CA LEU A 377 -3.33 -24.90 56.23
C LEU A 377 -3.91 -23.64 56.86
N GLY A 378 -4.11 -23.63 58.18
CA GLY A 378 -4.56 -22.44 58.84
C GLY A 378 -3.48 -21.40 59.01
N GLU A 379 -2.23 -21.83 59.10
CA GLU A 379 -1.10 -20.91 59.17
C GLU A 379 -0.74 -20.36 57.79
N ALA A 380 -0.96 -21.14 56.74
CA ALA A 380 -0.68 -20.65 55.39
C ALA A 380 -1.68 -19.59 54.95
N PHE A 381 -2.93 -19.71 55.40
CA PHE A 381 -3.94 -18.70 55.08
C PHE A 381 -3.61 -17.35 55.70
N LYS A 382 -3.03 -17.34 56.90
CA LYS A 382 -2.68 -16.09 57.55
C LYS A 382 -1.54 -15.37 56.84
N LYS A 383 -0.57 -16.11 56.32
CA LYS A 383 0.49 -15.48 55.53
C LYS A 383 -0.05 -14.86 54.26
N ILE A 384 -0.99 -15.53 53.59
CA ILE A 384 -1.55 -15.01 52.35
C ILE A 384 -2.33 -13.74 52.60
N ASP A 385 -3.04 -13.68 53.73
CA ASP A 385 -3.85 -12.51 54.04
C ASP A 385 -3.04 -11.29 54.48
N ALA A 386 -1.72 -11.45 54.67
CA ALA A 386 -0.85 -10.36 55.12
C ALA A 386 0.04 -9.83 54.01
N ILE A 387 -0.28 -10.11 52.76
CA ILE A 387 0.51 -9.64 51.62
C ILE A 387 -0.12 -8.35 51.11
N THR A 388 0.73 -7.34 50.89
CA THR A 388 0.31 -6.01 50.49
C THR A 388 0.70 -5.75 49.04
N VAL A 389 0.26 -4.60 48.55
CA VAL A 389 0.61 -4.17 47.19
C VAL A 389 2.09 -3.85 47.10
N LYS A 390 2.68 -3.35 48.18
CA LYS A 390 4.11 -3.03 48.17
C LYS A 390 4.97 -4.28 48.10
N ASP A 391 4.51 -5.40 48.65
CA ASP A 391 5.27 -6.64 48.62
C ASP A 391 5.35 -7.21 47.22
N VAL A 392 4.32 -7.01 46.39
CA VAL A 392 4.33 -7.53 45.03
C VAL A 392 5.28 -6.75 44.16
N LYS A 393 5.34 -5.42 44.35
CA LYS A 393 6.22 -4.59 43.55
C LYS A 393 7.68 -4.84 43.87
N ALA A 394 8.01 -5.08 45.14
CA ALA A 394 9.38 -5.39 45.50
C ALA A 394 9.82 -6.73 44.93
N TRP A 395 8.92 -7.72 44.93
CA TRP A 395 9.26 -9.02 44.39
C TRP A 395 9.46 -8.96 42.88
N ALA A 396 8.59 -8.24 42.18
CA ALA A 396 8.64 -8.18 40.73
C ALA A 396 9.83 -7.38 40.22
N GLY A 397 10.17 -6.26 40.85
CA GLY A 397 11.33 -5.50 40.44
C GLY A 397 12.64 -6.22 40.58
N LYS A 398 12.68 -7.26 41.42
CA LYS A 398 13.85 -8.12 41.59
C LYS A 398 13.86 -9.28 40.60
N ARG A 399 12.69 -9.88 40.33
CA ARG A 399 12.61 -11.15 39.65
C ARG A 399 12.15 -11.05 38.19
N LEU A 400 11.44 -9.99 37.83
CA LEU A 400 10.85 -9.85 36.50
C LEU A 400 11.42 -8.71 35.68
N TRP A 401 11.62 -7.53 36.27
CA TRP A 401 12.00 -6.34 35.52
C TRP A 401 13.42 -6.47 34.98
N ASP A 402 13.54 -6.44 33.65
CA ASP A 402 14.83 -6.48 32.94
C ASP A 402 15.66 -7.69 33.36
N GLN A 403 15.10 -8.88 33.11
CA GLN A 403 15.70 -10.14 33.49
C GLN A 403 15.66 -11.11 32.32
N ASP A 404 16.58 -12.07 32.35
CA ASP A 404 16.70 -13.05 31.29
C ASP A 404 15.57 -14.07 31.35
N ILE A 405 15.34 -14.75 30.22
CA ILE A 405 14.21 -15.64 30.04
C ILE A 405 14.67 -16.96 29.44
N ALA A 406 13.84 -17.98 29.62
CA ALA A 406 14.00 -19.28 28.97
C ALA A 406 12.76 -19.55 28.13
N ILE A 407 12.95 -20.11 26.94
CA ILE A 407 11.90 -20.33 25.96
C ILE A 407 12.01 -21.74 25.40
N ALA A 408 10.87 -22.36 25.14
CA ALA A 408 10.79 -23.60 24.37
C ALA A 408 9.52 -23.60 23.54
N GLY A 409 9.60 -24.25 22.39
CA GLY A 409 8.46 -24.32 21.49
C GLY A 409 8.51 -25.52 20.57
N THR A 410 7.35 -25.86 20.02
CA THR A 410 7.23 -26.90 19.02
C THR A 410 5.98 -26.66 18.20
N GLY A 411 6.02 -27.18 16.97
CA GLY A 411 4.94 -27.02 16.02
C GLY A 411 5.19 -25.97 14.97
N GLN A 412 4.15 -25.19 14.67
CA GLN A 412 4.22 -24.12 13.67
C GLN A 412 4.63 -22.81 14.37
N ILE A 413 5.94 -22.69 14.59
CA ILE A 413 6.52 -21.59 15.36
C ILE A 413 7.43 -20.72 14.48
N GLU A 414 7.16 -20.68 13.18
CA GLU A 414 7.87 -19.78 12.28
C GLU A 414 7.67 -18.33 12.69
N GLY A 415 6.48 -17.98 13.17
CA GLY A 415 6.17 -16.64 13.58
C GLY A 415 6.67 -16.21 14.94
N LEU A 416 7.34 -17.09 15.67
CA LEU A 416 7.96 -16.75 16.93
C LEU A 416 9.30 -16.10 16.67
N LEU A 417 9.44 -14.83 17.06
CA LEU A 417 10.59 -14.03 16.69
C LEU A 417 11.80 -14.40 17.54
N ASP A 418 12.91 -13.75 17.24
CA ASP A 418 14.20 -14.01 17.87
C ASP A 418 14.17 -13.69 19.37
N TYR A 419 15.26 -14.08 20.03
CA TYR A 419 15.37 -13.93 21.48
C TYR A 419 15.33 -12.47 21.92
N MET A 420 16.07 -11.60 21.24
CA MET A 420 16.25 -10.24 21.70
C MET A 420 15.03 -9.35 21.48
N ARG A 421 14.17 -9.68 20.51
CA ARG A 421 12.90 -8.98 20.41
C ARG A 421 11.98 -9.32 21.56
N ILE A 422 12.14 -10.50 22.15
CA ILE A 422 11.32 -10.93 23.27
C ILE A 422 11.96 -10.51 24.60
N ARG A 423 13.28 -10.61 24.70
CA ARG A 423 14.00 -10.14 25.87
C ARG A 423 13.76 -8.65 26.14
N SER A 424 13.64 -7.84 25.09
CA SER A 424 13.41 -6.41 25.23
C SER A 424 12.04 -6.05 25.78
N ASP A 425 11.05 -6.93 25.66
CA ASP A 425 9.71 -6.64 26.16
C ASP A 425 9.59 -6.82 27.67
N MET A 426 10.65 -7.24 28.36
CA MET A 426 10.62 -7.43 29.79
C MET A 426 10.83 -6.15 30.58
N SER A 427 11.27 -5.08 29.94
CA SER A 427 11.31 -3.75 30.53
C SER A 427 10.55 -2.81 29.62
N MET A 428 9.74 -1.95 30.23
CA MET A 428 8.92 -1.05 29.44
C MET A 428 9.81 -0.01 28.75
N MET A 429 10.45 0.85 29.53
CA MET A 429 11.32 1.92 29.06
C MET A 429 10.58 2.96 28.19
N ARG A 430 9.25 2.88 28.10
CA ARG A 430 8.39 4.00 27.74
C ARG A 430 7.93 4.68 29.03
N TRP A 431 8.90 4.95 29.88
CA TRP A 431 8.65 5.15 31.30
C TRP A 431 9.86 5.78 31.96
N LEU B 1 -38.46 -32.08 49.13
CA LEU B 1 -37.13 -31.56 49.39
C LEU B 1 -36.39 -32.40 50.42
N THR B 2 -35.42 -33.19 49.96
CA THR B 2 -34.56 -33.99 50.83
C THR B 2 -33.23 -33.28 50.97
N VAL B 3 -33.00 -32.67 52.14
CA VAL B 3 -31.75 -32.02 52.46
C VAL B 3 -30.92 -32.96 53.32
N SER B 4 -29.62 -33.01 53.04
CA SER B 4 -28.71 -33.92 53.70
C SER B 4 -27.32 -33.32 53.68
N ALA B 5 -26.56 -33.52 54.76
CA ALA B 5 -25.26 -32.89 54.84
C ALA B 5 -24.40 -33.60 55.89
N ARG B 6 -23.09 -33.59 55.63
CA ARG B 6 -22.09 -34.05 56.56
C ARG B 6 -21.20 -32.87 56.94
N ASP B 7 -20.73 -32.88 58.18
CA ASP B 7 -19.90 -31.82 58.74
C ASP B 7 -18.47 -32.32 58.90
N ALA B 8 -17.54 -31.38 58.95
CA ALA B 8 -16.12 -31.70 59.11
C ALA B 8 -15.36 -30.44 59.46
N PRO B 9 -14.16 -30.57 60.07
CA PRO B 9 -13.34 -29.40 60.39
C PRO B 9 -12.32 -29.07 59.29
N THR B 10 -12.81 -28.63 58.14
CA THR B 10 -11.98 -28.24 57.01
C THR B 10 -12.32 -26.81 56.61
N LYS B 11 -11.66 -26.33 55.55
CA LYS B 11 -11.81 -24.97 55.05
C LYS B 11 -12.80 -24.85 53.90
N ILE B 12 -12.96 -25.89 53.09
CA ILE B 12 -13.69 -25.83 51.83
C ILE B 12 -14.98 -26.60 51.96
N SER B 13 -16.07 -26.00 51.46
CA SER B 13 -17.38 -26.62 51.42
C SER B 13 -17.80 -26.88 49.97
N THR B 14 -18.70 -27.84 49.81
CA THR B 14 -19.25 -28.21 48.51
C THR B 14 -20.75 -28.40 48.64
N LEU B 15 -21.49 -27.82 47.71
CA LEU B 15 -22.95 -27.84 47.71
C LEU B 15 -23.43 -28.23 46.32
N ALA B 16 -24.30 -29.24 46.26
CA ALA B 16 -24.81 -29.79 45.02
C ALA B 16 -26.32 -29.84 45.01
N VAL B 17 -26.89 -29.68 43.82
CA VAL B 17 -28.33 -29.80 43.59
C VAL B 17 -28.50 -30.75 42.41
N LYS B 18 -29.07 -31.93 42.66
CA LYS B 18 -29.23 -32.97 41.66
C LYS B 18 -30.68 -33.01 41.20
N VAL B 19 -30.88 -33.07 39.89
CA VAL B 19 -32.20 -33.05 39.27
C VAL B 19 -32.32 -34.29 38.38
N HIS B 20 -33.47 -34.97 38.47
CA HIS B 20 -33.77 -36.09 37.57
C HIS B 20 -34.16 -35.54 36.20
N GLY B 21 -33.16 -35.07 35.47
CA GLY B 21 -33.35 -34.41 34.20
C GLY B 21 -32.33 -34.77 33.14
N GLY B 22 -31.81 -35.99 33.20
CA GLY B 22 -30.84 -36.44 32.25
C GLY B 22 -31.47 -36.78 30.91
N SER B 23 -30.64 -37.35 30.05
CA SER B 23 -31.02 -37.63 28.67
C SER B 23 -32.06 -38.74 28.55
N ARG B 24 -32.21 -39.60 29.56
CA ARG B 24 -33.23 -40.63 29.51
C ARG B 24 -34.64 -40.09 29.69
N TYR B 25 -34.79 -38.80 30.03
CA TYR B 25 -36.08 -38.15 30.17
C TYR B 25 -36.31 -37.08 29.11
N ALA B 26 -35.43 -37.00 28.10
CA ALA B 26 -35.50 -35.96 27.10
C ALA B 26 -36.68 -36.15 26.17
N THR B 27 -37.37 -35.04 25.90
CA THR B 27 -38.48 -35.04 24.95
C THR B 27 -38.00 -35.05 23.51
N LYS B 28 -36.96 -34.27 23.22
CA LYS B 28 -36.28 -34.26 21.93
C LYS B 28 -34.82 -34.63 22.14
N ASP B 29 -34.17 -35.03 21.05
CA ASP B 29 -32.81 -35.52 21.10
C ASP B 29 -31.86 -34.34 21.31
N GLY B 30 -31.24 -34.30 22.49
CA GLY B 30 -30.26 -33.29 22.81
C GLY B 30 -30.77 -32.09 23.57
N VAL B 31 -31.98 -32.13 24.12
CA VAL B 31 -32.51 -30.96 24.82
C VAL B 31 -31.97 -30.88 26.24
N ALA B 32 -31.59 -32.01 26.84
CA ALA B 32 -30.96 -31.98 28.15
C ALA B 32 -29.52 -31.48 28.09
N HIS B 33 -28.92 -31.46 26.90
CA HIS B 33 -27.58 -30.95 26.71
C HIS B 33 -27.56 -29.43 26.58
N LEU B 34 -28.60 -28.85 25.99
CA LEU B 34 -28.67 -27.41 25.82
C LEU B 34 -29.20 -26.69 27.04
N LEU B 35 -30.01 -27.35 27.87
CA LEU B 35 -30.35 -26.80 29.17
C LEU B 35 -29.16 -26.79 30.11
N ASN B 36 -28.28 -27.79 30.00
CA ASN B 36 -27.11 -27.85 30.85
C ASN B 36 -26.11 -26.75 30.52
N ARG B 37 -25.88 -26.49 29.23
CA ARG B 37 -25.01 -25.40 28.83
C ARG B 37 -25.66 -24.04 28.96
N PHE B 38 -26.95 -23.99 29.30
CA PHE B 38 -27.64 -22.74 29.55
C PHE B 38 -27.63 -22.32 31.02
N ASN B 39 -27.41 -23.25 31.94
CA ASN B 39 -27.34 -22.90 33.34
C ASN B 39 -26.16 -21.97 33.60
N PHE B 40 -26.36 -21.07 34.57
CA PHE B 40 -25.38 -20.06 34.97
C PHE B 40 -25.15 -19.02 33.88
N GLN B 41 -26.17 -18.77 33.06
CA GLN B 41 -26.24 -17.60 32.20
C GLN B 41 -26.98 -16.49 32.97
N ASN B 42 -27.41 -15.44 32.28
CA ASN B 42 -28.10 -14.34 32.93
C ASN B 42 -29.41 -14.78 33.55
N THR B 43 -29.70 -14.24 34.73
CA THR B 43 -31.01 -14.32 35.34
C THR B 43 -31.75 -13.00 35.15
N ASN B 44 -32.98 -12.95 35.66
CA ASN B 44 -33.80 -11.74 35.55
C ASN B 44 -33.31 -10.62 36.45
N THR B 45 -32.48 -10.92 37.45
CA THR B 45 -31.95 -9.92 38.38
C THR B 45 -30.47 -9.67 38.20
N ARG B 46 -29.67 -10.74 38.10
CA ARG B 46 -28.23 -10.66 38.06
C ARG B 46 -27.70 -11.20 36.74
N SER B 47 -26.75 -10.50 36.17
CA SER B 47 -26.10 -10.94 34.95
C SER B 47 -25.10 -12.06 35.22
N ALA B 48 -24.66 -12.69 34.15
CA ALA B 48 -23.65 -13.74 34.22
C ALA B 48 -22.26 -13.19 34.53
N LEU B 49 -21.96 -12.00 34.01
CA LEU B 49 -20.70 -11.34 34.31
C LEU B 49 -20.60 -11.00 35.78
N LYS B 50 -21.66 -10.45 36.36
CA LYS B 50 -21.63 -10.05 37.76
C LYS B 50 -21.49 -11.23 38.71
N LEU B 51 -22.06 -12.39 38.34
CA LEU B 51 -21.94 -13.56 39.18
C LEU B 51 -20.51 -14.08 39.24
N VAL B 52 -19.80 -14.06 38.12
CA VAL B 52 -18.42 -14.52 38.09
C VAL B 52 -17.53 -13.58 38.90
N ARG B 53 -17.74 -12.27 38.77
CA ARG B 53 -16.89 -11.31 39.46
C ARG B 53 -17.15 -11.29 40.96
N GLU B 54 -18.43 -11.34 41.38
CA GLU B 54 -18.74 -11.33 42.80
C GLU B 54 -18.15 -12.52 43.53
N SER B 55 -18.34 -13.72 42.99
CA SER B 55 -17.90 -14.95 43.63
C SER B 55 -16.39 -15.11 43.63
N GLU B 56 -15.68 -14.47 42.70
CA GLU B 56 -14.22 -14.54 42.71
C GLU B 56 -13.63 -13.83 43.92
N LEU B 57 -14.26 -12.74 44.36
CA LEU B 57 -13.79 -12.01 45.52
C LEU B 57 -14.15 -12.70 46.83
N LEU B 58 -15.11 -13.62 46.81
CA LEU B 58 -15.43 -14.46 47.95
C LEU B 58 -14.75 -15.83 47.90
N GLY B 59 -14.17 -16.21 46.75
CA GLY B 59 -13.52 -17.49 46.61
C GLY B 59 -14.46 -18.64 46.32
N GLY B 60 -15.10 -18.64 45.15
CA GLY B 60 -15.98 -19.73 44.77
C GLY B 60 -16.13 -19.84 43.27
N THR B 61 -16.62 -21.01 42.85
CA THR B 61 -16.83 -21.34 41.44
C THR B 61 -18.06 -22.22 41.31
N PHE B 62 -18.66 -22.15 40.12
CA PHE B 62 -19.85 -22.90 39.76
C PHE B 62 -19.58 -23.78 38.55
N LYS B 63 -20.35 -24.86 38.42
CA LYS B 63 -20.39 -25.63 37.19
C LYS B 63 -21.62 -26.52 37.19
N SER B 64 -21.97 -26.99 35.99
CA SER B 64 -23.10 -27.87 35.76
C SER B 64 -22.63 -29.07 34.95
N THR B 65 -23.24 -30.23 35.21
CA THR B 65 -22.81 -31.48 34.63
C THR B 65 -24.01 -32.34 34.26
N LEU B 66 -23.90 -33.06 33.15
CA LEU B 66 -24.97 -33.88 32.60
C LEU B 66 -24.53 -35.33 32.52
N ASP B 67 -25.44 -36.24 32.91
CA ASP B 67 -25.32 -37.66 32.62
C ASP B 67 -26.70 -38.18 32.24
N ARG B 68 -26.80 -39.49 32.04
CA ARG B 68 -28.03 -40.07 31.51
C ARG B 68 -29.16 -40.06 32.51
N GLU B 69 -28.87 -39.92 33.81
CA GLU B 69 -29.88 -39.88 34.86
C GLU B 69 -30.05 -38.50 35.48
N TYR B 70 -28.97 -37.75 35.69
CA TYR B 70 -29.01 -36.51 36.45
C TYR B 70 -28.48 -35.32 35.65
N ILE B 71 -28.99 -34.14 36.01
CA ILE B 71 -28.31 -32.87 35.85
C ILE B 71 -27.95 -32.38 37.25
N THR B 72 -26.72 -31.91 37.42
CA THR B 72 -26.16 -31.57 38.72
C THR B 72 -25.54 -30.19 38.70
N LEU B 73 -26.06 -29.30 39.55
CA LEU B 73 -25.49 -27.97 39.78
C LEU B 73 -24.65 -27.99 41.04
N LYS B 74 -23.39 -27.57 40.92
CA LYS B 74 -22.39 -27.71 41.97
C LYS B 74 -21.75 -26.36 42.28
N ALA B 75 -21.38 -26.19 43.54
CA ALA B 75 -20.68 -25.01 44.02
C ALA B 75 -19.59 -25.42 45.01
N THR B 76 -18.39 -24.87 44.83
CA THR B 76 -17.25 -25.13 45.70
C THR B 76 -16.74 -23.81 46.23
N PHE B 77 -16.66 -23.69 47.56
CA PHE B 77 -16.46 -22.38 48.18
C PHE B 77 -15.90 -22.52 49.59
N LEU B 78 -15.50 -21.37 50.15
CA LEU B 78 -15.00 -21.30 51.52
C LEU B 78 -16.14 -21.34 52.53
N LYS B 79 -15.89 -22.03 53.65
CA LYS B 79 -16.96 -22.56 54.50
C LYS B 79 -17.94 -21.50 54.97
N ASP B 80 -17.45 -20.32 55.34
CA ASP B 80 -18.27 -19.33 56.03
C ASP B 80 -19.18 -18.52 55.10
N ASP B 81 -19.14 -18.74 53.79
CA ASP B 81 -19.96 -17.99 52.84
C ASP B 81 -21.14 -18.81 52.33
N LEU B 82 -21.73 -19.64 53.18
CA LEU B 82 -22.80 -20.55 52.76
C LEU B 82 -24.03 -19.82 52.19
N PRO B 83 -24.66 -18.86 52.89
CA PRO B 83 -25.96 -18.37 52.43
C PRO B 83 -25.93 -17.64 51.09
N TYR B 84 -24.76 -17.20 50.61
CA TYR B 84 -24.70 -16.55 49.30
C TYR B 84 -24.89 -17.58 48.19
N TYR B 85 -24.35 -18.78 48.37
CA TYR B 85 -24.38 -19.80 47.33
C TYR B 85 -25.63 -20.65 47.35
N VAL B 86 -26.42 -20.60 48.41
CA VAL B 86 -27.73 -21.26 48.41
C VAL B 86 -28.71 -20.45 47.58
N ASN B 87 -28.61 -19.13 47.65
CA ASN B 87 -29.52 -18.25 46.92
C ASN B 87 -29.12 -18.06 45.46
N ALA B 88 -27.87 -18.36 45.10
CA ALA B 88 -27.47 -18.27 43.70
C ALA B 88 -27.96 -19.47 42.90
N LEU B 89 -27.82 -20.67 43.46
CA LEU B 89 -28.34 -21.86 42.80
C LEU B 89 -29.86 -21.84 42.71
N ALA B 90 -30.54 -21.17 43.63
CA ALA B 90 -32.00 -21.10 43.59
C ALA B 90 -32.51 -20.17 42.50
N ASP B 91 -31.79 -19.09 42.21
CA ASP B 91 -32.18 -18.20 41.12
C ASP B 91 -32.00 -18.87 39.76
N VAL B 92 -31.04 -19.79 39.65
CA VAL B 92 -30.83 -20.50 38.40
C VAL B 92 -32.03 -21.37 38.05
N LEU B 93 -32.61 -22.04 39.05
CA LEU B 93 -33.73 -22.92 38.83
C LEU B 93 -35.07 -22.20 38.74
N TYR B 94 -35.12 -20.90 39.05
CA TYR B 94 -36.37 -20.18 39.21
C TYR B 94 -36.59 -19.07 38.19
N LYS B 95 -35.60 -18.20 37.99
CA LYS B 95 -35.80 -16.96 37.24
C LYS B 95 -34.69 -16.75 36.22
N THR B 96 -34.38 -17.79 35.47
CA THR B 96 -33.44 -17.66 34.36
C THR B 96 -34.13 -17.03 33.15
N ALA B 97 -33.36 -16.27 32.37
CA ALA B 97 -33.92 -15.34 31.41
C ALA B 97 -34.41 -16.02 30.13
N PHE B 98 -33.60 -16.89 29.54
CA PHE B 98 -33.92 -17.56 28.27
C PHE B 98 -34.14 -16.55 27.15
N LYS B 99 -33.05 -15.83 26.81
CA LYS B 99 -33.07 -14.79 25.80
C LYS B 99 -32.46 -15.31 24.49
N PRO B 100 -32.96 -14.89 23.32
CA PRO B 100 -32.51 -15.53 22.08
C PRO B 100 -31.05 -15.33 21.72
N HIS B 101 -30.45 -14.21 22.08
CA HIS B 101 -29.07 -13.95 21.68
C HIS B 101 -28.06 -14.75 22.50
N GLU B 102 -28.46 -15.27 23.65
CA GLU B 102 -27.60 -16.16 24.41
C GLU B 102 -27.51 -17.54 23.79
N LEU B 103 -28.58 -18.01 23.17
CA LEU B 103 -28.54 -19.27 22.43
C LEU B 103 -27.60 -19.18 21.24
N THR B 104 -27.64 -18.06 20.53
CA THR B 104 -26.84 -17.91 19.32
C THR B 104 -25.37 -17.70 19.61
N GLU B 105 -25.05 -16.91 20.63
CA GLU B 105 -23.68 -16.45 20.85
C GLU B 105 -22.88 -17.31 21.82
N SER B 106 -23.53 -17.96 22.79
CA SER B 106 -22.83 -18.73 23.82
C SER B 106 -23.18 -20.20 23.83
N VAL B 107 -24.47 -20.54 23.79
CA VAL B 107 -24.89 -21.90 24.14
C VAL B 107 -24.65 -22.88 23.00
N LEU B 108 -25.03 -22.50 21.79
CA LEU B 108 -24.89 -23.42 20.66
C LEU B 108 -23.45 -23.65 20.24
N PRO B 109 -22.58 -22.63 20.26
CA PRO B 109 -21.16 -22.90 19.99
C PRO B 109 -20.50 -23.80 21.02
N ALA B 110 -20.93 -23.73 22.28
CA ALA B 110 -20.34 -24.59 23.31
C ALA B 110 -20.81 -26.03 23.19
N ALA B 111 -22.08 -26.23 22.83
CA ALA B 111 -22.58 -27.57 22.55
C ALA B 111 -21.95 -28.16 21.30
N ARG B 112 -21.56 -27.33 20.34
CA ARG B 112 -20.91 -27.83 19.14
C ARG B 112 -19.49 -28.29 19.41
N TYR B 113 -18.78 -27.60 20.31
CA TYR B 113 -17.43 -28.03 20.67
C TYR B 113 -17.45 -29.34 21.45
N ASP B 114 -18.46 -29.55 22.30
CA ASP B 114 -18.56 -30.80 23.05
C ASP B 114 -18.74 -31.98 22.10
N TYR B 115 -19.55 -31.82 21.06
CA TYR B 115 -19.82 -32.89 20.12
C TYR B 115 -18.62 -33.17 19.22
N ALA B 116 -17.85 -32.15 18.87
CA ALA B 116 -16.74 -32.33 17.94
C ALA B 116 -15.59 -33.13 18.55
N VAL B 117 -15.33 -32.97 19.84
CA VAL B 117 -14.24 -33.70 20.48
C VAL B 117 -14.64 -35.11 20.86
N ALA B 118 -15.93 -35.38 21.02
CA ALA B 118 -16.40 -36.72 21.34
C ALA B 118 -16.50 -37.62 20.12
N GLU B 119 -16.72 -37.06 18.94
CA GLU B 119 -16.80 -37.84 17.71
C GLU B 119 -15.45 -38.37 17.25
N GLN B 120 -14.35 -37.82 17.76
CA GLN B 120 -13.01 -38.30 17.44
C GLN B 120 -12.58 -39.50 18.26
N CYS B 121 -13.31 -39.83 19.33
CA CYS B 121 -12.96 -40.97 20.18
C CYS B 121 -13.77 -42.18 19.74
N PRO B 122 -13.15 -43.28 19.29
CA PRO B 122 -13.94 -44.44 18.89
C PRO B 122 -14.50 -45.26 20.04
N VAL B 123 -13.95 -45.14 21.25
CA VAL B 123 -14.48 -45.89 22.39
C VAL B 123 -15.78 -45.28 22.89
N LYS B 124 -15.94 -43.97 22.73
CA LYS B 124 -17.19 -43.32 23.11
C LYS B 124 -18.29 -43.56 22.09
N SER B 125 -17.95 -43.65 20.81
CA SER B 125 -18.93 -43.97 19.78
C SER B 125 -19.46 -45.38 19.95
N ALA B 126 -18.62 -46.32 20.35
CA ALA B 126 -19.05 -47.69 20.59
C ALA B 126 -19.96 -47.80 21.80
N GLU B 127 -19.69 -47.01 22.84
CA GLU B 127 -20.51 -47.06 24.05
C GLU B 127 -21.90 -46.49 23.77
N ASP B 128 -21.98 -45.43 22.97
CA ASP B 128 -23.27 -44.86 22.61
C ASP B 128 -24.12 -45.84 21.80
N GLN B 129 -23.48 -46.70 21.00
CA GLN B 129 -24.23 -47.65 20.19
C GLN B 129 -24.73 -48.82 21.02
N LEU B 130 -23.94 -49.30 21.97
CA LEU B 130 -24.37 -50.38 22.85
C LEU B 130 -25.57 -49.98 23.70
N TYR B 131 -25.69 -48.70 24.04
CA TYR B 131 -26.86 -48.23 24.77
C TYR B 131 -28.09 -48.18 23.90
N ALA B 132 -27.93 -47.91 22.61
CA ALA B 132 -29.07 -47.74 21.72
C ALA B 132 -29.69 -49.08 21.32
N ILE B 133 -28.88 -50.11 21.08
CA ILE B 133 -29.40 -51.40 20.67
C ILE B 133 -29.89 -52.26 21.84
N THR B 134 -29.40 -51.99 23.05
CA THR B 134 -29.85 -52.70 24.25
C THR B 134 -31.12 -52.08 24.82
N PHE B 135 -31.13 -50.76 24.95
CA PHE B 135 -32.32 -49.99 25.30
C PHE B 135 -32.60 -49.07 24.14
N ARG B 136 -33.86 -48.96 23.74
CA ARG B 136 -34.14 -48.34 22.45
C ARG B 136 -34.55 -46.87 22.55
N LYS B 137 -35.31 -46.50 23.58
CA LYS B 137 -35.93 -45.18 23.65
C LYS B 137 -35.70 -44.43 24.95
N GLY B 138 -35.29 -45.10 26.03
CA GLY B 138 -35.07 -44.49 27.33
C GLY B 138 -33.60 -44.25 27.54
N LEU B 139 -32.94 -45.15 28.27
CA LEU B 139 -31.49 -45.07 28.48
C LEU B 139 -30.71 -45.02 27.18
N GLY B 140 -31.27 -45.53 26.08
CA GLY B 140 -30.60 -45.51 24.80
C GLY B 140 -30.70 -44.23 24.02
N ASN B 141 -31.34 -43.20 24.55
CA ASN B 141 -31.37 -41.92 23.90
C ASN B 141 -29.96 -41.36 23.77
N PRO B 142 -29.68 -40.56 22.74
CA PRO B 142 -28.34 -39.96 22.64
C PRO B 142 -28.12 -38.90 23.71
N LEU B 143 -26.87 -38.80 24.15
CA LEU B 143 -26.50 -37.89 25.22
C LEU B 143 -26.39 -36.45 24.72
N LEU B 144 -25.63 -36.23 23.66
CA LEU B 144 -25.30 -34.91 23.17
C LEU B 144 -26.18 -34.51 21.98
N TYR B 145 -26.03 -33.26 21.58
CA TYR B 145 -26.82 -32.65 20.52
C TYR B 145 -25.99 -32.58 19.25
N ASP B 146 -26.59 -33.03 18.14
CA ASP B 146 -25.92 -33.13 16.85
C ASP B 146 -26.65 -32.44 15.72
N GLY B 147 -27.87 -31.95 15.94
CA GLY B 147 -28.61 -31.23 14.93
C GLY B 147 -29.49 -32.07 14.04
N VAL B 148 -29.60 -33.38 14.29
CA VAL B 148 -30.48 -34.23 13.50
C VAL B 148 -31.92 -33.82 13.70
N GLU B 149 -32.34 -33.71 14.96
CA GLU B 149 -33.64 -33.17 15.33
C GLU B 149 -33.44 -31.75 15.84
N ARG B 150 -34.28 -30.84 15.35
CA ARG B 150 -34.12 -29.42 15.61
C ARG B 150 -34.83 -29.05 16.91
N VAL B 151 -34.13 -28.29 17.76
CA VAL B 151 -34.61 -27.92 19.09
C VAL B 151 -34.64 -26.41 19.18
N SER B 152 -35.83 -25.86 19.43
CA SER B 152 -36.03 -24.43 19.50
C SER B 152 -35.84 -23.92 20.92
N LEU B 153 -35.92 -22.60 21.07
CA LEU B 153 -35.80 -21.98 22.39
C LEU B 153 -36.99 -22.32 23.28
N GLN B 154 -38.18 -22.45 22.72
CA GLN B 154 -39.34 -22.80 23.52
C GLN B 154 -39.31 -24.25 23.97
N ASP B 155 -38.63 -25.12 23.23
CA ASP B 155 -38.46 -26.50 23.68
C ASP B 155 -37.54 -26.58 24.89
N ILE B 156 -36.57 -25.68 25.00
CA ILE B 156 -35.67 -25.66 26.14
C ILE B 156 -36.41 -25.16 27.38
N LYS B 157 -37.30 -24.18 27.20
CA LYS B 157 -38.06 -23.63 28.31
C LYS B 157 -39.15 -24.55 28.80
N ASP B 158 -39.76 -25.33 27.91
CA ASP B 158 -40.78 -26.28 28.32
C ASP B 158 -40.19 -27.51 29.00
N PHE B 159 -38.95 -27.87 28.67
CA PHE B 159 -38.26 -28.94 29.38
C PHE B 159 -37.89 -28.52 30.80
N ALA B 160 -37.41 -27.29 30.96
CA ALA B 160 -37.04 -26.78 32.27
C ALA B 160 -38.23 -26.74 33.23
N ASP B 161 -39.41 -26.36 32.76
CA ASP B 161 -40.59 -26.37 33.61
C ASP B 161 -41.02 -27.77 34.01
N LYS B 162 -40.56 -28.79 33.29
CA LYS B 162 -40.90 -30.18 33.57
C LYS B 162 -40.00 -30.80 34.63
N VAL B 163 -38.72 -30.46 34.64
CA VAL B 163 -37.74 -31.14 35.48
C VAL B 163 -37.32 -30.34 36.69
N TYR B 164 -37.53 -29.02 36.70
CA TYR B 164 -37.20 -28.17 37.86
C TYR B 164 -38.44 -28.01 38.73
N THR B 165 -38.65 -29.00 39.58
CA THR B 165 -39.80 -29.09 40.47
C THR B 165 -39.34 -29.56 41.84
N LYS B 166 -40.15 -29.23 42.85
CA LYS B 166 -39.79 -29.55 44.23
C LYS B 166 -39.68 -31.05 44.49
N GLU B 167 -40.50 -31.87 43.84
CA GLU B 167 -40.51 -33.30 44.09
C GLU B 167 -39.53 -34.07 43.22
N ASN B 168 -38.68 -33.38 42.45
CA ASN B 168 -37.80 -33.99 41.48
C ASN B 168 -36.33 -33.60 41.67
N LEU B 169 -35.96 -33.06 42.82
CA LEU B 169 -34.58 -32.66 43.08
C LEU B 169 -34.17 -33.03 44.50
N GLU B 170 -32.86 -33.16 44.67
CA GLU B 170 -32.22 -33.38 45.95
C GLU B 170 -31.15 -32.33 46.19
N VAL B 171 -30.92 -32.01 47.46
CA VAL B 171 -29.88 -31.07 47.87
C VAL B 171 -28.93 -31.80 48.83
N SER B 172 -27.64 -31.68 48.57
CA SER B 172 -26.61 -32.35 49.37
C SER B 172 -25.47 -31.39 49.66
N GLY B 173 -24.87 -31.57 50.84
CA GLY B 173 -23.73 -30.77 51.24
C GLY B 173 -22.62 -31.61 51.83
N GLU B 174 -21.39 -31.24 51.52
CA GLU B 174 -20.19 -31.82 52.11
C GLU B 174 -19.45 -30.74 52.89
N ASN B 175 -19.09 -30.85 54.15
CA ASN B 175 -18.34 -30.03 55.11
C ASN B 175 -19.20 -28.84 55.56
N VAL B 176 -20.68 -29.18 55.63
CA VAL B 176 -21.74 -28.19 55.80
C VAL B 176 -22.57 -28.59 57.01
N VAL B 177 -22.92 -27.61 57.83
CA VAL B 177 -23.80 -27.86 58.97
C VAL B 177 -25.22 -28.05 58.44
N GLU B 178 -25.86 -29.14 58.85
CA GLU B 178 -27.16 -29.51 58.29
C GLU B 178 -28.28 -28.63 58.81
N ALA B 179 -28.23 -28.22 60.08
CA ALA B 179 -29.26 -27.35 60.62
C ALA B 179 -29.21 -25.96 59.99
N ASP B 180 -28.01 -25.50 59.65
CA ASP B 180 -27.87 -24.24 58.94
C ASP B 180 -28.38 -24.35 57.51
N LEU B 181 -28.10 -25.47 56.84
CA LEU B 181 -28.54 -25.65 55.46
C LEU B 181 -30.05 -25.74 55.36
N LYS B 182 -30.68 -26.53 56.23
CA LYS B 182 -32.13 -26.69 56.19
C LYS B 182 -32.87 -25.39 56.44
N ARG B 183 -32.26 -24.46 57.19
CA ARG B 183 -32.88 -23.18 57.46
C ARG B 183 -32.77 -22.23 56.27
N PHE B 184 -31.61 -22.19 55.63
CA PHE B 184 -31.42 -21.32 54.47
C PHE B 184 -32.18 -21.82 53.25
N VAL B 185 -32.55 -23.10 53.19
CA VAL B 185 -33.28 -23.63 52.05
C VAL B 185 -34.76 -23.27 52.16
N ASP B 186 -35.29 -23.18 53.38
CA ASP B 186 -36.70 -22.83 53.55
C ASP B 186 -36.96 -21.37 53.25
N GLU B 187 -36.04 -20.49 53.62
CA GLU B 187 -36.13 -19.07 53.27
C GLU B 187 -35.42 -18.80 51.96
N SER B 188 -35.81 -19.55 50.93
CA SER B 188 -35.20 -19.45 49.62
C SER B 188 -36.28 -19.68 48.57
N LEU B 189 -35.94 -19.37 47.33
CA LEU B 189 -36.85 -19.58 46.21
C LEU B 189 -36.97 -21.05 45.82
N LEU B 190 -36.13 -21.93 46.37
CA LEU B 190 -36.32 -23.36 46.16
C LEU B 190 -37.66 -23.82 46.70
N SER B 191 -38.11 -23.24 47.82
CA SER B 191 -39.38 -23.61 48.42
C SER B 191 -40.59 -23.04 47.68
N THR B 192 -40.38 -22.08 46.79
CA THR B 192 -41.45 -21.47 46.01
C THR B 192 -41.60 -22.10 44.64
N LEU B 193 -40.78 -23.10 44.30
CA LEU B 193 -40.90 -23.75 43.01
C LEU B 193 -42.22 -24.51 42.92
N PRO B 194 -42.62 -24.91 41.72
CA PRO B 194 -43.82 -25.77 41.60
C PRO B 194 -43.59 -27.13 42.23
N ALA B 195 -44.61 -27.61 42.95
CA ALA B 195 -44.62 -28.96 43.49
C ALA B 195 -45.24 -29.88 42.45
N GLY B 196 -44.38 -30.39 41.57
CA GLY B 196 -44.81 -31.20 40.46
C GLY B 196 -44.83 -32.68 40.75
N LYS B 197 -44.04 -33.44 40.00
CA LYS B 197 -44.05 -34.89 40.06
C LYS B 197 -42.65 -35.41 39.80
N SER B 198 -42.31 -36.50 40.46
CA SER B 198 -41.03 -37.17 40.21
C SER B 198 -41.14 -38.02 38.95
N LEU B 199 -40.10 -37.95 38.13
CA LEU B 199 -40.06 -38.66 36.86
C LEU B 199 -39.53 -40.09 36.97
N VAL B 200 -39.04 -40.49 38.15
CA VAL B 200 -38.46 -41.81 38.30
C VAL B 200 -39.57 -42.86 38.25
N SER B 201 -39.28 -43.98 37.61
CA SER B 201 -40.19 -45.11 37.52
C SER B 201 -39.54 -46.34 38.14
N LYS B 202 -40.25 -46.97 39.06
CA LYS B 202 -39.76 -48.17 39.72
C LYS B 202 -39.88 -49.41 38.84
N SER B 203 -40.58 -49.32 37.71
CA SER B 203 -40.53 -50.37 36.71
C SER B 203 -39.11 -50.57 36.20
N GLU B 204 -38.75 -51.82 35.99
CA GLU B 204 -37.49 -52.13 35.36
C GLU B 204 -37.59 -51.85 33.85
N PRO B 205 -36.53 -51.40 33.20
CA PRO B 205 -36.63 -51.15 31.76
C PRO B 205 -36.70 -52.44 30.97
N LYS B 206 -37.15 -52.31 29.73
CA LYS B 206 -37.13 -53.40 28.77
C LYS B 206 -35.80 -53.39 28.03
N PHE B 207 -35.27 -54.58 27.77
CA PHE B 207 -33.96 -54.76 27.16
C PHE B 207 -34.07 -55.78 26.04
N PHE B 208 -33.01 -55.82 25.23
CA PHE B 208 -32.94 -56.69 24.07
C PHE B 208 -31.58 -57.37 24.04
N LEU B 209 -31.53 -58.54 23.40
CA LEU B 209 -30.32 -59.34 23.33
C LEU B 209 -30.13 -59.87 21.92
N GLY B 210 -28.88 -60.20 21.60
CA GLY B 210 -28.54 -60.74 20.30
C GLY B 210 -28.44 -59.75 19.16
N GLU B 211 -28.17 -58.49 19.46
CA GLU B 211 -28.11 -57.44 18.46
C GLU B 211 -26.66 -57.19 18.01
N GLU B 212 -26.53 -56.42 16.93
CA GLU B 212 -25.25 -56.24 16.27
C GLU B 212 -25.28 -54.91 15.50
N ASN B 213 -24.07 -54.22 15.59
CA ASN B 213 -23.96 -53.09 14.70
C ASN B 213 -22.49 -52.88 14.32
N ARG B 214 -22.29 -52.14 13.10
CA ARG B 214 -20.98 -51.87 12.56
C ARG B 214 -20.93 -50.46 12.01
N VAL B 215 -19.80 -49.79 12.21
CA VAL B 215 -19.61 -48.39 11.86
C VAL B 215 -18.22 -48.19 11.28
N ARG B 216 -18.15 -47.57 10.10
CA ARG B 216 -16.87 -47.24 9.48
C ARG B 216 -16.29 -45.97 10.10
N PHE B 217 -14.98 -45.96 10.30
CA PHE B 217 -14.30 -44.89 11.01
C PHE B 217 -12.83 -44.92 10.64
N ILE B 218 -12.25 -43.73 10.48
CA ILE B 218 -10.85 -43.57 10.13
C ILE B 218 -10.07 -43.37 11.43
N GLY B 219 -9.13 -44.27 11.69
CA GLY B 219 -8.35 -44.24 12.91
C GLY B 219 -8.08 -45.61 13.48
N ASP B 220 -8.32 -45.77 14.78
CA ASP B 220 -8.15 -47.04 15.46
C ASP B 220 -9.46 -47.82 15.45
N SER B 221 -9.34 -49.12 15.70
CA SER B 221 -10.46 -50.05 15.65
C SER B 221 -10.83 -50.51 17.05
N VAL B 222 -12.12 -50.76 17.26
CA VAL B 222 -12.68 -51.13 18.55
C VAL B 222 -13.62 -52.31 18.37
N ALA B 223 -13.66 -53.17 19.39
CA ALA B 223 -14.64 -54.24 19.50
C ALA B 223 -15.17 -54.28 20.92
N ALA B 224 -16.48 -54.14 21.06
CA ALA B 224 -17.12 -53.97 22.37
C ALA B 224 -18.34 -54.85 22.49
N ILE B 225 -18.61 -55.30 23.72
CA ILE B 225 -19.79 -56.10 24.05
C ILE B 225 -20.51 -55.49 25.24
N GLY B 226 -21.82 -55.74 25.29
CA GLY B 226 -22.68 -55.23 26.35
C GLY B 226 -23.65 -56.28 26.87
N ILE B 227 -23.91 -56.25 28.19
CA ILE B 227 -24.80 -57.19 28.85
C ILE B 227 -25.71 -56.41 29.79
N PRO B 228 -27.04 -56.46 29.67
CA PRO B 228 -27.89 -55.82 30.67
C PRO B 228 -27.99 -56.62 31.96
N VAL B 229 -28.13 -55.90 33.07
CA VAL B 229 -28.04 -56.46 34.42
C VAL B 229 -29.23 -55.98 35.23
N ASN B 230 -29.85 -56.90 35.97
CA ASN B 230 -30.95 -56.57 36.86
C ASN B 230 -30.43 -56.19 38.24
N LYS B 231 -31.34 -55.79 39.12
CA LYS B 231 -30.96 -55.32 40.44
C LYS B 231 -30.31 -56.41 41.28
N ALA B 232 -30.81 -57.64 41.19
CA ALA B 232 -30.32 -58.73 42.04
C ALA B 232 -28.98 -59.30 41.62
N SER B 233 -28.44 -58.90 40.46
CA SER B 233 -27.20 -59.46 39.93
C SER B 233 -26.11 -58.41 39.78
N LEU B 234 -26.28 -57.23 40.39
CA LEU B 234 -25.32 -56.16 40.20
C LEU B 234 -23.96 -56.49 40.82
N ALA B 235 -23.95 -57.20 41.95
CA ALA B 235 -22.70 -57.51 42.62
C ALA B 235 -21.87 -58.55 41.88
N GLN B 236 -22.52 -59.54 41.26
CA GLN B 236 -21.80 -60.52 40.46
C GLN B 236 -21.05 -59.88 39.32
N TYR B 237 -21.60 -58.82 38.73
CA TYR B 237 -20.97 -58.14 37.60
C TYR B 237 -20.02 -57.03 38.03
N GLU B 238 -20.13 -56.55 39.26
CA GLU B 238 -19.16 -55.61 39.79
C GLU B 238 -17.83 -56.30 40.09
N VAL B 239 -17.88 -57.54 40.57
CA VAL B 239 -16.67 -58.31 40.80
C VAL B 239 -16.00 -58.66 39.48
N LEU B 240 -16.81 -59.00 38.47
CA LEU B 240 -16.29 -59.33 37.16
C LEU B 240 -15.55 -58.15 36.53
N ALA B 241 -16.12 -56.95 36.62
CA ALA B 241 -15.49 -55.77 36.05
C ALA B 241 -14.14 -55.48 36.69
N ASN B 242 -13.99 -55.76 37.98
CA ASN B 242 -12.73 -55.54 38.67
C ASN B 242 -11.75 -56.69 38.49
N TYR B 243 -12.24 -57.93 38.43
CA TYR B 243 -11.37 -59.08 38.22
C TYR B 243 -10.70 -59.06 36.85
N LEU B 244 -11.38 -58.54 35.82
CA LEU B 244 -10.82 -58.59 34.47
C LEU B 244 -9.74 -57.54 34.27
N THR B 245 -9.85 -56.39 34.93
CA THR B 245 -8.83 -55.36 34.88
C THR B 245 -7.69 -55.59 35.87
N SER B 246 -7.82 -56.55 36.78
CA SER B 246 -6.81 -56.83 37.78
C SER B 246 -5.72 -57.74 37.23
N ALA B 247 -4.63 -57.83 37.98
CA ALA B 247 -3.54 -58.74 37.69
C ALA B 247 -3.87 -60.19 38.04
N LEU B 248 -5.04 -60.47 38.60
CA LEU B 248 -5.45 -61.84 38.87
C LEU B 248 -5.86 -62.59 37.62
N SER B 249 -6.17 -61.88 36.54
CA SER B 249 -6.74 -62.48 35.34
C SER B 249 -5.69 -62.58 34.25
N GLU B 250 -5.94 -63.52 33.34
CA GLU B 250 -5.04 -63.74 32.23
C GLU B 250 -5.31 -62.76 31.09
N LEU B 251 -6.54 -62.24 31.01
CA LEU B 251 -7.05 -61.42 29.92
C LEU B 251 -6.88 -59.93 30.15
N SER B 252 -6.15 -59.52 31.18
CA SER B 252 -6.03 -58.10 31.47
C SER B 252 -5.16 -57.38 30.45
N GLY B 253 -4.19 -58.07 29.88
CA GLY B 253 -3.38 -57.51 28.82
C GLY B 253 -4.05 -57.41 27.48
N LEU B 254 -5.23 -58.03 27.35
CA LEU B 254 -6.01 -58.01 26.12
C LEU B 254 -7.19 -57.04 26.19
N ILE B 255 -7.41 -56.39 27.32
CA ILE B 255 -8.60 -55.60 27.58
C ILE B 255 -8.18 -54.18 27.89
N SER B 256 -8.85 -53.20 27.28
CA SER B 256 -8.53 -51.80 27.52
C SER B 256 -9.40 -51.19 28.60
N SER B 257 -10.65 -51.64 28.72
CA SER B 257 -11.56 -51.08 29.70
C SER B 257 -12.72 -52.05 29.94
N ALA B 258 -13.11 -52.18 31.21
CA ALA B 258 -14.29 -52.95 31.59
C ALA B 258 -14.88 -52.31 32.82
N LYS B 259 -16.19 -52.05 32.78
CA LYS B 259 -16.87 -51.35 33.86
C LYS B 259 -18.33 -51.74 33.90
N LEU B 260 -18.98 -51.36 34.99
CA LEU B 260 -20.41 -51.57 35.21
C LEU B 260 -21.02 -50.23 35.59
N ASP B 261 -21.93 -49.75 34.75
CA ASP B 261 -22.68 -48.53 35.03
C ASP B 261 -23.93 -48.88 35.84
N LYS B 262 -24.09 -48.21 36.97
CA LYS B 262 -25.12 -48.55 37.95
C LYS B 262 -26.23 -47.50 37.92
N PHE B 263 -27.46 -47.97 37.94
CA PHE B 263 -28.65 -47.13 38.01
C PHE B 263 -29.53 -47.64 39.14
N THR B 264 -30.61 -46.93 39.39
CA THR B 264 -31.54 -47.28 40.46
C THR B 264 -32.40 -48.50 40.14
N ASP B 265 -32.36 -49.02 38.91
CA ASP B 265 -33.20 -50.12 38.50
C ASP B 265 -32.45 -51.12 37.62
N GLY B 266 -31.15 -51.27 37.83
CA GLY B 266 -30.31 -52.16 37.08
C GLY B 266 -29.09 -51.44 36.56
N GLY B 267 -28.40 -52.06 35.61
CA GLY B 267 -27.24 -51.44 35.02
C GLY B 267 -26.84 -52.13 33.73
N LEU B 268 -25.68 -51.72 33.23
CA LEU B 268 -25.11 -52.27 32.00
C LEU B 268 -23.63 -52.54 32.20
N PHE B 269 -23.23 -53.78 31.92
CA PHE B 269 -21.83 -54.16 31.84
C PHE B 269 -21.29 -53.89 30.45
N THR B 270 -20.02 -53.44 30.38
CA THR B 270 -19.37 -53.13 29.12
C THR B 270 -17.92 -53.56 29.15
N LEU B 271 -17.40 -53.89 27.98
CA LEU B 271 -16.03 -54.33 27.79
C LEU B 271 -15.54 -53.81 26.44
N PHE B 272 -14.27 -53.45 26.37
CA PHE B 272 -13.71 -52.79 25.19
C PHE B 272 -12.33 -53.34 24.87
N VAL B 273 -12.10 -53.59 23.59
CA VAL B 273 -10.79 -53.95 23.03
C VAL B 273 -10.43 -52.92 21.98
N ARG B 274 -9.20 -52.43 22.00
CA ARG B 274 -8.78 -51.29 21.19
C ARG B 274 -7.34 -51.45 20.74
N ASP B 275 -7.09 -51.19 19.46
CA ASP B 275 -5.75 -51.21 18.88
C ASP B 275 -5.85 -50.67 17.46
N GLN B 276 -4.72 -50.18 16.95
CA GLN B 276 -4.66 -49.66 15.60
C GLN B 276 -4.69 -50.75 14.54
N ASP B 277 -3.96 -51.85 14.73
CA ASP B 277 -4.01 -52.96 13.78
C ASP B 277 -5.28 -53.76 14.00
N SER B 278 -5.93 -54.12 12.90
CA SER B 278 -7.23 -54.78 12.97
C SER B 278 -7.13 -56.30 13.07
N ALA B 279 -5.95 -56.87 12.86
CA ALA B 279 -5.76 -58.30 13.09
C ALA B 279 -5.54 -58.59 14.56
N VAL B 280 -4.97 -57.64 15.30
CA VAL B 280 -4.81 -57.78 16.74
C VAL B 280 -6.16 -57.71 17.45
N VAL B 281 -7.01 -56.78 17.04
CA VAL B 281 -8.32 -56.61 17.66
C VAL B 281 -9.16 -57.87 17.49
N SER B 282 -9.13 -58.48 16.30
CA SER B 282 -9.96 -59.64 16.04
C SER B 282 -9.48 -60.86 16.80
N SER B 283 -8.18 -61.05 16.93
CA SER B 283 -7.65 -62.20 17.63
C SER B 283 -7.79 -62.12 19.13
N ASN B 284 -7.83 -60.91 19.69
CA ASN B 284 -7.98 -60.74 21.13
C ASN B 284 -9.43 -60.91 21.57
N ILE B 285 -10.38 -60.31 20.85
CA ILE B 285 -11.79 -60.42 21.21
C ILE B 285 -12.26 -61.86 21.08
N LYS B 286 -11.73 -62.61 20.12
CA LYS B 286 -12.12 -64.01 19.97
C LYS B 286 -11.67 -64.85 21.16
N LYS B 287 -10.49 -64.57 21.70
CA LYS B 287 -9.98 -65.30 22.85
C LYS B 287 -10.71 -64.97 24.14
N ILE B 288 -11.31 -63.78 24.23
CA ILE B 288 -12.00 -63.39 25.45
C ILE B 288 -13.36 -64.06 25.55
N VAL B 289 -14.08 -64.15 24.43
CA VAL B 289 -15.43 -64.70 24.45
C VAL B 289 -15.40 -66.22 24.57
N ALA B 290 -14.32 -66.87 24.09
CA ALA B 290 -14.19 -68.30 24.27
C ALA B 290 -13.86 -68.66 25.71
N ASP B 291 -13.17 -67.77 26.43
CA ASP B 291 -12.81 -68.04 27.81
C ASP B 291 -13.96 -67.77 28.78
N LEU B 292 -14.78 -66.76 28.52
CA LEU B 292 -15.91 -66.46 29.38
C LEU B 292 -17.05 -67.45 29.20
N LYS B 293 -17.17 -68.07 28.04
CA LYS B 293 -18.20 -69.09 27.83
C LYS B 293 -17.91 -70.37 28.60
N LYS B 294 -16.63 -70.72 28.78
CA LYS B 294 -16.28 -71.86 29.62
C LYS B 294 -16.67 -71.61 31.07
N GLY B 295 -16.25 -70.47 31.63
CA GLY B 295 -16.59 -70.08 32.98
C GLY B 295 -15.39 -69.65 33.79
N LYS B 296 -15.62 -68.82 34.81
CA LYS B 296 -14.59 -68.33 35.70
C LYS B 296 -15.05 -68.49 37.15
N ASP B 297 -14.08 -68.46 38.06
CA ASP B 297 -14.30 -68.46 39.50
C ASP B 297 -13.85 -67.11 40.04
N LEU B 298 -14.79 -66.34 40.60
CA LEU B 298 -14.56 -64.97 40.98
C LEU B 298 -14.32 -64.78 42.47
N SER B 299 -14.11 -65.86 43.22
CA SER B 299 -13.98 -65.73 44.67
C SER B 299 -12.67 -65.10 45.14
N PRO B 300 -11.53 -65.24 44.45
CA PRO B 300 -10.32 -64.53 44.91
C PRO B 300 -10.37 -63.02 44.77
N ALA B 301 -11.36 -62.46 44.07
CA ALA B 301 -11.44 -61.02 43.82
C ALA B 301 -12.50 -60.33 44.67
N ILE B 302 -12.99 -60.99 45.72
CA ILE B 302 -14.03 -60.37 46.55
C ILE B 302 -13.44 -59.27 47.43
N ASN B 303 -12.29 -59.54 48.07
CA ASN B 303 -11.68 -58.55 48.94
C ASN B 303 -11.11 -57.38 48.15
N TYR B 304 -10.65 -57.63 46.93
CA TYR B 304 -10.12 -56.56 46.09
C TYR B 304 -11.24 -55.63 45.60
N THR B 305 -12.45 -56.14 45.47
CA THR B 305 -13.58 -55.34 45.01
C THR B 305 -14.16 -54.48 46.12
N LYS B 306 -14.09 -54.93 47.37
CA LYS B 306 -14.55 -54.11 48.48
C LYS B 306 -13.72 -52.86 48.65
N LEU B 307 -12.40 -52.95 48.42
CA LEU B 307 -11.55 -51.77 48.46
C LEU B 307 -11.91 -50.78 47.36
N LYS B 308 -11.98 -51.26 46.12
CA LYS B 308 -12.21 -50.37 44.98
C LYS B 308 -13.58 -49.72 45.05
N ASN B 309 -14.58 -50.43 45.58
CA ASN B 309 -15.93 -49.89 45.66
C ASN B 309 -16.06 -48.82 46.73
N ALA B 310 -15.19 -48.82 47.73
CA ALA B 310 -15.13 -47.73 48.71
C ALA B 310 -14.32 -46.54 48.23
N VAL B 311 -13.41 -46.75 47.28
CA VAL B 311 -12.60 -45.66 46.76
C VAL B 311 -13.43 -44.78 45.82
N GLN B 312 -14.40 -45.37 45.13
CA GLN B 312 -15.28 -44.62 44.25
C GLN B 312 -16.55 -44.13 44.95
N ASN B 313 -16.75 -44.49 46.21
CA ASN B 313 -17.91 -44.05 47.00
C ASN B 313 -17.51 -43.10 48.12
N GLU B 314 -16.55 -42.22 47.84
CA GLU B 314 -16.06 -41.32 48.89
C GLU B 314 -17.11 -40.31 49.31
N SER B 315 -17.57 -39.49 48.36
CA SER B 315 -18.53 -38.42 48.64
C SER B 315 -19.67 -38.45 47.63
N VAL B 316 -20.22 -39.64 47.43
CA VAL B 316 -21.48 -39.82 46.70
C VAL B 316 -22.43 -40.55 47.64
N SER B 317 -23.73 -40.50 47.35
CA SER B 317 -24.71 -41.00 48.32
C SER B 317 -24.97 -42.50 48.19
N SER B 318 -24.02 -43.26 47.67
CA SER B 318 -23.80 -44.64 48.07
C SER B 318 -24.96 -45.61 47.84
N PRO B 319 -25.21 -46.05 46.61
CA PRO B 319 -25.95 -47.31 46.44
C PRO B 319 -25.13 -48.47 47.00
N ILE B 320 -25.76 -49.26 47.85
CA ILE B 320 -25.05 -50.20 48.73
C ILE B 320 -25.21 -51.60 48.15
N GLU B 321 -24.07 -52.26 47.91
CA GLU B 321 -24.04 -53.67 47.49
C GLU B 321 -23.29 -54.47 48.54
N LEU B 322 -24.02 -54.88 49.58
CA LEU B 322 -23.53 -55.86 50.54
C LEU B 322 -23.92 -57.27 50.11
N ASN B 323 -23.61 -57.59 48.86
CA ASN B 323 -23.89 -58.90 48.27
C ASN B 323 -22.61 -59.57 47.80
N PHE B 324 -21.43 -58.99 48.07
CA PHE B 324 -20.18 -59.58 47.64
C PHE B 324 -19.87 -60.90 48.34
N ASP B 325 -20.64 -61.28 49.37
CA ASP B 325 -20.37 -62.50 50.11
C ASP B 325 -20.72 -63.75 49.32
N ALA B 326 -21.76 -63.69 48.49
CA ALA B 326 -22.32 -64.86 47.81
C ALA B 326 -21.96 -64.91 46.33
N VAL B 327 -20.73 -64.53 45.97
CA VAL B 327 -20.26 -64.49 44.59
C VAL B 327 -19.17 -65.52 44.43
N LYS B 328 -19.42 -66.53 43.58
CA LYS B 328 -18.44 -67.58 43.28
C LYS B 328 -18.08 -67.64 41.81
N ASP B 329 -19.07 -67.73 40.92
CA ASP B 329 -18.84 -68.17 39.55
C ASP B 329 -19.62 -67.30 38.57
N PHE B 330 -19.22 -67.39 37.31
CA PHE B 330 -19.87 -66.71 36.20
C PHE B 330 -19.57 -67.47 34.91
N LYS B 331 -20.58 -67.59 34.05
CA LYS B 331 -20.36 -68.02 32.68
C LYS B 331 -21.24 -67.20 31.75
N LEU B 332 -20.71 -66.93 30.57
CA LEU B 332 -21.31 -66.00 29.62
C LEU B 332 -22.44 -66.65 28.85
N GLY B 333 -23.57 -65.95 28.77
CA GLY B 333 -24.69 -66.35 27.95
C GLY B 333 -24.81 -65.56 26.67
N LYS B 334 -25.94 -64.90 26.49
CA LYS B 334 -26.18 -64.07 25.32
C LYS B 334 -25.72 -62.64 25.58
N PHE B 335 -25.32 -61.96 24.50
CA PHE B 335 -24.74 -60.63 24.62
C PHE B 335 -24.92 -59.90 23.30
N ASN B 336 -24.60 -58.61 23.32
CA ASN B 336 -24.64 -57.73 22.17
C ASN B 336 -23.23 -57.32 21.77
N TYR B 337 -23.11 -56.79 20.56
CA TYR B 337 -21.81 -56.59 19.93
C TYR B 337 -21.83 -55.35 19.05
N VAL B 338 -20.72 -54.61 19.08
CA VAL B 338 -20.53 -53.43 18.24
C VAL B 338 -19.08 -53.44 17.75
N ALA B 339 -18.89 -53.04 16.49
CA ALA B 339 -17.58 -52.91 15.87
C ALA B 339 -17.45 -51.55 15.21
N VAL B 340 -16.31 -50.91 15.40
CA VAL B 340 -16.06 -49.55 14.92
C VAL B 340 -14.68 -49.50 14.29
N GLY B 341 -14.60 -49.02 13.05
CA GLY B 341 -13.35 -48.88 12.33
C GLY B 341 -13.28 -49.60 11.01
N ASP B 342 -12.20 -50.35 10.80
CA ASP B 342 -12.01 -51.16 9.60
C ASP B 342 -12.89 -52.39 9.70
N VAL B 343 -14.18 -52.19 9.44
CA VAL B 343 -15.20 -53.21 9.71
C VAL B 343 -15.21 -54.32 8.67
N SER B 344 -14.38 -54.24 7.63
CA SER B 344 -14.24 -55.34 6.68
C SER B 344 -13.31 -56.43 7.18
N ASN B 345 -12.44 -56.12 8.14
CA ASN B 345 -11.46 -57.06 8.68
C ASN B 345 -11.74 -57.43 10.14
N LEU B 346 -12.93 -57.07 10.66
CA LEU B 346 -13.33 -57.38 12.03
C LEU B 346 -14.40 -58.47 12.01
N PRO B 347 -14.53 -59.24 13.09
CA PRO B 347 -15.45 -60.39 13.05
C PRO B 347 -16.90 -60.00 13.20
N TYR B 348 -17.76 -60.95 12.84
CA TYR B 348 -19.20 -60.84 12.99
C TYR B 348 -19.65 -61.59 14.24
N LEU B 349 -20.92 -61.37 14.60
CA LEU B 349 -21.42 -61.91 15.86
C LEU B 349 -21.55 -63.43 15.81
N ASP B 350 -22.05 -63.98 14.70
CA ASP B 350 -22.30 -65.41 14.62
C ASP B 350 -21.02 -66.25 14.58
N GLU B 351 -19.85 -65.63 14.49
CA GLU B 351 -18.57 -66.33 14.51
C GLU B 351 -17.76 -66.06 15.77
N LEU B 352 -18.38 -65.48 16.79
CA LEU B 352 -17.76 -65.33 18.11
C LEU B 352 -18.37 -66.34 19.08
N MET C 1 -4.45 -6.08 18.05
CA MET C 1 -3.04 -5.99 17.59
C MET C 1 -2.36 -4.71 18.05
N ALA C 2 -1.03 -4.68 17.91
CA ALA C 2 -0.25 -3.51 18.24
C ALA C 2 -0.69 -2.31 17.41
N PHE C 3 -0.45 -1.12 17.96
CA PHE C 3 -0.87 0.11 17.30
C PHE C 3 -0.04 0.40 16.05
N ARG C 4 1.21 -0.02 16.03
CA ARG C 4 2.05 0.18 14.85
C ARG C 4 1.64 -0.69 13.67
N LYS C 5 0.75 -1.67 13.88
CA LYS C 5 0.24 -2.51 12.82
C LYS C 5 -1.16 -2.13 12.35
N SER C 6 -1.92 -1.41 13.17
CA SER C 6 -3.30 -1.06 12.87
C SER C 6 -3.47 0.36 12.34
N ASN C 7 -2.55 1.26 12.64
CA ASN C 7 -2.62 2.62 12.14
C ASN C 7 -2.19 2.68 10.67
N VAL C 8 -2.91 3.50 9.91
CA VAL C 8 -2.70 3.57 8.47
C VAL C 8 -1.28 4.03 8.13
N TYR C 9 -0.72 4.97 8.89
CA TYR C 9 0.59 5.52 8.56
C TYR C 9 1.75 4.79 9.19
N LEU C 10 1.61 4.34 10.44
CA LEU C 10 2.68 3.57 11.07
C LEU C 10 2.81 2.17 10.50
N SER C 11 1.73 1.61 9.93
CA SER C 11 1.79 0.31 9.30
C SER C 11 2.82 0.26 8.17
N LEU C 12 2.96 1.35 7.42
CA LEU C 12 3.96 1.39 6.36
C LEU C 12 5.37 1.41 6.94
N VAL C 13 5.58 2.16 8.01
CA VAL C 13 6.89 2.22 8.64
C VAL C 13 7.26 0.86 9.23
N ASN C 14 6.29 0.20 9.87
CA ASN C 14 6.53 -1.11 10.46
C ASN C 14 6.88 -2.15 9.40
N SER C 15 6.15 -2.15 8.28
CA SER C 15 6.38 -3.12 7.23
C SER C 15 7.71 -2.95 6.51
N TYR C 16 8.33 -1.78 6.59
CA TYR C 16 9.54 -1.46 5.84
C TYR C 16 10.81 -1.43 6.66
N ILE C 17 10.79 -0.91 7.90
CA ILE C 17 12.03 -0.69 8.66
C ILE C 17 12.02 -1.33 10.04
N ILE C 18 10.96 -2.03 10.42
CA ILE C 18 10.91 -2.67 11.74
C ILE C 18 10.76 -4.19 11.59
N ASP C 19 9.65 -4.64 11.00
CA ASP C 19 9.31 -6.05 10.95
C ASP C 19 9.60 -6.69 9.60
N SER C 20 10.30 -6.00 8.70
CA SER C 20 10.56 -6.53 7.37
C SER C 20 11.44 -7.77 7.48
N PRO C 21 11.08 -8.90 6.85
CA PRO C 21 11.96 -10.08 6.93
C PRO C 21 13.16 -9.95 6.01
N GLN C 22 14.34 -10.26 6.54
CA GLN C 22 15.61 -10.12 5.88
C GLN C 22 16.37 -11.44 5.92
N PRO C 23 17.18 -11.75 4.89
CA PRO C 23 18.07 -12.90 5.02
C PRO C 23 19.17 -12.63 6.03
N SER C 24 19.50 -13.68 6.78
CA SER C 24 20.49 -13.57 7.85
C SER C 24 21.91 -13.44 7.35
N SER C 25 22.21 -13.86 6.12
CA SER C 25 23.58 -13.95 5.62
C SER C 25 24.05 -12.75 4.81
N ILE C 26 23.22 -11.71 4.64
CA ILE C 26 23.66 -10.55 3.87
C ILE C 26 24.80 -9.84 4.59
N ASN C 27 25.74 -9.33 3.80
CA ASN C 27 26.96 -8.71 4.31
C ASN C 27 26.88 -7.18 4.20
N TYR C 28 27.99 -6.50 4.44
CA TYR C 28 28.04 -5.05 4.49
C TYR C 28 27.89 -4.38 3.13
N TRP C 29 27.98 -5.13 2.02
CA TRP C 29 27.67 -4.57 0.71
C TRP C 29 26.21 -4.23 0.54
N TRP C 30 25.34 -4.75 1.40
CA TRP C 30 23.92 -4.44 1.39
C TRP C 30 23.58 -3.18 2.18
N ASN C 31 24.58 -2.46 2.65
CA ASN C 31 24.38 -1.24 3.41
C ASN C 31 24.50 0.04 2.59
N MET C 32 24.87 -0.06 1.31
CA MET C 32 25.08 1.11 0.48
C MET C 32 23.79 1.82 0.09
N GLY C 33 22.66 1.12 0.05
CA GLY C 33 21.41 1.75 -0.34
C GLY C 33 20.81 2.64 0.71
N SER C 34 21.09 2.37 1.97
CA SER C 34 20.70 3.29 3.04
C SER C 34 21.57 4.54 3.07
N LEU C 35 22.85 4.42 2.71
CA LEU C 35 23.71 5.59 2.62
C LEU C 35 23.26 6.54 1.51
N LEU C 36 22.86 6.00 0.35
CA LEU C 36 22.35 6.83 -0.73
C LEU C 36 21.09 7.58 -0.36
N GLY C 37 20.34 7.12 0.64
CA GLY C 37 19.20 7.87 1.13
C GLY C 37 19.60 9.00 2.05
N LEU C 38 20.70 8.84 2.76
CA LEU C 38 21.28 9.91 3.56
C LEU C 38 21.95 10.98 2.70
N CYS C 39 22.64 10.55 1.64
CA CYS C 39 23.23 11.50 0.69
C CYS C 39 22.20 12.44 0.10
N LEU C 40 21.05 11.92 -0.32
CA LEU C 40 20.01 12.75 -0.90
C LEU C 40 19.44 13.73 0.11
N VAL C 41 19.38 13.35 1.39
CA VAL C 41 18.87 14.26 2.42
C VAL C 41 19.88 15.36 2.71
N ILE C 42 21.17 15.01 2.74
CA ILE C 42 22.23 16.00 2.89
C ILE C 42 22.19 17.00 1.74
N GLN C 43 22.18 16.51 0.50
CA GLN C 43 22.23 17.40 -0.65
C GLN C 43 21.02 18.31 -0.74
N ILE C 44 19.83 17.81 -0.40
CA ILE C 44 18.67 18.67 -0.52
C ILE C 44 18.66 19.72 0.59
N VAL C 45 18.98 19.35 1.83
CA VAL C 45 18.90 20.29 2.93
C VAL C 45 19.92 21.42 2.78
N THR C 46 21.18 21.08 2.51
CA THR C 46 22.19 22.11 2.34
C THR C 46 21.92 23.03 1.16
N GLY C 47 21.21 22.56 0.14
CA GLY C 47 20.87 23.39 -0.99
C GLY C 47 19.79 24.42 -0.72
N ILE C 48 18.79 24.08 0.09
CA ILE C 48 17.76 25.06 0.45
C ILE C 48 18.38 26.25 1.17
N PHE C 49 19.34 25.98 2.04
CA PHE C 49 19.91 27.03 2.89
C PHE C 49 20.89 27.91 2.13
N MET C 50 21.52 27.39 1.08
CA MET C 50 22.33 28.21 0.20
C MET C 50 21.48 29.00 -0.79
N ALA C 51 20.37 28.43 -1.27
CA ALA C 51 19.48 29.10 -2.20
C ALA C 51 18.87 30.38 -1.66
N MET C 52 18.85 30.57 -0.35
CA MET C 52 18.40 31.82 0.24
C MET C 52 19.36 32.98 0.00
N HIS C 53 20.60 32.71 -0.41
CA HIS C 53 21.62 33.73 -0.61
C HIS C 53 22.16 33.78 -2.03
N TYR C 54 21.55 32.82 -2.81
CA TYR C 54 22.07 32.83 -4.17
C TYR C 54 21.29 33.78 -5.05
N SER C 55 22.12 34.28 -6.28
CA SER C 55 21.58 35.07 -7.37
C SER C 55 22.01 34.42 -8.69
N SER C 56 21.03 34.16 -9.55
CA SER C 56 21.26 33.37 -10.76
C SER C 56 21.57 34.21 -12.00
N ASN C 57 21.56 35.54 -11.89
CA ASN C 57 21.94 36.37 -13.01
C ASN C 57 23.42 36.19 -13.32
N ILE C 58 23.74 36.23 -14.62
CA ILE C 58 25.07 35.85 -15.07
C ILE C 58 26.14 36.83 -14.62
N GLU C 59 25.78 38.08 -14.33
CA GLU C 59 26.72 39.04 -13.79
C GLU C 59 26.81 38.99 -12.27
N LEU C 60 25.93 38.25 -11.60
CA LEU C 60 25.90 38.17 -10.14
C LEU C 60 26.19 36.77 -9.60
N ALA C 61 26.28 35.75 -10.45
CA ALA C 61 26.30 34.36 -9.99
C ALA C 61 27.60 34.01 -9.27
N PHE C 62 28.73 34.28 -9.91
CA PHE C 62 30.02 33.93 -9.34
C PHE C 62 30.27 34.66 -8.03
N SER C 63 29.95 35.95 -7.97
CA SER C 63 30.18 36.73 -6.77
C SER C 63 29.21 36.40 -5.66
N SER C 64 28.11 35.72 -5.97
CA SER C 64 27.16 35.28 -4.94
C SER C 64 27.65 34.05 -4.20
N VAL C 65 28.43 33.20 -4.87
CA VAL C 65 29.00 32.03 -4.23
C VAL C 65 30.16 32.43 -3.33
N GLU C 66 30.88 33.49 -3.68
CA GLU C 66 31.90 34.04 -2.78
C GLU C 66 31.28 34.78 -1.60
N HIS C 67 30.14 35.45 -1.80
CA HIS C 67 29.40 36.03 -0.69
C HIS C 67 28.95 34.96 0.29
N ILE C 68 28.67 33.75 -0.18
CA ILE C 68 28.29 32.65 0.70
C ILE C 68 29.51 32.20 1.51
N MET C 69 30.69 32.24 0.91
CA MET C 69 31.90 31.71 1.52
C MET C 69 32.60 32.71 2.44
N ARG C 70 32.25 34.00 2.38
CA ARG C 70 32.90 35.04 3.16
C ARG C 70 31.99 35.69 4.19
N ASP C 71 30.73 35.97 3.83
CA ASP C 71 29.84 36.77 4.65
C ASP C 71 28.79 35.97 5.42
N VAL C 72 28.29 34.88 4.83
CA VAL C 72 27.28 34.06 5.47
C VAL C 72 27.92 33.29 6.63
N HIS C 73 27.26 33.31 7.79
CA HIS C 73 27.74 32.58 8.94
C HIS C 73 27.64 31.07 8.68
N ASN C 74 28.77 30.38 8.83
CA ASN C 74 28.88 28.95 8.55
C ASN C 74 28.48 28.65 7.10
N GLY C 75 28.89 29.54 6.18
CA GLY C 75 28.59 29.35 4.78
C GLY C 75 29.60 28.48 4.06
N TYR C 76 30.86 28.53 4.50
CA TYR C 76 31.87 27.65 3.94
C TYR C 76 31.62 26.19 4.32
N ILE C 77 30.93 25.93 5.43
CA ILE C 77 30.57 24.57 5.79
C ILE C 77 29.46 24.06 4.89
N LEU C 78 28.46 24.91 4.60
CA LEU C 78 27.37 24.52 3.72
C LEU C 78 27.85 24.15 2.33
N ARG C 79 28.73 24.96 1.73
CA ARG C 79 29.15 24.72 0.36
C ARG C 79 30.05 23.49 0.25
N TYR C 80 31.12 23.43 1.04
CA TYR C 80 32.05 22.31 0.92
C TYR C 80 31.39 20.99 1.25
N LEU C 81 30.47 20.96 2.21
CA LEU C 81 29.67 19.78 2.45
C LEU C 81 28.78 19.41 1.27
N HIS C 82 28.44 20.39 0.44
CA HIS C 82 27.65 20.21 -0.76
C HIS C 82 28.48 19.76 -1.97
N ALA C 83 29.63 20.37 -2.18
CA ALA C 83 30.47 20.04 -3.32
C ALA C 83 31.16 18.69 -3.14
N ASN C 84 31.61 18.38 -1.92
CA ASN C 84 32.19 17.08 -1.64
C ASN C 84 31.14 16.02 -1.39
N GLY C 85 29.92 16.43 -1.02
CA GLY C 85 28.83 15.47 -0.85
C GLY C 85 28.39 14.81 -2.13
N ALA C 86 28.46 15.53 -3.25
CA ALA C 86 28.07 14.97 -4.53
C ALA C 86 29.09 13.97 -5.06
N SER C 87 30.37 14.19 -4.79
CA SER C 87 31.38 13.21 -5.14
C SER C 87 31.26 11.94 -4.32
N PHE C 88 30.79 12.04 -3.08
CA PHE C 88 30.54 10.86 -2.24
C PHE C 88 29.26 10.16 -2.64
N PHE C 89 28.27 10.90 -3.13
CA PHE C 89 27.02 10.32 -3.62
C PHE C 89 27.26 9.43 -4.84
N PHE C 90 28.14 9.84 -5.74
CA PHE C 90 28.43 9.07 -6.95
C PHE C 90 29.31 7.87 -6.69
N MET C 91 30.16 7.93 -5.66
CA MET C 91 31.05 6.82 -5.36
C MET C 91 30.30 5.67 -4.70
N VAL C 92 29.27 5.97 -3.91
CA VAL C 92 28.47 4.94 -3.28
C VAL C 92 27.53 4.29 -4.28
N MET C 93 27.12 5.03 -5.31
CA MET C 93 26.27 4.47 -6.36
C MET C 93 27.03 3.53 -7.29
N PHE C 94 28.29 3.82 -7.60
CA PHE C 94 29.07 2.89 -8.40
C PHE C 94 29.31 1.58 -7.67
N MET C 95 29.37 1.62 -6.34
CA MET C 95 29.55 0.41 -5.55
C MET C 95 28.26 -0.36 -5.41
N HIS C 96 27.13 0.36 -5.32
CA HIS C 96 25.81 -0.26 -5.28
C HIS C 96 25.51 -1.02 -6.56
N MET C 97 25.80 -0.41 -7.70
CA MET C 97 25.53 -1.02 -8.99
C MET C 97 26.45 -2.20 -9.26
N ALA C 98 27.73 -2.08 -8.93
CA ALA C 98 28.67 -3.18 -9.10
C ALA C 98 28.35 -4.36 -8.18
N LYS C 99 27.72 -4.11 -7.04
CA LYS C 99 27.24 -5.19 -6.18
C LYS C 99 26.18 -6.03 -6.89
N GLY C 100 25.09 -5.39 -7.34
CA GLY C 100 24.04 -6.08 -8.05
C GLY C 100 24.51 -6.79 -9.30
N LEU C 101 25.55 -6.29 -9.93
CA LEU C 101 26.17 -6.93 -11.07
C LEU C 101 26.96 -8.17 -10.71
N TYR C 102 27.39 -8.30 -9.45
CA TYR C 102 28.20 -9.42 -9.00
C TYR C 102 27.34 -10.57 -8.47
N TYR C 103 26.32 -10.24 -7.68
CA TYR C 103 25.48 -11.23 -7.04
C TYR C 103 24.23 -11.58 -7.86
N GLY C 104 24.07 -11.01 -9.04
CA GLY C 104 22.97 -11.36 -9.91
C GLY C 104 21.64 -10.75 -9.57
N SER C 105 21.63 -9.60 -8.93
CA SER C 105 20.41 -8.99 -8.44
C SER C 105 19.51 -8.47 -9.56
N TYR C 106 20.02 -8.38 -10.78
CA TYR C 106 19.25 -7.94 -11.95
C TYR C 106 18.36 -9.03 -12.53
N ARG C 107 18.60 -10.30 -12.20
CA ARG C 107 17.88 -11.39 -12.82
C ARG C 107 16.45 -11.44 -12.31
N SER C 108 15.64 -12.25 -12.96
CA SER C 108 14.27 -12.48 -12.53
C SER C 108 14.26 -13.02 -11.10
N PRO C 109 13.30 -12.60 -10.26
CA PRO C 109 12.14 -11.74 -10.48
C PRO C 109 12.33 -10.24 -10.21
N ARG C 110 13.58 -9.76 -10.24
CA ARG C 110 13.91 -8.38 -9.87
C ARG C 110 14.38 -7.57 -11.07
N VAL C 111 13.79 -7.79 -12.23
CA VAL C 111 14.14 -7.04 -13.43
C VAL C 111 13.56 -5.63 -13.38
N THR C 112 12.36 -5.48 -12.82
CA THR C 112 11.74 -4.17 -12.72
C THR C 112 12.48 -3.25 -11.77
N LEU C 113 13.00 -3.78 -10.67
CA LEU C 113 13.78 -3.00 -9.74
C LEU C 113 15.07 -2.49 -10.36
N TRP C 114 15.69 -3.28 -11.24
CA TRP C 114 16.90 -2.88 -11.92
C TRP C 114 16.66 -1.84 -13.00
N ASN C 115 15.46 -1.81 -13.58
CA ASN C 115 15.16 -0.85 -14.63
C ASN C 115 14.84 0.52 -14.07
N VAL C 116 14.20 0.59 -12.92
CA VAL C 116 13.97 1.87 -12.25
C VAL C 116 15.26 2.46 -11.72
N GLY C 117 16.23 1.61 -11.40
CA GLY C 117 17.53 2.09 -10.98
C GLY C 117 18.30 2.79 -12.07
N VAL C 118 18.24 2.26 -13.29
CA VAL C 118 18.90 2.87 -14.43
C VAL C 118 18.31 4.25 -14.74
N ILE C 119 17.04 4.47 -14.39
CA ILE C 119 16.43 5.77 -14.59
C ILE C 119 16.95 6.76 -13.54
N ILE C 120 17.17 6.30 -12.31
CA ILE C 120 17.72 7.16 -11.27
C ILE C 120 19.12 7.63 -11.65
N PHE C 121 19.93 6.73 -12.22
CA PHE C 121 21.28 7.06 -12.63
C PHE C 121 21.32 8.13 -13.70
N ILE C 122 20.33 8.14 -14.59
CA ILE C 122 20.28 9.16 -15.65
C ILE C 122 19.93 10.51 -15.05
N LEU C 123 18.96 10.55 -14.14
CA LEU C 123 18.53 11.80 -13.53
C LEU C 123 19.57 12.41 -12.59
N THR C 124 20.50 11.60 -12.08
CA THR C 124 21.53 12.10 -11.18
C THR C 124 22.73 12.66 -11.93
N ILE C 125 23.03 12.14 -13.11
CA ILE C 125 24.03 12.76 -13.97
C ILE C 125 23.54 14.13 -14.45
N ALA C 126 22.25 14.22 -14.77
CA ALA C 126 21.68 15.48 -15.22
C ALA C 126 21.72 16.54 -14.13
N THR C 127 21.32 16.17 -12.92
CA THR C 127 21.31 17.09 -11.79
C THR C 127 22.70 17.66 -11.51
N ALA C 128 23.71 16.80 -11.40
CA ALA C 128 25.07 17.25 -11.12
C ALA C 128 25.62 18.17 -12.20
N PHE C 129 25.26 17.94 -13.47
CA PHE C 129 25.72 18.81 -14.54
C PHE C 129 25.13 20.21 -14.44
N LEU C 130 23.83 20.30 -14.15
CA LEU C 130 23.16 21.58 -14.13
C LEU C 130 23.66 22.48 -13.00
N GLY C 131 24.01 21.89 -11.86
CA GLY C 131 24.49 22.67 -10.73
C GLY C 131 25.92 23.15 -10.87
N TYR C 132 26.76 22.38 -11.54
CA TYR C 132 28.13 22.82 -11.83
C TYR C 132 28.14 24.04 -12.75
N CYS C 133 27.10 24.20 -13.56
CA CYS C 133 26.99 25.39 -14.40
C CYS C 133 26.51 26.60 -13.63
N CYS C 134 25.64 26.41 -12.49
CA CYS C 134 25.23 27.57 -11.69
C CYS C 134 26.40 28.28 -11.02
N VAL C 135 27.61 27.75 -10.95
CA VAL C 135 28.73 28.49 -10.38
C VAL C 135 29.21 29.56 -11.35
N TYR C 136 29.19 29.26 -12.64
CA TYR C 136 29.69 30.12 -13.70
C TYR C 136 31.15 30.50 -13.47
N GLY C 137 31.96 29.49 -13.27
CA GLY C 137 33.39 29.61 -13.40
C GLY C 137 33.82 29.41 -14.84
N GLN C 138 35.12 29.16 -15.01
CA GLN C 138 35.67 28.98 -16.34
C GLN C 138 35.40 27.59 -16.88
N MET C 139 35.35 26.57 -16.03
CA MET C 139 34.96 25.24 -16.47
C MET C 139 33.46 25.09 -16.63
N SER C 140 32.67 25.95 -16.24
CA SER C 140 31.23 25.91 -16.09
C SER C 140 30.51 26.51 -17.28
N HIS C 141 31.31 27.52 -17.92
CA HIS C 141 30.87 28.09 -19.18
C HIS C 141 31.24 27.20 -20.36
N TRP C 142 32.46 26.70 -20.38
CA TRP C 142 32.97 25.93 -21.51
C TRP C 142 32.58 24.47 -21.46
N GLY C 143 32.16 23.96 -20.30
CA GLY C 143 31.54 22.65 -20.26
C GLY C 143 30.13 22.62 -20.80
N ALA C 144 29.35 23.66 -20.54
CA ALA C 144 28.04 23.78 -21.14
C ALA C 144 28.10 24.09 -22.62
N THR C 145 29.18 24.70 -23.09
CA THR C 145 29.32 25.02 -24.51
C THR C 145 29.45 23.75 -25.34
N VAL C 146 30.32 22.84 -24.92
CA VAL C 146 30.65 21.67 -25.74
C VAL C 146 29.66 20.52 -25.57
N ILE C 147 28.86 20.52 -24.52
CA ILE C 147 27.84 19.49 -24.33
C ILE C 147 26.54 19.87 -25.03
N THR C 148 26.12 21.12 -24.94
CA THR C 148 24.90 21.54 -25.63
C THR C 148 25.10 21.59 -27.14
N ASN C 149 26.33 21.73 -27.62
CA ASN C 149 26.60 21.73 -29.05
C ASN C 149 26.66 20.33 -29.64
N LEU C 150 26.55 19.28 -28.82
CA LEU C 150 26.49 17.92 -29.35
C LEU C 150 25.14 17.62 -29.97
N PHE C 151 24.08 18.25 -29.49
CA PHE C 151 22.74 18.09 -30.04
C PHE C 151 22.54 18.85 -31.35
N SER C 152 23.58 19.47 -31.89
CA SER C 152 23.54 20.07 -33.22
C SER C 152 23.71 19.04 -34.33
N ALA C 153 24.15 17.84 -34.01
CA ALA C 153 24.37 16.80 -35.00
C ALA C 153 23.13 15.95 -35.26
N ILE C 154 22.05 16.14 -34.52
CA ILE C 154 20.83 15.39 -34.78
C ILE C 154 20.24 15.89 -36.10
N PRO C 155 19.88 15.02 -37.04
CA PRO C 155 19.49 15.51 -38.37
C PRO C 155 18.13 16.20 -38.35
N PHE C 156 18.08 17.38 -38.97
CA PHE C 156 16.86 18.14 -39.26
C PHE C 156 16.20 18.78 -38.05
N VAL C 157 16.65 18.48 -36.83
CA VAL C 157 16.11 19.11 -35.62
C VAL C 157 17.23 19.55 -34.69
N GLY C 158 18.45 19.65 -35.20
CA GLY C 158 19.60 19.87 -34.35
C GLY C 158 19.84 21.31 -33.98
N ASN C 159 19.82 22.20 -34.97
CA ASN C 159 20.06 23.61 -34.73
C ASN C 159 18.88 24.31 -34.06
N ASP C 160 17.73 23.64 -33.94
CA ASP C 160 16.56 24.23 -33.30
C ASP C 160 16.46 23.88 -31.84
N ILE C 161 16.94 22.70 -31.43
CA ILE C 161 16.90 22.32 -30.02
C ILE C 161 18.06 22.95 -29.25
N VAL C 162 19.13 23.35 -29.93
CA VAL C 162 20.23 24.01 -29.25
C VAL C 162 19.90 25.46 -28.94
N SER C 163 19.29 26.16 -29.89
CA SER C 163 18.85 27.53 -29.65
C SER C 163 17.72 27.59 -28.64
N TRP C 164 16.98 26.50 -28.48
CA TRP C 164 15.92 26.40 -27.48
C TRP C 164 16.45 26.05 -26.10
N LEU C 165 17.54 25.27 -26.02
CA LEU C 165 18.20 25.05 -24.73
C LEU C 165 18.86 26.32 -24.23
N TRP C 166 19.56 27.03 -25.10
CA TRP C 166 20.29 28.22 -24.70
C TRP C 166 19.38 29.42 -24.44
N GLY C 167 18.24 29.50 -25.11
CA GLY C 167 17.42 30.68 -25.02
C GLY C 167 17.96 31.85 -25.82
N GLY C 168 18.87 31.58 -26.76
CA GLY C 168 19.47 32.60 -27.56
C GLY C 168 20.47 32.02 -28.55
N PHE C 169 21.60 32.69 -28.71
CA PHE C 169 22.61 32.30 -29.68
C PHE C 169 23.92 31.84 -29.04
N SER C 170 23.98 31.72 -27.72
CA SER C 170 25.16 31.24 -27.02
C SER C 170 24.77 30.98 -25.58
N VAL C 171 25.70 30.39 -24.83
CA VAL C 171 25.55 30.26 -23.38
C VAL C 171 25.55 31.68 -22.81
N SER C 172 24.42 32.09 -22.25
CA SER C 172 24.17 33.48 -21.92
C SER C 172 23.35 33.52 -20.65
N ASN C 173 22.82 34.70 -20.32
CA ASN C 173 22.03 34.85 -19.10
C ASN C 173 20.74 34.03 -19.09
N PRO C 174 20.00 33.86 -20.19
CA PRO C 174 18.86 32.94 -20.14
C PRO C 174 19.25 31.52 -19.81
N THR C 175 20.47 31.10 -20.18
CA THR C 175 20.91 29.74 -19.96
C THR C 175 21.14 29.47 -18.47
N ILE C 176 21.75 30.41 -17.76
CA ILE C 176 22.10 30.20 -16.37
C ILE C 176 20.88 30.31 -15.46
N GLN C 177 19.91 31.16 -15.83
CA GLN C 177 18.72 31.32 -15.01
C GLN C 177 17.78 30.13 -15.10
N ARG C 178 17.74 29.45 -16.26
CA ARG C 178 16.92 28.26 -16.41
C ARG C 178 17.59 27.00 -15.88
N PHE C 179 18.92 26.92 -15.93
CA PHE C 179 19.63 25.79 -15.36
C PHE C 179 19.47 25.72 -13.85
N PHE C 180 19.38 26.87 -13.17
CA PHE C 180 19.18 26.84 -11.74
C PHE C 180 17.78 26.37 -11.36
N ALA C 181 16.77 26.78 -12.14
CA ALA C 181 15.41 26.36 -11.85
C ALA C 181 15.16 24.90 -12.20
N LEU C 182 15.79 24.39 -13.26
CA LEU C 182 15.75 22.96 -13.51
C LEU C 182 16.43 22.19 -12.39
N HIS C 183 17.50 22.76 -11.84
CA HIS C 183 18.34 22.07 -10.87
C HIS C 183 17.67 21.88 -9.52
N TYR C 184 16.77 22.78 -9.14
CA TYR C 184 16.04 22.61 -7.90
C TYR C 184 14.97 21.54 -8.03
N LEU C 185 14.36 21.40 -9.22
CA LEU C 185 13.26 20.48 -9.42
C LEU C 185 13.70 19.01 -9.38
N VAL C 186 14.67 18.65 -10.21
CA VAL C 186 14.99 17.26 -10.50
C VAL C 186 15.32 16.44 -9.25
N PRO C 187 15.93 17.01 -8.21
CA PRO C 187 16.06 16.27 -6.95
C PRO C 187 14.76 15.76 -6.36
N PHE C 188 13.65 16.46 -6.60
CA PHE C 188 12.35 15.99 -6.14
C PHE C 188 11.73 14.94 -7.04
N ILE C 189 12.16 14.85 -8.30
CA ILE C 189 11.75 13.73 -9.15
C ILE C 189 12.51 12.47 -8.77
N ILE C 190 13.79 12.63 -8.40
CA ILE C 190 14.58 11.49 -7.93
C ILE C 190 13.95 10.89 -6.67
N ALA C 191 13.44 11.73 -5.77
CA ALA C 191 12.81 11.24 -4.55
C ALA C 191 11.57 10.42 -4.81
N ALA C 192 10.87 10.66 -5.92
CA ALA C 192 9.70 9.86 -6.27
C ALA C 192 10.08 8.58 -6.99
N MET C 193 11.19 8.57 -7.71
CA MET C 193 11.70 7.32 -8.28
C MET C 193 12.26 6.41 -7.20
N VAL C 194 12.72 6.96 -6.08
CA VAL C 194 13.20 6.13 -4.99
C VAL C 194 12.04 5.42 -4.30
N ILE C 195 10.89 6.08 -4.19
CA ILE C 195 9.70 5.46 -3.61
C ILE C 195 9.24 4.30 -4.48
N MET C 196 9.19 4.50 -5.80
CA MET C 196 8.85 3.41 -6.71
C MET C 196 9.89 2.30 -6.67
N HIS C 197 11.14 2.64 -6.41
CA HIS C 197 12.21 1.66 -6.33
C HIS C 197 12.05 0.75 -5.11
N LEU C 198 11.67 1.32 -3.97
CA LEU C 198 11.46 0.52 -2.77
C LEU C 198 10.21 -0.35 -2.87
N MET C 199 9.16 0.13 -3.54
CA MET C 199 7.96 -0.65 -3.73
C MET C 199 8.21 -1.92 -4.54
N ALA C 200 9.13 -1.89 -5.50
CA ALA C 200 9.47 -3.07 -6.28
C ALA C 200 10.37 -4.04 -5.53
N LEU C 201 10.98 -3.60 -4.43
CA LEU C 201 11.81 -4.47 -3.60
C LEU C 201 11.00 -5.21 -2.56
N HIS C 202 9.84 -4.67 -2.19
CA HIS C 202 9.04 -5.19 -1.11
C HIS C 202 8.28 -6.46 -1.49
N ILE C 203 8.05 -6.68 -2.79
CA ILE C 203 7.20 -7.79 -3.21
C ILE C 203 7.98 -9.11 -3.28
N HIS C 204 9.30 -9.04 -3.45
CA HIS C 204 10.15 -10.23 -3.46
C HIS C 204 11.27 -10.17 -2.45
N GLY C 205 11.58 -9.00 -1.90
CA GLY C 205 12.67 -8.88 -0.96
C GLY C 205 14.03 -8.90 -1.59
N SER C 206 15.02 -8.87 -0.71
CA SER C 206 16.42 -8.84 -1.10
C SER C 206 16.95 -10.25 -1.33
N SER C 207 18.04 -10.30 -2.08
CA SER C 207 18.79 -11.52 -2.32
C SER C 207 19.86 -11.68 -1.24
N ASN C 208 20.80 -12.60 -1.46
CA ASN C 208 21.81 -12.95 -0.48
C ASN C 208 23.03 -13.43 -1.23
N PRO C 209 24.21 -13.41 -0.59
CA PRO C 209 25.44 -13.73 -1.31
C PRO C 209 25.59 -15.18 -1.76
N LEU C 210 24.74 -16.09 -1.31
CA LEU C 210 24.81 -17.47 -1.76
C LEU C 210 24.01 -17.72 -3.04
N GLY C 211 22.99 -16.89 -3.30
CA GLY C 211 22.23 -16.98 -4.52
C GLY C 211 21.16 -18.04 -4.52
N ILE C 212 20.70 -18.45 -3.36
CA ILE C 212 19.67 -19.46 -3.20
C ILE C 212 18.55 -18.82 -2.39
N THR C 213 17.51 -19.60 -2.09
CA THR C 213 16.37 -19.03 -1.41
C THR C 213 16.71 -18.66 0.03
N GLY C 214 16.06 -17.61 0.52
CA GLY C 214 16.21 -17.14 1.88
C GLY C 214 15.00 -17.31 2.76
N ASN C 215 13.94 -17.98 2.29
CA ASN C 215 12.70 -18.12 3.03
C ASN C 215 12.78 -19.12 4.18
N LEU C 216 13.90 -19.82 4.33
CA LEU C 216 14.08 -20.79 5.40
C LEU C 216 14.72 -20.20 6.66
N ASP C 217 15.31 -19.01 6.57
CA ASP C 217 16.05 -18.42 7.68
C ASP C 217 15.95 -16.90 7.53
N ARG C 218 15.07 -16.29 8.31
CA ARG C 218 14.79 -14.86 8.26
C ARG C 218 14.83 -14.28 9.67
N ILE C 219 15.35 -13.07 9.76
CA ILE C 219 15.40 -12.30 11.01
C ILE C 219 14.82 -10.92 10.74
N PRO C 220 14.27 -10.22 11.72
CA PRO C 220 13.66 -8.92 11.44
C PRO C 220 14.71 -7.82 11.28
N MET C 221 14.23 -6.66 10.87
CA MET C 221 15.10 -5.53 10.59
C MET C 221 15.51 -4.80 11.86
N HIS C 222 14.60 -4.70 12.82
CA HIS C 222 14.86 -3.87 13.99
C HIS C 222 15.89 -4.52 14.92
N SER C 223 16.92 -3.74 15.22
CA SER C 223 18.00 -3.95 16.19
C SER C 223 18.99 -5.01 15.75
N TYR C 224 18.87 -5.58 14.56
CA TYR C 224 19.94 -6.34 13.93
C TYR C 224 20.55 -5.58 12.76
N PHE C 225 19.72 -5.08 11.86
CA PHE C 225 20.15 -4.36 10.67
C PHE C 225 19.95 -2.86 10.79
N ILE C 226 19.27 -2.40 11.84
CA ILE C 226 19.28 -0.98 12.17
C ILE C 226 20.62 -0.59 12.79
N PHE C 227 21.16 -1.44 13.65
CA PHE C 227 22.44 -1.19 14.29
C PHE C 227 23.63 -1.63 13.46
N LYS C 228 23.43 -2.45 12.43
CA LYS C 228 24.46 -2.71 11.44
C LYS C 228 24.55 -1.60 10.40
N ASP C 229 23.43 -0.94 10.10
CA ASP C 229 23.45 0.25 9.25
C ASP C 229 24.07 1.44 9.95
N LEU C 230 24.00 1.50 11.27
CA LEU C 230 24.57 2.58 12.05
C LEU C 230 26.09 2.57 12.05
N VAL C 231 26.69 1.41 11.79
CA VAL C 231 28.14 1.32 11.74
C VAL C 231 28.69 2.07 10.53
N THR C 232 28.07 1.91 9.37
CA THR C 232 28.54 2.54 8.15
C THR C 232 28.11 4.00 8.02
N VAL C 233 27.09 4.43 8.75
CA VAL C 233 26.71 5.84 8.74
C VAL C 233 27.79 6.69 9.39
N PHE C 234 28.34 6.25 10.51
CA PHE C 234 29.35 7.03 11.23
C PHE C 234 30.72 6.96 10.58
N LEU C 235 30.99 5.94 9.78
CA LEU C 235 32.20 5.92 8.97
C LEU C 235 32.08 6.85 7.78
N PHE C 236 30.89 6.93 7.18
CA PHE C 236 30.65 7.84 6.08
C PHE C 236 30.83 9.30 6.50
N MET C 237 30.25 9.68 7.64
CA MET C 237 30.39 11.04 8.14
C MET C 237 31.83 11.37 8.51
N LEU C 238 32.55 10.41 9.10
CA LEU C 238 33.93 10.62 9.48
C LEU C 238 34.82 10.89 8.28
N ILE C 239 34.67 10.11 7.21
CA ILE C 239 35.50 10.31 6.03
C ILE C 239 35.10 11.58 5.29
N LEU C 240 33.81 11.92 5.28
CA LEU C 240 33.36 13.15 4.66
C LEU C 240 33.84 14.37 5.43
N ALA C 241 33.80 14.32 6.76
CA ALA C 241 34.29 15.43 7.56
C ALA C 241 35.78 15.67 7.37
N LEU C 242 36.55 14.60 7.15
CA LEU C 242 37.98 14.75 6.88
C LEU C 242 38.23 15.53 5.60
N PHE C 243 37.38 15.38 4.59
CA PHE C 243 37.56 16.10 3.33
C PHE C 243 37.02 17.52 3.40
N VAL C 244 35.95 17.75 4.14
CA VAL C 244 35.35 19.08 4.21
C VAL C 244 36.18 20.04 5.05
N PHE C 245 36.86 19.55 6.10
CA PHE C 245 37.53 20.42 7.06
C PHE C 245 39.05 20.47 6.89
N TYR C 246 39.66 19.48 6.22
CA TYR C 246 41.11 19.41 6.08
C TYR C 246 41.61 19.35 4.65
N SER C 247 40.76 19.09 3.67
CA SER C 247 41.19 19.04 2.28
C SER C 247 40.02 19.31 1.35
N PRO C 248 39.45 20.53 1.37
CA PRO C 248 38.14 20.75 0.74
C PRO C 248 38.16 21.09 -0.74
N ASN C 249 39.32 21.19 -1.38
CA ASN C 249 39.41 21.54 -2.80
C ASN C 249 40.32 20.60 -3.58
N THR C 250 40.45 19.36 -3.13
CA THR C 250 41.31 18.38 -3.79
C THR C 250 40.58 17.58 -4.87
N LEU C 251 39.26 17.48 -4.80
CA LEU C 251 38.46 16.77 -5.78
C LEU C 251 37.84 17.69 -6.83
N GLY C 252 38.15 18.98 -6.83
CA GLY C 252 37.74 19.90 -7.87
C GLY C 252 38.86 20.38 -8.76
N HIS C 253 38.55 21.34 -9.63
CA HIS C 253 39.48 21.93 -10.59
C HIS C 253 39.82 23.38 -10.21
N PRO C 254 41.09 23.80 -10.29
CA PRO C 254 41.41 25.20 -9.93
C PRO C 254 40.80 26.24 -10.85
N ASP C 255 40.62 25.94 -12.14
CA ASP C 255 40.17 26.94 -13.09
C ASP C 255 38.74 27.41 -12.86
N ASN C 256 37.98 26.77 -11.99
CA ASN C 256 36.63 27.19 -11.67
C ASN C 256 36.58 28.30 -10.63
N TYR C 257 37.73 28.73 -10.09
CA TYR C 257 37.81 29.95 -9.30
C TYR C 257 38.18 31.17 -10.14
N ILE C 258 38.24 31.01 -11.45
CA ILE C 258 38.32 32.13 -12.40
C ILE C 258 36.90 32.39 -12.91
N PRO C 259 36.45 33.65 -12.98
CA PRO C 259 35.12 33.89 -13.55
C PRO C 259 35.06 33.59 -15.04
N GLY C 260 33.89 33.16 -15.48
CA GLY C 260 33.64 32.79 -16.86
C GLY C 260 33.91 33.89 -17.87
N ASN C 261 34.64 33.55 -18.92
CA ASN C 261 35.05 34.49 -19.96
C ASN C 261 34.80 33.86 -21.33
N PRO C 262 33.79 34.30 -22.08
CA PRO C 262 33.56 33.69 -23.40
C PRO C 262 34.68 33.91 -24.40
N LEU C 263 35.55 34.89 -24.20
CA LEU C 263 36.58 35.23 -25.17
C LEU C 263 37.89 34.48 -24.94
N VAL C 264 38.15 34.01 -23.73
CA VAL C 264 39.36 33.28 -23.39
C VAL C 264 39.00 31.82 -23.16
N THR C 265 39.65 30.91 -23.91
CA THR C 265 39.42 29.49 -23.74
C THR C 265 40.49 28.86 -22.85
N PRO C 266 40.16 27.91 -21.97
CA PRO C 266 41.21 27.21 -21.23
C PRO C 266 42.02 26.29 -22.11
N ALA C 267 43.17 25.89 -21.57
CA ALA C 267 44.06 24.98 -22.27
C ALA C 267 43.60 23.53 -22.21
N SER C 268 42.81 23.16 -21.20
CA SER C 268 42.27 21.80 -21.09
C SER C 268 40.91 21.88 -20.42
N ILE C 269 39.87 21.45 -21.14
CA ILE C 269 38.50 21.52 -20.67
C ILE C 269 38.06 20.09 -20.37
N VAL C 270 37.82 19.80 -19.08
CA VAL C 270 37.47 18.46 -18.62
C VAL C 270 36.29 18.54 -17.66
N PRO C 271 35.43 17.51 -17.56
CA PRO C 271 34.41 17.52 -16.51
C PRO C 271 34.95 17.13 -15.14
N GLU C 272 34.04 17.04 -14.17
CA GLU C 272 34.36 16.43 -12.90
C GLU C 272 34.78 14.98 -13.09
N TRP C 273 35.36 14.40 -12.04
CA TRP C 273 36.02 13.12 -12.16
C TRP C 273 35.06 11.97 -12.46
N TYR C 274 33.78 12.13 -12.19
CA TYR C 274 32.83 11.02 -12.30
C TYR C 274 32.10 10.97 -13.63
N LEU C 275 32.31 11.96 -14.51
CA LEU C 275 31.84 11.90 -15.89
C LEU C 275 32.98 11.65 -16.88
N LEU C 276 34.19 11.37 -16.40
CA LEU C 276 35.32 11.17 -17.30
C LEU C 276 35.27 9.84 -18.07
N PRO C 277 34.80 8.73 -17.52
CA PRO C 277 34.72 7.51 -18.34
C PRO C 277 33.80 7.66 -19.53
N PHE C 278 32.71 8.41 -19.38
CA PHE C 278 31.79 8.64 -20.48
C PHE C 278 32.29 9.73 -21.43
N TYR C 279 33.18 10.59 -20.97
CA TYR C 279 33.79 11.59 -21.83
C TYR C 279 34.81 10.98 -22.78
N ALA C 280 35.46 9.88 -22.36
CA ALA C 280 36.42 9.18 -23.20
C ALA C 280 35.77 8.25 -24.21
N ILE C 281 34.55 7.80 -23.94
CA ILE C 281 33.81 6.99 -24.91
C ILE C 281 33.34 7.87 -26.07
N LEU C 282 32.85 9.07 -25.76
CA LEU C 282 32.48 10.02 -26.81
C LEU C 282 33.67 10.41 -27.66
N ARG C 283 34.84 10.58 -27.05
CA ARG C 283 36.05 11.01 -27.74
C ARG C 283 36.67 9.92 -28.60
N SER C 284 36.18 8.70 -28.53
CA SER C 284 36.75 7.57 -29.23
C SER C 284 36.27 7.44 -30.67
N ILE C 285 35.06 7.92 -30.96
CA ILE C 285 34.44 7.77 -32.26
C ILE C 285 34.75 9.03 -33.07
N PRO C 286 35.38 8.94 -34.28
CA PRO C 286 35.71 10.14 -35.06
C PRO C 286 34.54 10.63 -35.92
N ASP C 287 33.39 10.86 -35.31
CA ASP C 287 32.22 11.35 -36.00
C ASP C 287 31.26 11.91 -34.97
N LYS C 288 30.67 13.06 -35.28
CA LYS C 288 29.86 13.77 -34.30
C LYS C 288 28.60 13.00 -33.94
N LEU C 289 27.88 12.49 -34.95
CA LEU C 289 26.60 11.87 -34.66
C LEU C 289 26.76 10.52 -33.97
N LEU C 290 27.73 9.71 -34.41
CA LEU C 290 27.90 8.38 -33.85
C LEU C 290 28.51 8.41 -32.46
N GLY C 291 29.28 9.44 -32.13
CA GLY C 291 29.81 9.56 -30.78
C GLY C 291 28.76 9.90 -29.74
N VAL C 292 27.75 10.69 -30.14
CA VAL C 292 26.67 11.04 -29.23
C VAL C 292 25.78 9.83 -28.97
N ILE C 293 25.52 9.04 -30.00
CA ILE C 293 24.73 7.82 -29.84
C ILE C 293 25.45 6.82 -28.94
N THR C 294 26.76 6.66 -29.15
CA THR C 294 27.54 5.70 -28.38
C THR C 294 27.69 6.12 -26.92
N MET C 295 27.76 7.42 -26.65
CA MET C 295 27.85 7.90 -25.27
C MET C 295 26.59 7.54 -24.48
N PHE C 296 25.43 7.74 -25.08
CA PHE C 296 24.17 7.38 -24.41
C PHE C 296 23.95 5.89 -24.38
N ALA C 297 24.37 5.17 -25.42
CA ALA C 297 24.25 3.71 -25.43
C ALA C 297 25.06 3.04 -24.32
N ALA C 298 26.11 3.68 -23.84
CA ALA C 298 26.91 3.12 -22.75
C ALA C 298 26.16 3.06 -21.43
N ILE C 299 25.05 3.80 -21.30
CA ILE C 299 24.23 3.77 -20.11
C ILE C 299 23.03 2.84 -20.27
N LEU C 300 22.47 2.78 -21.47
CA LEU C 300 21.32 1.93 -21.74
C LEU C 300 21.68 0.49 -22.04
N VAL C 301 22.97 0.17 -22.24
CA VAL C 301 23.38 -1.21 -22.41
C VAL C 301 23.27 -2.03 -21.14
N LEU C 302 23.09 -1.39 -19.99
CA LEU C 302 22.80 -2.12 -18.76
C LEU C 302 21.47 -2.84 -18.82
N LEU C 303 20.55 -2.43 -19.70
CA LEU C 303 19.22 -3.00 -19.74
C LEU C 303 19.14 -4.34 -20.46
N VAL C 304 20.14 -4.70 -21.27
CA VAL C 304 20.15 -6.01 -21.94
C VAL C 304 20.78 -7.10 -21.09
N LEU C 305 21.23 -6.78 -19.88
CA LEU C 305 21.92 -7.77 -19.06
C LEU C 305 21.01 -8.89 -18.54
N PRO C 306 19.73 -8.67 -18.23
CA PRO C 306 18.88 -9.81 -17.85
C PRO C 306 18.68 -10.84 -18.94
N PHE C 307 19.00 -10.53 -20.20
CA PHE C 307 18.74 -11.41 -21.32
C PHE C 307 19.97 -12.14 -21.83
N THR C 308 21.17 -11.62 -21.60
CA THR C 308 22.39 -12.22 -22.08
C THR C 308 23.07 -13.13 -21.06
N ASP C 309 22.67 -13.08 -19.79
CA ASP C 309 23.15 -14.04 -18.82
C ASP C 309 22.41 -15.36 -19.02
N ARG C 310 23.15 -16.39 -19.41
CA ARG C 310 22.58 -17.69 -19.79
C ARG C 310 22.87 -18.76 -18.75
N SER C 311 22.97 -18.38 -17.49
CA SER C 311 23.32 -19.30 -16.42
C SER C 311 22.09 -19.74 -15.64
N VAL C 312 22.18 -20.95 -15.09
CA VAL C 312 21.17 -21.47 -14.18
C VAL C 312 21.50 -21.18 -12.72
N VAL C 313 22.65 -20.57 -12.44
CA VAL C 313 23.05 -20.18 -11.10
C VAL C 313 23.07 -18.66 -11.02
N ARG C 314 22.54 -18.12 -9.92
CA ARG C 314 22.56 -16.69 -9.66
C ARG C 314 23.84 -16.29 -8.93
N GLY C 315 24.54 -15.31 -9.49
CA GLY C 315 25.70 -14.72 -8.86
C GLY C 315 27.01 -15.38 -9.26
N ASN C 316 28.09 -14.74 -8.83
CA ASN C 316 29.46 -15.10 -9.20
C ASN C 316 30.23 -15.76 -8.06
N THR C 317 29.55 -16.14 -6.97
CA THR C 317 30.24 -16.72 -5.82
C THR C 317 30.96 -18.02 -6.17
N PHE C 318 30.29 -18.91 -6.90
CA PHE C 318 30.82 -20.24 -7.22
C PHE C 318 31.28 -20.35 -8.66
N LYS C 319 31.70 -19.24 -9.26
CA LYS C 319 32.04 -19.17 -10.68
C LYS C 319 33.46 -18.64 -10.84
N VAL C 320 34.33 -19.45 -11.43
CA VAL C 320 35.74 -19.13 -11.52
C VAL C 320 36.00 -18.12 -12.63
N LEU C 321 35.50 -18.40 -13.84
CA LEU C 321 35.81 -17.59 -15.00
C LEU C 321 35.06 -16.27 -14.99
N SER C 322 33.80 -16.29 -14.58
CA SER C 322 33.00 -15.07 -14.52
C SER C 322 33.41 -14.13 -13.40
N LYS C 323 34.27 -14.58 -12.49
CA LYS C 323 34.82 -13.74 -11.45
C LYS C 323 36.07 -13.01 -11.92
N PHE C 324 36.90 -13.69 -12.71
CA PHE C 324 38.06 -13.05 -13.32
C PHE C 324 37.67 -11.93 -14.26
N PHE C 325 36.59 -12.11 -15.02
CA PHE C 325 36.18 -11.13 -16.01
C PHE C 325 35.32 -10.01 -15.42
N PHE C 326 34.81 -10.17 -14.20
CA PHE C 326 34.17 -9.06 -13.51
C PHE C 326 35.16 -7.97 -13.15
N PHE C 327 36.40 -8.35 -12.82
CA PHE C 327 37.40 -7.40 -12.38
C PHE C 327 38.20 -6.80 -13.52
N ILE C 328 38.23 -7.45 -14.69
CA ILE C 328 38.70 -6.80 -15.91
C ILE C 328 37.80 -5.62 -16.27
N PHE C 329 36.48 -5.78 -16.11
CA PHE C 329 35.56 -4.71 -16.41
C PHE C 329 35.68 -3.55 -15.42
N VAL C 330 36.04 -3.82 -14.18
CA VAL C 330 36.15 -2.76 -13.19
C VAL C 330 37.35 -1.87 -13.49
N PHE C 331 38.51 -2.48 -13.72
CA PHE C 331 39.73 -1.72 -14.00
C PHE C 331 39.75 -1.12 -15.40
N ASN C 332 38.95 -1.64 -16.32
CA ASN C 332 38.75 -0.97 -17.60
C ASN C 332 37.94 0.31 -17.44
N PHE C 333 37.06 0.37 -16.45
CA PHE C 333 36.28 1.57 -16.19
C PHE C 333 37.12 2.66 -15.54
N VAL C 334 38.18 2.27 -14.83
CA VAL C 334 39.07 3.23 -14.21
C VAL C 334 40.04 3.80 -15.24
N LEU C 335 40.51 2.98 -16.18
CA LEU C 335 41.34 3.46 -17.26
C LEU C 335 40.59 4.37 -18.21
N LEU C 336 39.28 4.17 -18.37
CA LEU C 336 38.50 5.07 -19.21
C LEU C 336 38.42 6.46 -18.59
N GLY C 337 38.12 6.54 -17.29
CA GLY C 337 38.12 7.81 -16.60
C GLY C 337 39.46 8.49 -16.59
N GLN C 338 40.53 7.72 -16.60
CA GLN C 338 41.88 8.24 -16.61
C GLN C 338 42.31 8.69 -18.00
N ILE C 339 41.86 8.00 -19.05
CA ILE C 339 42.13 8.45 -20.41
C ILE C 339 41.42 9.76 -20.68
N GLY C 340 40.23 9.96 -20.12
CA GLY C 340 39.46 11.16 -20.34
C GLY C 340 40.00 12.40 -19.69
N ALA C 341 41.02 12.28 -18.84
CA ALA C 341 41.71 13.41 -18.23
C ALA C 341 43.06 13.68 -18.85
N CYS C 342 43.32 13.11 -20.03
CA CYS C 342 44.58 13.27 -20.75
C CYS C 342 44.33 14.09 -22.01
N HIS C 343 45.43 14.44 -22.68
CA HIS C 343 45.36 15.17 -23.93
C HIS C 343 45.09 14.21 -25.08
N VAL C 344 44.59 14.77 -26.18
CA VAL C 344 44.40 14.01 -27.40
C VAL C 344 45.75 13.85 -28.08
N GLU C 345 46.45 12.77 -27.77
CA GLU C 345 47.81 12.57 -28.22
C GLU C 345 48.05 11.08 -28.40
N VAL C 346 49.11 10.76 -29.12
CA VAL C 346 49.54 9.36 -29.24
C VAL C 346 50.20 8.95 -27.93
N PRO C 347 49.90 7.75 -27.39
CA PRO C 347 49.00 6.67 -27.77
C PRO C 347 47.67 6.65 -27.02
N TYR C 348 47.24 7.79 -26.49
CA TYR C 348 46.00 7.85 -25.73
C TYR C 348 44.76 7.83 -26.60
N VAL C 349 44.90 7.80 -27.92
CA VAL C 349 43.76 7.70 -28.82
C VAL C 349 43.42 6.24 -29.11
N LEU C 350 44.43 5.42 -29.33
CA LEU C 350 44.21 3.99 -29.55
C LEU C 350 43.86 3.28 -28.25
N MET C 351 44.45 3.70 -27.13
CA MET C 351 44.15 3.10 -25.84
C MET C 351 42.69 3.26 -25.47
N GLY C 352 42.09 4.39 -25.83
CA GLY C 352 40.69 4.64 -25.57
C GLY C 352 39.73 4.02 -26.54
N GLN C 353 40.21 3.57 -27.70
CA GLN C 353 39.40 2.87 -28.68
C GLN C 353 39.32 1.37 -28.37
N ILE C 354 40.40 0.80 -27.84
CA ILE C 354 40.37 -0.60 -27.43
C ILE C 354 39.59 -0.76 -26.13
N ALA C 355 39.75 0.18 -25.20
CA ALA C 355 39.09 0.08 -23.91
C ALA C 355 37.60 0.36 -23.96
N THR C 356 37.12 1.10 -24.95
CA THR C 356 35.69 1.27 -25.15
C THR C 356 35.06 0.11 -25.90
N PHE C 357 35.86 -0.72 -26.57
CA PHE C 357 35.34 -1.97 -27.12
C PHE C 357 35.17 -3.02 -26.04
N ILE C 358 36.06 -3.05 -25.05
CA ILE C 358 35.96 -3.98 -23.95
C ILE C 358 34.79 -3.65 -23.03
N TYR C 359 34.27 -2.42 -23.10
CA TYR C 359 33.13 -2.04 -22.28
C TYR C 359 31.84 -2.59 -22.88
N PHE C 360 31.70 -2.51 -24.20
CA PHE C 360 30.51 -3.00 -24.87
C PHE C 360 30.55 -4.51 -25.11
N ALA C 361 31.75 -5.09 -25.23
CA ALA C 361 31.90 -6.53 -25.45
C ALA C 361 31.61 -7.35 -24.20
N TYR C 362 31.77 -6.78 -23.01
CA TYR C 362 31.46 -7.51 -21.78
C TYR C 362 29.99 -7.86 -21.70
N PHE C 363 29.11 -6.91 -22.05
CA PHE C 363 27.68 -7.12 -21.91
C PHE C 363 27.12 -8.02 -23.00
N LEU C 364 27.72 -8.03 -24.20
CA LEU C 364 27.10 -8.59 -25.38
C LEU C 364 27.79 -9.83 -25.94
N ILE C 365 29.03 -10.11 -25.56
CA ILE C 365 29.78 -11.24 -26.12
C ILE C 365 30.31 -12.13 -25.01
N ILE C 366 30.93 -11.53 -24.01
CA ILE C 366 31.73 -12.29 -23.05
C ILE C 366 30.84 -13.04 -22.07
N VAL C 367 29.83 -12.37 -21.52
CA VAL C 367 28.95 -12.95 -20.51
C VAL C 367 28.18 -14.15 -21.08
N PRO C 368 27.48 -14.04 -22.21
CA PRO C 368 26.74 -15.21 -22.71
C PRO C 368 27.61 -16.38 -23.14
N VAL C 369 28.88 -16.15 -23.46
CA VAL C 369 29.73 -17.23 -23.95
C VAL C 369 30.32 -18.02 -22.78
N ILE C 370 30.80 -17.35 -21.73
CA ILE C 370 31.38 -18.07 -20.61
C ILE C 370 30.31 -18.63 -19.69
N SER C 371 29.13 -18.02 -19.63
CA SER C 371 28.03 -18.57 -18.87
C SER C 371 27.53 -19.88 -19.47
N THR C 372 27.53 -20.01 -20.79
CA THR C 372 27.22 -21.28 -21.42
C THR C 372 28.29 -22.32 -21.15
N ILE C 373 29.55 -21.91 -21.13
CA ILE C 373 30.65 -22.84 -20.88
C ILE C 373 30.59 -23.37 -19.45
N GLU C 374 30.25 -22.51 -18.49
CA GLU C 374 30.19 -22.93 -17.10
C GLU C 374 29.03 -23.86 -16.79
N ASN C 375 27.91 -23.71 -17.49
CA ASN C 375 26.81 -24.66 -17.34
C ASN C 375 27.26 -26.06 -17.73
N VAL C 376 27.89 -26.20 -18.88
CA VAL C 376 28.30 -27.51 -19.37
C VAL C 376 29.46 -28.07 -18.55
N LEU C 377 30.25 -27.21 -17.92
CA LEU C 377 31.34 -27.70 -17.08
C LEU C 377 30.84 -28.27 -15.77
N PHE C 378 29.72 -27.76 -15.26
CA PHE C 378 29.12 -28.35 -14.08
C PHE C 378 28.48 -29.70 -14.36
N TYR C 379 27.98 -29.89 -15.58
CA TYR C 379 27.26 -31.11 -15.94
C TYR C 379 28.20 -32.29 -16.06
N ILE C 380 29.27 -32.14 -16.83
CA ILE C 380 30.16 -33.28 -17.11
C ILE C 380 31.06 -33.63 -15.94
N GLY C 381 31.27 -32.71 -14.99
CA GLY C 381 32.06 -33.02 -13.81
C GLY C 381 31.39 -33.98 -12.86
N ARG C 382 30.07 -34.02 -12.85
CA ARG C 382 29.29 -34.93 -12.00
C ARG C 382 28.77 -36.14 -12.74
N VAL C 383 28.04 -35.92 -13.84
CA VAL C 383 27.43 -36.99 -14.61
C VAL C 383 28.53 -37.70 -15.38
N ASN C 384 28.69 -39.01 -15.13
CA ASN C 384 29.75 -39.82 -15.71
C ASN C 384 29.14 -40.91 -16.58
N LYS C 385 29.03 -40.62 -17.87
CA LYS C 385 28.50 -41.56 -18.86
C LYS C 385 29.64 -42.16 -19.68
N MET D 1 52.23 17.15 -23.70
CA MET D 1 52.91 18.15 -24.52
C MET D 1 54.38 18.20 -24.12
N THR D 2 55.10 19.14 -24.71
CA THR D 2 56.49 19.37 -24.34
C THR D 2 56.54 20.02 -22.96
N ALA D 3 57.64 19.76 -22.24
CA ALA D 3 57.77 20.25 -20.88
C ALA D 3 57.78 21.76 -20.81
N ALA D 4 58.27 22.43 -21.85
CA ALA D 4 58.27 23.89 -21.85
C ALA D 4 56.87 24.46 -21.97
N GLU D 5 55.94 23.73 -22.56
CA GLU D 5 54.57 24.19 -22.72
C GLU D 5 53.72 23.94 -21.49
N HIS D 6 54.10 23.00 -20.64
CA HIS D 6 53.40 22.75 -19.38
C HIS D 6 53.97 23.58 -18.23
N GLY D 7 55.26 23.92 -18.30
CA GLY D 7 55.92 24.66 -17.26
C GLY D 7 56.67 23.76 -16.30
N LEU D 8 57.57 24.38 -15.54
CA LEU D 8 58.38 23.65 -14.58
C LEU D 8 57.55 23.38 -13.33
N HIS D 9 57.86 22.27 -12.67
CA HIS D 9 57.14 21.85 -11.48
C HIS D 9 57.65 22.62 -10.27
N ALA D 10 56.74 23.30 -9.59
CA ALA D 10 57.12 24.07 -8.42
C ALA D 10 57.49 23.12 -7.27
N PRO D 11 58.64 23.29 -6.61
CA PRO D 11 58.98 22.38 -5.52
C PRO D 11 58.10 22.57 -4.29
N ALA D 12 58.36 21.79 -3.25
CA ALA D 12 57.55 21.78 -2.03
C ALA D 12 58.36 22.39 -0.89
N TYR D 13 58.01 23.61 -0.51
CA TYR D 13 58.61 24.27 0.64
C TYR D 13 57.79 23.97 1.89
N ALA D 14 58.37 24.30 3.04
CA ALA D 14 57.81 23.95 4.34
C ALA D 14 57.12 25.16 4.95
N TRP D 15 55.87 25.37 4.55
CA TRP D 15 55.08 26.47 5.08
C TRP D 15 54.61 26.15 6.49
N SER D 16 54.60 27.16 7.35
CA SER D 16 54.25 27.00 8.75
C SER D 16 52.76 26.89 8.99
N HIS D 17 51.93 27.04 7.96
CA HIS D 17 50.50 26.79 8.06
C HIS D 17 50.10 25.47 7.44
N ASN D 18 51.06 24.71 6.90
CA ASN D 18 50.80 23.34 6.49
C ASN D 18 50.73 22.44 7.71
N GLY D 19 49.74 21.57 7.72
CA GLY D 19 49.48 20.66 8.81
C GLY D 19 48.08 20.83 9.33
N PRO D 20 47.49 19.79 9.92
CA PRO D 20 46.09 19.88 10.33
C PRO D 20 45.84 20.65 11.62
N PHE D 21 46.88 20.99 12.38
CA PHE D 21 46.73 21.68 13.66
C PHE D 21 47.41 23.05 13.68
N GLU D 22 47.76 23.59 12.51
CA GLU D 22 48.54 24.82 12.41
C GLU D 22 47.70 25.96 11.85
N THR D 23 47.99 27.17 12.34
CA THR D 23 47.35 28.39 11.91
C THR D 23 48.28 29.19 11.01
N PHE D 24 47.79 30.33 10.53
CA PHE D 24 48.64 31.29 9.85
C PHE D 24 49.60 31.93 10.83
N ASP D 25 50.75 32.35 10.32
CA ASP D 25 51.64 33.26 11.04
C ASP D 25 51.15 34.69 10.77
N HIS D 26 50.60 35.33 11.79
CA HIS D 26 49.94 36.61 11.62
C HIS D 26 50.89 37.79 11.57
N ALA D 27 52.16 37.60 11.92
CA ALA D 27 53.15 38.65 11.76
C ALA D 27 53.67 38.73 10.34
N SER D 28 53.53 37.66 9.57
CA SER D 28 53.85 37.66 8.14
C SER D 28 52.72 38.22 7.30
N ILE D 29 51.47 38.09 7.74
CA ILE D 29 50.35 38.73 7.04
C ILE D 29 50.48 40.24 7.11
N ARG D 30 50.70 40.78 8.32
CA ARG D 30 50.90 42.21 8.49
C ARG D 30 52.10 42.67 7.67
N ARG D 31 53.20 41.92 7.75
CA ARG D 31 54.38 42.21 6.97
C ARG D 31 54.12 42.08 5.47
N GLY D 32 53.20 41.19 5.07
CA GLY D 32 52.90 41.00 3.66
C GLY D 32 52.00 42.03 3.04
N TYR D 33 51.12 42.66 3.82
CA TYR D 33 50.31 43.76 3.31
C TYR D 33 51.18 44.97 2.98
N GLN D 34 52.27 45.17 3.72
CA GLN D 34 53.18 46.28 3.41
C GLN D 34 53.84 46.10 2.06
N VAL D 35 54.11 44.86 1.66
CA VAL D 35 54.68 44.58 0.35
C VAL D 35 53.65 44.73 -0.76
N TYR D 36 52.36 44.56 -0.45
CA TYR D 36 51.33 44.78 -1.45
C TYR D 36 51.12 46.26 -1.71
N ARG D 37 51.11 47.07 -0.66
CA ARG D 37 50.81 48.48 -0.82
C ARG D 37 51.91 49.24 -1.55
N GLU D 38 53.16 48.79 -1.42
CA GLU D 38 54.31 49.51 -1.92
C GLU D 38 54.90 48.95 -3.22
N VAL D 39 54.46 47.77 -3.67
CA VAL D 39 55.00 47.16 -4.88
C VAL D 39 53.87 46.74 -5.83
N CYS D 40 52.93 45.94 -5.32
CA CYS D 40 51.98 45.27 -6.21
C CYS D 40 50.83 46.18 -6.60
N ALA D 41 50.33 46.98 -5.67
CA ALA D 41 49.09 47.72 -5.87
C ALA D 41 49.15 48.76 -6.97
N ALA D 42 50.33 49.05 -7.51
CA ALA D 42 50.40 49.92 -8.68
C ALA D 42 49.70 49.30 -9.88
N CYS D 43 49.70 47.97 -9.99
CA CYS D 43 49.23 47.28 -11.17
C CYS D 43 48.40 46.03 -10.86
N HIS D 44 47.84 45.92 -9.65
CA HIS D 44 47.02 44.77 -9.29
C HIS D 44 45.94 45.20 -8.31
N SER D 45 44.76 44.63 -8.48
CA SER D 45 43.60 44.92 -7.67
C SER D 45 43.34 43.81 -6.66
N LEU D 46 42.58 44.16 -5.61
CA LEU D 46 42.21 43.26 -4.53
C LEU D 46 40.74 43.46 -4.17
N ASP D 47 39.88 43.43 -5.20
CA ASP D 47 38.52 43.96 -5.12
C ASP D 47 37.60 43.20 -4.17
N ARG D 48 37.95 41.97 -3.76
CA ARG D 48 37.07 41.15 -2.93
C ARG D 48 37.42 41.19 -1.44
N VAL D 49 38.27 42.12 -1.02
CA VAL D 49 38.71 42.23 0.36
C VAL D 49 38.24 43.57 0.90
N ALA D 50 37.51 43.54 2.01
CA ALA D 50 37.04 44.76 2.67
C ALA D 50 37.99 45.18 3.78
N TRP D 51 37.97 46.48 4.09
CA TRP D 51 38.83 47.04 5.12
C TRP D 51 38.57 46.41 6.48
N ARG D 52 37.30 46.15 6.80
CA ARG D 52 36.93 45.66 8.12
C ARG D 52 37.47 44.26 8.41
N THR D 53 37.77 43.46 7.39
CA THR D 53 38.27 42.11 7.62
C THR D 53 39.73 42.08 8.09
N LEU D 54 40.42 43.20 8.08
CA LEU D 54 41.81 43.27 8.53
C LEU D 54 41.93 43.53 10.03
N VAL D 55 40.86 43.99 10.66
CA VAL D 55 40.87 44.25 12.10
C VAL D 55 40.93 42.92 12.84
N GLY D 56 41.82 42.83 13.82
CA GLY D 56 41.99 41.62 14.59
C GLY D 56 42.77 40.52 13.89
N VAL D 57 43.30 40.79 12.71
CA VAL D 57 44.06 39.81 11.92
C VAL D 57 45.47 40.29 11.66
N SER D 58 45.61 41.53 11.21
CA SER D 58 46.89 42.13 10.87
C SER D 58 47.10 43.53 11.43
N HIS D 59 46.03 44.27 11.73
CA HIS D 59 46.13 45.65 12.17
C HIS D 59 45.05 45.92 13.21
N THR D 60 45.26 46.97 13.99
CA THR D 60 44.26 47.42 14.95
C THR D 60 43.18 48.22 14.23
N ASN D 61 42.08 48.47 14.95
CA ASN D 61 40.99 49.23 14.36
C ASN D 61 41.39 50.65 14.06
N GLU D 62 42.16 51.29 14.93
CA GLU D 62 42.61 52.64 14.70
C GLU D 62 43.59 52.74 13.54
N GLU D 63 44.41 51.71 13.32
CA GLU D 63 45.30 51.70 12.18
C GLU D 63 44.54 51.59 10.87
N VAL D 64 43.50 50.76 10.83
CA VAL D 64 42.80 50.50 9.57
C VAL D 64 41.98 51.71 9.15
N ARG D 65 41.40 52.44 10.10
CA ARG D 65 40.64 53.64 9.75
C ARG D 65 41.51 54.68 9.07
N ASN D 66 42.76 54.83 9.49
CA ASN D 66 43.65 55.80 8.87
C ASN D 66 44.13 55.36 7.49
N MET D 67 44.10 54.06 7.20
CA MET D 67 44.47 53.58 5.87
C MET D 67 43.35 53.77 4.87
N ALA D 68 42.09 53.61 5.29
CA ALA D 68 40.95 53.81 4.40
C ALA D 68 40.69 55.28 4.11
N GLU D 69 40.99 56.17 5.06
CA GLU D 69 40.69 57.58 4.90
C GLU D 69 41.54 58.26 3.84
N GLU D 70 42.62 57.63 3.37
CA GLU D 70 43.48 58.19 2.36
C GLU D 70 43.00 57.94 0.94
N PHE D 71 41.75 57.51 0.75
CA PHE D 71 41.17 57.27 -0.55
C PHE D 71 39.82 57.97 -0.64
N GLU D 72 39.35 58.13 -1.88
CA GLU D 72 38.11 58.81 -2.17
C GLU D 72 37.11 57.85 -2.80
N TYR D 73 35.88 57.91 -2.34
CA TYR D 73 34.79 57.07 -2.83
C TYR D 73 33.64 57.98 -3.25
N ASP D 74 32.66 57.38 -3.93
CA ASP D 74 31.52 58.11 -4.46
C ASP D 74 30.39 58.11 -3.45
N ASP D 75 30.01 59.31 -3.02
CA ASP D 75 28.87 59.50 -2.14
C ASP D 75 27.61 59.69 -2.98
N GLU D 76 26.47 59.75 -2.33
CA GLU D 76 25.22 60.01 -3.00
C GLU D 76 25.06 61.51 -3.26
N PRO D 77 24.41 61.88 -4.51
CA PRO D 77 24.49 63.22 -5.07
C PRO D 77 23.90 64.30 -4.17
N ASP D 78 24.24 65.80 -4.15
CA ASP D 78 23.70 66.65 -3.10
C ASP D 78 22.23 66.95 -3.38
N GLU D 79 21.75 68.07 -2.87
CA GLU D 79 20.34 68.42 -2.89
C GLU D 79 19.87 68.89 -4.26
N GLN D 80 20.78 69.30 -5.14
CA GLN D 80 20.44 69.67 -6.51
C GLN D 80 20.63 68.54 -7.51
N GLY D 81 21.40 67.51 -7.17
CA GLY D 81 21.63 66.37 -8.02
C GLY D 81 23.03 66.21 -8.56
N ASN D 82 23.98 66.99 -8.08
CA ASN D 82 25.35 66.90 -8.55
C ASN D 82 26.12 65.84 -7.77
N PRO D 83 27.19 65.27 -8.34
CA PRO D 83 27.89 64.19 -7.65
C PRO D 83 28.75 64.68 -6.51
N LYS D 84 28.96 63.80 -5.54
CA LYS D 84 29.78 64.06 -4.37
C LYS D 84 30.81 62.94 -4.19
N LYS D 85 31.90 63.29 -3.52
CA LYS D 85 32.91 62.33 -3.07
C LYS D 85 33.03 62.40 -1.56
N ARG D 86 33.61 61.35 -0.98
CA ARG D 86 33.79 61.26 0.46
C ARG D 86 35.03 60.43 0.74
N PRO D 87 35.55 60.46 1.98
CA PRO D 87 36.63 59.52 2.33
C PRO D 87 36.13 58.11 2.55
N GLY D 88 37.05 57.21 2.85
CA GLY D 88 36.72 55.82 3.02
C GLY D 88 36.35 55.46 4.44
N LYS D 89 35.65 54.33 4.56
CA LYS D 89 35.25 53.79 5.85
C LYS D 89 35.45 52.29 5.87
N LEU D 90 35.12 51.64 6.99
CA LEU D 90 35.47 50.25 7.18
C LEU D 90 34.65 49.31 6.29
N SER D 91 33.42 49.68 5.98
CA SER D 91 32.58 48.85 5.12
C SER D 91 32.99 48.91 3.65
N ASP D 92 33.89 49.81 3.27
CA ASP D 92 34.29 49.94 1.89
C ASP D 92 35.27 48.84 1.51
N TYR D 93 35.41 48.62 0.21
CA TYR D 93 36.32 47.63 -0.33
C TYR D 93 37.58 48.30 -0.85
N ILE D 94 38.68 47.58 -0.77
CA ILE D 94 40.01 48.09 -1.12
C ILE D 94 40.01 48.50 -2.60
N PRO D 95 40.38 49.74 -2.94
CA PRO D 95 40.26 50.16 -4.34
C PRO D 95 41.46 49.77 -5.18
N GLY D 96 41.20 49.67 -6.49
CA GLY D 96 42.20 49.30 -7.45
C GLY D 96 42.74 50.48 -8.22
N PRO D 97 43.85 50.30 -8.94
CA PRO D 97 44.51 51.43 -9.59
C PRO D 97 43.84 51.91 -10.87
N TYR D 98 43.20 51.02 -11.64
CA TYR D 98 42.71 51.34 -12.97
C TYR D 98 41.20 51.48 -12.97
N PRO D 99 40.62 52.36 -13.81
CA PRO D 99 39.16 52.52 -13.80
C PRO D 99 38.43 51.46 -14.62
N ASN D 100 39.10 50.92 -15.64
CA ASN D 100 38.48 49.93 -16.50
C ASN D 100 39.58 49.08 -17.15
N GLU D 101 39.15 48.00 -17.79
CA GLU D 101 40.08 47.07 -18.42
C GLU D 101 40.80 47.69 -19.62
N GLN D 102 40.17 48.66 -20.29
CA GLN D 102 40.83 49.32 -21.41
C GLN D 102 42.08 50.06 -20.96
N ALA D 103 42.00 50.75 -19.82
CA ALA D 103 43.12 51.50 -19.30
C ALA D 103 44.19 50.61 -18.69
N ALA D 104 43.80 49.44 -18.17
CA ALA D 104 44.77 48.51 -17.60
C ALA D 104 45.68 47.92 -18.67
N ARG D 105 45.12 47.59 -19.83
CA ARG D 105 45.92 47.04 -20.91
C ARG D 105 46.77 48.11 -21.57
N ALA D 106 46.28 49.35 -21.61
CA ALA D 106 47.03 50.44 -22.22
C ALA D 106 48.34 50.74 -21.50
N ALA D 107 48.45 50.38 -20.23
CA ALA D 107 49.64 50.64 -19.43
C ALA D 107 50.55 49.43 -19.27
N ASN D 108 50.24 48.30 -19.90
CA ASN D 108 51.00 47.07 -19.75
C ASN D 108 51.22 46.38 -21.08
N GLN D 109 51.19 47.14 -22.18
CA GLN D 109 51.53 46.64 -23.51
C GLN D 109 50.59 45.53 -23.95
N GLY D 110 49.30 45.66 -23.61
CA GLY D 110 48.27 44.77 -24.06
C GLY D 110 47.87 43.69 -23.08
N ALA D 111 48.72 43.39 -22.10
CA ALA D 111 48.41 42.35 -21.12
C ALA D 111 47.61 42.91 -19.97
N LEU D 112 46.72 42.08 -19.43
CA LEU D 112 45.85 42.46 -18.33
C LEU D 112 46.36 41.82 -17.04
N PRO D 113 46.69 42.58 -16.00
CA PRO D 113 47.00 41.95 -14.71
C PRO D 113 45.74 41.46 -14.02
N PRO D 114 45.69 40.21 -13.55
CA PRO D 114 44.48 39.71 -12.90
C PRO D 114 44.31 40.20 -11.47
N ASP D 115 43.08 40.06 -10.98
CA ASP D 115 42.81 40.26 -9.56
C ASP D 115 43.42 39.12 -8.77
N LEU D 116 43.96 39.47 -7.59
CA LEU D 116 44.74 38.54 -6.79
C LEU D 116 44.01 38.02 -5.55
N SER D 117 42.72 38.34 -5.39
CA SER D 117 41.97 37.87 -4.23
C SER D 117 41.78 36.36 -4.20
N LEU D 118 41.94 35.66 -5.34
CA LEU D 118 41.76 34.21 -5.39
C LEU D 118 42.85 33.51 -6.19
N ILE D 119 44.02 34.14 -6.33
CA ILE D 119 45.06 33.57 -7.19
C ILE D 119 45.71 32.34 -6.59
N VAL D 120 45.65 32.16 -5.28
CA VAL D 120 46.26 30.98 -4.65
C VAL D 120 45.41 29.74 -4.92
N LYS D 121 44.09 29.89 -4.92
CA LYS D 121 43.19 28.77 -5.15
C LYS D 121 42.93 28.49 -6.61
N ALA D 122 43.19 29.47 -7.50
CA ALA D 122 42.92 29.35 -8.92
C ALA D 122 44.15 29.01 -9.73
N ARG D 123 45.17 28.42 -9.12
CA ARG D 123 46.37 27.98 -9.82
C ARG D 123 46.81 26.66 -9.23
N HIS D 124 47.30 25.78 -10.09
CA HIS D 124 47.82 24.49 -9.66
C HIS D 124 49.21 24.68 -9.09
N GLY D 125 49.35 24.39 -7.80
CA GLY D 125 50.59 24.57 -7.07
C GLY D 125 50.38 25.33 -5.78
N GLY D 126 49.43 26.23 -5.79
CA GLY D 126 49.12 27.00 -4.60
C GLY D 126 50.23 27.95 -4.22
N CYS D 127 50.56 27.97 -2.93
CA CYS D 127 51.57 28.89 -2.43
C CYS D 127 52.95 28.56 -2.98
N ASP D 128 53.18 27.31 -3.36
CA ASP D 128 54.48 26.94 -3.91
C ASP D 128 54.71 27.50 -5.31
N TYR D 129 53.65 27.79 -6.06
CA TYR D 129 53.79 28.32 -7.40
C TYR D 129 53.95 29.84 -7.42
N ILE D 130 53.20 30.55 -6.57
CA ILE D 130 53.32 32.00 -6.51
C ILE D 130 54.74 32.39 -6.07
N PHE D 131 55.27 31.68 -5.07
CA PHE D 131 56.61 31.98 -4.58
C PHE D 131 57.67 31.70 -5.63
N SER D 132 57.61 30.54 -6.26
CA SER D 132 58.63 30.16 -7.24
C SER D 132 58.57 31.03 -8.49
N LEU D 133 57.41 31.57 -8.82
CA LEU D 133 57.29 32.47 -9.96
C LEU D 133 58.08 33.75 -9.73
N LEU D 134 58.00 34.32 -8.53
CA LEU D 134 58.62 35.60 -8.24
C LEU D 134 60.13 35.48 -8.05
N THR D 135 60.60 34.36 -7.52
CA THR D 135 62.03 34.11 -7.31
C THR D 135 62.65 33.28 -8.43
N GLY D 136 61.98 33.18 -9.57
CA GLY D 136 62.38 32.29 -10.64
C GLY D 136 62.80 32.91 -11.94
N TYR D 137 62.93 34.23 -11.99
CA TYR D 137 63.41 34.90 -13.20
C TYR D 137 64.92 34.73 -13.32
N PRO D 138 65.44 34.08 -14.37
CA PRO D 138 66.88 34.10 -14.59
C PRO D 138 67.34 35.37 -15.27
N ASP D 139 68.60 35.70 -15.07
CA ASP D 139 69.14 36.96 -15.56
C ASP D 139 69.48 36.91 -17.05
N GLU D 140 69.45 35.75 -17.69
CA GLU D 140 69.53 35.65 -19.13
C GLU D 140 68.80 34.38 -19.56
N PRO D 141 67.95 34.41 -20.59
CA PRO D 141 67.23 33.20 -20.99
C PRO D 141 68.18 32.13 -21.51
N PRO D 142 67.74 30.87 -21.56
CA PRO D 142 68.61 29.83 -22.10
C PRO D 142 68.87 30.01 -23.59
N ALA D 143 69.93 29.37 -24.05
CA ALA D 143 70.37 29.54 -25.43
C ALA D 143 69.36 28.91 -26.39
N GLY D 144 68.82 29.72 -27.30
CA GLY D 144 67.99 29.25 -28.38
C GLY D 144 66.61 29.89 -28.42
N VAL D 145 66.00 30.10 -27.25
CA VAL D 145 64.65 30.65 -27.20
C VAL D 145 64.69 32.11 -27.64
N ALA D 146 63.77 32.46 -28.54
CA ALA D 146 63.65 33.81 -29.09
C ALA D 146 62.40 34.44 -28.51
N LEU D 147 62.58 35.41 -27.63
CA LEU D 147 61.46 36.04 -26.97
C LEU D 147 60.82 37.10 -27.87
N PRO D 148 59.50 37.25 -27.85
CA PRO D 148 58.90 38.39 -28.54
C PRO D 148 59.28 39.70 -27.87
N PRO D 149 59.11 40.84 -28.53
CA PRO D 149 59.40 42.12 -27.86
C PRO D 149 58.40 42.39 -26.74
N GLY D 150 58.92 42.70 -25.57
CA GLY D 150 58.09 43.03 -24.43
C GLY D 150 57.70 41.88 -23.53
N SER D 151 58.46 40.78 -23.54
CA SER D 151 58.20 39.62 -22.70
C SER D 151 59.49 39.15 -22.06
N ASN D 152 59.34 38.43 -20.95
CA ASN D 152 60.46 37.98 -20.13
C ASN D 152 60.35 36.48 -19.89
N TYR D 153 61.49 35.85 -19.66
CA TYR D 153 61.56 34.40 -19.47
C TYR D 153 61.38 34.02 -18.00
N ASN D 154 60.46 33.08 -17.76
CA ASN D 154 60.26 32.47 -16.45
C ASN D 154 59.86 31.02 -16.66
N PRO D 155 60.68 30.02 -16.30
CA PRO D 155 60.36 28.65 -16.66
C PRO D 155 59.23 28.03 -15.86
N TYR D 156 58.73 28.69 -14.82
CA TYR D 156 57.58 28.20 -14.09
C TYR D 156 56.26 28.59 -14.76
N PHE D 157 56.28 29.53 -15.69
CA PHE D 157 55.09 29.94 -16.41
C PHE D 157 54.89 29.02 -17.61
N PRO D 158 53.67 28.52 -17.86
CA PRO D 158 53.49 27.63 -19.02
C PRO D 158 53.75 28.35 -20.34
N GLY D 159 54.77 27.88 -21.05
CA GLY D 159 55.20 28.48 -22.29
C GLY D 159 56.58 29.09 -22.19
N GLY D 160 56.89 29.66 -21.03
CA GLY D 160 58.19 30.24 -20.77
C GLY D 160 58.33 31.71 -21.13
N SER D 161 57.23 32.40 -21.42
CA SER D 161 57.26 33.81 -21.79
C SER D 161 56.09 34.50 -21.11
N ILE D 162 56.40 35.40 -20.19
CA ILE D 162 55.42 36.05 -19.35
C ILE D 162 55.57 37.57 -19.51
N ALA D 163 54.44 38.26 -19.45
CA ALA D 163 54.42 39.70 -19.67
C ALA D 163 54.90 40.50 -18.47
N MET D 164 54.81 39.95 -17.26
CA MET D 164 55.36 40.59 -16.08
C MET D 164 56.88 40.50 -16.10
N ALA D 165 57.52 41.53 -15.59
CA ALA D 165 58.95 41.56 -15.35
C ALA D 165 59.22 41.43 -13.86
N ARG D 166 60.47 41.17 -13.52
CA ARG D 166 60.87 41.08 -12.13
C ARG D 166 60.62 42.40 -11.41
N VAL D 167 60.09 42.31 -10.18
CA VAL D 167 59.74 43.48 -9.39
C VAL D 167 60.28 43.42 -7.97
N LEU D 168 61.00 42.37 -7.58
CA LEU D 168 61.50 42.20 -6.23
C LEU D 168 63.02 42.26 -6.25
N PHE D 169 63.57 43.26 -5.56
CA PHE D 169 65.00 43.41 -5.36
C PHE D 169 65.25 43.73 -3.89
N ASP D 170 66.46 43.45 -3.44
CA ASP D 170 66.74 43.48 -2.02
C ASP D 170 66.68 44.90 -1.46
N ASP D 171 66.00 45.03 -0.31
CA ASP D 171 65.97 46.26 0.48
C ASP D 171 65.24 47.39 -0.26
N MET D 172 64.14 47.05 -0.91
CA MET D 172 63.25 48.06 -1.50
C MET D 172 62.15 48.51 -0.55
N VAL D 173 61.95 47.78 0.55
CA VAL D 173 61.11 48.23 1.65
C VAL D 173 61.91 48.12 2.93
N GLU D 174 61.51 48.91 3.92
CA GLU D 174 62.05 48.84 5.27
C GLU D 174 60.91 48.47 6.21
N TYR D 175 61.03 47.32 6.86
CA TYR D 175 59.98 46.82 7.73
C TYR D 175 60.01 47.52 9.07
N GLU D 176 58.82 47.67 9.66
CA GLU D 176 58.70 48.32 10.96
C GLU D 176 59.38 47.52 12.05
N ASP D 177 59.14 46.21 12.10
CA ASP D 177 59.71 45.36 13.15
C ASP D 177 61.21 45.13 12.97
N GLY D 178 61.77 45.46 11.82
CA GLY D 178 63.19 45.36 11.59
C GLY D 178 63.70 44.08 11.00
N THR D 179 62.85 43.34 10.27
CA THR D 179 63.31 42.12 9.62
C THR D 179 64.09 42.49 8.37
N PRO D 180 65.18 41.78 8.05
CA PRO D 180 65.87 42.06 6.77
C PRO D 180 64.98 41.76 5.58
N ALA D 181 64.82 42.76 4.71
CA ALA D 181 63.90 42.68 3.58
C ALA D 181 64.68 42.29 2.34
N THR D 182 64.99 41.00 2.24
CA THR D 182 65.63 40.42 1.06
C THR D 182 64.55 40.01 0.07
N THR D 183 64.97 39.37 -1.03
CA THR D 183 64.03 38.97 -2.08
C THR D 183 63.17 37.79 -1.62
N SER D 184 63.80 36.76 -1.07
CA SER D 184 63.06 35.60 -0.60
C SER D 184 62.15 35.93 0.56
N GLN D 185 62.55 36.89 1.39
CA GLN D 185 61.74 37.24 2.56
C GLN D 185 60.47 37.96 2.15
N MET D 186 60.56 38.92 1.22
CA MET D 186 59.38 39.65 0.80
C MET D 186 58.40 38.75 0.06
N ALA D 187 58.92 37.75 -0.67
CA ALA D 187 58.05 36.81 -1.38
C ALA D 187 57.27 35.92 -0.43
N LYS D 188 57.90 35.47 0.65
CA LYS D 188 57.24 34.62 1.63
C LYS D 188 56.08 35.32 2.33
N ASP D 189 56.09 36.65 2.38
CA ASP D 189 55.06 37.40 3.07
C ASP D 189 53.85 37.69 2.19
N VAL D 190 54.07 38.09 0.93
CA VAL D 190 52.96 38.32 0.02
C VAL D 190 52.19 37.04 -0.25
N THR D 191 52.90 35.91 -0.36
CA THR D 191 52.23 34.64 -0.58
C THR D 191 51.46 34.17 0.65
N THR D 192 51.87 34.62 1.84
CA THR D 192 51.14 34.32 3.07
C THR D 192 49.96 35.28 3.24
N PHE D 193 50.13 36.54 2.83
CA PHE D 193 49.05 37.50 2.86
C PHE D 193 47.95 37.14 1.86
N LEU D 194 48.35 36.69 0.66
CA LEU D 194 47.39 36.41 -0.39
C LEU D 194 46.62 35.13 -0.17
N ASN D 195 47.18 34.17 0.55
CA ASN D 195 46.44 32.98 0.93
C ASN D 195 45.36 33.31 1.94
N TRP D 196 45.63 34.25 2.85
CA TRP D 196 44.59 34.72 3.76
C TRP D 196 43.45 35.40 3.01
N CYS D 197 43.77 36.10 1.92
CA CYS D 197 42.73 36.74 1.12
C CYS D 197 41.83 35.72 0.44
N ALA D 198 42.35 34.53 0.14
CA ALA D 198 41.58 33.44 -0.46
C ALA D 198 40.88 32.58 0.58
N GLU D 199 41.49 32.43 1.75
CA GLU D 199 41.00 31.53 2.81
C GLU D 199 41.01 32.28 4.13
N PRO D 200 40.01 33.13 4.39
CA PRO D 200 39.95 33.78 5.70
C PRO D 200 39.45 32.90 6.83
N GLU D 201 38.79 31.79 6.50
CA GLU D 201 38.26 30.86 7.49
C GLU D 201 39.25 29.77 7.88
N HIS D 202 40.48 29.85 7.41
CA HIS D 202 41.45 28.76 7.52
C HIS D 202 41.71 28.37 8.97
N ASP D 203 41.74 29.34 9.88
CA ASP D 203 42.14 29.06 11.26
C ASP D 203 41.03 28.40 12.06
N GLU D 204 39.80 28.92 11.97
CA GLU D 204 38.67 28.35 12.71
C GLU D 204 37.99 27.20 11.98
N ARG D 205 38.27 27.01 10.69
CA ARG D 205 37.84 25.79 10.02
C ARG D 205 38.54 24.57 10.58
N LYS D 206 39.84 24.67 10.82
CA LYS D 206 40.64 23.57 11.35
C LYS D 206 40.50 23.37 12.84
N ARG D 207 39.80 24.26 13.54
CA ARG D 207 39.44 24.09 14.94
C ARG D 207 38.11 23.35 15.08
N LEU D 208 37.11 23.73 14.29
CA LEU D 208 35.86 22.97 14.25
C LEU D 208 36.03 21.60 13.63
N GLY D 209 37.10 21.39 12.86
CA GLY D 209 37.38 20.07 12.32
C GLY D 209 37.98 19.10 13.31
N LEU D 210 38.65 19.61 14.34
CA LEU D 210 39.17 18.78 15.40
C LEU D 210 38.05 18.24 16.28
N LYS D 211 37.05 19.07 16.57
CA LYS D 211 35.92 18.63 17.37
C LYS D 211 35.08 17.60 16.63
N THR D 212 34.78 17.84 15.35
CA THR D 212 33.94 16.95 14.57
C THR D 212 34.57 15.57 14.43
N VAL D 213 35.88 15.50 14.21
CA VAL D 213 36.54 14.23 13.97
C VAL D 213 36.68 13.44 15.27
N ILE D 214 36.85 14.13 16.40
CA ILE D 214 36.99 13.42 17.67
C ILE D 214 35.64 12.85 18.11
N ILE D 215 34.56 13.57 17.86
CA ILE D 215 33.23 13.10 18.25
C ILE D 215 32.79 11.93 17.38
N LEU D 216 32.99 12.04 16.06
CA LEU D 216 32.54 11.00 15.15
C LEU D 216 33.40 9.76 15.18
N SER D 217 34.67 9.88 15.53
CA SER D 217 35.51 8.71 15.70
C SER D 217 35.18 7.93 16.96
N SER D 218 34.66 8.59 17.99
CA SER D 218 34.20 7.90 19.18
C SER D 218 32.85 7.22 18.96
N LEU D 219 31.94 7.88 18.23
CA LEU D 219 30.66 7.25 17.92
C LEU D 219 30.84 6.04 17.00
N TYR D 220 31.86 6.03 16.16
CA TYR D 220 32.09 4.92 15.25
C TYR D 220 32.61 3.69 15.98
N LEU D 221 33.40 3.88 17.04
CA LEU D 221 33.89 2.75 17.81
C LEU D 221 32.84 2.21 18.78
N LEU D 222 31.97 3.08 19.30
CA LEU D 222 30.89 2.62 20.16
C LEU D 222 29.84 1.84 19.38
N SER D 223 29.61 2.22 18.13
CA SER D 223 28.69 1.50 17.25
C SER D 223 29.12 0.06 16.99
N ILE D 224 30.42 -0.21 16.90
CA ILE D 224 30.90 -1.55 16.66
C ILE D 224 30.63 -2.44 17.87
N TRP D 225 30.87 -1.93 19.07
CA TRP D 225 30.67 -2.71 20.28
C TRP D 225 29.19 -3.07 20.46
N VAL D 226 28.29 -2.10 20.27
CA VAL D 226 26.88 -2.34 20.46
C VAL D 226 26.35 -3.38 19.47
N LYS D 227 26.83 -3.33 18.22
CA LYS D 227 26.36 -4.26 17.20
C LYS D 227 26.78 -5.68 17.53
N LYS D 228 28.02 -5.88 17.94
CA LYS D 228 28.52 -7.21 18.27
C LYS D 228 27.79 -7.81 19.48
N PHE D 229 27.43 -6.98 20.45
CA PHE D 229 26.67 -7.46 21.60
C PHE D 229 25.29 -7.96 21.19
N LYS D 230 24.59 -7.19 20.37
CA LYS D 230 23.24 -7.54 19.95
C LYS D 230 23.19 -8.66 18.93
N TRP D 231 24.31 -9.02 18.31
CA TRP D 231 24.39 -10.08 17.32
C TRP D 231 24.98 -11.36 17.86
N ALA D 232 25.23 -11.45 19.16
CA ALA D 232 25.95 -12.58 19.72
C ALA D 232 25.09 -13.84 19.76
N GLY D 233 23.77 -13.69 19.85
CA GLY D 233 22.91 -14.86 19.86
C GLY D 233 22.84 -15.55 18.52
N ILE D 234 22.89 -14.80 17.43
CA ILE D 234 22.81 -15.36 16.08
C ILE D 234 24.11 -16.05 15.71
N LYS D 235 25.25 -15.46 16.06
CA LYS D 235 26.55 -15.99 15.66
C LYS D 235 26.88 -17.32 16.30
N THR D 236 26.43 -17.57 17.53
CA THR D 236 26.74 -18.79 18.26
C THR D 236 25.61 -19.82 18.21
N ARG D 237 24.56 -19.55 17.44
CA ARG D 237 23.44 -20.46 17.31
C ARG D 237 23.85 -21.78 16.69
N LYS D 238 23.25 -22.87 17.18
CA LYS D 238 23.57 -24.23 16.77
C LYS D 238 22.36 -24.90 16.15
N PHE D 239 22.61 -25.85 15.26
CA PHE D 239 21.58 -26.62 14.57
C PHE D 239 21.97 -28.09 14.55
N VAL D 240 20.94 -28.95 14.60
CA VAL D 240 21.14 -30.39 14.54
C VAL D 240 19.97 -31.01 13.79
N PHE D 241 20.24 -32.09 13.06
CA PHE D 241 19.27 -32.77 12.21
C PHE D 241 19.11 -34.23 12.63
N ASN D 242 17.86 -34.66 12.75
CA ASN D 242 17.53 -36.07 12.98
C ASN D 242 16.51 -36.48 11.93
N PRO D 243 16.82 -37.38 10.99
CA PRO D 243 15.88 -37.66 9.90
C PRO D 243 14.58 -38.26 10.40
N PRO D 244 13.42 -37.73 10.01
CA PRO D 244 12.16 -38.32 10.49
C PRO D 244 11.95 -39.73 9.96
N LYS D 245 11.09 -40.44 10.65
CA LYS D 245 10.86 -41.83 10.33
C LYS D 245 9.90 -41.92 9.14
N PRO D 246 10.16 -42.78 8.13
CA PRO D 246 9.35 -42.71 6.91
C PRO D 246 7.96 -43.33 7.10
N ARG D 247 7.03 -42.51 7.60
CA ARG D 247 5.62 -42.88 7.65
C ARG D 247 4.67 -41.74 7.31
N LYS D 248 5.15 -40.50 7.28
CA LYS D 248 4.28 -39.35 7.01
C LYS D 248 3.76 -39.40 5.58
N LYS E 1 21.41 -38.05 17.83
CA LYS E 1 21.37 -38.29 19.26
C LYS E 1 20.18 -37.56 19.89
N SER E 2 20.05 -37.67 21.22
CA SER E 2 18.88 -37.14 21.90
C SER E 2 18.85 -35.61 21.83
N THR E 3 17.62 -35.08 21.74
CA THR E 3 17.39 -33.65 21.74
C THR E 3 17.48 -33.03 23.12
N TYR E 4 17.48 -33.83 24.18
CA TYR E 4 17.63 -33.32 25.53
C TYR E 4 19.08 -33.04 25.90
N ARG E 5 20.03 -33.49 25.10
CA ARG E 5 21.45 -33.20 25.29
C ARG E 5 21.80 -31.95 24.50
N THR E 6 22.16 -30.88 25.20
CA THR E 6 22.49 -29.62 24.58
C THR E 6 23.96 -29.62 24.13
N PRO E 7 24.30 -29.00 23.00
CA PRO E 7 25.70 -28.92 22.61
C PRO E 7 26.50 -28.01 23.53
N ASN E 8 27.80 -27.95 23.26
CA ASN E 8 28.76 -27.27 24.12
C ASN E 8 28.87 -25.79 23.79
N PHE E 9 28.72 -24.95 24.80
CA PHE E 9 28.89 -23.50 24.68
C PHE E 9 30.00 -22.98 25.59
N ASP E 10 30.89 -23.87 26.06
CA ASP E 10 31.85 -23.49 27.09
C ASP E 10 32.92 -22.52 26.59
N ASP E 11 33.09 -22.35 25.28
CA ASP E 11 34.07 -21.43 24.74
C ASP E 11 33.58 -19.99 24.64
N VAL E 12 32.28 -19.75 24.85
CA VAL E 12 31.71 -18.41 24.74
C VAL E 12 31.07 -17.94 26.03
N LEU E 13 31.00 -18.77 27.07
CA LEU E 13 30.29 -18.43 28.28
C LEU E 13 31.22 -17.79 29.29
N LYS E 14 30.63 -16.78 29.97
CA LYS E 14 31.31 -16.05 31.07
C LYS E 14 31.21 -16.88 32.33
N GLU E 15 32.35 -17.15 32.99
CA GLU E 15 32.42 -17.92 34.27
C GLU E 15 31.42 -17.41 35.31
N ASN E 16 31.48 -16.14 35.69
CA ASN E 16 30.52 -15.55 36.67
C ASN E 16 29.51 -14.64 35.95
N ASN E 17 28.26 -15.10 35.80
CA ASN E 17 27.20 -14.35 35.11
C ASN E 17 26.98 -12.99 35.78
N ASP E 18 26.82 -12.94 37.09
CA ASP E 18 26.57 -11.68 37.82
C ASP E 18 25.51 -10.91 37.01
N ALA E 19 24.23 -11.17 37.25
CA ALA E 19 23.14 -10.62 36.40
C ALA E 19 23.39 -9.16 36.05
N ASP E 20 23.88 -8.31 36.96
CA ASP E 20 24.24 -6.91 36.64
C ASP E 20 25.71 -6.69 36.27
N LYS E 21 26.37 -7.59 35.56
CA LYS E 21 27.77 -7.41 35.10
C LYS E 21 27.70 -7.23 33.58
N GLY E 22 26.69 -7.82 32.94
CA GLY E 22 26.42 -7.65 31.50
C GLY E 22 25.38 -6.61 31.35
N ARG E 23 24.80 -6.21 32.45
CA ARG E 23 23.73 -5.20 32.46
C ARG E 23 24.39 -3.86 32.80
N SER E 24 25.65 -3.83 33.25
CA SER E 24 26.28 -2.55 33.54
C SER E 24 27.20 -2.11 32.41
N TYR E 25 27.93 -3.04 31.80
CA TYR E 25 28.88 -2.71 30.75
C TYR E 25 28.22 -2.58 29.39
N ALA E 26 27.03 -3.15 29.21
CA ALA E 26 26.33 -3.05 27.93
C ALA E 26 25.51 -1.79 27.85
N TYR E 27 24.70 -1.66 28.84
CA TYR E 27 23.99 -0.39 28.84
C TYR E 27 24.92 0.80 28.99
N PHE E 28 26.19 1.00 29.62
CA PHE E 28 27.03 2.18 29.66
C PHE E 28 27.44 2.61 28.25
N MET E 29 27.57 1.66 27.33
CA MET E 29 27.96 1.98 25.95
C MET E 29 26.77 2.45 25.13
N VAL E 30 25.58 1.93 25.41
CA VAL E 30 24.38 2.42 24.73
C VAL E 30 23.99 3.80 25.25
N GLY E 31 24.35 4.14 26.49
CA GLY E 31 24.10 5.48 26.99
C GLY E 31 25.09 6.49 26.48
N ALA E 32 26.36 6.12 26.37
CA ALA E 32 27.36 7.01 25.82
C ALA E 32 27.13 7.30 24.35
N MET E 33 26.58 6.34 23.60
CA MET E 33 26.33 6.55 22.18
C MET E 33 25.14 7.48 21.95
N GLY E 34 24.22 7.55 22.91
CA GLY E 34 23.08 8.43 22.82
C GLY E 34 23.35 9.81 23.37
N LEU E 35 24.35 9.91 24.26
CA LEU E 35 24.78 11.21 24.78
C LEU E 35 25.55 11.99 23.73
N LEU E 36 26.47 11.33 23.02
CA LEU E 36 27.23 12.00 21.98
C LEU E 36 26.37 12.30 20.76
N SER E 37 25.37 11.48 20.48
CA SER E 37 24.50 11.68 19.34
C SER E 37 23.44 12.74 19.58
N SER E 38 23.09 13.01 20.83
CA SER E 38 22.18 14.10 21.15
C SER E 38 22.88 15.46 21.18
N ALA E 39 24.20 15.46 21.40
CA ALA E 39 25.01 16.66 21.29
C ALA E 39 25.44 16.94 19.86
N GLY E 40 25.68 15.88 19.08
CA GLY E 40 26.01 16.05 17.68
C GLY E 40 24.82 16.42 16.81
N ALA E 41 23.64 15.93 17.16
CA ALA E 41 22.41 16.28 16.46
C ALA E 41 21.89 17.65 16.84
N LYS E 42 22.58 18.38 17.70
CA LYS E 42 22.21 19.71 18.12
C LYS E 42 23.12 20.78 17.53
N SER E 43 24.43 20.58 17.61
CA SER E 43 25.37 21.42 16.89
C SER E 43 25.05 21.48 15.40
N THR E 44 24.54 20.38 14.85
CA THR E 44 24.10 20.37 13.46
C THR E 44 22.89 21.30 13.25
N VAL E 45 21.90 21.20 14.13
CA VAL E 45 20.67 21.97 13.95
C VAL E 45 20.95 23.47 14.10
N GLU E 46 21.72 23.86 15.11
CA GLU E 46 21.99 25.27 15.34
C GLU E 46 23.00 25.85 14.36
N THR E 47 23.70 25.00 13.60
CA THR E 47 24.58 25.49 12.55
C THR E 47 23.78 25.89 11.30
N PHE E 48 22.70 25.17 11.00
CA PHE E 48 21.86 25.54 9.88
C PHE E 48 20.95 26.70 10.23
N ILE E 49 20.49 26.76 11.48
CA ILE E 49 19.58 27.81 11.91
C ILE E 49 20.28 29.15 11.97
N SER E 50 21.59 29.18 12.24
CA SER E 50 22.32 30.43 12.36
C SER E 50 22.73 31.02 11.02
N SER E 51 22.67 30.25 9.94
CA SER E 51 22.89 30.80 8.60
C SER E 51 21.83 31.83 8.23
N MET E 52 20.62 31.72 8.77
CA MET E 52 19.53 32.62 8.47
C MET E 52 19.59 33.92 9.27
N THR E 53 20.61 34.12 10.10
CA THR E 53 20.78 35.38 10.81
C THR E 53 21.50 36.38 9.90
N ALA E 54 21.54 37.63 10.36
CA ALA E 54 22.10 38.71 9.56
C ALA E 54 23.55 38.46 9.21
N THR E 55 23.93 38.77 7.98
CA THR E 55 25.27 38.53 7.48
C THR E 55 26.22 39.64 7.93
N ALA E 56 27.48 39.37 7.65
CA ALA E 56 28.52 40.29 8.07
C ALA E 56 28.37 41.66 7.42
N ASP E 57 27.99 41.63 5.90
CA ASP E 57 27.79 42.99 5.41
C ASP E 57 26.42 43.56 5.75
N VAL E 58 25.56 43.09 6.48
CA VAL E 58 24.37 43.78 6.96
C VAL E 58 24.59 44.36 8.36
N LEU E 59 25.38 43.69 9.19
CA LEU E 59 25.70 44.22 10.51
C LEU E 59 26.63 45.42 10.42
N ALA E 60 27.49 45.49 9.41
CA ALA E 60 28.37 46.62 9.22
C ALA E 60 27.61 47.90 8.91
N MET E 61 26.48 47.81 8.20
CA MET E 61 25.67 48.95 7.83
C MET E 61 24.55 49.22 8.84
N ALA E 62 24.71 48.76 10.07
CA ALA E 62 23.70 48.93 11.10
C ALA E 62 23.77 50.28 11.78
N LYS E 63 24.91 50.65 12.34
CA LYS E 63 25.06 51.83 13.17
C LYS E 63 25.95 52.83 12.43
N VAL E 64 25.35 53.92 11.92
CA VAL E 64 26.10 54.96 11.14
C VAL E 64 26.25 56.26 11.94
N GLU E 65 27.34 57.01 11.69
CA GLU E 65 27.57 58.35 12.32
C GLU E 65 27.95 59.42 11.27
N VAL E 66 27.28 59.45 10.11
CA VAL E 66 27.50 60.46 9.02
C VAL E 66 28.65 61.43 9.28
N ASN E 67 28.53 62.29 10.27
CA ASN E 67 29.38 63.49 10.54
C ASN E 67 28.65 64.33 11.59
N LEU E 68 29.02 65.60 11.78
CA LEU E 68 28.21 66.41 12.73
C LEU E 68 28.01 67.80 12.13
N ALA E 69 28.92 68.30 11.28
CA ALA E 69 28.74 69.55 10.55
C ALA E 69 28.39 69.27 9.09
N ALA E 70 27.46 68.32 8.89
CA ALA E 70 27.01 67.95 7.55
C ALA E 70 25.52 68.20 7.33
N ILE E 71 24.73 68.34 8.38
CA ILE E 71 23.30 68.65 8.29
C ILE E 71 23.08 70.03 8.88
N PRO E 72 22.90 71.09 8.07
CA PRO E 72 22.64 72.41 8.66
C PRO E 72 21.35 72.51 9.46
N LEU E 73 21.09 73.73 9.95
CA LEU E 73 20.15 73.97 11.04
C LEU E 73 18.73 73.57 10.65
N GLY E 74 18.16 74.24 9.64
CA GLY E 74 16.76 74.19 9.33
C GLY E 74 16.43 73.15 8.28
N LYS E 75 16.95 71.94 8.47
CA LYS E 75 16.84 70.85 7.53
C LYS E 75 16.28 69.63 8.25
N ASN E 76 16.05 68.57 7.49
CA ASN E 76 16.37 67.23 7.96
C ASN E 76 16.37 66.23 6.82
N VAL E 77 17.06 65.13 7.10
CA VAL E 77 17.30 64.05 6.17
C VAL E 77 16.69 62.80 6.78
N VAL E 78 15.81 62.12 6.05
CA VAL E 78 15.34 60.80 6.50
C VAL E 78 16.32 59.80 5.90
N VAL E 79 17.42 59.59 6.61
CA VAL E 79 18.40 58.59 6.20
C VAL E 79 17.75 57.22 6.25
N LYS E 80 18.22 56.33 5.38
CA LYS E 80 17.82 54.92 5.35
C LYS E 80 18.67 54.12 6.36
N TRP E 81 18.78 54.68 7.57
CA TRP E 81 19.73 54.15 8.56
C TRP E 81 19.18 52.85 9.10
N GLN E 82 19.90 51.76 8.85
CA GLN E 82 19.52 50.43 9.32
C GLN E 82 18.18 49.97 8.74
N GLY E 83 17.67 50.65 7.71
CA GLY E 83 16.43 50.29 7.06
C GLY E 83 15.19 50.99 7.55
N LYS E 84 15.30 52.27 7.94
CA LYS E 84 14.21 52.98 8.57
C LYS E 84 14.05 54.43 8.10
N PRO E 85 12.80 54.99 8.12
CA PRO E 85 12.61 56.46 8.06
C PRO E 85 12.84 57.15 9.41
N VAL E 86 14.09 57.48 9.67
CA VAL E 86 14.51 58.07 10.93
C VAL E 86 14.83 59.55 10.72
N PHE E 87 14.53 60.37 11.72
CA PHE E 87 14.30 61.80 11.54
C PHE E 87 15.46 62.58 12.15
N ILE E 88 16.51 62.80 11.36
CA ILE E 88 17.68 63.58 11.78
C ILE E 88 17.22 65.01 12.06
N ARG E 89 17.91 65.70 12.98
CA ARG E 89 17.54 67.07 13.34
C ARG E 89 18.72 67.76 14.02
N HIS E 90 19.46 68.60 13.29
CA HIS E 90 20.55 69.39 13.89
C HIS E 90 19.97 70.61 14.59
N ARG E 91 20.67 71.10 15.62
CA ARG E 91 20.10 71.94 16.67
C ARG E 91 20.86 73.24 16.89
N THR E 92 20.32 74.00 17.84
CA THR E 92 20.90 75.18 18.47
C THR E 92 20.37 75.20 19.90
N PRO E 93 21.03 75.92 20.85
CA PRO E 93 20.49 76.06 22.18
C PRO E 93 19.06 76.51 21.86
N HIS E 94 18.80 76.77 20.56
CA HIS E 94 17.42 77.10 20.08
C HIS E 94 16.58 75.81 20.02
N GLU E 95 16.24 75.23 21.19
CA GLU E 95 15.45 74.01 21.32
C GLU E 95 14.80 73.89 22.72
N ILE E 96 15.54 74.08 23.81
CA ILE E 96 14.92 74.08 25.15
C ILE E 96 14.17 75.40 25.41
N GLN E 97 14.31 76.38 24.49
CA GLN E 97 13.40 77.52 24.40
C GLN E 97 11.96 77.14 24.73
N GLU E 98 11.42 76.22 23.96
CA GLU E 98 10.01 76.18 23.63
C GLU E 98 9.50 74.74 23.51
N ALA E 99 10.33 73.76 23.79
CA ALA E 99 9.97 72.35 23.64
C ALA E 99 9.04 71.89 24.75
N ASN E 100 9.11 72.51 25.94
CA ASN E 100 8.22 72.18 27.05
C ASN E 100 7.60 73.44 27.64
N SER E 101 6.98 74.28 26.80
CA SER E 101 6.17 75.40 27.27
C SER E 101 4.70 75.02 27.41
N VAL E 102 4.41 73.75 27.68
CA VAL E 102 3.06 73.21 27.76
C VAL E 102 3.02 72.29 28.97
N ASP E 103 1.90 72.32 29.69
CA ASP E 103 1.83 71.48 30.89
C ASP E 103 1.70 70.04 30.43
N MET E 104 2.44 69.14 31.07
CA MET E 104 2.50 67.77 30.57
C MET E 104 1.17 67.03 30.65
N SER E 105 0.33 67.30 31.64
CA SER E 105 -0.79 66.39 31.90
C SER E 105 -1.99 66.63 30.98
N ALA E 106 -1.85 67.47 29.96
CA ALA E 106 -2.83 67.62 28.88
C ALA E 106 -2.52 66.67 27.73
N LEU E 107 -2.45 65.37 28.01
CA LEU E 107 -1.79 64.43 27.12
C LEU E 107 -2.36 63.04 27.33
N LYS E 108 -1.97 61.94 26.73
CA LYS E 108 -2.28 60.53 26.96
C LYS E 108 -1.76 60.10 28.33
N ASP E 109 -0.33 60.14 28.26
CA ASP E 109 0.33 59.90 29.54
C ASP E 109 1.79 60.29 29.37
N PRO E 110 2.34 61.31 30.14
CA PRO E 110 3.50 62.07 29.64
C PRO E 110 4.90 61.59 30.05
N GLN E 111 5.88 62.46 29.80
CA GLN E 111 7.31 62.22 29.70
C GLN E 111 7.97 63.60 29.68
N THR E 112 9.25 63.65 30.08
CA THR E 112 9.96 64.90 30.28
C THR E 112 11.23 64.94 29.44
N ASP E 113 11.73 66.16 29.20
CA ASP E 113 12.91 66.37 28.36
C ASP E 113 14.11 65.57 28.86
N ALA E 114 14.35 65.59 30.18
CA ALA E 114 15.51 64.89 30.73
C ALA E 114 15.40 63.38 30.55
N ASP E 115 14.19 62.84 30.53
CA ASP E 115 13.96 61.44 30.20
C ASP E 115 14.06 61.19 28.70
N ARG E 116 13.84 62.24 27.92
CA ARG E 116 13.82 62.14 26.47
C ARG E 116 15.22 61.94 25.89
N VAL E 117 16.10 62.93 26.03
CA VAL E 117 17.47 62.80 25.55
C VAL E 117 18.27 63.90 26.23
N LYS E 118 19.46 63.55 26.72
CA LYS E 118 20.30 64.45 27.49
C LYS E 118 21.59 64.80 26.75
N ASP E 119 21.77 64.25 25.54
CA ASP E 119 22.61 64.83 24.51
C ASP E 119 21.65 65.66 23.66
N PRO E 120 21.41 66.93 23.98
CA PRO E 120 20.20 67.62 23.48
C PRO E 120 20.37 68.50 22.24
N GLN E 121 21.56 68.57 21.63
CA GLN E 121 21.80 69.40 20.43
C GLN E 121 22.16 68.57 19.19
N TRP E 122 21.80 67.28 19.15
CA TRP E 122 21.54 66.60 17.88
C TRP E 122 20.46 65.57 18.13
N LEU E 123 19.34 65.71 17.42
CA LEU E 123 18.10 64.99 17.71
C LEU E 123 17.83 64.00 16.61
N ILE E 124 17.40 62.80 16.98
CA ILE E 124 16.98 61.81 16.01
C ILE E 124 15.78 61.07 16.59
N MET E 125 14.80 60.75 15.73
CA MET E 125 13.58 60.08 16.16
C MET E 125 13.06 59.23 15.00
N LEU E 126 12.43 58.11 15.34
CA LEU E 126 11.91 57.15 14.39
C LEU E 126 10.66 57.69 13.69
N GLY E 127 10.28 56.99 12.61
CA GLY E 127 9.02 57.19 11.92
C GLY E 127 8.15 55.96 11.92
N ILE E 128 8.52 54.92 12.68
CA ILE E 128 7.72 53.72 12.75
C ILE E 128 6.51 54.04 13.63
N CYS E 129 5.43 54.51 13.00
CA CYS E 129 4.29 54.99 13.76
C CYS E 129 3.43 53.83 14.23
N THR E 130 2.81 54.01 15.39
CA THR E 130 1.85 53.05 15.91
C THR E 130 0.46 53.31 15.35
N HIS E 131 0.37 53.61 14.06
CA HIS E 131 -0.81 53.09 13.40
C HIS E 131 -0.41 51.88 12.58
N LEU E 132 0.13 52.01 11.39
CA LEU E 132 0.65 50.92 10.56
C LEU E 132 1.96 51.35 9.87
N GLY E 133 2.54 52.49 10.28
CA GLY E 133 3.83 52.96 9.78
C GLY E 133 3.83 54.29 9.05
N CYS E 134 2.96 55.23 9.43
CA CYS E 134 2.79 56.48 8.71
C CYS E 134 4.05 57.36 8.79
N VAL E 135 4.13 58.33 7.89
CA VAL E 135 5.31 59.19 7.72
C VAL E 135 4.89 60.62 7.92
N PRO E 136 5.47 61.37 8.88
CA PRO E 136 5.25 62.83 8.97
C PRO E 136 5.99 63.74 7.99
N ILE E 137 5.94 65.04 8.30
CA ILE E 137 6.26 66.13 7.38
C ILE E 137 7.77 66.32 7.26
N GLY E 138 8.15 67.20 6.34
CA GLY E 138 9.28 68.07 6.53
C GLY E 138 8.88 69.54 6.33
N GLU E 139 9.28 70.49 7.28
CA GLU E 139 9.26 71.95 7.11
C GLU E 139 7.85 72.51 6.86
N ALA E 140 6.93 72.37 7.92
CA ALA E 140 5.72 73.21 7.96
C ALA E 140 5.02 73.12 9.32
N GLY E 141 3.97 73.94 9.46
CA GLY E 141 3.01 73.86 10.55
C GLY E 141 2.87 75.11 11.39
N ASP E 142 2.13 75.03 12.50
CA ASP E 142 1.91 76.18 13.38
C ASP E 142 3.08 76.34 14.34
N PHE E 143 3.38 75.31 15.13
CA PHE E 143 4.59 75.35 15.94
C PHE E 143 5.84 75.15 15.10
N GLY E 144 5.76 74.27 14.09
CA GLY E 144 6.90 73.87 13.29
C GLY E 144 7.19 72.39 13.44
N GLY E 145 6.13 71.59 13.61
CA GLY E 145 6.25 70.20 13.94
C GLY E 145 6.10 69.24 12.76
N TRP E 146 5.63 68.02 13.02
CA TRP E 146 5.61 66.95 12.03
C TRP E 146 4.21 66.36 11.90
N PHE E 147 3.73 66.25 10.66
CA PHE E 147 2.30 66.27 10.31
C PHE E 147 1.86 64.91 9.81
N CYS E 148 0.90 64.31 10.51
CA CYS E 148 0.35 63.02 10.11
C CYS E 148 -0.93 63.25 9.29
N PRO E 149 -0.95 62.93 7.99
CA PRO E 149 -2.20 62.96 7.23
C PRO E 149 -3.03 61.69 7.32
N CYS E 150 -2.48 60.65 7.95
CA CYS E 150 -3.01 59.29 7.96
C CYS E 150 -4.39 59.26 8.63
N HIS E 151 -4.45 59.57 9.92
CA HIS E 151 -5.68 59.86 10.63
C HIS E 151 -5.76 61.32 11.04
N GLY E 152 -4.78 61.77 11.82
CA GLY E 152 -4.59 63.17 12.14
C GLY E 152 -3.71 63.33 13.37
N SER E 153 -2.72 64.21 13.26
CA SER E 153 -1.76 64.49 14.32
C SER E 153 -0.79 65.56 13.81
N HIS E 154 -0.17 66.29 14.72
CA HIS E 154 0.98 67.12 14.38
C HIS E 154 1.96 67.05 15.55
N TYR E 155 3.06 66.35 15.36
CA TYR E 155 4.07 66.20 16.40
C TYR E 155 4.80 67.53 16.56
N ASP E 156 4.60 68.23 17.68
CA ASP E 156 5.07 69.60 17.85
C ASP E 156 6.60 69.64 17.88
N ILE E 157 7.19 70.83 18.11
CA ILE E 157 8.65 70.98 18.08
C ILE E 157 9.34 69.97 18.98
N SER E 158 8.70 69.63 20.11
CA SER E 158 9.25 68.58 20.97
C SER E 158 8.86 67.20 20.48
N GLY E 159 7.75 67.09 19.75
CA GLY E 159 7.40 65.87 19.06
C GLY E 159 6.28 65.06 19.69
N ARG E 160 5.18 65.72 20.06
CA ARG E 160 4.15 65.10 20.88
C ARG E 160 2.74 65.40 20.36
N ILE E 161 1.77 64.81 21.05
CA ILE E 161 0.36 64.99 20.74
C ILE E 161 0.01 66.48 20.81
N ARG E 162 -0.85 66.94 19.89
CA ARG E 162 -1.77 68.05 20.21
C ARG E 162 -3.18 67.45 20.36
N LYS E 163 -3.63 66.74 19.32
CA LYS E 163 -4.72 65.77 19.44
C LYS E 163 -4.46 64.63 18.47
N GLY E 164 -5.22 63.56 18.66
CA GLY E 164 -5.36 62.53 17.68
C GLY E 164 -5.62 61.20 18.36
N PRO E 165 -5.82 60.10 17.58
CA PRO E 165 -5.97 58.77 18.18
C PRO E 165 -4.61 58.10 18.46
N ALA E 166 -3.52 58.62 17.89
CA ALA E 166 -2.20 58.06 18.26
C ALA E 166 -2.18 58.05 19.78
N PRO E 167 -1.68 56.96 20.39
CA PRO E 167 -1.66 56.83 21.85
C PRO E 167 -0.36 57.23 22.52
N LEU E 168 0.74 57.28 21.76
CA LEU E 168 2.05 57.43 22.37
C LEU E 168 3.07 57.82 21.32
N ASN E 169 4.14 58.47 21.77
CA ASN E 169 5.27 58.81 20.92
C ASN E 169 6.31 57.71 20.99
N LEU E 170 7.07 57.53 19.92
CA LEU E 170 7.69 56.23 19.64
C LEU E 170 8.93 55.95 20.49
N GLU E 171 10.03 56.59 20.13
CA GLU E 171 11.36 56.02 20.29
C GLU E 171 12.31 57.11 19.83
N ILE E 172 13.29 57.46 20.67
CA ILE E 172 14.45 58.22 20.22
C ILE E 172 15.63 57.26 20.20
N PRO E 173 16.08 56.75 19.12
CA PRO E 173 17.09 55.70 19.01
C PRO E 173 18.30 55.95 19.88
N ALA E 174 18.69 54.92 20.50
CA ALA E 174 19.60 54.90 21.64
C ALA E 174 21.01 55.14 21.13
N TYR E 175 21.30 56.36 20.88
CA TYR E 175 22.50 56.91 20.29
C TYR E 175 23.37 57.49 21.40
N GLU E 176 24.59 57.12 21.38
CA GLU E 176 25.47 57.43 22.50
C GLU E 176 26.57 58.37 21.99
N PHE E 177 27.04 59.27 22.88
CA PHE E 177 28.05 60.26 22.54
C PHE E 177 29.39 59.85 23.13
N ASP E 178 30.45 59.96 22.32
CA ASP E 178 31.81 59.79 22.80
C ASP E 178 32.78 60.83 22.26
N GLY E 179 32.35 61.68 21.33
CA GLY E 179 33.22 62.68 20.72
C GLY E 179 33.66 62.34 19.30
N ASP E 180 33.54 63.32 18.41
CA ASP E 180 33.93 63.30 17.00
C ASP E 180 33.00 62.52 16.07
N LYS E 181 32.12 61.68 16.59
CA LYS E 181 31.11 60.99 15.77
C LYS E 181 30.04 60.59 16.78
N VAL E 182 28.77 60.72 16.44
CA VAL E 182 27.68 60.16 17.27
C VAL E 182 27.11 58.98 16.50
N ILE E 183 27.12 57.83 17.15
CA ILE E 183 26.63 56.59 16.56
C ILE E 183 25.12 56.54 16.76
N VAL E 184 24.37 56.45 15.66
CA VAL E 184 22.92 56.28 15.72
C VAL E 184 22.62 54.79 15.79
N GLY E 185 22.18 54.32 16.96
CA GLY E 185 21.83 52.92 17.16
C GLY E 185 22.61 52.30 18.31
N VAL F 2 72.08 41.80 4.98
CA VAL F 2 72.02 40.38 4.64
C VAL F 2 71.72 40.21 3.16
N THR F 3 72.53 39.41 2.48
CA THR F 3 72.27 39.06 1.10
C THR F 3 71.22 37.95 1.04
N ASP F 4 70.49 37.90 -0.06
CA ASP F 4 69.36 36.99 -0.20
C ASP F 4 69.80 35.53 -0.01
N GLN F 5 69.00 34.79 0.75
CA GLN F 5 69.41 33.47 1.22
C GLN F 5 69.29 32.39 0.16
N LEU F 6 68.46 32.60 -0.86
CA LEU F 6 68.19 31.53 -1.82
C LEU F 6 69.37 31.29 -2.76
N GLU F 7 70.07 32.34 -3.18
CA GLU F 7 71.28 32.15 -3.98
C GLU F 7 72.51 31.83 -3.14
N ASP F 8 72.45 32.01 -1.83
CA ASP F 8 73.43 31.41 -0.93
C ASP F 8 73.28 29.89 -0.84
N LEU F 9 72.19 29.33 -1.39
CA LEU F 9 72.01 27.90 -1.52
C LEU F 9 72.05 27.41 -2.96
N ARG F 10 71.48 28.15 -3.91
CA ARG F 10 71.59 27.78 -5.31
C ARG F 10 73.03 27.74 -5.77
N GLU F 11 73.88 28.61 -5.22
CA GLU F 11 75.30 28.64 -5.58
C GLU F 11 76.07 27.53 -4.90
N HIS F 12 75.71 27.19 -3.66
CA HIS F 12 76.43 26.15 -2.94
C HIS F 12 76.18 24.79 -3.56
N PHE F 13 74.93 24.47 -3.89
CA PHE F 13 74.61 23.18 -4.47
C PHE F 13 74.92 23.09 -5.95
N LYS F 14 75.28 24.20 -6.59
CA LYS F 14 75.89 24.19 -7.90
C LYS F 14 77.35 23.75 -7.87
N ASN F 15 77.91 23.47 -6.69
CA ASN F 15 79.29 23.04 -6.53
C ASN F 15 79.43 21.68 -5.86
N THR F 16 78.34 20.92 -5.73
CA THR F 16 78.33 19.68 -4.94
C THR F 16 78.05 18.49 -5.85
N GLU F 17 79.12 18.18 -6.59
CA GLU F 17 79.10 16.98 -7.48
C GLU F 17 78.06 17.05 -8.60
N GLU F 18 76.81 16.72 -8.32
CA GLU F 18 75.83 16.63 -9.42
C GLU F 18 75.71 17.96 -10.17
N GLY F 19 75.95 19.08 -9.53
CA GLY F 19 75.79 20.36 -10.19
C GLY F 19 77.04 20.79 -10.94
N LYS F 20 78.11 19.99 -10.87
CA LYS F 20 79.25 20.14 -11.75
C LYS F 20 79.02 19.53 -13.12
N ALA F 21 78.34 18.39 -13.18
CA ALA F 21 78.04 17.72 -14.43
C ALA F 21 76.80 18.25 -15.11
N LEU F 22 75.80 18.67 -14.35
CA LEU F 22 74.60 19.27 -14.93
C LEU F 22 74.84 20.68 -15.43
N VAL F 23 75.89 21.35 -14.95
CA VAL F 23 76.27 22.65 -15.49
C VAL F 23 77.06 22.49 -16.79
N HIS F 24 77.99 21.53 -16.84
CA HIS F 24 78.78 21.35 -18.04
C HIS F 24 77.99 20.68 -19.16
N HIS F 25 76.99 19.87 -18.84
CA HIS F 25 76.13 19.34 -19.88
C HIS F 25 75.22 20.41 -20.48
N TYR F 26 74.92 21.47 -19.73
CA TYR F 26 74.24 22.64 -20.29
C TYR F 26 75.15 23.43 -21.24
N GLU F 27 76.47 23.23 -21.18
CA GLU F 27 77.39 24.11 -21.89
C GLU F 27 77.54 23.77 -23.36
N GLU F 28 78.09 22.59 -23.53
CA GLU F 28 78.30 22.10 -24.90
C GLU F 28 77.02 22.39 -25.63
N CYS F 29 75.92 22.31 -24.90
CA CYS F 29 74.64 22.48 -25.57
C CYS F 29 74.57 23.93 -26.02
N ALA F 30 75.14 24.85 -25.28
CA ALA F 30 75.02 26.27 -25.61
C ALA F 30 75.93 26.66 -26.78
N GLU F 31 77.13 26.08 -26.86
CA GLU F 31 78.02 26.36 -27.99
C GLU F 31 77.78 25.46 -29.19
N ARG F 32 76.83 24.52 -29.12
CA ARG F 32 76.35 23.90 -30.34
C ARG F 32 75.36 24.80 -31.07
N VAL F 33 74.66 25.66 -30.34
CA VAL F 33 73.63 26.50 -30.94
C VAL F 33 74.24 27.74 -31.58
N LYS F 34 75.33 28.26 -31.01
CA LYS F 34 75.85 29.55 -31.46
C LYS F 34 76.40 29.48 -32.89
N ILE F 35 76.72 28.29 -33.39
CA ILE F 35 77.14 28.18 -34.78
C ILE F 35 75.92 28.24 -35.71
N GLN F 36 74.88 27.47 -35.38
CA GLN F 36 73.64 27.53 -36.15
C GLN F 36 72.85 28.81 -35.90
N GLN F 37 73.27 29.65 -34.95
CA GLN F 37 72.79 31.02 -34.90
C GLN F 37 73.15 31.80 -36.14
N GLN F 38 74.24 31.42 -36.81
CA GLN F 38 74.89 32.22 -37.85
C GLN F 38 74.65 31.72 -39.26
N GLN F 39 74.61 30.39 -39.45
CA GLN F 39 74.68 29.75 -40.77
C GLN F 39 73.60 30.29 -41.71
N PRO F 40 73.85 30.32 -43.02
CA PRO F 40 72.86 30.88 -43.94
C PRO F 40 71.59 30.06 -43.99
N GLY F 41 70.49 30.74 -44.26
CA GLY F 41 69.18 30.11 -44.28
C GLY F 41 68.48 30.07 -42.95
N TYR F 42 68.96 30.79 -41.95
CA TYR F 42 68.32 30.82 -40.63
C TYR F 42 67.31 31.96 -40.52
N ALA F 43 66.42 32.00 -41.47
CA ALA F 43 65.15 32.72 -41.42
C ALA F 43 63.97 31.79 -41.58
N ASP F 44 64.11 30.76 -42.42
CA ASP F 44 63.22 29.60 -42.43
C ASP F 44 64.11 28.37 -42.49
N LEU F 45 64.56 27.91 -41.32
CA LEU F 45 65.25 26.64 -41.16
C LEU F 45 64.31 25.54 -40.73
N GLU F 46 63.22 25.88 -40.03
CA GLU F 46 62.07 25.02 -39.75
C GLU F 46 62.31 24.00 -38.65
N HIS F 47 63.54 23.91 -38.11
CA HIS F 47 63.75 23.14 -36.88
C HIS F 47 64.99 23.69 -36.18
N LYS F 48 64.77 24.56 -35.21
CA LYS F 48 65.85 25.28 -34.53
C LYS F 48 65.92 24.81 -33.09
N GLU F 49 67.14 24.44 -32.66
CA GLU F 49 67.33 23.74 -31.40
C GLU F 49 67.38 24.73 -30.24
N ASP F 50 66.50 24.52 -29.26
CA ASP F 50 66.56 25.25 -28.00
C ASP F 50 67.47 24.50 -27.02
N CYS F 51 67.58 25.03 -25.81
CA CYS F 51 68.28 24.36 -24.72
C CYS F 51 67.45 24.41 -23.45
N VAL F 52 66.13 24.25 -23.59
CA VAL F 52 65.24 24.31 -22.44
C VAL F 52 65.36 23.04 -21.60
N GLU F 53 65.59 21.89 -22.23
CA GLU F 53 65.60 20.64 -21.50
C GLU F 53 66.81 20.53 -20.57
N GLU F 54 67.99 20.91 -21.05
CA GLU F 54 69.17 20.88 -20.18
C GLU F 54 69.07 21.90 -19.06
N PHE F 55 68.39 23.02 -19.30
CA PHE F 55 68.17 24.00 -18.25
C PHE F 55 67.18 23.49 -17.21
N PHE F 56 66.17 22.72 -17.63
CA PHE F 56 65.22 22.16 -16.68
C PHE F 56 65.86 21.06 -15.82
N HIS F 57 66.77 20.28 -16.39
CA HIS F 57 67.42 19.22 -15.63
C HIS F 57 68.25 19.78 -14.49
N LEU F 58 69.02 20.84 -14.76
CA LEU F 58 69.75 21.51 -13.69
C LEU F 58 68.81 22.13 -12.68
N GLN F 59 67.82 22.89 -13.16
CA GLN F 59 66.92 23.61 -12.26
C GLN F 59 66.12 22.67 -11.38
N HIS F 60 65.78 21.48 -11.88
CA HIS F 60 65.04 20.52 -11.05
C HIS F 60 65.88 20.04 -9.88
N TYR F 61 67.16 19.72 -10.14
CA TYR F 61 68.03 19.21 -9.09
C TYR F 61 68.26 20.26 -8.00
N LEU F 62 68.49 21.50 -8.39
CA LEU F 62 68.67 22.58 -7.43
C LEU F 62 67.44 22.80 -6.56
N ASP F 63 66.26 22.42 -7.02
CA ASP F 63 65.02 22.66 -6.29
C ASP F 63 64.66 21.53 -5.32
N THR F 64 65.24 20.35 -5.48
CA THR F 64 65.05 19.28 -4.51
C THR F 64 66.00 19.41 -3.32
N ALA F 65 67.13 20.08 -3.49
CA ALA F 65 68.13 20.23 -2.45
C ALA F 65 67.88 21.45 -1.59
N THR F 66 67.43 22.56 -2.20
CA THR F 66 67.28 23.83 -1.49
C THR F 66 65.88 24.06 -0.92
N ALA F 67 64.87 23.35 -1.41
CA ALA F 67 63.51 23.53 -0.96
C ALA F 67 63.32 23.16 0.52
N PRO F 68 63.73 21.98 0.99
CA PRO F 68 63.48 21.63 2.39
C PRO F 68 64.35 22.37 3.40
N ARG F 69 65.30 23.21 2.95
CA ARG F 69 66.25 23.87 3.83
C ARG F 69 66.02 25.38 3.95
N LEU F 70 65.33 25.98 3.00
CA LEU F 70 65.35 27.44 2.88
C LEU F 70 64.60 28.12 4.03
N PHE F 71 63.41 27.62 4.36
CA PHE F 71 62.54 28.33 5.30
C PHE F 71 63.02 28.24 6.75
N ASP F 72 64.04 27.46 7.03
CA ASP F 72 64.72 27.54 8.33
C ASP F 72 65.68 28.72 8.40
N LYS F 73 66.11 29.24 7.25
CA LYS F 73 66.99 30.40 7.21
C LYS F 73 66.22 31.71 7.22
N LEU F 74 65.02 31.74 6.66
CA LEU F 74 64.18 32.91 6.71
C LEU F 74 63.55 33.04 8.09
N LYS F 75 62.95 34.20 8.33
CA LYS F 75 62.30 34.47 9.59
C LYS F 75 60.89 33.90 9.60
N PRO G 1 19.28 -18.77 -18.24
CA PRO G 1 18.10 -19.32 -18.86
C PRO G 1 18.36 -20.15 -20.10
N GLN G 2 19.45 -20.90 -20.07
CA GLN G 2 19.67 -22.01 -20.99
C GLN G 2 18.96 -23.25 -20.44
N SER G 3 18.21 -23.92 -21.30
CA SER G 3 17.43 -25.08 -20.87
C SER G 3 18.35 -26.24 -20.53
N PHE G 4 17.87 -27.10 -19.62
CA PHE G 4 18.61 -28.28 -19.22
C PHE G 4 18.61 -29.36 -20.29
N THR G 5 17.58 -29.41 -21.13
CA THR G 5 17.59 -30.29 -22.29
C THR G 5 18.77 -29.99 -23.20
N SER G 6 19.08 -28.70 -23.38
CA SER G 6 20.20 -28.30 -24.22
C SER G 6 21.55 -28.57 -23.57
N ILE G 7 21.65 -28.41 -22.26
CA ILE G 7 22.91 -28.66 -21.56
C ILE G 7 23.31 -30.12 -21.69
N ALA G 8 22.35 -31.03 -21.51
CA ALA G 8 22.63 -32.45 -21.63
C ALA G 8 22.82 -32.90 -23.08
N ARG G 9 22.18 -32.24 -24.03
CA ARG G 9 22.44 -32.49 -25.44
C ARG G 9 23.92 -32.28 -25.77
N ILE G 10 24.51 -31.20 -25.26
CA ILE G 10 25.92 -30.93 -25.50
C ILE G 10 26.80 -31.86 -24.67
N GLY G 11 26.44 -32.06 -23.41
CA GLY G 11 27.29 -32.80 -22.51
C GLY G 11 27.44 -34.26 -22.87
N ASP G 12 26.35 -34.90 -23.28
CA ASP G 12 26.41 -36.30 -23.65
C ASP G 12 27.13 -36.53 -24.97
N TYR G 13 27.26 -35.51 -25.82
CA TYR G 13 28.11 -35.62 -26.99
C TYR G 13 29.58 -35.58 -26.63
N ILE G 14 29.93 -34.83 -25.57
CA ILE G 14 31.32 -34.77 -25.14
C ILE G 14 31.72 -36.07 -24.45
N LEU G 15 30.86 -36.57 -23.57
CA LEU G 15 31.21 -37.74 -22.76
C LEU G 15 31.32 -39.02 -23.56
N LYS G 16 30.45 -39.22 -24.56
CA LYS G 16 30.50 -40.41 -25.38
C LYS G 16 31.53 -40.32 -26.50
N SER G 17 32.28 -39.21 -26.59
CA SER G 17 33.37 -39.06 -27.55
C SER G 17 34.69 -39.46 -26.88
N PRO G 18 35.53 -40.30 -27.48
CA PRO G 18 36.78 -40.66 -26.78
C PRO G 18 37.75 -39.50 -26.64
N VAL G 19 37.99 -38.76 -27.73
CA VAL G 19 39.04 -37.74 -27.71
C VAL G 19 38.58 -36.48 -26.98
N LEU G 20 37.29 -36.17 -26.98
CA LEU G 20 36.82 -34.96 -26.32
C LEU G 20 36.71 -35.12 -24.81
N SER G 21 36.42 -36.33 -24.33
CA SER G 21 36.17 -36.54 -22.91
C SER G 21 37.43 -36.66 -22.07
N LYS G 22 38.61 -36.50 -22.66
CA LYS G 22 39.88 -36.56 -21.94
C LYS G 22 40.58 -35.21 -21.84
N LEU G 23 40.08 -34.18 -22.54
CA LEU G 23 40.59 -32.82 -22.42
C LEU G 23 39.68 -31.89 -21.64
N CYS G 24 38.37 -32.19 -21.59
CA CYS G 24 37.40 -31.31 -20.95
C CYS G 24 36.88 -31.84 -19.62
N VAL G 25 37.06 -33.12 -19.32
CA VAL G 25 36.61 -33.68 -18.05
C VAL G 25 37.63 -33.38 -16.95
N PRO G 26 38.93 -33.55 -17.17
CA PRO G 26 39.90 -33.06 -16.16
C PRO G 26 39.79 -31.57 -15.90
N VAL G 27 39.49 -30.78 -16.92
CA VAL G 27 39.31 -29.35 -16.75
C VAL G 27 38.08 -29.06 -15.91
N ALA G 28 37.03 -29.87 -16.08
CA ALA G 28 35.78 -29.64 -15.36
C ALA G 28 35.83 -30.12 -13.92
N ASN G 29 36.75 -31.03 -13.58
CA ASN G 29 36.89 -31.48 -12.21
C ASN G 29 37.62 -30.45 -11.35
N GLN G 30 38.62 -29.75 -11.91
CA GLN G 30 39.25 -28.65 -11.20
C GLN G 30 38.36 -27.43 -11.11
N PHE G 31 37.40 -27.28 -12.02
CA PHE G 31 36.48 -26.15 -11.96
C PHE G 31 35.51 -26.28 -10.81
N ILE G 32 35.15 -27.52 -10.43
CA ILE G 32 34.18 -27.74 -9.37
C ILE G 32 34.83 -27.64 -8.00
N ASN G 33 36.09 -28.08 -7.88
CA ASN G 33 36.79 -28.01 -6.61
C ASN G 33 37.22 -26.59 -6.26
N LEU G 34 37.51 -25.75 -7.24
CA LEU G 34 37.82 -24.35 -6.99
C LEU G 34 36.59 -23.50 -6.70
N ALA G 35 35.38 -23.99 -7.00
CA ALA G 35 34.18 -23.21 -6.75
C ALA G 35 33.86 -23.15 -5.26
N GLY G 36 33.91 -24.29 -4.58
CA GLY G 36 33.85 -24.32 -3.14
C GLY G 36 32.49 -24.47 -2.51
N TYR G 37 31.49 -24.94 -3.26
CA TYR G 37 30.18 -25.18 -2.66
C TYR G 37 30.16 -26.44 -1.81
N LYS G 38 31.06 -27.40 -2.08
CA LYS G 38 31.11 -28.62 -1.28
C LYS G 38 31.66 -28.39 0.11
N LYS G 39 32.37 -27.29 0.33
CA LYS G 39 32.92 -26.97 1.65
C LYS G 39 31.91 -26.30 2.56
N LEU G 40 30.85 -25.72 2.01
CA LEU G 40 29.72 -25.22 2.78
C LEU G 40 28.69 -26.28 3.08
N GLY G 41 28.89 -27.51 2.60
CA GLY G 41 27.91 -28.56 2.79
C GLY G 41 26.77 -28.56 1.81
N LEU G 42 27.04 -28.25 0.54
CA LEU G 42 26.02 -28.13 -0.49
C LEU G 42 26.34 -29.04 -1.66
N LYS G 43 25.28 -29.56 -2.26
CA LYS G 43 25.32 -30.23 -3.55
C LYS G 43 24.95 -29.23 -4.63
N PHE G 44 25.30 -29.55 -5.89
CA PHE G 44 25.10 -28.57 -6.95
C PHE G 44 23.63 -28.27 -7.19
N ASP G 45 22.77 -29.28 -7.13
CA ASP G 45 21.36 -29.07 -7.42
C ASP G 45 20.66 -28.20 -6.39
N ASP G 46 21.31 -27.89 -5.26
CA ASP G 46 20.77 -26.93 -4.31
C ASP G 46 20.97 -25.49 -4.79
N LEU G 47 22.00 -25.25 -5.60
CA LEU G 47 22.35 -23.91 -6.07
C LEU G 47 21.45 -23.41 -7.19
N ILE G 48 20.69 -24.29 -7.84
CA ILE G 48 19.85 -23.90 -8.96
C ILE G 48 18.76 -22.95 -8.48
N ALA G 49 18.53 -21.90 -9.26
CA ALA G 49 17.49 -20.94 -8.94
C ALA G 49 16.11 -21.56 -9.16
N GLU G 50 15.17 -21.17 -8.29
CA GLU G 50 13.89 -21.85 -8.16
C GLU G 50 12.70 -20.89 -8.24
N GLU G 51 12.90 -19.70 -8.78
CA GLU G 51 11.83 -18.72 -8.94
C GLU G 51 11.26 -18.77 -10.36
N ASN G 52 10.78 -19.95 -10.73
CA ASN G 52 10.19 -20.16 -12.05
C ASN G 52 9.32 -21.41 -11.99
N PRO G 53 8.34 -21.54 -12.87
CA PRO G 53 7.37 -22.65 -12.74
C PRO G 53 7.94 -24.03 -12.98
N ILE G 54 8.96 -24.19 -13.84
CA ILE G 54 9.48 -25.54 -14.07
C ILE G 54 10.23 -26.06 -12.86
N MET G 55 10.81 -25.17 -12.05
CA MET G 55 11.49 -25.60 -10.85
C MET G 55 10.56 -25.73 -9.65
N GLN G 56 9.45 -25.00 -9.64
CA GLN G 56 8.43 -25.20 -8.62
C GLN G 56 7.71 -26.52 -8.78
N THR G 57 7.59 -27.00 -10.02
CA THR G 57 6.95 -28.28 -10.29
C THR G 57 7.83 -29.44 -9.86
N ALA G 58 9.13 -29.36 -10.16
CA ALA G 58 10.07 -30.39 -9.77
C ALA G 58 10.21 -30.54 -8.26
N LEU G 59 10.05 -29.46 -7.51
CA LEU G 59 10.23 -29.53 -6.06
C LEU G 59 8.99 -30.07 -5.35
N ARG G 60 7.80 -29.82 -5.88
CA ARG G 60 6.60 -30.46 -5.37
C ARG G 60 6.67 -31.97 -5.48
N ARG G 61 7.22 -32.49 -6.58
CA ARG G 61 7.27 -33.90 -6.87
C ARG G 61 8.46 -34.61 -6.23
N LEU G 62 9.36 -33.88 -5.60
CA LEU G 62 10.49 -34.51 -4.93
C LEU G 62 9.99 -35.26 -3.69
N PRO G 63 10.49 -36.47 -3.42
CA PRO G 63 10.08 -37.17 -2.20
C PRO G 63 10.46 -36.39 -0.95
N GLU G 64 9.73 -36.65 0.13
CA GLU G 64 9.87 -35.84 1.33
C GLU G 64 11.09 -36.18 2.15
N ASP G 65 11.58 -37.42 2.09
CA ASP G 65 12.84 -37.74 2.76
C ASP G 65 13.99 -36.93 2.16
N GLU G 66 14.00 -36.75 0.85
CA GLU G 66 15.01 -35.95 0.19
C GLU G 66 14.74 -34.45 0.30
N SER G 67 13.49 -34.04 0.48
CA SER G 67 13.14 -32.65 0.67
C SER G 67 13.50 -32.13 2.06
N TYR G 68 13.32 -32.96 3.10
CA TYR G 68 13.70 -32.53 4.44
C TYR G 68 15.21 -32.38 4.57
N ALA G 69 15.97 -33.23 3.90
CA ALA G 69 17.43 -33.14 3.96
C ALA G 69 17.98 -31.95 3.19
N ARG G 70 17.28 -31.53 2.13
CA ARG G 70 17.68 -30.34 1.38
C ARG G 70 17.53 -29.08 2.21
N ALA G 71 16.42 -28.93 2.94
CA ALA G 71 16.22 -27.73 3.76
C ALA G 71 17.23 -27.60 4.88
N TYR G 72 17.72 -28.71 5.44
CA TYR G 72 18.74 -28.62 6.46
C TYR G 72 20.09 -28.19 5.87
N ARG G 73 20.42 -28.64 4.67
CA ARG G 73 21.68 -28.25 4.05
C ARG G 73 21.69 -26.77 3.71
N ILE G 74 20.54 -26.19 3.38
CA ILE G 74 20.45 -24.78 3.02
C ILE G 74 20.52 -23.90 4.26
N ILE G 75 19.90 -24.34 5.36
CA ILE G 75 19.94 -23.57 6.60
C ILE G 75 21.35 -23.60 7.19
N ARG G 76 21.97 -24.78 7.18
CA ARG G 76 23.34 -24.90 7.66
C ARG G 76 24.31 -24.06 6.84
N ALA G 77 24.02 -23.81 5.57
CA ALA G 77 24.91 -23.05 4.72
C ALA G 77 24.79 -21.55 4.96
N HIS G 78 23.57 -21.04 5.13
CA HIS G 78 23.39 -19.63 5.49
C HIS G 78 24.07 -19.28 6.80
N GLN G 79 24.09 -20.21 7.75
CA GLN G 79 24.71 -19.98 9.04
C GLN G 79 26.23 -20.05 8.99
N THR G 80 26.77 -20.88 8.09
CA THR G 80 28.22 -21.00 7.98
C THR G 80 28.85 -19.77 7.33
N GLU G 81 28.15 -19.16 6.37
CA GLU G 81 28.61 -17.94 5.72
C GLU G 81 28.40 -16.71 6.61
N LEU G 82 27.36 -16.70 7.42
CA LEU G 82 27.10 -15.63 8.37
C LEU G 82 28.27 -15.43 9.33
N THR G 83 28.96 -16.50 9.69
CA THR G 83 30.09 -16.45 10.62
C THR G 83 31.44 -16.30 9.94
N HIS G 84 31.49 -16.30 8.61
CA HIS G 84 32.74 -16.18 7.86
C HIS G 84 33.70 -17.30 8.19
N HIS G 85 33.19 -18.53 8.23
CA HIS G 85 33.98 -19.72 8.44
C HIS G 85 33.58 -20.79 7.43
N LEU G 86 34.34 -21.87 7.41
CA LEU G 86 34.02 -23.08 6.67
C LEU G 86 33.74 -24.20 7.65
N LEU G 87 33.10 -25.26 7.15
CA LEU G 87 32.76 -26.39 7.99
C LEU G 87 33.99 -27.26 8.22
N PRO G 88 33.93 -28.20 9.17
CA PRO G 88 35.03 -29.15 9.32
C PRO G 88 35.21 -30.02 8.09
N ARG G 89 36.43 -30.52 7.93
CA ARG G 89 36.81 -31.27 6.73
C ARG G 89 36.14 -32.63 6.64
N ASN G 90 35.55 -33.13 7.74
CA ASN G 90 34.81 -34.38 7.73
C ASN G 90 33.30 -34.18 7.58
N GLU G 91 32.83 -32.94 7.43
CA GLU G 91 31.44 -32.65 7.10
C GLU G 91 31.27 -32.11 5.68
N TRP G 92 32.33 -32.12 4.87
CA TRP G 92 32.22 -31.70 3.49
C TRP G 92 31.50 -32.75 2.67
N ILE G 93 30.81 -32.28 1.63
CA ILE G 93 30.21 -33.20 0.67
C ILE G 93 31.33 -33.85 -0.15
N LYS G 94 31.24 -35.16 -0.31
CA LYS G 94 32.18 -35.92 -1.11
C LYS G 94 31.64 -36.11 -2.52
N ALA G 95 32.52 -36.54 -3.41
CA ALA G 95 32.18 -36.67 -4.82
C ALA G 95 31.17 -37.77 -5.09
N GLN G 96 31.15 -38.83 -4.28
CA GLN G 96 30.14 -39.87 -4.44
C GLN G 96 28.75 -39.32 -4.18
N GLU G 97 28.61 -38.45 -3.20
CA GLU G 97 27.32 -37.91 -2.78
C GLU G 97 26.84 -36.77 -3.66
N ASP G 98 27.70 -36.21 -4.51
CA ASP G 98 27.35 -35.06 -5.34
C ASP G 98 26.65 -35.57 -6.61
N VAL G 99 25.43 -36.04 -6.42
CA VAL G 99 24.67 -36.71 -7.47
C VAL G 99 23.54 -35.78 -7.93
N PRO G 100 23.08 -35.88 -9.18
CA PRO G 100 21.93 -35.06 -9.61
C PRO G 100 20.59 -35.66 -9.20
N TYR G 101 20.19 -35.37 -7.96
CA TYR G 101 18.94 -35.92 -7.43
C TYR G 101 17.70 -35.25 -8.02
N LEU G 102 17.85 -34.07 -8.62
CA LEU G 102 16.73 -33.29 -9.13
C LEU G 102 16.68 -33.18 -10.64
N LEU G 103 17.75 -33.54 -11.33
CA LEU G 103 17.77 -33.52 -12.78
C LEU G 103 16.64 -34.32 -13.43
N PRO G 104 16.36 -35.58 -13.05
CA PRO G 104 15.29 -36.32 -13.74
C PRO G 104 13.92 -35.69 -13.60
N TYR G 105 13.61 -35.08 -12.47
CA TYR G 105 12.32 -34.41 -12.31
C TYR G 105 12.24 -33.16 -13.17
N ILE G 106 13.39 -32.53 -13.48
CA ILE G 106 13.38 -31.32 -14.30
C ILE G 106 13.16 -31.66 -15.76
N LEU G 107 13.81 -32.71 -16.26
CA LEU G 107 13.74 -33.02 -17.68
C LEU G 107 12.34 -33.43 -18.11
N GLU G 108 11.57 -34.06 -17.22
CA GLU G 108 10.20 -34.44 -17.56
C GLU G 108 9.21 -33.28 -17.44
N ALA G 109 9.52 -32.27 -16.63
CA ALA G 109 8.72 -31.06 -16.62
C ALA G 109 8.98 -30.20 -17.86
N GLU G 110 10.19 -30.28 -18.42
CA GLU G 110 10.50 -29.52 -19.62
C GLU G 110 9.94 -30.18 -20.88
N ALA G 111 9.99 -31.50 -20.98
CA ALA G 111 9.47 -32.20 -22.15
C ALA G 111 7.96 -32.08 -22.28
N ALA G 112 7.26 -31.82 -21.17
CA ALA G 112 5.81 -31.68 -21.18
C ALA G 112 5.36 -30.27 -21.51
N ALA G 113 6.14 -29.27 -21.11
CA ALA G 113 5.82 -27.89 -21.43
C ALA G 113 6.09 -27.59 -22.90
N LYS G 114 7.09 -28.24 -23.48
CA LYS G 114 7.37 -28.09 -24.89
C LYS G 114 6.32 -28.78 -25.74
N GLU G 115 5.89 -29.96 -25.32
CA GLU G 115 4.82 -30.68 -26.02
C GLU G 115 3.53 -29.87 -26.04
N LYS G 116 3.26 -29.12 -24.96
CA LYS G 116 2.03 -28.33 -24.89
C LYS G 116 2.08 -27.15 -25.84
N ASP G 117 3.23 -26.47 -25.93
CA ASP G 117 3.34 -25.32 -26.81
C ASP G 117 3.28 -25.72 -28.28
N GLU G 118 3.88 -26.86 -28.64
CA GLU G 118 3.79 -27.34 -30.01
C GLU G 118 2.36 -27.68 -30.42
N LEU G 119 1.49 -28.02 -29.48
CA LEU G 119 0.10 -28.34 -29.77
C LEU G 119 -0.80 -27.11 -29.71
N ASP G 120 -0.44 -26.10 -28.93
CA ASP G 120 -1.24 -24.91 -28.80
C ASP G 120 -1.11 -23.99 -30.00
N ASN G 121 -0.09 -24.17 -30.83
CA ASN G 121 0.19 -23.33 -32.00
C ASN G 121 0.59 -24.19 -33.18
N ILE G 122 -0.18 -25.25 -33.39
CA ILE G 122 0.00 -26.17 -34.50
C ILE G 122 -0.91 -25.75 -35.64
N GLU G 123 -0.53 -26.13 -36.85
CA GLU G 123 -1.37 -25.95 -38.04
C GLU G 123 -1.67 -27.32 -38.63
N VAL G 124 -2.82 -27.41 -39.30
CA VAL G 124 -3.45 -28.71 -39.54
C VAL G 124 -3.02 -29.27 -40.89
N SER G 125 -3.01 -30.60 -40.98
CA SER G 125 -2.69 -31.32 -42.20
C SER G 125 -4.01 -31.65 -42.91
N LYS G 126 -4.36 -30.85 -43.91
CA LYS G 126 -5.58 -31.08 -44.68
C LYS G 126 -5.58 -30.25 -45.95
N GLY H 1 -8.44 -2.62 -0.68
CA GLY H 1 -8.16 -2.97 -2.06
C GLY H 1 -8.23 -4.47 -2.31
N PRO H 2 -7.98 -4.88 -3.54
CA PRO H 2 -8.01 -6.29 -3.86
C PRO H 2 -6.62 -6.92 -3.72
N PRO H 3 -6.52 -8.24 -3.72
CA PRO H 3 -5.19 -8.86 -3.76
C PRO H 3 -4.51 -8.65 -5.09
N SER H 4 -3.18 -8.62 -5.05
CA SER H 4 -2.36 -8.46 -6.24
C SER H 4 -1.78 -9.81 -6.64
N GLY H 5 -0.88 -9.80 -7.62
CA GLY H 5 -0.28 -11.03 -8.07
C GLY H 5 0.59 -11.67 -7.01
N LYS H 6 0.58 -13.00 -6.98
CA LYS H 6 1.35 -13.71 -5.97
C LYS H 6 2.83 -13.69 -6.31
N THR H 7 3.64 -13.92 -5.28
CA THR H 7 5.05 -13.64 -5.28
C THR H 7 5.83 -14.87 -4.83
N TYR H 8 7.12 -14.68 -4.62
CA TYR H 8 8.02 -15.70 -4.09
C TYR H 8 8.47 -15.38 -2.67
N MET H 9 7.68 -14.59 -1.94
CA MET H 9 7.94 -14.28 -0.55
C MET H 9 6.65 -13.86 0.11
N GLY H 10 6.43 -14.34 1.33
CA GLY H 10 5.29 -13.98 2.14
C GLY H 10 5.62 -13.15 3.36
N TRP H 11 5.08 -13.56 4.51
CA TRP H 11 5.30 -12.87 5.77
C TRP H 11 5.44 -13.88 6.91
N TRP H 12 5.62 -13.38 8.12
CA TRP H 12 5.78 -14.22 9.31
C TRP H 12 4.58 -15.12 9.50
N GLY H 13 4.82 -16.42 9.51
CA GLY H 13 3.79 -17.43 9.57
C GLY H 13 3.59 -18.17 8.26
N HIS H 14 3.87 -17.50 7.14
CA HIS H 14 3.70 -18.08 5.81
C HIS H 14 4.72 -17.42 4.88
N MET H 15 5.92 -18.01 4.81
CA MET H 15 7.03 -17.42 4.08
C MET H 15 7.27 -18.07 2.72
N GLY H 16 6.69 -19.25 2.48
CA GLY H 16 6.71 -19.84 1.16
C GLY H 16 7.84 -20.80 0.90
N GLY H 17 8.54 -21.25 1.93
CA GLY H 17 9.57 -22.25 1.77
C GLY H 17 9.02 -23.65 1.85
N PRO H 18 9.90 -24.64 1.88
CA PRO H 18 9.46 -26.02 2.09
C PRO H 18 9.19 -26.30 3.56
N LYS H 19 8.44 -27.37 3.79
CA LYS H 19 8.08 -27.77 5.14
C LYS H 19 9.26 -28.41 5.84
N GLN H 20 9.45 -28.03 7.10
CA GLN H 20 10.58 -28.45 7.91
C GLN H 20 10.14 -29.51 8.92
N LYS H 21 10.97 -30.53 9.08
CA LYS H 21 10.71 -31.58 10.06
C LYS H 21 12.04 -32.21 10.43
N GLY H 22 12.36 -32.18 11.71
CA GLY H 22 13.53 -32.84 12.24
C GLY H 22 14.75 -31.98 12.48
N ILE H 23 14.60 -30.66 12.49
CA ILE H 23 15.68 -29.73 12.75
C ILE H 23 15.44 -29.06 14.09
N THR H 24 16.46 -29.04 14.93
CA THR H 24 16.41 -28.45 16.27
C THR H 24 17.50 -27.39 16.39
N SER H 25 17.16 -26.28 17.04
CA SER H 25 18.05 -25.14 17.21
C SER H 25 18.21 -24.81 18.69
N TYR H 26 19.42 -24.36 19.06
CA TYR H 26 19.75 -23.92 20.40
C TYR H 26 20.45 -22.58 20.36
N ALA H 27 20.31 -21.80 21.44
CA ALA H 27 20.97 -20.50 21.54
C ALA H 27 21.13 -20.11 23.01
N VAL H 28 21.93 -19.07 23.24
CA VAL H 28 22.23 -18.54 24.55
C VAL H 28 22.07 -17.03 24.49
N SER H 29 21.76 -16.43 25.65
CA SER H 29 21.54 -15.00 25.72
C SER H 29 22.85 -14.24 25.49
N PRO H 30 22.80 -13.02 24.91
CA PRO H 30 24.01 -12.19 24.87
C PRO H 30 24.48 -11.72 26.23
N TYR H 31 23.57 -11.37 27.13
CA TYR H 31 23.92 -10.96 28.48
C TYR H 31 24.71 -12.01 29.24
N ALA H 32 24.59 -13.28 28.87
CA ALA H 32 25.26 -14.38 29.53
C ALA H 32 26.60 -14.77 28.90
N GLN H 33 27.01 -14.08 27.84
CA GLN H 33 28.24 -14.37 27.12
C GLN H 33 29.30 -13.34 27.45
N LYS H 34 30.55 -13.75 27.30
CA LYS H 34 31.65 -12.85 27.62
C LYS H 34 31.79 -11.78 26.53
N PRO H 35 32.20 -10.54 26.89
CA PRO H 35 32.20 -9.46 25.90
C PRO H 35 33.20 -9.66 24.77
N LEU H 36 32.39 -9.71 23.42
CA LEU H 36 33.15 -9.69 22.16
C LEU H 36 34.41 -10.55 22.21
N GLN H 37 34.52 -11.87 22.33
CA GLN H 37 35.67 -12.81 22.28
C GLN H 37 35.91 -13.22 20.81
N GLY H 38 35.47 -12.39 19.84
CA GLY H 38 35.36 -12.75 18.41
C GLY H 38 36.12 -11.80 17.49
N ILE H 39 36.82 -10.81 18.04
CA ILE H 39 37.61 -9.84 17.28
C ILE H 39 39.01 -10.39 16.97
N PHE H 40 39.65 -11.04 17.93
CA PHE H 40 41.00 -11.58 17.78
C PHE H 40 40.94 -13.10 17.76
N HIS H 41 41.91 -13.68 17.06
CA HIS H 41 41.78 -14.97 16.38
C HIS H 41 40.79 -14.88 15.21
N ASN H 42 40.44 -13.66 14.78
CA ASN H 42 39.61 -13.41 13.62
C ASN H 42 40.18 -12.34 12.71
N ALA H 43 40.97 -11.40 13.23
CA ALA H 43 41.59 -10.35 12.45
C ALA H 43 42.97 -10.73 11.92
N VAL H 44 43.51 -11.88 12.33
CA VAL H 44 44.80 -12.37 11.88
C VAL H 44 44.68 -13.75 11.22
N PHE H 45 44.09 -14.71 11.94
CA PHE H 45 44.05 -16.09 11.46
C PHE H 45 42.97 -16.31 10.43
N ASN H 46 41.80 -15.71 10.63
CA ASN H 46 40.71 -15.86 9.68
C ASN H 46 40.84 -14.87 8.53
N SER H 47 41.21 -13.62 8.83
CA SER H 47 41.33 -12.60 7.79
C SER H 47 42.39 -12.94 6.76
N PHE H 48 43.40 -13.73 7.14
CA PHE H 48 44.41 -14.17 6.19
C PHE H 48 43.90 -15.28 5.27
N ARG H 49 43.06 -16.17 5.81
CA ARG H 49 42.44 -17.20 4.99
C ARG H 49 41.53 -16.58 3.94
N ARG H 50 40.73 -15.58 4.32
CA ARG H 50 39.85 -14.92 3.38
C ARG H 50 40.64 -14.17 2.30
N PHE H 51 41.79 -13.59 2.68
CA PHE H 51 42.60 -12.87 1.70
C PHE H 51 43.21 -13.84 0.68
N LYS H 52 43.77 -14.95 1.16
CA LYS H 52 44.45 -15.88 0.29
C LYS H 52 43.52 -16.58 -0.68
N SER H 53 42.23 -16.63 -0.39
CA SER H 53 41.30 -17.36 -1.26
C SER H 53 40.94 -16.59 -2.51
N GLN H 54 41.01 -15.25 -2.46
CA GLN H 54 40.36 -14.40 -3.44
C GLN H 54 41.27 -13.34 -4.04
N PHE H 55 42.48 -13.14 -3.51
CA PHE H 55 43.34 -12.06 -3.98
C PHE H 55 43.86 -12.27 -5.40
N LEU H 56 43.85 -13.50 -5.90
CA LEU H 56 44.35 -13.78 -7.24
C LEU H 56 43.39 -13.35 -8.34
N TYR H 57 42.10 -13.26 -8.05
CA TYR H 57 41.12 -12.85 -9.05
C TYR H 57 41.06 -11.34 -9.22
N VAL H 58 41.78 -10.58 -8.40
CA VAL H 58 41.80 -9.13 -8.45
C VAL H 58 43.14 -8.61 -8.98
N LEU H 59 44.24 -9.23 -8.57
CA LEU H 59 45.56 -8.67 -8.79
C LEU H 59 46.17 -9.04 -10.13
N ILE H 60 45.67 -10.06 -10.80
CA ILE H 60 46.15 -10.38 -12.14
C ILE H 60 45.50 -9.42 -13.13
N PRO H 61 44.20 -9.13 -13.03
CA PRO H 61 43.66 -8.03 -13.84
C PRO H 61 44.29 -6.68 -13.55
N ALA H 62 44.51 -6.36 -12.27
CA ALA H 62 45.13 -5.08 -11.93
C ALA H 62 46.54 -4.95 -12.47
N GLY H 63 47.29 -6.05 -12.49
CA GLY H 63 48.63 -6.02 -13.05
C GLY H 63 48.65 -5.82 -14.54
N ILE H 64 47.65 -6.35 -15.24
CA ILE H 64 47.57 -6.17 -16.69
C ILE H 64 47.29 -4.71 -17.03
N TYR H 65 46.32 -4.10 -16.36
CA TYR H 65 45.90 -2.76 -16.71
C TYR H 65 46.87 -1.69 -16.24
N TRP H 66 47.62 -1.94 -15.17
CA TRP H 66 48.62 -0.97 -14.73
C TRP H 66 49.88 -1.00 -15.56
N TYR H 67 50.30 -2.19 -16.01
CA TYR H 67 51.43 -2.29 -16.93
C TYR H 67 51.13 -1.62 -18.26
N TRP H 68 49.88 -1.71 -18.72
CA TRP H 68 49.50 -1.08 -19.98
C TRP H 68 49.48 0.44 -19.86
N TRP H 69 49.24 0.96 -18.66
CA TRP H 69 49.18 2.40 -18.44
C TRP H 69 50.56 3.03 -18.38
N LYS H 70 51.52 2.36 -17.75
CA LYS H 70 52.89 2.85 -17.66
C LYS H 70 53.63 2.82 -18.99
N ASN H 71 53.44 1.79 -19.80
CA ASN H 71 54.08 1.77 -21.11
C ASN H 71 53.50 2.84 -22.03
N GLY H 72 52.25 3.23 -21.81
CA GLY H 72 51.68 4.34 -22.57
C GLY H 72 52.22 5.67 -22.16
N ASN H 73 52.43 5.89 -20.85
CA ASN H 73 53.02 7.13 -20.37
C ASN H 73 54.43 7.29 -20.90
N GLU H 74 55.31 6.33 -20.60
CA GLU H 74 56.72 6.43 -20.94
C GLU H 74 56.95 6.65 -22.42
N TYR H 75 56.07 6.12 -23.27
CA TYR H 75 56.16 6.36 -24.70
C TYR H 75 55.75 7.78 -25.05
N ASN H 76 54.76 8.33 -24.33
CA ASN H 76 54.35 9.70 -24.56
C ASN H 76 55.37 10.69 -24.02
N GLU H 77 55.98 10.37 -22.88
CA GLU H 77 57.15 11.11 -22.40
C GLU H 77 58.24 11.24 -23.45
N PHE H 78 58.44 10.19 -24.26
CA PHE H 78 59.57 10.11 -25.15
C PHE H 78 59.32 10.87 -26.45
N LEU H 79 58.09 10.82 -26.95
CA LEU H 79 57.75 11.47 -28.22
C LEU H 79 57.91 12.97 -28.16
N TYR H 80 57.67 13.59 -27.01
CA TYR H 80 57.75 15.04 -26.85
C TYR H 80 59.06 15.48 -26.21
N SER H 81 60.08 14.63 -26.28
CA SER H 81 61.45 14.97 -25.90
C SER H 81 62.22 15.42 -27.15
N LYS H 82 63.48 15.81 -26.94
CA LYS H 82 64.33 16.17 -28.06
C LYS H 82 64.79 14.95 -28.85
N ALA H 83 64.94 13.81 -28.18
CA ALA H 83 65.34 12.58 -28.84
C ALA H 83 64.22 11.93 -29.63
N GLY H 84 62.96 12.23 -29.31
CA GLY H 84 61.82 11.59 -29.94
C GLY H 84 61.04 12.51 -30.86
N ARG H 85 61.74 13.46 -31.47
CA ARG H 85 61.10 14.40 -32.38
C ARG H 85 60.90 13.82 -33.78
N GLU H 86 61.77 12.91 -34.21
CA GLU H 86 61.65 12.33 -35.54
C GLU H 86 60.56 11.26 -35.60
N GLU H 87 60.36 10.51 -34.52
CA GLU H 87 59.30 9.51 -34.49
C GLU H 87 57.93 10.15 -34.31
N LEU H 88 57.86 11.29 -33.63
CA LEU H 88 56.61 12.01 -33.49
C LEU H 88 56.09 12.51 -34.83
N GLU H 89 57.00 12.83 -35.76
CA GLU H 89 56.60 13.40 -37.04
C GLU H 89 55.97 12.35 -37.94
N ARG H 90 56.35 11.08 -37.80
CA ARG H 90 55.81 10.02 -38.62
C ARG H 90 54.45 9.52 -38.13
N VAL H 91 54.37 9.16 -36.85
CA VAL H 91 53.16 8.53 -36.31
C VAL H 91 51.99 9.48 -36.17
N ASN H 92 52.16 10.76 -36.50
CA ASN H 92 51.04 11.69 -36.54
C ASN H 92 50.26 11.56 -37.84
N VAL H 93 50.94 11.74 -38.97
CA VAL H 93 50.33 11.63 -40.28
C VAL H 93 50.71 10.30 -40.91
N SER I 2 19.76 -1.92 43.03
CA SER I 2 21.19 -1.67 43.13
C SER I 2 21.56 -0.48 42.22
N LEU I 3 22.65 -0.58 41.44
CA LEU I 3 23.02 0.52 40.54
C LEU I 3 22.08 0.60 39.36
N TYR I 4 21.66 -0.56 38.84
CA TYR I 4 20.86 -0.58 37.61
C TYR I 4 19.42 -0.18 37.85
N LYS I 5 18.90 -0.32 39.07
CA LYS I 5 17.52 0.04 39.38
C LYS I 5 17.28 1.54 39.44
N THR I 6 18.34 2.37 39.40
CA THR I 6 18.23 3.82 39.43
C THR I 6 19.04 4.51 38.35
N PHE I 7 20.16 3.92 37.93
CA PHE I 7 20.97 4.51 36.87
C PHE I 7 20.18 4.63 35.57
N PHE I 8 19.56 3.52 35.14
CA PHE I 8 18.86 3.46 33.86
C PHE I 8 17.58 2.63 33.88
N LYS I 9 16.97 2.37 35.04
CA LYS I 9 15.80 1.49 35.12
C LYS I 9 14.67 1.99 34.22
N ARG I 10 14.17 3.20 34.51
CA ARG I 10 13.27 3.88 33.58
C ARG I 10 14.10 4.29 32.36
N ASN I 11 13.50 5.00 31.40
CA ASN I 11 14.31 5.81 30.49
C ASN I 11 13.85 7.27 30.50
N ALA I 12 12.88 7.61 31.36
CA ALA I 12 12.81 8.96 31.88
C ALA I 12 13.90 9.25 32.90
N VAL I 13 14.54 8.21 33.46
CA VAL I 13 15.77 8.37 34.23
C VAL I 13 16.95 8.73 33.33
N PHE I 14 16.89 8.36 32.05
CA PHE I 14 18.07 8.11 31.23
C PHE I 14 18.07 8.90 29.94
N VAL I 15 16.91 9.26 29.42
CA VAL I 15 16.81 10.25 28.34
C VAL I 15 16.90 11.68 28.87
N GLY I 16 16.60 11.88 30.16
CA GLY I 16 16.81 13.16 30.81
C GLY I 16 18.23 13.31 31.30
N THR I 17 18.83 12.20 31.73
CA THR I 17 20.24 12.20 32.10
C THR I 17 21.12 12.28 30.87
N ILE I 18 20.68 11.69 29.75
CA ILE I 18 21.42 11.79 28.50
C ILE I 18 21.38 13.23 27.99
N PHE I 19 20.19 13.83 27.99
CA PHE I 19 20.03 15.19 27.48
C PHE I 19 20.68 16.21 28.41
N ALA I 20 20.45 16.11 29.72
CA ALA I 20 21.06 17.04 30.64
C ALA I 20 22.58 16.92 30.64
N GLY I 21 23.12 15.72 30.43
CA GLY I 21 24.55 15.51 30.43
C GLY I 21 25.22 15.91 29.13
N ALA I 22 24.47 16.06 28.05
CA ALA I 22 25.02 16.53 26.79
C ALA I 22 25.21 18.04 26.76
N PHE I 23 24.35 18.76 27.47
CA PHE I 23 24.48 20.21 27.58
C PHE I 23 25.76 20.58 28.31
N VAL I 24 26.06 19.87 29.40
CA VAL I 24 27.29 20.10 30.14
C VAL I 24 28.51 19.63 29.36
N PHE I 25 28.32 18.69 28.43
CA PHE I 25 29.45 18.14 27.69
C PHE I 25 30.00 19.14 26.69
N GLN I 26 29.11 19.88 26.01
CA GLN I 26 29.54 20.79 24.96
C GLN I 26 30.46 21.87 25.51
N THR I 27 30.06 22.51 26.62
CA THR I 27 30.85 23.58 27.21
C THR I 27 32.22 23.08 27.65
N VAL I 28 32.24 21.98 28.40
CA VAL I 28 33.51 21.45 28.90
C VAL I 28 34.39 20.99 27.75
N PHE I 29 33.77 20.47 26.69
CA PHE I 29 34.54 19.98 25.55
C PHE I 29 35.14 21.12 24.74
N ASP I 30 34.40 22.22 24.57
CA ASP I 30 34.91 23.33 23.77
C ASP I 30 36.10 24.00 24.44
N THR I 31 35.97 24.33 25.73
CA THR I 31 37.04 25.02 26.45
C THR I 31 38.34 24.23 26.44
N ALA I 32 38.24 22.90 26.40
CA ALA I 32 39.45 22.08 26.39
C ALA I 32 40.13 22.06 25.03
N ILE I 33 39.36 22.17 23.95
CA ILE I 33 39.94 22.14 22.61
C ILE I 33 40.54 23.49 22.26
N THR I 34 39.84 24.58 22.59
CA THR I 34 40.37 25.91 22.33
C THR I 34 41.64 26.21 23.12
N SER I 35 41.80 25.62 24.30
CA SER I 35 43.01 25.82 25.08
C SER I 35 44.20 25.06 24.49
N TRP I 36 43.95 23.87 23.95
CA TRP I 36 45.02 23.10 23.33
C TRP I 36 45.40 23.67 21.96
N TYR I 37 44.44 24.22 21.23
CA TYR I 37 44.72 24.73 19.90
C TYR I 37 45.53 26.01 19.96
N GLU I 38 45.17 26.91 20.86
CA GLU I 38 45.87 28.18 21.01
C GLU I 38 47.24 28.04 21.62
N ASN I 39 47.47 27.03 22.46
CA ASN I 39 48.78 26.79 23.04
C ASN I 39 49.72 26.05 22.09
N HIS I 40 49.17 25.24 21.19
CA HIS I 40 49.99 24.56 20.19
C HIS I 40 50.52 25.53 19.15
N ASN I 41 49.84 26.67 18.94
CA ASN I 41 50.20 27.65 17.94
C ASN I 41 50.46 29.01 18.58
N LYS I 42 51.04 29.02 19.77
CA LYS I 42 51.31 30.27 20.47
C LYS I 42 52.56 30.93 19.90
N GLY I 43 52.51 32.25 19.76
CA GLY I 43 53.54 33.02 19.10
C GLY I 43 53.16 33.44 17.70
N LYS I 44 52.21 32.75 17.07
CA LYS I 44 51.75 33.07 15.74
C LYS I 44 50.41 33.80 15.71
N LEU I 45 49.69 33.83 16.81
CA LEU I 45 48.36 34.41 16.83
C LEU I 45 48.45 35.94 16.87
N TRP I 46 47.31 36.59 16.69
CA TRP I 46 47.29 38.05 16.66
C TRP I 46 47.53 38.66 18.03
N LYS I 47 47.01 38.03 19.09
CA LYS I 47 47.19 38.58 20.42
C LYS I 47 48.64 38.57 20.86
N ASP I 48 49.45 37.65 20.33
CA ASP I 48 50.88 37.66 20.62
C ASP I 48 51.62 38.72 19.80
N VAL I 49 51.18 38.96 18.57
CA VAL I 49 51.78 40.00 17.75
C VAL I 49 51.41 41.37 18.30
N LYS I 50 50.17 41.54 18.73
CA LYS I 50 49.70 42.79 19.33
C LYS I 50 50.40 43.11 20.65
N ALA I 51 51.05 42.13 21.29
CA ALA I 51 51.76 42.34 22.54
C ALA I 51 53.26 42.50 22.34
N ARG I 52 53.73 42.52 21.09
CA ARG I 52 55.15 42.73 20.77
C ARG I 52 55.42 44.05 20.07
N ILE I 53 54.38 44.80 19.70
CA ILE I 53 54.52 46.10 19.03
C ILE I 53 53.98 47.24 19.90
N ALA I 54 53.80 47.00 21.20
CA ALA I 54 53.23 47.99 22.10
C ALA I 54 54.35 48.82 22.73
N ALA I 55 55.02 49.59 21.87
CA ALA I 55 56.12 50.46 22.29
C ALA I 55 55.66 51.92 22.26
N ALA J 1 -30.82 -42.85 -42.09
CA ALA J 1 -32.20 -43.29 -42.30
C ALA J 1 -32.87 -42.47 -43.38
N GLU J 2 -34.13 -42.79 -43.67
CA GLU J 2 -34.89 -42.13 -44.72
C GLU J 2 -36.30 -41.87 -44.21
N VAL J 3 -36.77 -40.64 -44.38
CA VAL J 3 -38.10 -40.24 -43.93
C VAL J 3 -39.04 -40.25 -45.11
N THR J 4 -40.34 -40.23 -44.80
CA THR J 4 -41.39 -40.31 -45.81
C THR J 4 -42.61 -39.57 -45.28
N GLN J 5 -43.02 -38.52 -45.98
CA GLN J 5 -44.16 -37.70 -45.60
C GLN J 5 -45.29 -37.88 -46.61
N LEU J 6 -46.52 -37.73 -46.14
CA LEU J 6 -47.70 -37.76 -46.99
C LEU J 6 -48.73 -36.76 -46.47
N SER J 7 -49.80 -36.59 -47.24
CA SER J 7 -50.89 -35.71 -46.86
C SER J 7 -52.17 -36.27 -47.49
N ASN J 8 -52.94 -37.01 -46.70
CA ASN J 8 -54.27 -37.48 -47.08
C ASN J 8 -55.36 -36.69 -46.36
N GLY J 9 -55.13 -35.41 -46.10
CA GLY J 9 -55.92 -34.65 -45.16
C GLY J 9 -55.18 -34.53 -43.84
N ILE J 10 -54.45 -35.59 -43.48
CA ILE J 10 -53.64 -35.66 -42.27
C ILE J 10 -52.20 -35.86 -42.71
N VAL J 11 -51.29 -35.10 -42.09
CA VAL J 11 -49.86 -35.21 -42.39
C VAL J 11 -49.28 -36.34 -41.57
N VAL J 12 -48.73 -37.34 -42.26
CA VAL J 12 -48.16 -38.52 -41.63
C VAL J 12 -46.69 -38.59 -42.01
N ALA J 13 -45.83 -38.65 -40.99
CA ALA J 13 -44.39 -38.77 -41.17
C ALA J 13 -43.91 -40.03 -40.46
N THR J 14 -42.84 -40.62 -40.97
CA THR J 14 -42.33 -41.89 -40.46
C THR J 14 -40.84 -41.99 -40.72
N GLU J 15 -40.16 -42.72 -39.84
CA GLU J 15 -38.72 -42.97 -39.95
C GLU J 15 -38.46 -44.40 -39.46
N HIS J 16 -38.45 -45.34 -40.40
CA HIS J 16 -38.35 -46.75 -40.05
C HIS J 16 -36.92 -47.13 -39.69
N ASN J 17 -36.79 -48.04 -38.73
CA ASN J 17 -35.52 -48.63 -38.33
C ASN J 17 -35.71 -50.12 -38.08
N PRO J 18 -35.22 -51.03 -38.94
CA PRO J 18 -35.49 -52.46 -38.73
C PRO J 18 -34.74 -53.07 -37.56
N SER J 19 -33.78 -52.36 -36.97
CA SER J 19 -32.99 -52.88 -35.87
C SER J 19 -33.62 -52.66 -34.51
N ALA J 20 -34.65 -51.82 -34.41
CA ALA J 20 -35.25 -51.48 -33.13
C ALA J 20 -36.17 -52.58 -32.63
N HIS J 21 -36.28 -52.70 -31.31
CA HIS J 21 -37.14 -53.66 -30.66
C HIS J 21 -38.44 -53.06 -30.13
N THR J 22 -38.74 -51.81 -30.49
CA THR J 22 -39.92 -51.12 -30.01
C THR J 22 -40.47 -50.25 -31.12
N ALA J 23 -41.62 -49.63 -30.87
CA ALA J 23 -42.26 -48.73 -31.82
C ALA J 23 -43.01 -47.66 -31.06
N SER J 24 -42.93 -46.43 -31.55
CA SER J 24 -43.61 -45.29 -30.95
C SER J 24 -44.53 -44.65 -31.97
N VAL J 25 -45.70 -44.22 -31.50
CA VAL J 25 -46.71 -43.56 -32.31
C VAL J 25 -47.25 -42.38 -31.51
N GLY J 26 -47.41 -41.23 -32.16
CA GLY J 26 -47.88 -40.07 -31.46
C GLY J 26 -48.33 -38.96 -32.38
N VAL J 27 -48.62 -37.82 -31.78
CA VAL J 27 -49.08 -36.63 -32.48
C VAL J 27 -48.37 -35.42 -31.88
N VAL J 28 -47.87 -34.54 -32.75
CA VAL J 28 -47.14 -33.34 -32.36
C VAL J 28 -47.90 -32.13 -32.90
N PHE J 29 -48.18 -31.18 -32.01
CA PHE J 29 -48.88 -29.96 -32.35
C PHE J 29 -47.90 -28.79 -32.45
N GLY J 30 -48.22 -27.84 -33.31
CA GLY J 30 -47.34 -26.73 -33.60
C GLY J 30 -47.58 -25.49 -32.75
N SER J 31 -47.99 -25.70 -31.52
CA SER J 31 -48.27 -24.61 -30.58
C SER J 31 -47.66 -24.98 -29.23
N GLY J 32 -47.05 -24.00 -28.57
CA GLY J 32 -46.43 -24.18 -27.28
C GLY J 32 -46.67 -22.99 -26.37
N ALA J 33 -45.68 -22.73 -25.52
CA ALA J 33 -45.75 -21.62 -24.57
C ALA J 33 -45.76 -20.27 -25.26
N ALA J 34 -45.20 -20.17 -26.46
CA ALA J 34 -45.15 -18.91 -27.17
C ALA J 34 -46.48 -18.56 -27.85
N ASN J 35 -47.50 -19.40 -27.71
CA ASN J 35 -48.84 -19.13 -28.22
C ASN J 35 -49.84 -18.94 -27.09
N GLU J 36 -49.37 -18.39 -25.96
CA GLU J 36 -50.17 -18.12 -24.78
C GLU J 36 -50.08 -16.65 -24.42
N ASN J 37 -50.86 -16.26 -23.40
CA ASN J 37 -50.82 -14.91 -22.84
C ASN J 37 -50.51 -15.00 -21.35
N PRO J 38 -50.16 -13.90 -20.69
CA PRO J 38 -49.80 -13.99 -19.27
C PRO J 38 -50.91 -14.45 -18.35
N TYR J 39 -52.16 -14.44 -18.78
CA TYR J 39 -53.27 -14.86 -17.92
C TYR J 39 -53.40 -16.37 -17.86
N ASN J 40 -53.13 -17.07 -18.96
CA ASN J 40 -53.24 -18.52 -19.03
C ASN J 40 -51.88 -19.18 -19.21
N ASN J 41 -50.85 -18.64 -18.56
CA ASN J 41 -49.50 -19.18 -18.67
C ASN J 41 -49.40 -20.43 -17.82
N GLY J 42 -49.31 -21.58 -18.47
CA GLY J 42 -49.25 -22.87 -17.80
C GLY J 42 -50.34 -23.83 -18.20
N VAL J 43 -51.21 -23.44 -19.13
CA VAL J 43 -52.30 -24.30 -19.53
C VAL J 43 -51.83 -25.48 -20.38
N SER J 44 -50.69 -25.37 -21.04
CA SER J 44 -50.12 -26.50 -21.76
C SER J 44 -49.42 -27.49 -20.84
N ASN J 45 -48.94 -27.02 -19.69
CA ASN J 45 -48.32 -27.91 -18.71
C ASN J 45 -49.36 -28.77 -17.99
N LEU J 46 -50.60 -28.28 -17.89
CA LEU J 46 -51.68 -29.07 -17.28
C LEU J 46 -52.21 -30.14 -18.22
N TRP J 47 -52.24 -29.87 -19.52
CA TRP J 47 -52.63 -30.90 -20.48
C TRP J 47 -51.65 -32.06 -20.50
N LYS J 48 -50.37 -31.79 -20.25
CA LYS J 48 -49.39 -32.86 -20.13
C LYS J 48 -49.73 -33.81 -18.99
N ASN J 49 -49.99 -33.26 -17.80
CA ASN J 49 -50.19 -34.07 -16.62
C ASN J 49 -51.58 -34.67 -16.54
N ILE J 50 -52.55 -34.13 -17.29
CA ILE J 50 -53.85 -34.76 -17.42
C ILE J 50 -53.75 -35.99 -18.32
N PHE J 51 -52.89 -35.94 -19.32
CA PHE J 51 -52.66 -37.08 -20.19
C PHE J 51 -51.89 -38.20 -19.47
N LEU J 52 -51.04 -37.83 -18.52
CA LEU J 52 -50.21 -38.78 -17.78
C LEU J 52 -50.79 -39.10 -16.40
N SER J 53 -52.05 -38.78 -16.15
CA SER J 53 -52.63 -39.05 -14.85
C SER J 53 -52.85 -40.54 -14.66
N LYS J 54 -53.12 -40.92 -13.41
CA LYS J 54 -53.04 -42.31 -13.00
C LYS J 54 -54.14 -43.17 -13.60
N GLU J 55 -55.37 -42.66 -13.68
CA GLU J 55 -56.46 -43.47 -14.25
C GLU J 55 -56.36 -43.61 -15.76
N ASN J 56 -55.73 -42.65 -16.45
CA ASN J 56 -55.47 -42.80 -17.87
C ASN J 56 -54.33 -43.76 -18.13
N SER J 57 -53.25 -43.68 -17.33
CA SER J 57 -52.12 -44.56 -17.51
C SER J 57 -52.43 -46.00 -17.12
N ALA J 58 -53.36 -46.21 -16.20
CA ALA J 58 -53.76 -47.56 -15.84
C ALA J 58 -54.44 -48.27 -17.00
N VAL J 59 -55.24 -47.56 -17.77
CA VAL J 59 -55.89 -48.16 -18.94
C VAL J 59 -54.85 -48.54 -19.99
N ALA J 60 -53.75 -47.81 -20.05
CA ALA J 60 -52.70 -48.10 -21.03
C ALA J 60 -51.85 -49.28 -20.60
N ALA J 61 -51.51 -49.37 -19.32
CA ALA J 61 -50.62 -50.41 -18.83
C ALA J 61 -51.24 -51.81 -18.89
N LYS J 62 -52.55 -51.92 -19.01
CA LYS J 62 -53.20 -53.22 -19.14
C LYS J 62 -53.02 -53.83 -20.53
N GLU J 63 -52.72 -53.02 -21.55
CA GLU J 63 -52.47 -53.51 -22.91
C GLU J 63 -50.99 -53.46 -23.28
N GLY J 64 -50.11 -53.07 -22.36
CA GLY J 64 -48.70 -53.01 -22.65
C GLY J 64 -48.24 -51.72 -23.29
N LEU J 65 -48.75 -50.59 -22.82
CA LEU J 65 -48.50 -49.27 -23.42
C LEU J 65 -47.91 -48.33 -22.39
N ALA J 66 -46.94 -47.53 -22.83
CA ALA J 66 -46.32 -46.48 -22.03
C ALA J 66 -46.55 -45.13 -22.69
N LEU J 67 -46.74 -44.11 -21.86
CA LEU J 67 -47.08 -42.77 -22.30
C LEU J 67 -45.95 -41.79 -22.00
N SER J 68 -45.88 -40.74 -22.80
CA SER J 68 -44.92 -39.65 -22.61
C SER J 68 -45.50 -38.37 -23.18
N SER J 69 -44.89 -37.25 -22.80
CA SER J 69 -45.29 -35.94 -23.30
C SER J 69 -44.19 -34.93 -23.00
N ASN J 70 -44.17 -33.85 -23.78
CA ASN J 70 -43.13 -32.84 -23.68
C ASN J 70 -43.69 -31.49 -24.12
N ILE J 71 -43.43 -30.46 -23.33
CA ILE J 71 -43.89 -29.09 -23.60
C ILE J 71 -42.68 -28.22 -23.83
N SER J 72 -42.66 -27.52 -24.96
CA SER J 72 -41.61 -26.56 -25.29
C SER J 72 -42.23 -25.26 -25.78
N ARG J 73 -41.41 -24.33 -26.26
CA ARG J 73 -41.90 -23.02 -26.68
C ARG J 73 -42.65 -23.07 -28.01
N ASP J 74 -42.23 -23.92 -28.95
CA ASP J 74 -42.82 -23.95 -30.28
C ASP J 74 -43.69 -25.18 -30.55
N PHE J 75 -43.70 -26.19 -29.69
CA PHE J 75 -44.47 -27.39 -29.99
C PHE J 75 -44.80 -28.15 -28.71
N GLN J 76 -45.72 -29.11 -28.87
CA GLN J 76 -46.17 -30.02 -27.83
C GLN J 76 -46.31 -31.41 -28.42
N SER J 77 -46.19 -32.42 -27.56
CA SER J 77 -46.10 -33.81 -28.01
C SER J 77 -46.85 -34.72 -27.07
N TYR J 78 -47.44 -35.77 -27.65
CA TYR J 78 -48.13 -36.82 -26.90
C TYR J 78 -47.84 -38.16 -27.59
N ILE J 79 -47.01 -38.98 -26.97
CA ILE J 79 -46.47 -40.20 -27.57
C ILE J 79 -47.01 -41.42 -26.85
N VAL J 80 -47.21 -42.50 -27.62
CA VAL J 80 -47.54 -43.83 -27.09
C VAL J 80 -46.52 -44.81 -27.63
N SER J 81 -46.03 -45.70 -26.77
CA SER J 81 -45.02 -46.69 -27.11
C SER J 81 -45.56 -48.10 -26.85
N SER J 82 -45.03 -49.05 -27.60
CA SER J 82 -45.52 -50.42 -27.57
C SER J 82 -44.46 -51.34 -28.17
N LEU J 83 -44.72 -52.65 -28.09
CA LEU J 83 -43.91 -53.60 -28.81
C LEU J 83 -44.20 -53.52 -30.30
N PRO J 84 -43.31 -54.03 -31.15
CA PRO J 84 -43.48 -53.84 -32.60
C PRO J 84 -44.74 -54.48 -33.16
N GLY J 85 -45.21 -55.58 -32.60
CA GLY J 85 -46.41 -56.24 -33.07
C GLY J 85 -47.67 -55.85 -32.33
N SER J 86 -47.70 -54.63 -31.80
CA SER J 86 -48.88 -54.15 -31.06
C SER J 86 -49.19 -52.68 -31.36
N THR J 87 -48.76 -52.17 -32.51
CA THR J 87 -48.94 -50.76 -32.84
C THR J 87 -50.36 -50.41 -33.24
N ASP J 88 -51.21 -51.40 -33.47
CA ASP J 88 -52.61 -51.13 -33.77
C ASP J 88 -53.37 -50.69 -32.53
N LYS J 89 -53.00 -51.21 -31.36
CA LYS J 89 -53.59 -50.76 -30.11
C LYS J 89 -53.14 -49.35 -29.73
N SER J 90 -51.94 -48.95 -30.14
CA SER J 90 -51.45 -47.62 -29.82
C SER J 90 -52.34 -46.54 -30.44
N LEU J 91 -52.82 -46.76 -31.67
CA LEU J 91 -53.65 -45.77 -32.34
C LEU J 91 -55.05 -45.70 -31.76
N ASP J 92 -55.61 -46.83 -31.34
CA ASP J 92 -56.93 -46.81 -30.73
C ASP J 92 -56.94 -46.03 -29.42
N PHE J 93 -55.92 -46.22 -28.58
CA PHE J 93 -55.84 -45.47 -27.33
C PHE J 93 -55.74 -43.98 -27.60
N LEU J 94 -54.95 -43.59 -28.60
CA LEU J 94 -54.84 -42.18 -28.96
C LEU J 94 -56.13 -41.65 -29.56
N ASN J 95 -56.99 -42.52 -30.08
CA ASN J 95 -58.25 -42.09 -30.66
C ASN J 95 -59.24 -41.65 -29.59
N GLN J 96 -59.32 -42.39 -28.48
CA GLN J 96 -60.25 -42.09 -27.40
C GLN J 96 -59.65 -41.20 -26.33
N SER J 97 -58.71 -40.32 -26.69
CA SER J 97 -58.16 -39.34 -25.76
C SER J 97 -58.09 -37.94 -26.36
N PHE J 98 -58.00 -37.85 -27.69
CA PHE J 98 -57.94 -36.56 -28.38
C PHE J 98 -59.08 -36.39 -29.39
N ILE J 99 -59.29 -37.36 -30.26
CA ILE J 99 -60.36 -37.25 -31.25
C ILE J 99 -61.71 -37.44 -30.59
N GLN J 100 -61.79 -38.34 -29.61
CA GLN J 100 -62.99 -38.58 -28.85
C GLN J 100 -62.67 -38.59 -27.36
N GLN J 101 -63.64 -38.16 -26.57
CA GLN J 101 -63.68 -38.42 -25.12
C GLN J 101 -62.45 -37.88 -24.40
N LYS J 102 -62.33 -36.55 -24.40
CA LYS J 102 -61.44 -35.84 -23.49
C LYS J 102 -62.25 -35.01 -22.51
N ALA J 103 -63.41 -35.55 -22.11
CA ALA J 103 -64.23 -35.00 -21.04
C ALA J 103 -64.24 -35.87 -19.80
N ASN J 104 -64.10 -37.19 -19.97
CA ASN J 104 -63.85 -38.09 -18.85
C ASN J 104 -62.56 -37.77 -18.12
N LEU J 105 -61.59 -37.17 -18.81
CA LEU J 105 -60.31 -36.81 -18.20
C LEU J 105 -60.39 -35.50 -17.42
N LEU J 106 -61.33 -34.62 -17.76
CA LEU J 106 -61.47 -33.31 -17.14
C LEU J 106 -62.60 -33.29 -16.13
N SER J 107 -62.80 -34.39 -15.42
CA SER J 107 -63.72 -34.43 -14.31
C SER J 107 -63.21 -33.54 -13.17
N SER J 108 -64.08 -33.34 -12.17
CA SER J 108 -63.74 -32.45 -11.07
C SER J 108 -62.65 -33.07 -10.19
N SER J 109 -62.76 -34.35 -9.88
CA SER J 109 -61.78 -34.99 -9.02
C SER J 109 -60.43 -35.13 -9.70
N ASN J 110 -60.41 -35.37 -10.99
CA ASN J 110 -59.15 -35.53 -11.72
C ASN J 110 -58.44 -34.21 -11.97
N PHE J 111 -59.16 -33.09 -11.96
CA PHE J 111 -58.57 -31.79 -12.23
C PHE J 111 -58.00 -31.14 -10.97
N GLU J 112 -58.60 -31.39 -9.81
CA GLU J 112 -58.09 -30.79 -8.58
C GLU J 112 -56.82 -31.50 -8.10
N ALA J 113 -56.79 -32.82 -8.19
CA ALA J 113 -55.59 -33.55 -7.79
C ALA J 113 -54.43 -33.29 -8.74
N THR J 114 -54.73 -33.09 -10.02
CA THR J 114 -53.70 -32.80 -11.01
C THR J 114 -53.13 -31.39 -10.81
N LYS J 115 -54.00 -30.43 -10.54
CA LYS J 115 -53.57 -29.07 -10.27
C LYS J 115 -52.64 -29.01 -9.05
N LYS J 116 -53.04 -29.64 -7.94
CA LYS J 116 -52.20 -29.66 -6.75
C LYS J 116 -50.84 -30.29 -7.01
N SER J 117 -50.76 -31.26 -7.93
CA SER J 117 -49.50 -31.87 -8.28
C SER J 117 -48.61 -30.95 -9.09
N VAL J 118 -49.19 -30.05 -9.88
CA VAL J 118 -48.40 -29.16 -10.72
C VAL J 118 -47.94 -27.94 -9.93
N LEU J 119 -48.74 -27.48 -8.97
CA LEU J 119 -48.32 -26.35 -8.14
C LEU J 119 -47.13 -26.71 -7.26
N LYS J 120 -46.93 -27.98 -6.94
CA LYS J 120 -45.82 -28.43 -6.12
C LYS J 120 -44.56 -28.67 -6.94
N GLN J 121 -44.69 -28.96 -8.24
CA GLN J 121 -43.53 -29.10 -9.10
C GLN J 121 -42.89 -27.74 -9.37
N VAL J 122 -43.71 -26.73 -9.66
CA VAL J 122 -43.22 -25.41 -10.01
C VAL J 122 -42.68 -24.67 -8.79
N GLN J 123 -43.11 -25.06 -7.59
CA GLN J 123 -42.59 -24.45 -6.37
C GLN J 123 -41.21 -24.98 -6.03
N ASP J 124 -41.01 -26.29 -6.14
CA ASP J 124 -39.70 -26.89 -5.93
C ASP J 124 -38.70 -26.52 -7.02
N PHE J 125 -39.18 -26.18 -8.21
CA PHE J 125 -38.30 -25.75 -9.29
C PHE J 125 -37.72 -24.37 -9.02
N GLU J 126 -38.53 -23.46 -8.48
CA GLU J 126 -38.11 -22.10 -8.23
C GLU J 126 -37.23 -21.95 -6.99
N GLU J 127 -37.04 -23.00 -6.20
CA GLU J 127 -36.31 -22.93 -4.94
C GLU J 127 -35.10 -23.83 -4.86
N ASN J 128 -34.89 -24.73 -5.83
CA ASN J 128 -33.84 -25.74 -5.75
C ASN J 128 -33.03 -25.88 -7.04
N ASP J 129 -33.63 -25.57 -8.18
CA ASP J 129 -33.00 -25.78 -9.49
C ASP J 129 -32.56 -24.42 -10.02
N HIS J 130 -31.35 -24.02 -9.67
CA HIS J 130 -30.83 -22.69 -9.93
C HIS J 130 -30.28 -22.50 -11.35
N PRO J 131 -29.57 -23.48 -11.93
CA PRO J 131 -29.11 -23.28 -13.31
C PRO J 131 -30.21 -23.11 -14.32
N ASN J 132 -31.31 -23.86 -14.18
CA ASN J 132 -32.37 -23.83 -15.16
C ASN J 132 -33.32 -22.64 -14.99
N ARG J 133 -33.50 -22.14 -13.77
CA ARG J 133 -34.38 -20.99 -13.58
C ARG J 133 -33.70 -19.67 -13.89
N VAL J 134 -32.36 -19.63 -13.90
CA VAL J 134 -31.65 -18.45 -14.35
C VAL J 134 -31.67 -18.35 -15.88
N LEU J 135 -31.68 -19.49 -16.56
CA LEU J 135 -31.81 -19.50 -18.01
C LEU J 135 -33.24 -19.17 -18.45
N GLU J 136 -34.23 -19.47 -17.61
CA GLU J 136 -35.59 -19.04 -17.89
C GLU J 136 -35.75 -17.53 -17.74
N HIS J 137 -35.10 -16.94 -16.74
CA HIS J 137 -35.15 -15.50 -16.54
C HIS J 137 -34.41 -14.75 -17.64
N LEU J 138 -33.44 -15.38 -18.29
CA LEU J 138 -32.77 -14.79 -19.44
C LEU J 138 -33.74 -14.60 -20.60
N HIS J 139 -34.54 -15.62 -20.91
CA HIS J 139 -35.56 -15.48 -21.94
C HIS J 139 -36.60 -14.44 -21.57
N SER J 140 -36.83 -14.21 -20.29
CA SER J 140 -37.87 -13.33 -19.82
C SER J 140 -37.50 -11.85 -19.86
N THR J 141 -36.21 -11.51 -19.79
CA THR J 141 -35.77 -10.14 -19.94
C THR J 141 -35.29 -9.81 -21.35
N ALA J 142 -34.76 -10.80 -22.08
CA ALA J 142 -34.31 -10.58 -23.45
C ALA J 142 -35.46 -10.37 -24.42
N PHE J 143 -36.61 -10.99 -24.17
CA PHE J 143 -37.75 -10.95 -25.07
C PHE J 143 -38.96 -10.38 -24.35
N GLN J 144 -38.75 -9.45 -23.43
CA GLN J 144 -39.84 -8.93 -22.60
C GLN J 144 -40.92 -8.26 -23.43
N ASN J 145 -42.16 -8.49 -23.02
CA ASN J 145 -43.36 -7.97 -23.68
C ASN J 145 -43.58 -8.58 -25.05
N THR J 146 -43.07 -9.79 -25.29
CA THR J 146 -43.30 -10.56 -26.50
C THR J 146 -43.65 -11.98 -26.10
N PRO J 147 -44.18 -12.79 -27.03
CA PRO J 147 -44.62 -14.15 -26.65
C PRO J 147 -43.50 -15.08 -26.22
N LEU J 148 -42.27 -14.82 -26.67
CA LEU J 148 -41.14 -15.71 -26.41
C LEU J 148 -40.55 -15.55 -25.02
N SER J 149 -41.15 -14.74 -24.15
CA SER J 149 -40.69 -14.53 -22.79
C SER J 149 -41.35 -15.44 -21.77
N LEU J 150 -42.44 -16.10 -22.11
CA LEU J 150 -43.22 -16.77 -21.08
C LEU J 150 -42.58 -18.10 -20.70
N PRO J 151 -42.57 -18.49 -19.42
CA PRO J 151 -41.97 -19.78 -19.06
C PRO J 151 -42.87 -20.95 -19.43
N THR J 152 -42.23 -22.08 -19.74
CA THR J 152 -42.93 -23.25 -20.26
C THR J 152 -43.72 -24.00 -19.20
N ARG J 153 -43.32 -23.93 -17.94
CA ARG J 153 -44.06 -24.57 -16.86
C ARG J 153 -45.19 -23.71 -16.32
N GLY J 154 -45.15 -22.41 -16.56
CA GLY J 154 -46.06 -21.49 -15.92
C GLY J 154 -45.46 -20.92 -14.65
N THR J 155 -46.22 -20.01 -14.05
CA THR J 155 -45.87 -19.40 -12.77
C THR J 155 -46.90 -19.81 -11.73
N LEU J 156 -46.54 -19.59 -10.46
CA LEU J 156 -47.41 -19.94 -9.36
C LEU J 156 -48.59 -18.99 -9.25
N GLU J 157 -48.47 -17.78 -9.78
CA GLU J 157 -49.54 -16.80 -9.69
C GLU J 157 -50.59 -16.99 -10.78
N SER J 158 -50.17 -17.40 -11.97
CA SER J 158 -51.09 -17.65 -13.07
C SER J 158 -51.69 -19.04 -13.04
N LEU J 159 -51.03 -20.01 -12.41
CA LEU J 159 -51.55 -21.36 -12.33
C LEU J 159 -52.76 -21.47 -11.42
N GLU J 160 -52.79 -20.69 -10.33
CA GLU J 160 -53.86 -20.81 -9.34
C GLU J 160 -55.20 -20.36 -9.89
N ASN J 161 -55.21 -19.51 -10.93
CA ASN J 161 -56.45 -18.96 -11.48
C ASN J 161 -56.86 -19.64 -12.78
N LEU J 162 -56.57 -20.94 -12.89
CA LEU J 162 -56.94 -21.74 -14.06
C LEU J 162 -58.05 -22.71 -13.68
N VAL J 163 -59.13 -22.70 -14.45
CA VAL J 163 -60.27 -23.58 -14.25
C VAL J 163 -60.42 -24.48 -15.47
N VAL J 164 -61.41 -25.37 -15.44
CA VAL J 164 -61.57 -26.34 -16.52
C VAL J 164 -61.86 -25.65 -17.84
N ALA J 165 -62.62 -24.56 -17.81
CA ALA J 165 -62.99 -23.86 -19.03
C ALA J 165 -61.78 -23.32 -19.77
N ASP J 166 -60.70 -23.00 -19.04
CA ASP J 166 -59.48 -22.52 -19.68
C ASP J 166 -58.79 -23.65 -20.44
N LEU J 167 -58.95 -24.89 -19.99
CA LEU J 167 -58.37 -26.03 -20.68
C LEU J 167 -59.14 -26.33 -21.97
N GLU J 168 -60.46 -26.21 -21.94
CA GLU J 168 -61.28 -26.53 -23.10
C GLU J 168 -61.18 -25.45 -24.18
N SER J 169 -61.07 -24.19 -23.78
CA SER J 169 -60.90 -23.11 -24.75
C SER J 169 -59.59 -23.24 -25.51
N PHE J 170 -58.51 -23.60 -24.81
CA PHE J 170 -57.20 -23.70 -25.45
C PHE J 170 -57.15 -24.86 -26.44
N ALA J 171 -57.94 -25.91 -26.21
CA ALA J 171 -57.94 -27.04 -27.11
C ALA J 171 -58.71 -26.77 -28.39
N ASN J 172 -59.81 -26.01 -28.30
CA ASN J 172 -60.60 -25.72 -29.49
C ASN J 172 -59.84 -24.85 -30.48
N ASN J 173 -58.87 -24.07 -30.00
CA ASN J 173 -58.17 -23.12 -30.85
C ASN J 173 -56.84 -23.64 -31.39
N HIS J 174 -56.30 -24.72 -30.83
CA HIS J 174 -54.93 -25.15 -31.15
C HIS J 174 -54.78 -26.63 -31.48
N PHE J 175 -55.62 -27.51 -30.96
CA PHE J 175 -55.52 -28.94 -31.25
C PHE J 175 -56.31 -29.24 -32.53
N LEU J 176 -55.72 -28.83 -33.65
CA LEU J 176 -56.37 -28.84 -34.95
C LEU J 176 -55.57 -29.68 -35.95
N ASN J 177 -56.29 -30.22 -36.93
CA ASN J 177 -55.66 -31.03 -37.96
C ASN J 177 -54.71 -30.21 -38.83
N SER J 178 -54.99 -28.93 -39.01
CA SER J 178 -54.10 -28.03 -39.73
C SER J 178 -52.80 -27.75 -38.96
N ASN J 179 -52.77 -28.03 -37.67
CA ASN J 179 -51.64 -27.73 -36.80
C ASN J 179 -51.00 -28.98 -36.22
N ALA J 180 -51.15 -30.13 -36.88
CA ALA J 180 -50.82 -31.42 -36.30
C ALA J 180 -50.04 -32.27 -37.28
N VAL J 181 -49.16 -33.11 -36.72
CA VAL J 181 -48.41 -34.11 -37.48
C VAL J 181 -48.45 -35.42 -36.71
N VAL J 182 -48.81 -36.49 -37.39
CA VAL J 182 -48.78 -37.83 -36.83
C VAL J 182 -47.46 -38.49 -37.20
N VAL J 183 -46.75 -39.00 -36.19
CA VAL J 183 -45.38 -39.47 -36.35
C VAL J 183 -45.29 -40.94 -35.96
N GLY J 184 -44.24 -41.58 -36.46
CA GLY J 184 -43.96 -42.97 -36.16
C GLY J 184 -42.47 -43.25 -36.30
N THR J 185 -41.89 -43.89 -35.30
CA THR J 185 -40.47 -44.18 -35.27
C THR J 185 -40.24 -45.58 -34.73
N GLY J 186 -39.04 -46.08 -34.98
CA GLY J 186 -38.67 -47.41 -34.54
C GLY J 186 -39.00 -48.46 -35.58
N ASN J 187 -39.53 -49.60 -35.13
CA ASN J 187 -39.88 -50.72 -36.00
C ASN J 187 -41.34 -50.59 -36.41
N ILE J 188 -41.59 -49.74 -37.40
CA ILE J 188 -42.93 -49.55 -37.94
C ILE J 188 -42.80 -49.13 -39.40
N LYS J 189 -43.54 -49.79 -40.28
CA LYS J 189 -43.49 -49.48 -41.69
C LYS J 189 -44.41 -48.31 -42.01
N HIS J 190 -43.99 -47.52 -43.01
CA HIS J 190 -44.70 -46.30 -43.36
C HIS J 190 -46.09 -46.59 -43.90
N GLU J 191 -46.26 -47.66 -44.66
CA GLU J 191 -47.54 -47.94 -45.30
C GLU J 191 -48.52 -48.61 -44.34
N ASP J 192 -48.01 -49.36 -43.36
CA ASP J 192 -48.87 -49.95 -42.34
C ASP J 192 -49.49 -48.89 -41.43
N LEU J 193 -48.83 -47.75 -41.24
CA LEU J 193 -49.37 -46.69 -40.39
C LEU J 193 -50.48 -45.92 -41.09
N VAL J 194 -50.30 -45.61 -42.38
CA VAL J 194 -51.28 -44.78 -43.08
C VAL J 194 -52.55 -45.57 -43.37
N ASN J 195 -52.43 -46.86 -43.69
CA ASN J 195 -53.62 -47.67 -43.91
C ASN J 195 -54.41 -47.91 -42.64
N SER J 196 -53.74 -47.95 -41.48
CA SER J 196 -54.45 -48.04 -40.22
C SER J 196 -55.24 -46.76 -39.92
N ILE J 197 -54.71 -45.61 -40.34
CA ILE J 197 -55.43 -44.36 -40.11
C ILE J 197 -56.59 -44.21 -41.09
N GLU J 198 -56.42 -44.70 -42.33
CA GLU J 198 -57.49 -44.61 -43.32
C GLU J 198 -58.68 -45.51 -42.99
N SER J 199 -58.47 -46.58 -42.23
CA SER J 199 -59.53 -47.51 -41.89
C SER J 199 -60.41 -47.03 -40.74
N LYS J 200 -60.23 -45.79 -40.29
CA LYS J 200 -60.95 -45.26 -39.13
C LYS J 200 -61.60 -43.90 -39.37
N ASN J 201 -61.20 -43.15 -40.40
CA ASN J 201 -61.80 -41.86 -40.73
C ASN J 201 -61.62 -40.87 -39.58
N LEU J 202 -60.37 -40.68 -39.17
CA LEU J 202 -60.08 -39.79 -38.05
C LEU J 202 -60.01 -38.33 -38.50
N SER J 203 -60.33 -37.44 -37.56
CA SER J 203 -60.21 -36.00 -37.78
C SER J 203 -60.26 -35.32 -36.42
N LEU J 204 -59.18 -34.65 -36.03
CA LEU J 204 -59.14 -34.03 -34.71
C LEU J 204 -60.08 -32.82 -34.66
N GLN J 205 -59.72 -31.78 -35.41
CA GLN J 205 -60.51 -30.57 -35.62
C GLN J 205 -59.93 -29.95 -36.87
N THR J 206 -60.68 -29.06 -37.51
CA THR J 206 -60.36 -28.71 -38.89
C THR J 206 -59.15 -27.79 -39.04
N GLY J 207 -59.21 -26.54 -38.58
CA GLY J 207 -58.03 -25.70 -38.68
C GLY J 207 -58.32 -24.23 -38.46
N THR J 208 -57.38 -23.41 -38.94
CA THR J 208 -57.35 -21.96 -38.76
C THR J 208 -57.22 -21.57 -37.29
N LYS J 209 -56.05 -21.87 -36.71
CA LYS J 209 -55.67 -21.40 -35.39
C LYS J 209 -55.54 -19.87 -35.37
N PRO J 210 -55.39 -19.26 -34.19
CA PRO J 210 -55.27 -17.79 -34.13
C PRO J 210 -54.03 -17.26 -34.83
N VAL J 211 -53.89 -15.93 -34.76
CA VAL J 211 -53.01 -15.19 -35.65
C VAL J 211 -51.69 -14.79 -35.01
N LEU J 212 -51.64 -14.61 -33.69
CA LEU J 212 -50.42 -14.22 -32.99
C LEU J 212 -49.92 -12.85 -33.46
N LYS J 213 -50.31 -11.81 -32.72
CA LYS J 213 -50.09 -10.43 -33.16
C LYS J 213 -48.62 -10.06 -33.27
N LYS J 214 -47.91 -10.04 -32.14
CA LYS J 214 -46.58 -9.48 -32.08
C LYS J 214 -45.51 -10.48 -32.46
N LYS J 215 -44.42 -9.96 -33.01
CA LYS J 215 -43.21 -10.73 -33.29
C LYS J 215 -42.27 -10.65 -32.11
N ALA J 216 -41.28 -11.54 -32.14
CA ALA J 216 -40.24 -11.55 -31.11
C ALA J 216 -39.20 -10.47 -31.39
N ALA J 217 -38.83 -9.74 -30.36
CA ALA J 217 -37.85 -8.67 -30.45
C ALA J 217 -36.89 -8.74 -29.28
N PHE J 218 -35.60 -8.77 -29.60
CA PHE J 218 -34.54 -8.79 -28.59
C PHE J 218 -34.32 -7.40 -28.01
N LEU J 219 -34.20 -7.34 -26.69
CA LEU J 219 -33.87 -6.11 -25.97
C LEU J 219 -32.70 -6.36 -25.03
N GLY J 220 -31.73 -5.47 -25.07
CA GLY J 220 -30.60 -5.54 -24.16
C GLY J 220 -31.00 -5.08 -22.78
N SER J 221 -30.75 -5.90 -21.76
CA SER J 221 -31.36 -5.73 -20.46
C SER J 221 -30.66 -6.65 -19.47
N GLU J 222 -31.05 -6.55 -18.20
CA GLU J 222 -30.53 -7.43 -17.17
C GLU J 222 -31.57 -7.60 -16.06
N VAL J 223 -31.47 -8.71 -15.36
CA VAL J 223 -32.28 -8.98 -14.17
C VAL J 223 -31.41 -9.70 -13.15
N ARG J 224 -31.41 -9.20 -11.92
CA ARG J 224 -30.58 -9.71 -10.84
C ARG J 224 -31.46 -10.16 -9.69
N LEU J 225 -31.25 -11.40 -9.23
CA LEU J 225 -31.99 -11.99 -8.11
C LEU J 225 -30.98 -12.40 -7.04
N ARG J 226 -30.62 -11.43 -6.19
CA ARG J 226 -29.55 -11.63 -5.23
C ARG J 226 -30.04 -12.42 -4.01
N ASP J 227 -29.25 -13.41 -3.61
CA ASP J 227 -29.55 -14.23 -2.43
C ASP J 227 -28.23 -14.62 -1.79
N ASP J 228 -27.91 -13.98 -0.67
CA ASP J 228 -26.63 -14.18 -0.01
C ASP J 228 -26.61 -15.43 0.87
N THR J 229 -27.72 -16.14 1.01
CA THR J 229 -27.76 -17.39 1.77
C THR J 229 -27.32 -18.61 0.95
N LEU J 230 -27.30 -18.50 -0.40
CA LEU J 230 -26.89 -19.60 -1.25
C LEU J 230 -25.37 -19.62 -1.41
N PRO J 231 -24.76 -20.78 -1.73
CA PRO J 231 -23.30 -20.87 -1.69
C PRO J 231 -22.55 -20.63 -3.00
N LYS J 232 -23.21 -20.29 -4.09
CA LYS J 232 -22.54 -20.10 -5.37
C LYS J 232 -23.13 -18.86 -6.06
N ALA J 233 -22.58 -18.55 -7.22
CA ALA J 233 -23.14 -17.60 -8.16
C ALA J 233 -23.41 -18.30 -9.48
N TRP J 234 -24.64 -18.19 -9.97
CA TRP J 234 -25.06 -18.74 -11.26
C TRP J 234 -25.37 -17.59 -12.20
N ILE J 235 -24.76 -17.60 -13.39
CA ILE J 235 -24.84 -16.50 -14.35
C ILE J 235 -25.06 -17.05 -15.75
N SER J 236 -25.89 -16.36 -16.54
CA SER J 236 -26.07 -16.60 -17.96
C SER J 236 -26.03 -15.28 -18.73
N LEU J 237 -25.51 -15.35 -19.96
CA LEU J 237 -25.22 -14.17 -20.77
C LEU J 237 -25.34 -14.53 -22.24
N ALA J 238 -26.04 -13.71 -23.02
CA ALA J 238 -26.26 -14.05 -24.43
C ALA J 238 -26.47 -12.79 -25.27
N VAL J 239 -26.28 -12.96 -26.58
CA VAL J 239 -26.66 -12.00 -27.61
C VAL J 239 -27.78 -12.58 -28.46
N GLU J 240 -28.28 -11.79 -29.39
CA GLU J 240 -29.26 -12.26 -30.36
C GLU J 240 -28.57 -13.14 -31.40
N GLY J 241 -29.20 -14.27 -31.70
CA GLY J 241 -28.67 -15.25 -32.64
C GLY J 241 -29.59 -15.57 -33.79
N GLU J 242 -29.46 -16.78 -34.30
CA GLU J 242 -30.08 -17.23 -35.54
C GLU J 242 -31.37 -17.99 -35.29
N PRO J 243 -32.44 -17.78 -36.07
CA PRO J 243 -33.59 -18.69 -36.01
C PRO J 243 -33.36 -19.91 -36.88
N VAL J 244 -34.31 -20.84 -36.82
CA VAL J 244 -34.34 -21.93 -37.78
C VAL J 244 -34.72 -21.38 -39.15
N ASN J 245 -34.36 -22.12 -40.19
CA ASN J 245 -34.50 -21.67 -41.57
C ASN J 245 -33.67 -20.42 -41.83
N SER J 246 -32.53 -20.30 -41.15
CA SER J 246 -31.54 -19.27 -41.39
C SER J 246 -30.37 -19.84 -42.18
N PRO J 247 -29.68 -19.05 -43.01
CA PRO J 247 -28.47 -19.58 -43.68
C PRO J 247 -27.30 -19.79 -42.73
N ASN J 248 -27.23 -19.02 -41.63
CA ASN J 248 -26.13 -19.10 -40.69
C ASN J 248 -26.44 -20.04 -39.52
N TYR J 249 -27.30 -21.03 -39.74
CA TYR J 249 -27.70 -21.92 -38.66
C TYR J 249 -26.53 -22.75 -38.15
N PHE J 250 -25.79 -23.37 -39.07
CA PHE J 250 -24.69 -24.25 -38.69
C PHE J 250 -23.40 -23.50 -38.40
N VAL J 251 -23.29 -22.25 -38.81
CA VAL J 251 -22.11 -21.45 -38.51
C VAL J 251 -22.15 -20.97 -37.08
N ALA J 252 -23.34 -20.64 -36.57
CA ALA J 252 -23.50 -20.30 -35.17
C ALA J 252 -23.30 -21.50 -34.26
N LYS J 253 -23.77 -22.68 -34.68
CA LYS J 253 -23.56 -23.89 -33.90
C LYS J 253 -22.08 -24.26 -33.82
N LEU J 254 -21.32 -24.00 -34.87
CA LEU J 254 -19.90 -24.32 -34.91
C LEU J 254 -19.09 -23.36 -34.06
N ALA J 255 -19.50 -22.10 -33.97
CA ALA J 255 -18.78 -21.12 -33.18
C ALA J 255 -18.96 -21.33 -31.69
N ALA J 256 -20.03 -21.98 -31.27
CA ALA J 256 -20.21 -22.35 -29.87
C ALA J 256 -19.36 -23.55 -29.48
N GLN J 257 -19.08 -24.43 -30.43
CA GLN J 257 -18.24 -25.59 -30.20
C GLN J 257 -16.77 -25.24 -30.06
N ILE J 258 -16.37 -24.02 -30.45
CA ILE J 258 -14.99 -23.61 -30.34
C ILE J 258 -14.61 -23.37 -28.89
N PHE J 259 -15.54 -22.85 -28.09
CA PHE J 259 -15.34 -22.61 -26.67
C PHE J 259 -15.86 -23.72 -25.78
N GLY J 260 -17.01 -24.30 -26.14
CA GLY J 260 -17.44 -25.59 -25.61
C GLY J 260 -17.86 -25.60 -24.16
N SER J 261 -17.65 -26.75 -23.53
CA SER J 261 -18.12 -27.05 -22.19
C SER J 261 -16.96 -27.51 -21.31
N TYR J 262 -17.08 -27.23 -20.01
CA TYR J 262 -16.01 -27.44 -19.05
C TYR J 262 -16.54 -28.01 -17.75
N ASN J 263 -15.77 -28.91 -17.16
CA ASN J 263 -15.97 -29.37 -15.79
C ASN J 263 -14.61 -29.42 -15.11
N ALA J 264 -14.48 -28.68 -14.01
CA ALA J 264 -13.20 -28.56 -13.32
C ALA J 264 -12.79 -29.84 -12.60
N PHE J 265 -13.73 -30.70 -12.24
CA PHE J 265 -13.44 -31.88 -11.44
C PHE J 265 -13.22 -33.13 -12.28
N GLU J 266 -13.49 -33.09 -13.59
CA GLU J 266 -13.15 -34.18 -14.49
C GLU J 266 -11.75 -33.97 -15.05
N PRO J 267 -10.82 -34.93 -14.95
CA PRO J 267 -9.45 -34.65 -15.41
C PRO J 267 -9.30 -34.42 -16.89
N ALA J 268 -10.04 -35.14 -17.74
CA ALA J 268 -9.87 -35.00 -19.19
C ALA J 268 -10.47 -33.72 -19.74
N SER J 269 -11.43 -33.12 -19.05
CA SER J 269 -12.01 -31.87 -19.50
C SER J 269 -11.07 -30.68 -19.27
N ARG J 270 -10.04 -30.84 -18.45
CA ARG J 270 -9.02 -29.82 -18.25
C ARG J 270 -7.98 -29.79 -19.36
N LEU J 271 -8.00 -30.75 -20.27
CA LEU J 271 -7.00 -30.90 -21.32
C LEU J 271 -7.51 -30.56 -22.71
N GLN J 272 -8.72 -30.02 -22.82
CA GLN J 272 -9.29 -29.68 -24.11
C GLN J 272 -8.52 -28.56 -24.77
N GLY J 273 -8.48 -28.59 -26.11
CA GLY J 273 -7.84 -27.55 -26.89
C GLY J 273 -8.67 -26.29 -26.97
N ILE J 274 -8.83 -25.61 -25.84
CA ILE J 274 -9.57 -24.36 -25.75
C ILE J 274 -8.68 -23.35 -25.05
N LYS J 275 -8.36 -22.26 -25.75
CA LYS J 275 -7.42 -21.26 -25.24
C LYS J 275 -7.92 -20.55 -23.99
N LEU J 276 -9.24 -20.49 -23.79
CA LEU J 276 -9.80 -19.85 -22.62
C LEU J 276 -9.38 -20.54 -21.33
N LEU J 277 -9.05 -21.82 -21.38
CA LEU J 277 -8.75 -22.59 -20.17
C LEU J 277 -7.39 -22.27 -19.59
N ASP J 278 -6.51 -21.61 -20.34
CA ASP J 278 -5.23 -21.19 -19.78
C ASP J 278 -5.37 -20.00 -18.83
N ASN J 279 -6.43 -19.21 -18.95
CA ASN J 279 -6.70 -18.09 -18.06
C ASN J 279 -7.50 -18.50 -16.83
N ILE J 280 -8.43 -19.45 -16.99
CA ILE J 280 -9.36 -19.79 -15.92
C ILE J 280 -8.71 -20.68 -14.86
N GLN J 281 -7.79 -21.54 -15.27
CA GLN J 281 -7.26 -22.57 -14.38
C GLN J 281 -6.17 -22.07 -13.45
N GLU J 282 -5.62 -20.88 -13.69
CA GLU J 282 -4.57 -20.36 -12.82
C GLU J 282 -5.09 -20.08 -11.41
N TYR J 283 -6.25 -19.43 -11.30
CA TYR J 283 -6.87 -19.12 -10.02
C TYR J 283 -8.20 -19.86 -9.82
N GLN J 284 -8.61 -20.71 -10.74
CA GLN J 284 -9.81 -21.53 -10.65
C GLN J 284 -11.05 -20.66 -10.46
N LEU J 285 -11.36 -19.94 -11.53
CA LEU J 285 -12.42 -18.93 -11.49
C LEU J 285 -13.82 -19.53 -11.51
N CYS J 286 -13.98 -20.75 -12.03
CA CYS J 286 -15.30 -21.37 -12.14
C CYS J 286 -15.22 -22.86 -11.84
N ASP J 287 -16.40 -23.45 -11.68
CA ASP J 287 -16.59 -24.90 -11.60
C ASP J 287 -16.97 -25.53 -12.92
N ASN J 288 -17.85 -24.89 -13.69
CA ASN J 288 -18.26 -25.39 -15.00
C ASN J 288 -18.78 -24.24 -15.85
N PHE J 289 -18.70 -24.42 -17.16
CA PHE J 289 -19.42 -23.57 -18.10
C PHE J 289 -19.84 -24.39 -19.31
N ASN J 290 -20.82 -23.87 -20.05
CA ASN J 290 -21.29 -24.46 -21.29
C ASN J 290 -21.78 -23.35 -22.22
N HIS J 291 -21.44 -23.49 -23.50
CA HIS J 291 -21.84 -22.56 -24.54
C HIS J 291 -23.00 -23.14 -25.33
N PHE J 292 -24.01 -22.31 -25.60
CA PHE J 292 -25.22 -22.73 -26.29
C PHE J 292 -25.49 -21.87 -27.51
N SER J 293 -26.24 -22.45 -28.46
CA SER J 293 -26.81 -21.72 -29.59
C SER J 293 -28.24 -22.23 -29.78
N LEU J 294 -29.20 -21.47 -29.28
CA LEU J 294 -30.60 -21.83 -29.31
C LEU J 294 -31.30 -21.12 -30.46
N SER J 295 -32.32 -21.79 -31.01
CA SER J 295 -32.96 -21.38 -32.25
C SER J 295 -34.44 -21.67 -32.17
N TYR J 296 -35.25 -20.67 -32.49
CA TYR J 296 -36.70 -20.79 -32.51
C TYR J 296 -37.27 -20.32 -33.83
N LYS J 297 -38.58 -20.24 -33.93
CA LYS J 297 -39.24 -19.87 -35.17
C LYS J 297 -38.97 -18.43 -35.58
N ASP J 298 -38.77 -17.54 -34.61
CA ASP J 298 -38.67 -16.10 -34.85
C ASP J 298 -37.33 -15.49 -34.46
N SER J 299 -36.55 -16.09 -33.57
CA SER J 299 -35.31 -15.50 -33.11
C SER J 299 -34.45 -16.57 -32.47
N GLY J 300 -33.38 -16.16 -31.80
CA GLY J 300 -32.48 -17.09 -31.14
C GLY J 300 -31.59 -16.40 -30.14
N LEU J 301 -30.73 -17.22 -29.51
CA LEU J 301 -29.80 -16.77 -28.49
C LEU J 301 -28.47 -17.50 -28.64
N TRP J 302 -27.38 -16.79 -28.33
CA TRP J 302 -26.02 -17.31 -28.43
C TRP J 302 -25.24 -16.81 -27.22
N GLY J 303 -24.63 -17.72 -26.47
CA GLY J 303 -23.91 -17.35 -25.27
C GLY J 303 -23.41 -18.47 -24.39
N PHE J 304 -23.42 -18.26 -23.07
CA PHE J 304 -22.87 -19.23 -22.14
C PHE J 304 -23.52 -19.10 -20.77
N SER J 305 -23.40 -20.17 -19.99
CA SER J 305 -23.83 -20.24 -18.60
C SER J 305 -22.68 -20.74 -17.74
N THR J 306 -22.62 -20.27 -16.49
CA THR J 306 -21.52 -20.63 -15.59
C THR J 306 -22.02 -20.69 -14.15
N ALA J 307 -21.28 -21.46 -13.35
CA ALA J 307 -21.48 -21.55 -11.90
C ALA J 307 -20.12 -21.55 -11.23
N THR J 308 -20.00 -20.80 -10.13
CA THR J 308 -18.71 -20.64 -9.48
C THR J 308 -18.88 -20.40 -7.98
N ARG J 309 -17.79 -20.64 -7.26
CA ARG J 309 -17.67 -20.34 -5.85
C ARG J 309 -16.67 -19.24 -5.54
N ASN J 310 -15.84 -18.84 -6.51
CA ASN J 310 -14.94 -17.71 -6.36
C ASN J 310 -15.74 -16.42 -6.55
N VAL J 311 -16.36 -15.98 -5.46
CA VAL J 311 -17.26 -14.83 -5.49
C VAL J 311 -16.52 -13.50 -5.44
N THR J 312 -15.18 -13.50 -5.42
CA THR J 312 -14.39 -12.28 -5.46
C THR J 312 -13.66 -12.05 -6.77
N MET J 313 -13.69 -13.01 -7.70
CA MET J 313 -13.03 -12.92 -8.99
C MET J 313 -14.02 -13.12 -10.13
N ILE J 314 -15.27 -12.70 -9.93
CA ILE J 314 -16.29 -12.84 -10.97
C ILE J 314 -15.97 -11.95 -12.15
N ASP J 315 -15.48 -10.73 -11.89
CA ASP J 315 -15.21 -9.79 -12.97
C ASP J 315 -14.07 -10.23 -13.89
N ASP J 316 -13.13 -11.03 -13.38
CA ASP J 316 -12.07 -11.56 -14.23
C ASP J 316 -12.57 -12.70 -15.12
N LEU J 317 -13.54 -13.48 -14.66
CA LEU J 317 -14.12 -14.54 -15.47
C LEU J 317 -14.92 -14.00 -16.64
N ILE J 318 -15.77 -13.00 -16.38
CA ILE J 318 -16.58 -12.42 -17.44
C ILE J 318 -15.68 -11.68 -18.43
N HIS J 319 -14.64 -11.03 -17.93
CA HIS J 319 -13.71 -10.30 -18.78
C HIS J 319 -12.97 -11.24 -19.72
N PHE J 320 -12.34 -12.29 -19.18
CA PHE J 320 -11.54 -13.17 -20.02
C PHE J 320 -12.38 -13.91 -21.06
N THR J 321 -13.63 -14.21 -20.74
CA THR J 321 -14.47 -14.96 -21.68
C THR J 321 -14.88 -14.09 -22.87
N LEU J 322 -15.18 -12.82 -22.62
CA LEU J 322 -15.58 -11.92 -23.69
C LEU J 322 -14.41 -11.47 -24.58
N LYS J 323 -13.18 -11.55 -24.09
CA LYS J 323 -12.02 -11.25 -24.92
C LYS J 323 -11.70 -12.37 -25.90
N GLN J 324 -12.14 -13.59 -25.63
CA GLN J 324 -12.00 -14.67 -26.60
C GLN J 324 -13.05 -14.58 -27.70
N TRP J 325 -14.25 -14.12 -27.37
CA TRP J 325 -15.28 -13.90 -28.38
C TRP J 325 -14.82 -12.90 -29.43
N ASN J 326 -14.05 -11.89 -29.02
CA ASN J 326 -13.54 -10.90 -29.95
C ASN J 326 -12.66 -11.51 -31.02
N ARG J 327 -11.90 -12.55 -30.68
CA ARG J 327 -11.00 -13.20 -31.61
C ARG J 327 -11.72 -13.81 -32.80
N LEU J 328 -13.03 -14.09 -32.71
CA LEU J 328 -13.75 -14.64 -33.84
C LEU J 328 -13.85 -13.65 -34.99
N THR J 329 -13.75 -12.36 -34.71
CA THR J 329 -13.77 -11.32 -35.72
C THR J 329 -12.39 -10.94 -36.20
N ILE J 330 -11.37 -11.05 -35.34
CA ILE J 330 -10.04 -10.54 -35.60
C ILE J 330 -9.10 -11.67 -35.99
N SER J 331 -8.96 -12.66 -35.10
CA SER J 331 -7.88 -13.64 -35.17
C SER J 331 -8.41 -14.99 -34.70
N VAL J 332 -8.85 -15.83 -35.64
CA VAL J 332 -9.29 -17.19 -35.34
C VAL J 332 -8.56 -18.13 -36.29
N THR J 333 -7.95 -19.17 -35.73
CA THR J 333 -7.02 -20.01 -36.45
C THR J 333 -7.75 -21.10 -37.22
N ASP J 334 -7.11 -21.57 -38.29
CA ASP J 334 -7.67 -22.66 -39.08
C ASP J 334 -7.75 -23.95 -38.28
N THR J 335 -6.83 -24.15 -37.33
CA THR J 335 -6.88 -25.31 -36.47
C THR J 335 -8.12 -25.32 -35.58
N GLU J 336 -8.50 -24.15 -35.08
CA GLU J 336 -9.68 -24.06 -34.22
C GLU J 336 -10.96 -24.36 -34.99
N VAL J 337 -10.96 -24.10 -36.30
CA VAL J 337 -12.16 -24.32 -37.10
C VAL J 337 -12.30 -25.78 -37.50
N GLU J 338 -11.19 -26.50 -37.62
CA GLU J 338 -11.23 -27.92 -38.00
C GLU J 338 -11.52 -28.82 -36.81
N ARG J 339 -11.05 -28.45 -35.62
CA ARG J 339 -11.46 -29.14 -34.41
C ARG J 339 -12.96 -29.07 -34.21
N ALA J 340 -13.53 -27.88 -34.30
CA ALA J 340 -14.95 -27.66 -34.09
C ALA J 340 -15.83 -28.33 -35.14
N LYS J 341 -15.31 -28.57 -36.35
CA LYS J 341 -16.07 -29.31 -37.34
C LYS J 341 -16.24 -30.76 -36.93
N SER J 342 -15.18 -31.37 -36.42
CA SER J 342 -15.22 -32.79 -36.09
C SER J 342 -16.09 -33.06 -34.86
N LEU J 343 -15.99 -32.21 -33.83
CA LEU J 343 -16.76 -32.45 -32.62
C LEU J 343 -18.23 -32.10 -32.79
N LEU J 344 -18.56 -31.12 -33.62
CA LEU J 344 -19.95 -30.83 -33.92
C LEU J 344 -20.65 -31.99 -34.63
N LYS J 345 -19.95 -32.67 -35.53
CA LYS J 345 -20.54 -33.83 -36.19
C LYS J 345 -20.80 -34.96 -35.20
N LEU J 346 -19.89 -35.14 -34.24
CA LEU J 346 -20.12 -36.11 -33.18
C LEU J 346 -21.27 -35.71 -32.28
N GLN J 347 -21.43 -34.42 -32.01
CA GLN J 347 -22.53 -33.96 -31.18
C GLN J 347 -23.88 -34.16 -31.87
N LEU J 348 -23.96 -33.86 -33.16
CA LEU J 348 -25.19 -34.08 -33.90
C LEU J 348 -25.49 -35.55 -34.17
N GLY J 349 -24.46 -36.39 -34.23
CA GLY J 349 -24.69 -37.80 -34.43
C GLY J 349 -25.30 -38.49 -33.23
N GLN J 350 -24.92 -38.07 -32.03
CA GLN J 350 -25.46 -38.66 -30.81
C GLN J 350 -26.91 -38.22 -30.57
N LEU J 351 -27.25 -37.00 -30.97
CA LEU J 351 -28.61 -36.50 -30.77
C LEU J 351 -29.61 -37.21 -31.68
N TYR J 352 -29.24 -37.40 -32.94
CA TYR J 352 -30.14 -37.93 -33.95
C TYR J 352 -30.05 -39.44 -34.12
N GLU J 353 -28.99 -40.09 -33.63
CA GLU J 353 -28.85 -41.54 -33.72
C GLU J 353 -28.72 -42.17 -32.34
N SER J 354 -29.51 -41.68 -31.39
CA SER J 354 -29.67 -42.38 -30.13
C SER J 354 -30.56 -43.59 -30.34
N GLY J 355 -30.76 -44.36 -29.28
CA GLY J 355 -31.54 -45.56 -29.36
C GLY J 355 -33.02 -45.37 -29.09
N ASN J 356 -33.37 -44.24 -28.47
CA ASN J 356 -34.72 -44.05 -27.98
C ASN J 356 -35.64 -43.61 -29.12
N PRO J 357 -36.70 -44.37 -29.44
CA PRO J 357 -37.64 -43.89 -30.46
C PRO J 357 -38.47 -42.70 -29.99
N VAL J 358 -38.52 -42.42 -28.69
CA VAL J 358 -39.31 -41.30 -28.20
C VAL J 358 -38.62 -39.98 -28.49
N ASN J 359 -37.29 -39.95 -28.40
CA ASN J 359 -36.55 -38.74 -28.72
C ASN J 359 -36.59 -38.45 -30.21
N ASP J 360 -36.57 -39.49 -31.04
CA ASP J 360 -36.63 -39.33 -32.48
C ASP J 360 -38.00 -38.88 -32.95
N ALA J 361 -39.06 -39.23 -32.22
CA ALA J 361 -40.40 -38.76 -32.57
C ALA J 361 -40.57 -37.28 -32.30
N ASN J 362 -39.87 -36.73 -31.30
CA ASN J 362 -39.99 -35.31 -31.00
C ASN J 362 -39.21 -34.46 -31.98
N LEU J 363 -38.05 -34.94 -32.41
CA LEU J 363 -37.25 -34.20 -33.39
C LEU J 363 -37.91 -34.19 -34.76
N LEU J 364 -38.48 -35.32 -35.18
CA LEU J 364 -39.09 -35.41 -36.50
C LEU J 364 -40.31 -34.50 -36.62
N GLY J 365 -41.21 -34.55 -35.63
CA GLY J 365 -42.42 -33.77 -35.73
C GLY J 365 -42.19 -32.28 -35.69
N ALA J 366 -41.23 -31.82 -34.90
CA ALA J 366 -40.94 -30.40 -34.82
C ALA J 366 -40.35 -29.87 -36.12
N GLU J 367 -39.53 -30.66 -36.78
CA GLU J 367 -38.89 -30.23 -38.03
C GLU J 367 -39.89 -30.20 -39.18
N VAL J 368 -40.72 -31.23 -39.31
CA VAL J 368 -41.70 -31.26 -40.38
C VAL J 368 -42.74 -30.16 -40.21
N LEU J 369 -43.05 -29.79 -38.97
CA LEU J 369 -44.03 -28.75 -38.72
C LEU J 369 -43.54 -27.36 -39.11
N ILE J 370 -42.22 -27.16 -39.20
CA ILE J 370 -41.64 -25.83 -39.30
C ILE J 370 -40.93 -25.58 -40.62
N LYS J 371 -40.65 -26.62 -41.41
CA LYS J 371 -40.13 -26.44 -42.77
C LYS J 371 -40.71 -27.40 -43.79
N GLY J 372 -41.68 -28.23 -43.43
CA GLY J 372 -42.31 -29.14 -44.36
C GLY J 372 -41.64 -30.48 -44.52
N SER J 373 -40.36 -30.60 -44.21
CA SER J 373 -39.62 -31.85 -44.40
C SER J 373 -38.53 -31.92 -43.36
N LYS J 374 -37.69 -32.96 -43.46
CA LYS J 374 -36.58 -33.19 -42.55
C LYS J 374 -35.30 -33.31 -43.35
N LEU J 375 -34.28 -32.57 -42.94
CA LEU J 375 -32.97 -32.68 -43.57
C LEU J 375 -32.26 -33.93 -43.09
N SER J 376 -31.61 -34.61 -44.03
CA SER J 376 -30.85 -35.80 -43.70
C SER J 376 -29.60 -35.43 -42.90
N LEU J 377 -29.04 -36.42 -42.22
CA LEU J 377 -27.79 -36.24 -41.50
C LEU J 377 -26.59 -36.27 -42.44
N GLY J 378 -26.71 -36.91 -43.60
CA GLY J 378 -25.63 -36.88 -44.56
C GLY J 378 -25.51 -35.58 -45.30
N GLU J 379 -26.63 -34.85 -45.46
CA GLU J 379 -26.60 -33.53 -46.07
C GLU J 379 -26.14 -32.46 -45.10
N ALA J 380 -26.41 -32.64 -43.80
CA ALA J 380 -25.94 -31.68 -42.80
C ALA J 380 -24.44 -31.76 -42.61
N PHE J 381 -23.85 -32.95 -42.74
CA PHE J 381 -22.41 -33.08 -42.62
C PHE J 381 -21.69 -32.36 -43.75
N LYS J 382 -22.25 -32.35 -44.96
CA LYS J 382 -21.62 -31.68 -46.08
C LYS J 382 -21.62 -30.16 -45.92
N LYS J 383 -22.68 -29.60 -45.35
CA LYS J 383 -22.69 -28.17 -45.06
C LYS J 383 -21.64 -27.80 -44.03
N ILE J 384 -21.47 -28.63 -43.00
CA ILE J 384 -20.50 -28.33 -41.95
C ILE J 384 -19.07 -28.37 -42.51
N ASP J 385 -18.80 -29.30 -43.42
CA ASP J 385 -17.47 -29.44 -43.99
C ASP J 385 -17.11 -28.35 -44.98
N ALA J 386 -18.06 -27.49 -45.35
CA ALA J 386 -17.84 -26.42 -46.32
C ALA J 386 -17.76 -25.03 -45.68
N ILE J 387 -17.54 -24.96 -44.37
CA ILE J 387 -17.44 -23.69 -43.66
C ILE J 387 -15.97 -23.32 -43.56
N THR J 388 -15.66 -22.08 -43.88
CA THR J 388 -14.30 -21.57 -43.93
C THR J 388 -14.06 -20.59 -42.78
N VAL J 389 -12.81 -20.15 -42.68
CA VAL J 389 -12.45 -19.17 -41.66
C VAL J 389 -13.08 -17.81 -41.98
N LYS J 390 -13.25 -17.50 -43.26
CA LYS J 390 -13.87 -16.23 -43.63
C LYS J 390 -15.34 -16.18 -43.27
N ASP J 391 -16.03 -17.33 -43.28
CA ASP J 391 -17.44 -17.36 -42.93
C ASP J 391 -17.67 -17.08 -41.46
N VAL J 392 -16.74 -17.46 -40.59
CA VAL J 392 -16.89 -17.23 -39.16
C VAL J 392 -16.70 -15.76 -38.84
N LYS J 393 -15.74 -15.11 -39.50
CA LYS J 393 -15.48 -13.70 -39.26
C LYS J 393 -16.62 -12.81 -39.73
N ALA J 394 -17.24 -13.15 -40.85
CA ALA J 394 -18.38 -12.38 -41.32
C ALA J 394 -19.58 -12.52 -40.40
N TRP J 395 -19.80 -13.73 -39.87
CA TRP J 395 -20.91 -13.94 -38.95
C TRP J 395 -20.69 -13.20 -37.64
N ALA J 396 -19.48 -13.24 -37.11
CA ALA J 396 -19.19 -12.64 -35.82
C ALA J 396 -19.20 -11.12 -35.86
N GLY J 397 -18.66 -10.51 -36.92
CA GLY J 397 -18.69 -9.07 -37.04
C GLY J 397 -20.08 -8.48 -37.15
N LYS J 398 -21.05 -9.29 -37.54
CA LYS J 398 -22.45 -8.90 -37.59
C LYS J 398 -23.17 -9.13 -36.27
N ARG J 399 -22.88 -10.23 -35.59
CA ARG J 399 -23.69 -10.70 -34.48
C ARG J 399 -23.06 -10.48 -33.11
N LEU J 400 -21.74 -10.33 -33.03
CA LEU J 400 -21.02 -10.23 -31.77
C LEU J 400 -20.33 -8.90 -31.54
N TRP J 401 -19.65 -8.35 -32.55
CA TRP J 401 -18.82 -7.17 -32.38
C TRP J 401 -19.68 -5.94 -32.11
N ASP J 402 -19.48 -5.34 -30.93
CA ASP J 402 -20.15 -4.11 -30.51
C ASP J 402 -21.67 -4.24 -30.61
N GLN J 403 -22.20 -5.20 -29.84
CA GLN J 403 -23.62 -5.52 -29.82
C GLN J 403 -24.12 -5.63 -28.40
N ASP J 404 -25.43 -5.41 -28.24
CA ASP J 404 -26.06 -5.44 -26.94
C ASP J 404 -26.17 -6.87 -26.41
N ILE J 405 -26.35 -6.97 -25.09
CA ILE J 405 -26.32 -8.25 -24.39
C ILE J 405 -27.51 -8.34 -23.43
N ALA J 406 -27.83 -9.58 -23.05
CA ALA J 406 -28.81 -9.89 -22.02
C ALA J 406 -28.11 -10.68 -20.93
N ILE J 407 -28.45 -10.37 -19.67
CA ILE J 407 -27.78 -10.94 -18.51
C ILE J 407 -28.84 -11.37 -17.49
N ALA J 408 -28.58 -12.48 -16.81
CA ALA J 408 -29.34 -12.89 -15.64
C ALA J 408 -28.41 -13.57 -14.65
N GLY J 409 -28.75 -13.43 -13.37
CA GLY J 409 -27.94 -14.01 -12.31
C GLY J 409 -28.72 -14.24 -11.05
N THR J 410 -28.18 -15.12 -10.21
CA THR J 410 -28.72 -15.37 -8.88
C THR J 410 -27.63 -15.92 -7.99
N GLY J 411 -27.82 -15.70 -6.69
CA GLY J 411 -26.87 -16.11 -5.68
C GLY J 411 -26.01 -14.98 -5.15
N GLN J 412 -24.72 -15.27 -4.97
CA GLN J 412 -23.74 -14.30 -4.48
C GLN J 412 -23.12 -13.56 -5.67
N ILE J 413 -23.86 -12.57 -6.17
CA ILE J 413 -23.50 -11.83 -7.37
C ILE J 413 -23.22 -10.36 -7.07
N GLU J 414 -22.77 -10.07 -5.84
CA GLU J 414 -22.35 -8.72 -5.50
C GLU J 414 -21.17 -8.28 -6.36
N GLY J 415 -20.27 -9.20 -6.71
CA GLY J 415 -19.12 -8.89 -7.52
C GLY J 415 -19.35 -8.79 -9.01
N LEU J 416 -20.58 -9.00 -9.47
CA LEU J 416 -20.92 -8.82 -10.87
C LEU J 416 -21.19 -7.34 -11.12
N LEU J 417 -20.37 -6.72 -11.97
CA LEU J 417 -20.38 -5.29 -12.15
C LEU J 417 -21.55 -4.85 -13.02
N ASP J 418 -21.67 -3.54 -13.19
CA ASP J 418 -22.76 -2.91 -13.90
C ASP J 418 -22.78 -3.32 -15.37
N TYR J 419 -23.86 -2.93 -16.04
CA TYR J 419 -24.09 -3.31 -17.44
C TYR J 419 -23.03 -2.75 -18.37
N MET J 420 -22.67 -1.47 -18.21
CA MET J 420 -21.81 -0.81 -19.17
C MET J 420 -20.35 -1.20 -19.06
N ARG J 421 -19.89 -1.68 -17.91
CA ARG J 421 -18.56 -2.26 -17.83
C ARG J 421 -18.48 -3.57 -18.58
N ILE J 422 -19.60 -4.27 -18.71
CA ILE J 422 -19.66 -5.54 -19.42
C ILE J 422 -19.96 -5.32 -20.89
N ARG J 423 -20.86 -4.39 -21.20
CA ARG J 423 -21.15 -4.03 -22.58
C ARG J 423 -19.91 -3.55 -23.32
N SER J 424 -19.01 -2.85 -22.64
CA SER J 424 -17.80 -2.33 -23.26
C SER J 424 -16.79 -3.40 -23.64
N ASP J 425 -16.85 -4.57 -23.01
CA ASP J 425 -15.91 -5.64 -23.33
C ASP J 425 -16.25 -6.38 -24.61
N MET J 426 -17.35 -6.04 -25.28
CA MET J 426 -17.76 -6.69 -26.52
C MET J 426 -17.03 -6.16 -27.74
N SER J 427 -16.36 -5.02 -27.63
CA SER J 427 -15.47 -4.53 -28.67
C SER J 427 -14.10 -4.29 -28.04
N MET J 428 -13.06 -4.70 -28.77
CA MET J 428 -11.72 -4.57 -28.23
C MET J 428 -11.32 -3.11 -28.15
N MET J 429 -11.20 -2.45 -29.29
CA MET J 429 -10.80 -1.05 -29.43
C MET J 429 -9.38 -0.77 -28.89
N ARG J 430 -8.63 -1.80 -28.52
CA ARG J 430 -7.17 -1.76 -28.44
C ARG J 430 -6.61 -2.25 -29.78
N TRP J 431 -7.15 -1.67 -30.84
CA TRP J 431 -7.12 -2.28 -32.16
C TRP J 431 -7.49 -1.26 -33.21
N LEU K 1 -10.70 -64.44 -25.73
CA LEU K 1 -11.15 -63.25 -26.42
C LEU K 1 -12.44 -63.49 -27.19
N THR K 2 -13.54 -62.97 -26.66
CA THR K 2 -14.84 -63.04 -27.32
C THR K 2 -15.14 -61.71 -27.97
N VAL K 3 -15.03 -61.65 -29.30
CA VAL K 3 -15.34 -60.46 -30.07
C VAL K 3 -16.73 -60.63 -30.66
N SER K 4 -17.51 -59.55 -30.63
CA SER K 4 -18.89 -59.57 -31.08
C SER K 4 -19.26 -58.17 -31.54
N ALA K 5 -20.08 -58.09 -32.59
CA ALA K 5 -20.39 -56.79 -33.15
C ALA K 5 -21.66 -56.88 -33.99
N ARG K 6 -22.40 -55.77 -34.01
CA ARG K 6 -23.54 -55.57 -34.89
C ARG K 6 -23.24 -54.42 -35.84
N ASP K 7 -23.76 -54.53 -37.05
CA ASP K 7 -23.55 -53.55 -38.11
C ASP K 7 -24.84 -52.76 -38.35
N ALA K 8 -24.79 -51.69 -38.94
CA ALA K 8 -25.92 -50.82 -39.21
C ALA K 8 -25.48 -49.71 -40.16
N PRO K 9 -26.31 -48.97 -40.87
CA PRO K 9 -25.97 -47.85 -41.75
C PRO K 9 -26.13 -46.48 -41.07
N THR K 10 -25.28 -46.21 -40.09
CA THR K 10 -25.26 -44.94 -39.36
C THR K 10 -23.88 -44.31 -39.47
N LYS K 11 -23.71 -43.18 -38.80
CA LYS K 11 -22.48 -42.41 -38.82
C LYS K 11 -21.56 -42.68 -37.63
N ILE K 12 -22.12 -43.03 -36.48
CA ILE K 12 -21.40 -43.09 -35.22
C ILE K 12 -21.23 -44.54 -34.81
N SER K 13 -20.03 -44.88 -34.37
CA SER K 13 -19.69 -46.20 -33.85
C SER K 13 -19.37 -46.12 -32.36
N THR K 14 -19.52 -47.26 -31.69
CA THR K 14 -19.25 -47.38 -30.26
C THR K 14 -18.50 -48.68 -30.03
N LEU K 15 -17.42 -48.62 -29.25
CA LEU K 15 -16.55 -49.75 -28.97
C LEU K 15 -16.32 -49.81 -27.47
N ALA K 16 -16.55 -50.99 -26.88
CA ALA K 16 -16.44 -51.19 -25.45
C ALA K 16 -15.54 -52.38 -25.14
N VAL K 17 -14.85 -52.30 -24.01
CA VAL K 17 -14.05 -53.38 -23.47
C VAL K 17 -14.45 -53.57 -22.01
N LYS K 18 -15.06 -54.71 -21.70
CA LYS K 18 -15.58 -55.00 -20.37
C LYS K 18 -14.64 -55.98 -19.67
N VAL K 19 -14.32 -55.66 -18.42
CA VAL K 19 -13.39 -56.44 -17.60
C VAL K 19 -14.10 -56.85 -16.32
N HIS K 20 -13.95 -58.12 -15.93
CA HIS K 20 -14.46 -58.59 -14.65
C HIS K 20 -13.54 -58.11 -13.53
N GLY K 21 -13.66 -56.82 -13.23
CA GLY K 21 -12.79 -56.17 -12.27
C GLY K 21 -13.49 -55.17 -11.37
N GLY K 22 -14.76 -55.41 -11.08
CA GLY K 22 -15.52 -54.54 -10.23
C GLY K 22 -15.16 -54.71 -8.77
N SER K 23 -15.94 -54.03 -7.92
CA SER K 23 -15.67 -53.97 -6.51
C SER K 23 -15.86 -55.29 -5.79
N ARG K 24 -16.62 -56.22 -6.35
CA ARG K 24 -16.78 -57.53 -5.73
C ARG K 24 -15.55 -58.41 -5.83
N TYR K 25 -14.53 -57.99 -6.59
CA TYR K 25 -13.27 -58.69 -6.71
C TYR K 25 -12.11 -57.92 -6.09
N ALA K 26 -12.40 -56.84 -5.38
CA ALA K 26 -11.35 -55.98 -4.84
C ALA K 26 -10.60 -56.64 -3.70
N THR K 27 -9.28 -56.49 -3.72
CA THR K 27 -8.43 -57.01 -2.66
C THR K 27 -8.47 -56.10 -1.44
N LYS K 28 -8.43 -54.79 -1.65
CA LYS K 28 -8.60 -53.79 -0.62
C LYS K 28 -9.81 -52.92 -0.94
N ASP K 29 -10.31 -52.23 0.07
CA ASP K 29 -11.53 -51.44 -0.05
C ASP K 29 -11.23 -50.18 -0.87
N GLY K 30 -11.79 -50.12 -2.07
CA GLY K 30 -11.66 -48.96 -2.92
C GLY K 30 -10.57 -49.01 -3.97
N VAL K 31 -9.97 -50.18 -4.21
CA VAL K 31 -8.88 -50.24 -5.18
C VAL K 31 -9.41 -50.31 -6.61
N ALA K 32 -10.63 -50.83 -6.81
CA ALA K 32 -11.24 -50.81 -8.13
C ALA K 32 -11.71 -49.41 -8.53
N HIS K 33 -11.83 -48.51 -7.57
CA HIS K 33 -12.21 -47.13 -7.85
C HIS K 33 -11.04 -46.29 -8.29
N LEU K 34 -9.84 -46.56 -7.77
CA LEU K 34 -8.65 -45.82 -8.13
C LEU K 34 -8.00 -46.31 -9.41
N LEU K 35 -8.17 -47.59 -9.76
CA LEU K 35 -7.79 -48.06 -11.09
C LEU K 35 -8.68 -47.46 -12.16
N ASN K 36 -9.96 -47.27 -11.87
CA ASN K 36 -10.89 -46.70 -12.85
C ASN K 36 -10.58 -45.24 -13.14
N ARG K 37 -10.27 -44.46 -12.11
CA ARG K 37 -9.89 -43.07 -12.31
C ARG K 37 -8.46 -42.92 -12.81
N PHE K 38 -7.71 -44.01 -12.89
CA PHE K 38 -6.37 -44.00 -13.44
C PHE K 38 -6.33 -44.32 -14.93
N ASN K 39 -7.35 -44.97 -15.47
CA ASN K 39 -7.39 -45.26 -16.90
C ASN K 39 -7.43 -43.97 -17.70
N PHE K 40 -6.79 -44.01 -18.87
CA PHE K 40 -6.69 -42.88 -19.80
C PHE K 40 -5.81 -41.76 -19.24
N GLN K 41 -4.85 -42.11 -18.39
CA GLN K 41 -3.74 -41.26 -18.03
C GLN K 41 -2.59 -41.53 -18.99
N ASN K 42 -1.39 -41.07 -18.67
CA ASN K 42 -0.24 -41.27 -19.54
C ASN K 42 0.11 -42.75 -19.68
N THR K 43 0.48 -43.13 -20.90
CA THR K 43 1.09 -44.41 -21.19
C THR K 43 2.60 -44.23 -21.36
N ASN K 44 3.29 -45.34 -21.61
CA ASN K 44 4.74 -45.31 -21.80
C ASN K 44 5.14 -44.69 -23.13
N THR K 45 4.22 -44.57 -24.09
CA THR K 45 4.50 -43.99 -25.40
C THR K 45 3.82 -42.65 -25.61
N ARG K 46 2.54 -42.55 -25.29
CA ARG K 46 1.72 -41.38 -25.54
C ARG K 46 1.24 -40.77 -24.25
N SER K 47 1.30 -39.45 -24.17
CA SER K 47 0.80 -38.72 -23.02
C SER K 47 -0.71 -38.63 -23.04
N ALA K 48 -1.28 -38.21 -21.91
CA ALA K 48 -2.71 -38.02 -21.79
C ALA K 48 -3.18 -36.77 -22.54
N LEU K 49 -2.36 -35.73 -22.55
CA LEU K 49 -2.66 -34.52 -23.31
C LEU K 49 -2.74 -34.82 -24.80
N LYS K 50 -1.78 -35.57 -25.33
CA LYS K 50 -1.75 -35.86 -26.75
C LYS K 50 -2.92 -36.71 -27.19
N LEU K 51 -3.40 -37.62 -26.34
CA LEU K 51 -4.54 -38.45 -26.68
C LEU K 51 -5.82 -37.63 -26.82
N VAL K 52 -6.02 -36.65 -25.94
CA VAL K 52 -7.21 -35.81 -26.02
C VAL K 52 -7.18 -34.94 -27.26
N ARG K 53 -6.02 -34.38 -27.59
CA ARG K 53 -5.92 -33.48 -28.73
C ARG K 53 -6.01 -34.23 -30.06
N GLU K 54 -5.36 -35.39 -30.17
CA GLU K 54 -5.43 -36.17 -31.41
C GLU K 54 -6.85 -36.59 -31.74
N SER K 55 -7.56 -37.17 -30.78
CA SER K 55 -8.89 -37.69 -30.99
C SER K 55 -9.94 -36.61 -31.21
N GLU K 56 -9.71 -35.38 -30.74
CA GLU K 56 -10.63 -34.30 -31.00
C GLU K 56 -10.67 -33.93 -32.47
N LEU K 57 -9.53 -34.01 -33.16
CA LEU K 57 -9.47 -33.71 -34.58
C LEU K 57 -10.03 -34.82 -35.44
N LEU K 58 -10.16 -36.03 -34.91
CA LEU K 58 -10.83 -37.13 -35.57
C LEU K 58 -12.28 -37.29 -35.14
N GLY K 59 -12.71 -36.62 -34.07
CA GLY K 59 -14.07 -36.73 -33.59
C GLY K 59 -14.34 -37.94 -32.72
N GLY K 60 -13.73 -38.00 -31.53
CA GLY K 60 -13.96 -39.09 -30.62
C GLY K 60 -13.68 -38.71 -29.19
N THR K 61 -14.21 -39.54 -28.28
CA THR K 61 -14.07 -39.34 -26.84
C THR K 61 -13.98 -40.69 -26.15
N PHE K 62 -13.34 -40.69 -24.99
CA PHE K 62 -13.13 -41.87 -24.16
C PHE K 62 -13.74 -41.66 -22.78
N LYS K 63 -14.09 -42.76 -22.12
CA LYS K 63 -14.43 -42.73 -20.71
C LYS K 63 -14.38 -44.14 -20.14
N SER K 64 -14.29 -44.21 -18.81
CA SER K 64 -14.25 -45.45 -18.06
C SER K 64 -15.31 -45.41 -16.97
N THR K 65 -15.88 -46.57 -16.66
CA THR K 65 -17.01 -46.67 -15.75
C THR K 65 -16.86 -47.91 -14.88
N LEU K 66 -17.29 -47.77 -13.62
CA LEU K 66 -17.16 -48.82 -12.61
C LEU K 66 -18.54 -49.21 -12.08
N ASP K 67 -18.75 -50.51 -11.93
CA ASP K 67 -19.87 -51.04 -11.16
C ASP K 67 -19.37 -52.24 -10.37
N ARG K 68 -20.29 -52.91 -9.67
CA ARG K 68 -19.89 -53.97 -8.74
C ARG K 68 -19.38 -55.21 -9.44
N GLU K 69 -19.70 -55.40 -10.73
CA GLU K 69 -19.25 -56.54 -11.52
C GLU K 69 -18.19 -56.20 -12.55
N TYR K 70 -18.31 -55.05 -13.23
CA TYR K 70 -17.48 -54.72 -14.37
C TYR K 70 -16.72 -53.40 -14.19
N ILE K 71 -15.57 -53.34 -14.85
CA ILE K 71 -14.97 -52.08 -15.30
C ILE K 71 -15.07 -52.07 -16.82
N THR K 72 -15.48 -50.94 -17.39
CA THR K 72 -15.80 -50.83 -18.80
C THR K 72 -15.10 -49.62 -19.42
N LEU K 73 -14.27 -49.88 -20.43
CA LEU K 73 -13.63 -48.84 -21.22
C LEU K 73 -14.40 -48.67 -22.52
N LYS K 74 -14.81 -47.43 -22.80
CA LYS K 74 -15.72 -47.12 -23.90
C LYS K 74 -15.12 -46.05 -24.80
N ALA K 75 -15.45 -46.14 -26.09
CA ALA K 75 -15.05 -45.16 -27.09
C ALA K 75 -16.22 -44.91 -28.05
N THR K 76 -16.49 -43.63 -28.32
CA THR K 76 -17.55 -43.21 -29.23
C THR K 76 -16.93 -42.33 -30.31
N PHE K 77 -17.14 -42.69 -31.57
CA PHE K 77 -16.36 -42.11 -32.65
C PHE K 77 -17.08 -42.26 -33.99
N LEU K 78 -16.53 -41.58 -35.00
CA LEU K 78 -17.04 -41.65 -36.36
C LEU K 78 -16.57 -42.93 -37.05
N LYS K 79 -17.46 -43.51 -37.86
CA LYS K 79 -17.39 -44.92 -38.24
C LYS K 79 -16.06 -45.30 -38.88
N ASP K 80 -15.51 -44.46 -39.73
CA ASP K 80 -14.38 -44.83 -40.58
C ASP K 80 -13.03 -44.77 -39.86
N ASP K 81 -12.98 -44.38 -38.59
CA ASP K 81 -11.73 -44.27 -37.84
C ASP K 81 -11.54 -45.42 -36.85
N LEU K 82 -11.99 -46.62 -37.21
CA LEU K 82 -11.95 -47.75 -36.28
C LEU K 82 -10.55 -48.10 -35.81
N PRO K 83 -9.56 -48.36 -36.68
CA PRO K 83 -8.30 -48.94 -36.19
C PRO K 83 -7.50 -48.04 -35.25
N TYR K 84 -7.77 -46.74 -35.20
CA TYR K 84 -7.07 -45.87 -34.25
C TYR K 84 -7.54 -46.13 -32.82
N TYR K 85 -8.83 -46.41 -32.64
CA TYR K 85 -9.41 -46.56 -31.33
C TYR K 85 -9.30 -47.98 -30.79
N VAL K 86 -8.99 -48.96 -31.63
CA VAL K 86 -8.71 -50.31 -31.14
C VAL K 86 -7.33 -50.35 -30.50
N ASN K 87 -6.38 -49.60 -31.05
CA ASN K 87 -5.02 -49.57 -30.55
C ASN K 87 -4.84 -48.63 -29.36
N ALA K 88 -5.75 -47.69 -29.17
CA ALA K 88 -5.68 -46.82 -28.01
C ALA K 88 -6.15 -47.52 -26.74
N LEU K 89 -7.27 -48.23 -26.82
CA LEU K 89 -7.74 -49.00 -25.69
C LEU K 89 -6.79 -50.13 -25.32
N ALA K 90 -6.04 -50.66 -26.28
CA ALA K 90 -5.09 -51.73 -25.99
C ALA K 90 -3.86 -51.24 -25.25
N ASP K 91 -3.40 -50.01 -25.52
CA ASP K 91 -2.27 -49.46 -24.78
C ASP K 91 -2.64 -49.15 -23.33
N VAL K 92 -3.91 -48.86 -23.08
CA VAL K 92 -4.36 -48.59 -21.72
C VAL K 92 -4.24 -49.84 -20.85
N LEU K 93 -4.59 -51.00 -21.40
CA LEU K 93 -4.54 -52.24 -20.66
C LEU K 93 -3.16 -52.87 -20.59
N TYR K 94 -2.19 -52.36 -21.35
CA TYR K 94 -0.90 -53.01 -21.52
C TYR K 94 0.27 -52.22 -20.97
N LYS K 95 0.39 -50.94 -21.29
CA LYS K 95 1.61 -50.17 -21.03
C LYS K 95 1.28 -48.83 -20.39
N THR K 96 0.43 -48.84 -19.38
CA THR K 96 0.18 -47.64 -18.61
C THR K 96 1.31 -47.41 -17.60
N ALA K 97 1.57 -46.13 -17.32
CA ALA K 97 2.81 -45.72 -16.68
C ALA K 97 2.83 -45.97 -15.18
N PHE K 98 1.77 -45.57 -14.47
CA PHE K 98 1.68 -45.70 -13.02
C PHE K 98 2.82 -44.93 -12.32
N LYS K 99 2.77 -43.60 -12.49
CA LYS K 99 3.77 -42.70 -11.94
C LYS K 99 3.24 -42.00 -10.68
N PRO K 100 4.09 -41.74 -9.67
CA PRO K 100 3.56 -41.27 -8.39
C PRO K 100 2.90 -39.90 -8.42
N HIS K 101 3.33 -38.99 -9.28
CA HIS K 101 2.77 -37.65 -9.27
C HIS K 101 1.38 -37.58 -9.92
N GLU K 102 1.00 -38.59 -10.69
CA GLU K 102 -0.34 -38.67 -11.22
C GLU K 102 -1.35 -39.08 -10.16
N LEU K 103 -0.95 -39.93 -9.22
CA LEU K 103 -1.81 -40.26 -8.10
C LEU K 103 -2.08 -39.05 -7.22
N THR K 104 -1.07 -38.23 -6.98
CA THR K 104 -1.20 -37.09 -6.08
C THR K 104 -1.99 -35.96 -6.71
N GLU K 105 -1.76 -35.67 -7.99
CA GLU K 105 -2.28 -34.47 -8.62
C GLU K 105 -3.61 -34.65 -9.33
N SER K 106 -3.90 -35.84 -9.85
CA SER K 106 -5.10 -36.09 -10.64
C SER K 106 -6.03 -37.13 -10.04
N VAL K 107 -5.52 -38.28 -9.63
CA VAL K 107 -6.38 -39.44 -9.36
C VAL K 107 -7.06 -39.33 -8.01
N LEU K 108 -6.32 -38.98 -6.97
CA LEU K 108 -6.90 -38.93 -5.63
C LEU K 108 -7.87 -37.77 -5.45
N PRO K 109 -7.61 -36.58 -6.00
CA PRO K 109 -8.64 -35.53 -5.92
C PRO K 109 -9.91 -35.87 -6.66
N ALA K 110 -9.85 -36.63 -7.74
CA ALA K 110 -11.05 -37.00 -8.48
C ALA K 110 -11.86 -38.07 -7.75
N ALA K 111 -11.18 -39.01 -7.10
CA ALA K 111 -11.85 -39.98 -6.26
C ALA K 111 -12.47 -39.34 -5.02
N ARG K 112 -11.88 -38.25 -4.53
CA ARG K 112 -12.43 -37.56 -3.38
C ARG K 112 -13.70 -36.79 -3.73
N TYR K 113 -13.77 -36.23 -4.93
CA TYR K 113 -14.98 -35.55 -5.36
C TYR K 113 -16.13 -36.53 -5.58
N ASP K 114 -15.84 -37.73 -6.09
CA ASP K 114 -16.88 -38.73 -6.28
C ASP K 114 -17.52 -39.13 -4.95
N TYR K 115 -16.70 -39.28 -3.92
CA TYR K 115 -17.19 -39.69 -2.61
C TYR K 115 -17.96 -38.58 -1.91
N ALA K 116 -17.57 -37.33 -2.12
CA ALA K 116 -18.21 -36.22 -1.42
C ALA K 116 -19.64 -35.97 -1.89
N VAL K 117 -19.92 -36.17 -3.17
CA VAL K 117 -21.26 -35.93 -3.69
C VAL K 117 -22.19 -37.12 -3.45
N ALA K 118 -21.64 -38.32 -3.25
CA ALA K 118 -22.45 -39.49 -2.95
C ALA K 118 -22.85 -39.57 -1.49
N GLU K 119 -22.06 -39.02 -0.58
CA GLU K 119 -22.39 -39.03 0.84
C GLU K 119 -23.54 -38.09 1.19
N GLN K 120 -23.87 -37.14 0.32
CA GLN K 120 -25.00 -36.24 0.54
C GLN K 120 -26.34 -36.83 0.16
N CYS K 121 -26.36 -37.96 -0.56
CA CYS K 121 -27.59 -38.59 -0.97
C CYS K 121 -27.97 -39.68 0.02
N PRO K 122 -29.10 -39.60 0.72
CA PRO K 122 -29.45 -40.67 1.67
C PRO K 122 -29.96 -41.94 1.03
N VAL K 123 -30.43 -41.90 -0.22
CA VAL K 123 -30.90 -43.13 -0.87
C VAL K 123 -29.74 -43.99 -1.31
N LYS K 124 -28.59 -43.39 -1.62
CA LYS K 124 -27.40 -44.16 -1.97
C LYS K 124 -26.73 -44.76 -0.75
N SER K 125 -26.76 -44.06 0.38
CA SER K 125 -26.23 -44.60 1.63
C SER K 125 -27.02 -45.81 2.10
N ALA K 126 -28.34 -45.79 1.93
CA ALA K 126 -29.18 -46.91 2.29
C ALA K 126 -28.94 -48.12 1.41
N GLU K 127 -28.69 -47.90 0.12
CA GLU K 127 -28.44 -48.99 -0.81
C GLU K 127 -27.11 -49.68 -0.51
N ASP K 128 -26.10 -48.90 -0.15
CA ASP K 128 -24.81 -49.47 0.22
C ASP K 128 -24.89 -50.31 1.47
N GLN K 129 -25.80 -49.97 2.40
CA GLN K 129 -25.94 -50.74 3.63
C GLN K 129 -26.69 -52.04 3.41
N LEU K 130 -27.72 -52.03 2.56
CA LEU K 130 -28.45 -53.25 2.24
C LEU K 130 -27.57 -54.28 1.56
N TYR K 131 -26.58 -53.85 0.80
CA TYR K 131 -25.65 -54.77 0.17
C TYR K 131 -24.69 -55.38 1.18
N ALA K 132 -24.34 -54.64 2.23
CA ALA K 132 -23.36 -55.10 3.20
C ALA K 132 -23.94 -56.12 4.17
N ILE K 133 -25.17 -55.93 4.61
CA ILE K 133 -25.78 -56.85 5.56
C ILE K 133 -26.37 -58.10 4.91
N THR K 134 -26.69 -58.03 3.61
CA THR K 134 -27.18 -59.19 2.88
C THR K 134 -26.05 -60.06 2.36
N PHE K 135 -25.03 -59.44 1.76
CA PHE K 135 -23.79 -60.09 1.39
C PHE K 135 -22.68 -59.39 2.14
N ARG K 136 -21.77 -60.17 2.72
CA ARG K 136 -20.87 -59.59 3.72
C ARG K 136 -19.51 -59.19 3.16
N LYS K 137 -18.95 -59.97 2.22
CA LYS K 137 -17.57 -59.79 1.79
C LYS K 137 -17.38 -59.71 0.28
N GLY K 138 -18.35 -60.13 -0.52
CA GLY K 138 -18.25 -60.14 -1.97
C GLY K 138 -19.00 -58.95 -2.53
N LEU K 139 -20.23 -59.18 -2.98
CA LEU K 139 -21.08 -58.10 -3.48
C LEU K 139 -21.27 -56.99 -2.47
N GLY K 140 -21.12 -57.27 -1.18
CA GLY K 140 -21.27 -56.27 -0.15
C GLY K 140 -20.08 -55.39 0.11
N ASN K 141 -19.00 -55.56 -0.63
CA ASN K 141 -17.86 -54.67 -0.50
C ASN K 141 -18.27 -53.25 -0.86
N PRO K 142 -17.63 -52.24 -0.29
CA PRO K 142 -17.95 -50.86 -0.67
C PRO K 142 -17.48 -50.54 -2.07
N LEU K 143 -18.24 -49.69 -2.75
CA LEU K 143 -17.95 -49.33 -4.13
C LEU K 143 -16.81 -48.32 -4.22
N LEU K 144 -16.92 -47.22 -3.47
CA LEU K 144 -15.99 -46.10 -3.59
C LEU K 144 -14.94 -46.14 -2.48
N TYR K 145 -13.98 -45.22 -2.61
CA TYR K 145 -12.83 -45.12 -1.73
C TYR K 145 -13.04 -43.97 -0.75
N ASP K 146 -12.82 -44.26 0.54
CA ASP K 146 -13.06 -43.32 1.61
C ASP K 146 -11.87 -43.10 2.53
N GLY K 147 -10.80 -43.87 2.38
CA GLY K 147 -9.60 -43.70 3.17
C GLY K 147 -9.55 -44.48 4.46
N VAL K 148 -10.54 -45.33 4.73
CA VAL K 148 -10.51 -46.16 5.94
C VAL K 148 -9.35 -47.14 5.87
N GLU K 149 -9.26 -47.87 4.78
CA GLU K 149 -8.13 -48.74 4.48
C GLU K 149 -7.24 -48.04 3.46
N ARG K 150 -5.94 -48.03 3.72
CA ARG K 150 -4.99 -47.28 2.93
C ARG K 150 -4.51 -48.11 1.75
N VAL K 151 -4.51 -47.49 0.56
CA VAL K 151 -4.19 -48.17 -0.70
C VAL K 151 -3.01 -47.44 -1.33
N SER K 152 -1.92 -48.17 -1.54
CA SER K 152 -0.70 -47.62 -2.09
C SER K 152 -0.69 -47.73 -3.61
N LEU K 153 0.37 -47.17 -4.22
CA LEU K 153 0.51 -47.24 -5.66
C LEU K 153 0.80 -48.67 -6.13
N GLN K 154 1.53 -49.44 -5.34
CA GLN K 154 1.82 -50.82 -5.71
C GLN K 154 0.59 -51.71 -5.60
N ASP K 155 -0.35 -51.38 -4.73
CA ASP K 155 -1.61 -52.11 -4.66
C ASP K 155 -2.45 -51.89 -5.91
N ILE K 156 -2.36 -50.72 -6.52
CA ILE K 156 -3.11 -50.44 -7.74
C ILE K 156 -2.51 -51.20 -8.91
N LYS K 157 -1.18 -51.34 -8.94
CA LYS K 157 -0.50 -52.04 -10.01
C LYS K 157 -0.64 -53.55 -9.91
N ASP K 158 -0.72 -54.09 -8.70
CA ASP K 158 -0.91 -55.51 -8.52
C ASP K 158 -2.34 -55.95 -8.80
N PHE K 159 -3.31 -55.04 -8.61
CA PHE K 159 -4.68 -55.34 -8.98
C PHE K 159 -4.86 -55.35 -10.49
N ALA K 160 -4.21 -54.41 -11.19
CA ALA K 160 -4.30 -54.35 -12.64
C ALA K 160 -3.74 -55.61 -13.30
N ASP K 161 -2.63 -56.14 -12.80
CA ASP K 161 -2.08 -57.37 -13.34
C ASP K 161 -2.97 -58.58 -13.10
N LYS K 162 -3.91 -58.49 -12.16
CA LYS K 162 -4.83 -59.57 -11.83
C LYS K 162 -6.06 -59.59 -12.73
N VAL K 163 -6.57 -58.42 -13.11
CA VAL K 163 -7.85 -58.33 -13.81
C VAL K 163 -7.71 -58.04 -15.30
N TYR K 164 -6.56 -57.53 -15.75
CA TYR K 164 -6.32 -57.27 -17.17
C TYR K 164 -5.60 -58.47 -17.79
N THR K 165 -6.41 -59.46 -18.15
CA THR K 165 -5.95 -60.71 -18.71
C THR K 165 -6.84 -61.11 -19.87
N LYS K 166 -6.29 -61.94 -20.76
CA LYS K 166 -7.02 -62.34 -21.97
C LYS K 166 -8.29 -63.12 -21.66
N GLU K 167 -8.29 -63.94 -20.62
CA GLU K 167 -9.45 -64.78 -20.31
C GLU K 167 -10.47 -64.09 -19.42
N ASN K 168 -10.31 -62.80 -19.15
CA ASN K 168 -11.15 -62.07 -18.21
C ASN K 168 -11.75 -60.81 -18.80
N LEU K 169 -11.79 -60.68 -20.12
CA LEU K 169 -12.35 -59.50 -20.78
C LEU K 169 -13.16 -59.90 -22.00
N GLU K 170 -14.09 -59.01 -22.35
CA GLU K 170 -14.89 -59.12 -23.56
C GLU K 170 -14.76 -57.83 -24.37
N VAL K 171 -14.91 -57.96 -25.68
CA VAL K 171 -14.88 -56.83 -26.61
C VAL K 171 -16.19 -56.84 -27.38
N SER K 172 -16.84 -55.67 -27.45
CA SER K 172 -18.13 -55.52 -28.11
C SER K 172 -18.14 -54.25 -28.95
N GLY K 173 -18.86 -54.32 -30.06
CA GLY K 173 -19.01 -53.18 -30.95
C GLY K 173 -20.44 -52.98 -31.39
N GLU K 174 -20.85 -51.70 -31.51
CA GLU K 174 -22.16 -51.29 -32.04
C GLU K 174 -21.95 -50.47 -33.32
N ASN K 175 -22.51 -50.89 -34.47
CA ASN K 175 -22.36 -50.23 -35.80
C ASN K 175 -20.90 -50.41 -36.17
N VAL K 176 -20.45 -51.63 -36.11
CA VAL K 176 -19.08 -52.00 -36.43
C VAL K 176 -19.11 -53.29 -37.23
N VAL K 177 -18.29 -53.36 -38.27
CA VAL K 177 -18.17 -54.60 -39.03
C VAL K 177 -17.35 -55.60 -38.22
N GLU K 178 -17.88 -56.80 -38.06
CA GLU K 178 -17.28 -57.79 -37.18
C GLU K 178 -16.02 -58.40 -37.76
N ALA K 179 -15.97 -58.61 -39.08
CA ALA K 179 -14.77 -59.16 -39.70
C ALA K 179 -13.62 -58.17 -39.63
N ASP K 180 -13.91 -56.89 -39.73
CA ASP K 180 -12.89 -55.86 -39.57
C ASP K 180 -12.40 -55.79 -38.13
N LEU K 181 -13.31 -55.89 -37.17
CA LEU K 181 -12.92 -55.81 -35.77
C LEU K 181 -12.07 -56.99 -35.35
N LYS K 182 -12.46 -58.21 -35.74
CA LYS K 182 -11.69 -59.39 -35.36
C LYS K 182 -10.29 -59.38 -35.94
N ARG K 183 -10.08 -58.71 -37.07
CA ARG K 183 -8.76 -58.63 -37.68
C ARG K 183 -7.87 -57.62 -36.96
N PHE K 184 -8.42 -56.46 -36.62
CA PHE K 184 -7.64 -55.44 -35.91
C PHE K 184 -7.35 -55.83 -34.47
N VAL K 185 -8.10 -56.75 -33.88
CA VAL K 185 -7.84 -57.18 -32.51
C VAL K 185 -6.69 -58.16 -32.45
N ASP K 186 -6.53 -58.97 -33.50
CA ASP K 186 -5.45 -59.95 -33.52
C ASP K 186 -4.10 -59.29 -33.74
N GLU K 187 -4.05 -58.26 -34.57
CA GLU K 187 -2.84 -57.46 -34.77
C GLU K 187 -2.79 -56.29 -33.80
N SER K 188 -2.95 -56.59 -32.52
CA SER K 188 -3.01 -55.60 -31.48
C SER K 188 -2.33 -56.15 -30.24
N LEU K 189 -2.06 -55.27 -29.28
CA LEU K 189 -1.48 -55.66 -28.02
C LEU K 189 -2.45 -56.38 -27.09
N LEU K 190 -3.75 -56.38 -27.43
CA LEU K 190 -4.70 -57.19 -26.67
C LEU K 190 -4.34 -58.66 -26.74
N SER K 191 -3.83 -59.13 -27.89
CA SER K 191 -3.46 -60.52 -28.06
C SER K 191 -2.15 -60.88 -27.36
N THR K 192 -1.36 -59.89 -26.96
CA THR K 192 -0.10 -60.12 -26.26
C THR K 192 -0.24 -60.05 -24.75
N LEU K 193 -1.44 -59.81 -24.23
CA LEU K 193 -1.63 -59.76 -22.80
C LEU K 193 -1.40 -61.14 -22.18
N PRO K 194 -1.24 -61.21 -20.86
CA PRO K 194 -1.16 -62.52 -20.21
C PRO K 194 -2.46 -63.29 -20.32
N ALA K 195 -2.35 -64.59 -20.60
CA ALA K 195 -3.48 -65.49 -20.60
C ALA K 195 -3.64 -66.06 -19.19
N GLY K 196 -4.38 -65.33 -18.37
CA GLY K 196 -4.53 -65.67 -16.97
C GLY K 196 -5.72 -66.56 -16.70
N LYS K 197 -6.64 -66.06 -15.88
CA LYS K 197 -7.77 -66.84 -15.40
C LYS K 197 -8.97 -65.93 -15.22
N SER K 198 -10.15 -66.48 -15.50
CA SER K 198 -11.39 -65.74 -15.26
C SER K 198 -11.75 -65.79 -13.78
N LEU K 199 -12.18 -64.65 -13.26
CA LEU K 199 -12.51 -64.52 -11.84
C LEU K 199 -13.95 -64.89 -11.52
N VAL K 200 -14.78 -65.14 -12.53
CA VAL K 200 -16.18 -65.45 -12.29
C VAL K 200 -16.30 -66.82 -11.66
N SER K 201 -17.23 -66.94 -10.70
CA SER K 201 -17.54 -68.19 -10.04
C SER K 201 -19.00 -68.55 -10.27
N LYS K 202 -19.22 -69.77 -10.75
CA LYS K 202 -20.58 -70.25 -10.98
C LYS K 202 -21.30 -70.66 -9.70
N SER K 203 -20.58 -70.73 -8.58
CA SER K 203 -21.24 -70.87 -7.30
C SER K 203 -22.16 -69.69 -7.03
N GLU K 204 -23.31 -69.98 -6.43
CA GLU K 204 -24.20 -68.91 -5.99
C GLU K 204 -23.63 -68.30 -4.70
N PRO K 205 -23.81 -67.00 -4.48
CA PRO K 205 -23.28 -66.42 -3.24
C PRO K 205 -24.09 -66.85 -2.03
N LYS K 206 -23.48 -66.67 -0.87
CA LYS K 206 -24.15 -66.85 0.41
C LYS K 206 -24.81 -65.55 0.83
N PHE K 207 -26.01 -65.66 1.39
CA PHE K 207 -26.82 -64.52 1.77
C PHE K 207 -27.34 -64.71 3.19
N PHE K 208 -27.86 -63.61 3.74
CA PHE K 208 -28.37 -63.58 5.10
C PHE K 208 -29.70 -62.86 5.12
N LEU K 209 -30.52 -63.19 6.12
CA LEU K 209 -31.86 -62.65 6.25
C LEU K 209 -32.12 -62.24 7.70
N GLY K 210 -33.07 -61.33 7.87
CA GLY K 210 -33.45 -60.88 9.19
C GLY K 210 -32.53 -59.86 9.84
N GLU K 211 -31.77 -59.10 9.05
CA GLU K 211 -30.82 -58.14 9.56
C GLU K 211 -31.41 -56.74 9.60
N GLU K 212 -30.71 -55.84 10.27
CA GLU K 212 -31.21 -54.50 10.56
C GLU K 212 -30.03 -53.56 10.78
N ASN K 213 -30.17 -52.19 10.36
CA ASN K 213 -29.23 -51.13 10.64
C ASN K 213 -29.93 -49.78 10.55
N ARG K 214 -29.24 -48.93 11.37
CA ARG K 214 -29.74 -47.58 11.52
C ARG K 214 -28.57 -46.61 11.48
N VAL K 215 -28.78 -45.46 10.83
CA VAL K 215 -27.74 -44.46 10.60
C VAL K 215 -28.32 -43.08 10.78
N ARG K 216 -27.67 -42.27 11.61
CA ARG K 216 -28.08 -40.88 11.81
C ARG K 216 -27.55 -40.00 10.68
N PHE K 217 -28.38 -39.06 10.24
CA PHE K 217 -28.09 -38.25 9.07
C PHE K 217 -28.94 -36.99 9.13
N ILE K 218 -28.35 -35.87 8.74
CA ILE K 218 -29.01 -34.57 8.73
C ILE K 218 -29.57 -34.35 7.32
N GLY K 219 -30.89 -34.19 7.24
CA GLY K 219 -31.57 -34.02 5.97
C GLY K 219 -32.89 -34.73 5.91
N ASP K 220 -33.11 -35.49 4.83
CA ASP K 220 -34.32 -36.26 4.65
C ASP K 220 -34.13 -37.67 5.18
N SER K 221 -35.25 -38.34 5.41
CA SER K 221 -35.28 -39.66 6.03
C SER K 221 -35.68 -40.71 4.99
N VAL K 222 -35.13 -41.91 5.14
CA VAL K 222 -35.32 -43.01 4.20
C VAL K 222 -35.63 -44.28 4.99
N ALA K 223 -36.45 -45.13 4.39
CA ALA K 223 -36.71 -46.48 4.88
C ALA K 223 -36.68 -47.44 3.70
N ALA K 224 -35.80 -48.44 3.76
CA ALA K 224 -35.53 -49.32 2.63
C ALA K 224 -35.50 -50.77 3.08
N ILE K 225 -35.90 -51.67 2.18
CA ILE K 225 -35.88 -53.11 2.40
C ILE K 225 -35.19 -53.79 1.23
N GLY K 226 -34.59 -54.95 1.52
CA GLY K 226 -33.89 -55.75 0.54
C GLY K 226 -34.20 -57.23 0.63
N ILE K 227 -34.27 -57.90 -0.52
CA ILE K 227 -34.58 -59.32 -0.61
C ILE K 227 -33.60 -59.98 -1.59
N PRO K 228 -32.81 -60.98 -1.20
CA PRO K 228 -31.98 -61.67 -2.18
C PRO K 228 -32.79 -62.64 -3.05
N VAL K 229 -32.35 -62.79 -4.29
CA VAL K 229 -33.09 -63.51 -5.32
C VAL K 229 -32.15 -64.48 -6.02
N ASN K 230 -32.62 -65.71 -6.24
CA ASN K 230 -31.87 -66.72 -6.95
C ASN K 230 -32.16 -66.64 -8.45
N LYS K 231 -31.45 -67.47 -9.22
CA LYS K 231 -31.56 -67.42 -10.67
C LYS K 231 -32.96 -67.79 -11.15
N ALA K 232 -33.60 -68.78 -10.53
CA ALA K 232 -34.89 -69.28 -10.99
C ALA K 232 -36.06 -68.37 -10.65
N SER K 233 -35.87 -67.33 -9.84
CA SER K 233 -36.95 -66.45 -9.39
C SER K 233 -36.77 -65.02 -9.86
N LEU K 234 -35.87 -64.77 -10.80
CA LEU K 234 -35.59 -63.40 -11.22
C LEU K 234 -36.79 -62.76 -11.91
N ALA K 235 -37.55 -63.54 -12.68
CA ALA K 235 -38.68 -62.98 -13.41
C ALA K 235 -39.84 -62.59 -12.51
N GLN K 236 -40.10 -63.38 -11.46
CA GLN K 236 -41.15 -63.04 -10.51
C GLN K 236 -40.89 -61.70 -9.85
N TYR K 237 -39.64 -61.36 -9.59
CA TYR K 237 -39.28 -60.10 -8.94
C TYR K 237 -39.07 -58.96 -9.92
N GLU K 238 -38.87 -59.25 -11.20
CA GLU K 238 -38.82 -58.20 -12.21
C GLU K 238 -40.22 -57.65 -12.50
N VAL K 239 -41.24 -58.52 -12.46
CA VAL K 239 -42.62 -58.06 -12.62
C VAL K 239 -43.04 -57.24 -11.40
N LEU K 240 -42.63 -57.66 -10.21
CA LEU K 240 -42.95 -56.94 -8.99
C LEU K 240 -42.37 -55.54 -9.00
N ALA K 241 -41.12 -55.39 -9.41
CA ALA K 241 -40.48 -54.08 -9.45
C ALA K 241 -41.20 -53.12 -10.39
N ASN K 242 -41.74 -53.63 -11.50
CA ASN K 242 -42.47 -52.80 -12.44
C ASN K 242 -43.91 -52.56 -12.04
N TYR K 243 -44.56 -53.57 -11.43
CA TYR K 243 -45.94 -53.41 -10.98
C TYR K 243 -46.07 -52.37 -9.88
N LEU K 244 -45.07 -52.25 -9.00
CA LEU K 244 -45.19 -51.34 -7.87
C LEU K 244 -45.00 -49.89 -8.28
N THR K 245 -44.18 -49.62 -9.28
CA THR K 245 -43.98 -48.28 -9.82
C THR K 245 -45.04 -47.89 -10.84
N SER K 246 -45.86 -48.83 -11.28
CA SER K 246 -46.88 -48.56 -12.28
C SER K 246 -48.15 -48.00 -11.65
N ALA K 247 -49.01 -47.48 -12.51
CA ALA K 247 -50.33 -47.00 -12.13
C ALA K 247 -51.31 -48.12 -11.84
N LEU K 248 -50.92 -49.38 -12.02
CA LEU K 248 -51.79 -50.50 -11.68
C LEU K 248 -51.89 -50.74 -10.19
N SER K 249 -50.95 -50.21 -9.41
CA SER K 249 -50.83 -50.52 -7.99
C SER K 249 -51.34 -49.36 -7.16
N GLU K 250 -51.75 -49.70 -5.94
CA GLU K 250 -52.26 -48.70 -5.02
C GLU K 250 -51.12 -47.98 -4.29
N LEU K 251 -49.97 -48.64 -4.18
CA LEU K 251 -48.81 -48.21 -3.39
C LEU K 251 -47.81 -47.38 -4.18
N SER K 252 -48.12 -46.98 -5.42
CA SER K 252 -47.15 -46.28 -6.23
C SER K 252 -46.93 -44.85 -5.73
N GLY K 253 -47.95 -44.24 -5.15
CA GLY K 253 -47.81 -42.94 -4.54
C GLY K 253 -47.08 -42.91 -3.23
N LEU K 254 -46.81 -44.09 -2.65
CA LEU K 254 -46.09 -44.22 -1.40
C LEU K 254 -44.65 -44.66 -1.59
N ILE K 255 -44.22 -44.92 -2.83
CA ILE K 255 -42.93 -45.54 -3.13
C ILE K 255 -42.15 -44.58 -4.02
N SER K 256 -40.88 -44.38 -3.69
CA SER K 256 -40.03 -43.48 -4.47
C SER K 256 -39.24 -44.24 -5.53
N SER K 257 -38.86 -45.48 -5.23
CA SER K 257 -38.06 -46.27 -6.16
C SER K 257 -38.13 -47.74 -5.80
N ALA K 258 -38.24 -48.58 -6.82
CA ALA K 258 -38.19 -50.03 -6.67
C ALA K 258 -37.56 -50.63 -7.91
N LYS K 259 -36.56 -51.47 -7.72
CA LYS K 259 -35.82 -52.04 -8.84
C LYS K 259 -35.24 -53.39 -8.45
N LEU K 260 -34.76 -54.11 -9.46
CA LEU K 260 -34.09 -55.38 -9.31
C LEU K 260 -32.75 -55.32 -10.02
N ASP K 261 -31.67 -55.46 -9.27
CA ASP K 261 -30.33 -55.51 -9.83
C ASP K 261 -29.99 -56.95 -10.20
N LYS K 262 -29.60 -57.16 -11.46
CA LYS K 262 -29.41 -58.48 -12.01
C LYS K 262 -27.93 -58.78 -12.17
N PHE K 263 -27.53 -59.99 -11.77
CA PHE K 263 -26.19 -60.50 -11.94
C PHE K 263 -26.26 -61.87 -12.60
N THR K 264 -25.10 -62.43 -12.89
CA THR K 264 -25.01 -63.72 -13.55
C THR K 264 -25.37 -64.90 -12.66
N ASP K 265 -25.57 -64.67 -11.35
CA ASP K 265 -25.83 -65.74 -10.40
C ASP K 265 -26.89 -65.36 -9.37
N GLY K 266 -27.83 -64.50 -9.76
CA GLY K 266 -28.89 -64.03 -8.91
C GLY K 266 -28.98 -62.52 -8.93
N GLY K 267 -29.70 -61.97 -7.98
CA GLY K 267 -29.81 -60.53 -7.88
C GLY K 267 -30.34 -60.10 -6.54
N LEU K 268 -30.64 -58.80 -6.45
CA LEU K 268 -31.18 -58.19 -5.24
C LEU K 268 -32.32 -57.26 -5.59
N PHE K 269 -33.47 -57.48 -4.97
CA PHE K 269 -34.60 -56.58 -5.02
C PHE K 269 -34.45 -55.49 -3.95
N THR K 270 -34.86 -54.27 -4.29
CA THR K 270 -34.78 -53.14 -3.38
C THR K 270 -36.01 -52.26 -3.53
N LEU K 271 -36.36 -51.59 -2.44
CA LEU K 271 -37.48 -50.67 -2.37
C LEU K 271 -37.13 -49.54 -1.42
N PHE K 272 -37.61 -48.34 -1.74
CA PHE K 272 -37.22 -47.12 -1.02
C PHE K 272 -38.42 -46.23 -0.79
N VAL K 273 -38.52 -45.70 0.43
CA VAL K 273 -39.49 -44.67 0.81
C VAL K 273 -38.70 -43.47 1.33
N ARG K 274 -39.08 -42.27 0.89
CA ARG K 274 -38.30 -41.07 1.13
C ARG K 274 -39.21 -39.87 1.32
N ASP K 275 -38.92 -39.07 2.34
CA ASP K 275 -39.64 -37.83 2.61
C ASP K 275 -38.91 -37.10 3.73
N GLN K 276 -39.11 -35.78 3.79
CA GLN K 276 -38.49 -34.96 4.83
C GLN K 276 -39.12 -35.16 6.20
N ASP K 277 -40.44 -35.23 6.30
CA ASP K 277 -41.10 -35.48 7.57
C ASP K 277 -40.99 -36.97 7.91
N SER K 278 -40.67 -37.25 9.17
CA SER K 278 -40.40 -38.62 9.60
C SER K 278 -41.64 -39.36 10.05
N ALA K 279 -42.76 -38.66 10.23
CA ALA K 279 -44.04 -39.34 10.51
C ALA K 279 -44.67 -39.87 9.24
N VAL K 280 -44.41 -39.22 8.10
CA VAL K 280 -44.89 -39.70 6.81
C VAL K 280 -44.15 -40.96 6.40
N VAL K 281 -42.83 -40.99 6.60
CA VAL K 281 -42.02 -42.15 6.22
C VAL K 281 -42.46 -43.38 7.00
N SER K 282 -42.72 -43.23 8.30
CA SER K 282 -43.06 -44.37 9.13
C SER K 282 -44.45 -44.92 8.78
N SER K 283 -45.40 -44.05 8.48
CA SER K 283 -46.75 -44.50 8.19
C SER K 283 -46.88 -45.13 6.81
N ASN K 284 -46.02 -44.75 5.87
CA ASN K 284 -46.08 -45.31 4.52
C ASN K 284 -45.41 -46.67 4.46
N ILE K 285 -44.23 -46.82 5.07
CA ILE K 285 -43.53 -48.11 5.05
C ILE K 285 -44.34 -49.17 5.79
N LYS K 286 -45.06 -48.79 6.85
CA LYS K 286 -45.86 -49.75 7.58
C LYS K 286 -47.01 -50.28 6.72
N LYS K 287 -47.62 -49.43 5.90
CA LYS K 287 -48.71 -49.84 5.03
C LYS K 287 -48.25 -50.71 3.87
N ILE K 288 -46.99 -50.61 3.46
CA ILE K 288 -46.49 -51.37 2.34
C ILE K 288 -46.20 -52.81 2.75
N VAL K 289 -45.63 -52.99 3.95
CA VAL K 289 -45.24 -54.33 4.40
C VAL K 289 -46.46 -55.13 4.84
N ALA K 290 -47.52 -54.46 5.31
CA ALA K 290 -48.75 -55.16 5.64
C ALA K 290 -49.49 -55.62 4.41
N ASP K 291 -49.34 -54.91 3.29
CA ASP K 291 -50.04 -55.27 2.06
C ASP K 291 -49.32 -56.38 1.31
N LEU K 292 -47.98 -56.40 1.33
CA LEU K 292 -47.24 -57.44 0.64
C LEU K 292 -47.27 -58.76 1.39
N LYS K 293 -47.46 -58.74 2.71
CA LYS K 293 -47.58 -59.99 3.46
C LYS K 293 -48.89 -60.72 3.18
N LYS K 294 -49.97 -59.97 2.90
CA LYS K 294 -51.22 -60.60 2.49
C LYS K 294 -51.06 -61.31 1.15
N GLY K 295 -50.54 -60.61 0.15
CA GLY K 295 -50.30 -61.17 -1.16
C GLY K 295 -50.84 -60.32 -2.28
N LYS K 296 -50.25 -60.46 -3.47
CA LYS K 296 -50.66 -59.74 -4.67
C LYS K 296 -50.77 -60.70 -5.84
N ASP K 297 -51.52 -60.28 -6.85
CA ASP K 297 -51.65 -60.99 -8.13
C ASP K 297 -50.98 -60.15 -9.20
N LEU K 298 -49.92 -60.69 -9.81
CA LEU K 298 -49.06 -59.93 -10.71
C LEU K 298 -49.35 -60.20 -12.18
N SER K 299 -50.45 -60.88 -12.50
CA SER K 299 -50.71 -61.25 -13.89
C SER K 299 -51.10 -60.08 -14.81
N PRO K 300 -51.77 -59.02 -14.34
CA PRO K 300 -52.05 -57.90 -15.25
C PRO K 300 -50.82 -57.10 -15.67
N ALA K 301 -49.65 -57.31 -15.06
CA ALA K 301 -48.45 -56.55 -15.35
C ALA K 301 -47.43 -57.32 -16.17
N ILE K 302 -47.82 -58.42 -16.79
CA ILE K 302 -46.88 -59.22 -17.58
C ILE K 302 -46.57 -58.53 -18.90
N ASN K 303 -47.58 -58.02 -19.58
CA ASN K 303 -47.36 -57.36 -20.87
C ASN K 303 -46.65 -56.02 -20.69
N TYR K 304 -46.89 -55.33 -19.59
CA TYR K 304 -46.22 -54.06 -19.31
C TYR K 304 -44.74 -54.26 -19.00
N THR K 305 -44.37 -55.42 -18.46
CA THR K 305 -42.98 -55.70 -18.13
C THR K 305 -42.17 -56.12 -19.34
N LYS K 306 -42.80 -56.77 -20.32
CA LYS K 306 -42.09 -57.11 -21.55
C LYS K 306 -41.66 -55.87 -22.32
N LEU K 307 -42.48 -54.83 -22.33
CA LEU K 307 -42.11 -53.58 -22.97
C LEU K 307 -40.92 -52.94 -22.27
N LYS K 308 -41.01 -52.77 -20.94
CA LYS K 308 -39.96 -52.07 -20.20
C LYS K 308 -38.64 -52.82 -20.24
N ASN K 309 -38.69 -54.15 -20.27
CA ASN K 309 -37.47 -54.95 -20.29
C ASN K 309 -36.76 -54.90 -21.62
N ALA K 310 -37.47 -54.59 -22.71
CA ALA K 310 -36.86 -54.36 -24.00
C ALA K 310 -36.34 -52.94 -24.16
N VAL K 311 -36.87 -51.99 -23.40
CA VAL K 311 -36.42 -50.61 -23.48
C VAL K 311 -35.07 -50.44 -22.80
N GLN K 312 -34.81 -51.24 -21.77
CA GLN K 312 -33.53 -51.21 -21.07
C GLN K 312 -32.51 -52.19 -21.65
N ASN K 313 -32.89 -53.00 -22.63
CA ASN K 313 -32.01 -53.96 -23.28
C ASN K 313 -31.73 -53.57 -24.72
N GLU K 314 -31.57 -52.27 -24.99
CA GLU K 314 -31.38 -51.82 -26.36
C GLU K 314 -30.04 -52.27 -26.92
N SER K 315 -28.94 -51.86 -26.28
CA SER K 315 -27.59 -52.14 -26.75
C SER K 315 -26.74 -52.67 -25.60
N VAL K 316 -27.28 -53.63 -24.86
CA VAL K 316 -26.52 -54.43 -23.89
C VAL K 316 -26.69 -55.88 -24.31
N SER K 317 -25.80 -56.76 -23.82
CA SER K 317 -25.77 -58.13 -24.33
C SER K 317 -26.75 -59.05 -23.60
N SER K 318 -27.82 -58.51 -23.03
CA SER K 318 -29.09 -59.21 -22.93
C SER K 318 -29.08 -60.52 -22.13
N PRO K 319 -29.04 -60.49 -20.81
CA PRO K 319 -29.54 -61.64 -20.04
C PRO K 319 -31.03 -61.81 -20.27
N ILE K 320 -31.43 -63.03 -20.65
CA ILE K 320 -32.75 -63.29 -21.22
C ILE K 320 -33.62 -63.92 -20.15
N GLU K 321 -34.78 -63.30 -19.90
CA GLU K 321 -35.80 -63.84 -19.01
C GLU K 321 -37.09 -64.07 -19.81
N LEU K 322 -37.15 -65.23 -20.46
CA LEU K 322 -38.39 -65.71 -21.07
C LEU K 322 -39.16 -66.59 -20.08
N ASN K 323 -39.36 -66.04 -18.88
CA ASN K 323 -40.09 -66.70 -17.81
C ASN K 323 -41.30 -65.89 -17.38
N PHE K 324 -41.61 -64.79 -18.06
CA PHE K 324 -42.76 -63.96 -17.70
C PHE K 324 -44.09 -64.67 -17.90
N ASP K 325 -44.11 -65.83 -18.55
CA ASP K 325 -45.36 -66.53 -18.82
C ASP K 325 -45.96 -67.16 -17.58
N ALA K 326 -45.12 -67.63 -16.64
CA ALA K 326 -45.56 -68.40 -15.49
C ALA K 326 -45.55 -67.60 -14.20
N VAL K 327 -45.93 -66.32 -14.25
CA VAL K 327 -45.92 -65.42 -13.09
C VAL K 327 -47.36 -65.07 -12.77
N LYS K 328 -47.82 -65.45 -11.58
CA LYS K 328 -49.16 -65.13 -11.11
C LYS K 328 -49.16 -64.34 -9.81
N ASP K 329 -48.46 -64.82 -8.77
CA ASP K 329 -48.68 -64.35 -7.41
C ASP K 329 -47.36 -64.15 -6.69
N PHE K 330 -47.43 -63.42 -5.58
CA PHE K 330 -46.30 -63.16 -4.70
C PHE K 330 -46.83 -62.84 -3.31
N LYS K 331 -46.15 -63.35 -2.29
CA LYS K 331 -46.35 -62.90 -0.93
C LYS K 331 -45.01 -62.82 -0.22
N LEU K 332 -44.90 -61.82 0.65
CA LEU K 332 -43.64 -61.46 1.29
C LEU K 332 -43.32 -62.38 2.44
N GLY K 333 -42.08 -62.86 2.48
CA GLY K 333 -41.56 -63.64 3.58
C GLY K 333 -40.64 -62.83 4.47
N LYS K 334 -39.40 -63.30 4.61
CA LYS K 334 -38.39 -62.62 5.41
C LYS K 334 -37.62 -61.63 4.56
N PHE K 335 -37.13 -60.57 5.20
CA PHE K 335 -36.48 -59.48 4.50
C PHE K 335 -35.56 -58.75 5.47
N ASN K 336 -34.76 -57.84 4.91
CA ASN K 336 -33.84 -57.00 5.64
C ASN K 336 -34.30 -55.55 5.58
N TYR K 337 -33.74 -54.72 6.46
CA TYR K 337 -34.25 -53.39 6.71
C TYR K 337 -33.12 -52.44 7.06
N VAL K 338 -33.22 -51.21 6.54
CA VAL K 338 -32.27 -50.14 6.84
C VAL K 338 -33.06 -48.85 7.02
N ALA K 339 -32.64 -48.03 7.98
CA ALA K 339 -33.23 -46.72 8.24
C ALA K 339 -32.13 -45.68 8.31
N VAL K 340 -32.35 -44.52 7.69
CA VAL K 340 -31.36 -43.46 7.57
C VAL K 340 -32.05 -42.13 7.86
N GLY K 341 -31.49 -41.37 8.80
CA GLY K 341 -32.01 -40.06 9.16
C GLY K 341 -32.36 -39.89 10.62
N ASP K 342 -33.55 -39.36 10.88
CA ASP K 342 -34.07 -39.18 12.24
C ASP K 342 -34.50 -40.54 12.77
N VAL K 343 -33.51 -41.34 13.18
CA VAL K 343 -33.75 -42.74 13.51
C VAL K 343 -34.40 -42.94 14.86
N SER K 344 -34.65 -41.88 15.62
CA SER K 344 -35.39 -41.99 16.86
C SER K 344 -36.90 -42.01 16.63
N ASN K 345 -37.37 -41.53 15.48
CA ASN K 345 -38.79 -41.48 15.15
C ASN K 345 -39.17 -42.41 14.00
N LEU K 346 -38.28 -43.34 13.63
CA LEU K 346 -38.52 -44.31 12.58
C LEU K 346 -38.72 -45.70 13.20
N PRO K 347 -39.44 -46.61 12.52
CA PRO K 347 -39.76 -47.88 13.16
C PRO K 347 -38.60 -48.87 13.16
N TYR K 348 -38.75 -49.88 14.00
CA TYR K 348 -37.82 -51.00 14.10
C TYR K 348 -38.35 -52.19 13.32
N LEU K 349 -37.49 -53.19 13.16
CA LEU K 349 -37.84 -54.33 12.31
C LEU K 349 -38.92 -55.20 12.94
N ASP K 350 -38.84 -55.45 14.24
CA ASP K 350 -39.78 -56.35 14.90
C ASP K 350 -41.20 -55.79 15.00
N GLU K 351 -41.42 -54.52 14.63
CA GLU K 351 -42.74 -53.91 14.63
C GLU K 351 -43.25 -53.61 13.23
N LEU K 352 -42.62 -54.17 12.20
CA LEU K 352 -43.12 -54.11 10.84
C LEU K 352 -43.72 -55.45 10.44
N MET L 1 -5.33 -13.24 -13.51
CA MET L 1 -6.05 -11.94 -13.43
C MET L 1 -5.54 -10.92 -14.43
N ALA L 2 -6.28 -9.83 -14.57
CA ALA L 2 -5.91 -8.74 -15.45
C ALA L 2 -4.58 -8.14 -15.04
N PHE L 3 -3.89 -7.54 -16.02
CA PHE L 3 -2.58 -6.96 -15.77
C PHE L 3 -2.65 -5.74 -14.87
N ARG L 4 -3.75 -4.98 -14.92
CA ARG L 4 -3.91 -3.80 -14.09
C ARG L 4 -4.12 -4.14 -12.62
N LYS L 5 -4.35 -5.42 -12.29
CA LYS L 5 -4.53 -5.86 -10.92
C LYS L 5 -3.32 -6.63 -10.37
N SER L 6 -2.43 -7.09 -11.23
CA SER L 6 -1.26 -7.87 -10.85
C SER L 6 0.03 -7.07 -10.84
N ASN L 7 0.12 -6.00 -11.62
CA ASN L 7 1.31 -5.18 -11.65
C ASN L 7 1.37 -4.28 -10.43
N VAL L 8 2.59 -4.11 -9.91
CA VAL L 8 2.80 -3.37 -8.67
C VAL L 8 2.36 -1.92 -8.80
N TYR L 9 2.60 -1.29 -9.95
CA TYR L 9 2.31 0.14 -10.11
C TYR L 9 0.91 0.42 -10.63
N LEU L 10 0.39 -0.39 -11.55
CA LEU L 10 -0.97 -0.19 -12.03
C LEU L 10 -2.03 -0.62 -11.02
N SER L 11 -1.69 -1.53 -10.10
CA SER L 11 -2.62 -1.91 -9.05
C SER L 11 -3.06 -0.74 -8.20
N LEU L 12 -2.16 0.22 -7.95
CA LEU L 12 -2.53 1.41 -7.19
C LEU L 12 -3.48 2.29 -7.98
N VAL L 13 -3.24 2.44 -9.28
CA VAL L 13 -4.11 3.25 -10.12
C VAL L 13 -5.48 2.61 -10.22
N ASN L 14 -5.53 1.28 -10.40
CA ASN L 14 -6.80 0.58 -10.49
C ASN L 14 -7.59 0.70 -9.19
N SER L 15 -6.93 0.54 -8.05
CA SER L 15 -7.63 0.57 -6.77
C SER L 15 -8.16 1.96 -6.41
N TYR L 16 -7.66 3.02 -7.05
CA TYR L 16 -8.01 4.39 -6.71
C TYR L 16 -8.92 5.09 -7.71
N ILE L 17 -8.74 4.92 -9.02
CA ILE L 17 -9.47 5.69 -10.01
C ILE L 17 -10.24 4.85 -11.02
N ILE L 18 -10.17 3.51 -10.95
CA ILE L 18 -10.90 2.66 -11.90
C ILE L 18 -11.95 1.84 -11.17
N ASP L 19 -11.52 0.97 -10.26
CA ASP L 19 -12.40 0.00 -9.63
C ASP L 19 -12.82 0.39 -8.21
N SER L 20 -12.52 1.61 -7.78
CA SER L 20 -12.85 2.02 -6.43
C SER L 20 -14.36 2.04 -6.22
N PRO L 21 -14.90 1.40 -5.17
CA PRO L 21 -16.35 1.44 -4.97
C PRO L 21 -16.81 2.78 -4.40
N GLN L 22 -17.85 3.32 -5.00
CA GLN L 22 -18.41 4.63 -4.69
C GLN L 22 -19.90 4.52 -4.37
N PRO L 23 -20.44 5.36 -3.49
CA PRO L 23 -21.89 5.40 -3.35
C PRO L 23 -22.54 6.01 -4.56
N SER L 24 -23.68 5.46 -4.94
CA SER L 24 -24.41 5.87 -6.12
C SER L 24 -25.08 7.22 -5.99
N SER L 25 -25.34 7.70 -4.76
CA SER L 25 -26.16 8.88 -4.53
C SER L 25 -25.35 10.18 -4.33
N ILE L 26 -24.02 10.13 -4.38
CA ILE L 26 -23.24 11.35 -4.19
C ILE L 26 -23.52 12.33 -5.33
N ASN L 27 -23.54 13.62 -5.00
CA ASN L 27 -23.91 14.70 -5.90
C ASN L 27 -22.66 15.46 -6.34
N TYR L 28 -22.87 16.59 -7.02
CA TYR L 28 -21.79 17.35 -7.62
C TYR L 28 -20.92 18.09 -6.61
N TRP L 29 -21.33 18.17 -5.34
CA TRP L 29 -20.48 18.71 -4.30
C TRP L 29 -19.28 17.81 -3.99
N TRP L 30 -19.32 16.56 -4.42
CA TRP L 30 -18.22 15.62 -4.25
C TRP L 30 -17.19 15.72 -5.37
N ASN L 31 -17.31 16.71 -6.25
CA ASN L 31 -16.39 16.90 -7.36
C ASN L 31 -15.35 17.98 -7.11
N MET L 32 -15.41 18.67 -5.97
CA MET L 32 -14.47 19.75 -5.69
C MET L 32 -13.06 19.27 -5.36
N GLY L 33 -12.91 18.04 -4.86
CA GLY L 33 -11.60 17.54 -4.52
C GLY L 33 -10.74 17.14 -5.69
N SER L 34 -11.36 16.73 -6.80
CA SER L 34 -10.61 16.51 -8.03
C SER L 34 -10.17 17.84 -8.66
N LEU L 35 -10.97 18.90 -8.53
CA LEU L 35 -10.57 20.20 -9.04
C LEU L 35 -9.36 20.74 -8.30
N LEU L 36 -9.32 20.59 -6.97
CA LEU L 36 -8.17 21.03 -6.19
C LEU L 36 -6.89 20.30 -6.57
N GLY L 37 -6.98 19.12 -7.16
CA GLY L 37 -5.80 18.45 -7.67
C GLY L 37 -5.34 18.99 -9.00
N LEU L 38 -6.27 19.51 -9.79
CA LEU L 38 -5.93 20.21 -11.02
C LEU L 38 -5.36 21.59 -10.77
N CYS L 39 -5.89 22.30 -9.78
CA CYS L 39 -5.36 23.59 -9.38
C CYS L 39 -3.89 23.52 -8.98
N LEU L 40 -3.52 22.51 -8.19
CA LEU L 40 -2.14 22.35 -7.77
C LEU L 40 -1.21 22.04 -8.95
N VAL L 41 -1.70 21.33 -9.96
CA VAL L 41 -0.89 21.03 -11.14
C VAL L 41 -0.71 22.27 -12.00
N ILE L 42 -1.75 23.09 -12.11
CA ILE L 42 -1.64 24.35 -12.84
C ILE L 42 -0.60 25.26 -12.22
N GLN L 43 -0.66 25.44 -10.89
CA GLN L 43 0.26 26.35 -10.23
C GLN L 43 1.71 25.88 -10.31
N ILE L 44 1.96 24.59 -10.11
CA ILE L 44 3.35 24.14 -10.12
C ILE L 44 3.95 24.25 -11.51
N VAL L 45 3.15 24.05 -12.56
CA VAL L 45 3.67 24.08 -13.91
C VAL L 45 3.94 25.51 -14.36
N THR L 46 2.96 26.41 -14.19
CA THR L 46 3.14 27.79 -14.60
C THR L 46 4.24 28.49 -13.83
N GLY L 47 4.36 28.20 -12.54
CA GLY L 47 5.39 28.83 -11.72
C GLY L 47 6.80 28.40 -12.07
N ILE L 48 6.98 27.16 -12.50
CA ILE L 48 8.30 26.69 -12.90
C ILE L 48 8.74 27.33 -14.21
N PHE L 49 7.79 27.58 -15.12
CA PHE L 49 8.14 28.21 -16.39
C PHE L 49 8.41 29.69 -16.25
N MET L 50 7.85 30.34 -15.24
CA MET L 50 8.18 31.72 -14.93
C MET L 50 9.50 31.85 -14.18
N ALA L 51 9.82 30.90 -13.31
CA ALA L 51 11.06 30.92 -12.53
C ALA L 51 12.32 30.90 -13.38
N MET L 52 12.22 30.49 -14.64
CA MET L 52 13.35 30.56 -15.56
C MET L 52 13.70 31.98 -15.98
N HIS L 53 12.84 32.96 -15.70
CA HIS L 53 13.05 34.35 -16.09
C HIS L 53 13.02 35.31 -14.91
N TYR L 54 12.75 34.61 -13.75
CA TYR L 54 12.71 35.53 -12.63
C TYR L 54 14.10 35.76 -12.04
N SER L 55 14.21 37.11 -11.21
CA SER L 55 15.35 37.50 -10.39
C SER L 55 14.83 37.97 -9.04
N SER L 56 15.38 37.39 -7.97
CA SER L 56 14.85 37.60 -6.62
C SER L 56 15.53 38.75 -5.88
N ASN L 57 16.54 39.38 -6.47
CA ASN L 57 17.17 40.52 -5.84
C ASN L 57 16.20 41.69 -5.76
N ILE L 58 16.29 42.44 -4.66
CA ILE L 58 15.28 43.44 -4.35
C ILE L 58 15.31 44.61 -5.32
N GLU L 59 16.44 44.85 -5.98
CA GLU L 59 16.52 45.88 -7.01
C GLU L 59 16.15 45.36 -8.40
N LEU L 60 15.98 44.05 -8.57
CA LEU L 60 15.65 43.44 -9.85
C LEU L 60 14.29 42.76 -9.89
N ALA L 61 13.61 42.61 -8.75
CA ALA L 61 12.44 41.73 -8.66
C ALA L 61 11.25 42.30 -9.42
N PHE L 62 10.89 43.55 -9.16
CA PHE L 62 9.73 44.15 -9.80
C PHE L 62 9.90 44.24 -11.31
N SER L 63 11.09 44.64 -11.76
CA SER L 63 11.32 44.81 -13.19
C SER L 63 11.44 43.47 -13.91
N SER L 64 11.65 42.38 -13.18
CA SER L 64 11.69 41.04 -13.79
C SER L 64 10.30 40.50 -14.07
N VAL L 65 9.30 40.90 -13.29
CA VAL L 65 7.93 40.50 -13.56
C VAL L 65 7.35 41.26 -14.75
N GLU L 66 7.80 42.49 -14.96
CA GLU L 66 7.44 43.23 -16.17
C GLU L 66 8.16 42.71 -17.40
N HIS L 67 9.40 42.24 -17.24
CA HIS L 67 10.09 41.55 -18.32
C HIS L 67 9.35 40.29 -18.75
N ILE L 68 8.66 39.63 -17.82
CA ILE L 68 7.86 38.46 -18.15
C ILE L 68 6.63 38.88 -18.94
N MET L 69 6.07 40.04 -18.63
CA MET L 69 4.83 40.50 -19.24
C MET L 69 5.02 41.12 -20.61
N ARG L 70 6.21 41.64 -20.91
CA ARG L 70 6.49 42.36 -22.16
C ARG L 70 7.35 41.58 -23.14
N ASP L 71 8.39 40.90 -22.68
CA ASP L 71 9.41 40.34 -23.54
C ASP L 71 9.29 38.83 -23.74
N VAL L 72 8.85 38.10 -22.72
CA VAL L 72 8.70 36.65 -22.81
C VAL L 72 7.51 36.33 -23.70
N HIS L 73 7.71 35.39 -24.63
CA HIS L 73 6.63 34.95 -25.50
C HIS L 73 5.60 34.17 -24.70
N ASN L 74 4.35 34.60 -24.79
CA ASN L 74 3.25 34.01 -24.03
C ASN L 74 3.49 34.13 -22.53
N GLY L 75 4.10 35.26 -22.12
CA GLY L 75 4.41 35.47 -20.72
C GLY L 75 3.27 36.06 -19.94
N TYR L 76 2.46 36.91 -20.57
CA TYR L 76 1.27 37.43 -19.92
C TYR L 76 0.22 36.34 -19.68
N ILE L 77 0.24 35.27 -20.46
CA ILE L 77 -0.67 34.15 -20.22
C ILE L 77 -0.21 33.36 -19.00
N LEU L 78 1.10 33.16 -18.85
CA LEU L 78 1.63 32.44 -17.70
C LEU L 78 1.29 33.14 -16.39
N ARG L 79 1.51 34.45 -16.32
CA ARG L 79 1.31 35.17 -15.06
C ARG L 79 -0.17 35.25 -14.68
N TYR L 80 -1.01 35.75 -15.58
CA TYR L 80 -2.41 35.94 -15.24
C TYR L 80 -3.11 34.62 -14.93
N LEU L 81 -2.75 33.56 -15.63
CA LEU L 81 -3.22 32.22 -15.26
C LEU L 81 -2.72 31.80 -13.89
N HIS L 82 -1.61 32.36 -13.44
CA HIS L 82 -1.04 32.05 -12.13
C HIS L 82 -1.64 32.89 -11.01
N ALA L 83 -1.84 34.18 -11.26
CA ALA L 83 -2.38 35.08 -10.26
C ALA L 83 -3.88 34.85 -10.04
N ASN L 84 -4.63 34.59 -11.11
CA ASN L 84 -6.04 34.27 -10.99
C ASN L 84 -6.26 32.81 -10.62
N GLY L 85 -5.29 31.94 -10.89
CA GLY L 85 -5.41 30.56 -10.50
C GLY L 85 -5.40 30.34 -9.00
N ALA L 86 -4.69 31.18 -8.26
CA ALA L 86 -4.63 31.07 -6.81
C ALA L 86 -5.92 31.53 -6.15
N SER L 87 -6.58 32.53 -6.72
CA SER L 87 -7.89 32.94 -6.23
C SER L 87 -8.95 31.88 -6.48
N PHE L 88 -8.83 31.13 -7.57
CA PHE L 88 -9.74 30.02 -7.85
C PHE L 88 -9.44 28.82 -6.98
N PHE L 89 -8.17 28.60 -6.63
CA PHE L 89 -7.77 27.53 -5.74
C PHE L 89 -8.36 27.70 -4.33
N PHE L 90 -8.42 28.94 -3.83
CA PHE L 90 -8.95 29.18 -2.50
C PHE L 90 -10.47 29.14 -2.46
N MET L 91 -11.13 29.46 -3.57
CA MET L 91 -12.58 29.45 -3.61
C MET L 91 -13.14 28.04 -3.65
N VAL L 92 -12.43 27.11 -4.28
CA VAL L 92 -12.86 25.73 -4.32
C VAL L 92 -12.60 25.03 -3.00
N MET L 93 -11.59 25.48 -2.25
CA MET L 93 -11.30 24.92 -0.93
C MET L 93 -12.31 25.36 0.13
N PHE L 94 -12.79 26.60 0.06
CA PHE L 94 -13.83 27.02 0.98
C PHE L 94 -15.12 26.24 0.75
N MET L 95 -15.39 25.83 -0.49
CA MET L 95 -16.57 25.05 -0.79
C MET L 95 -16.41 23.60 -0.39
N HIS L 96 -15.20 23.06 -0.54
CA HIS L 96 -14.87 21.72 -0.10
C HIS L 96 -15.05 21.56 1.40
N MET L 97 -14.53 22.51 2.16
CA MET L 97 -14.61 22.47 3.62
C MET L 97 -16.03 22.69 4.11
N ALA L 98 -16.75 23.66 3.55
CA ALA L 98 -18.13 23.91 3.95
C ALA L 98 -19.04 22.72 3.66
N LYS L 99 -18.72 21.95 2.62
CA LYS L 99 -19.41 20.70 2.36
C LYS L 99 -19.28 19.72 3.52
N GLY L 100 -18.05 19.52 4.00
CA GLY L 100 -17.83 18.65 5.15
C GLY L 100 -18.54 19.08 6.41
N LEU L 101 -18.64 20.39 6.65
CA LEU L 101 -19.43 20.89 7.77
C LEU L 101 -20.89 20.50 7.67
N TYR L 102 -21.42 20.40 6.44
CA TYR L 102 -22.85 20.20 6.24
C TYR L 102 -23.23 18.73 6.36
N TYR L 103 -22.48 17.86 5.70
CA TYR L 103 -22.82 16.44 5.63
C TYR L 103 -22.16 15.60 6.73
N GLY L 104 -21.41 16.22 7.64
CA GLY L 104 -20.87 15.52 8.78
C GLY L 104 -19.66 14.67 8.50
N SER L 105 -18.87 15.01 7.47
CA SER L 105 -17.75 14.18 7.05
C SER L 105 -16.58 14.19 8.03
N TYR L 106 -16.60 15.08 9.01
CA TYR L 106 -15.58 15.15 10.06
C TYR L 106 -15.77 14.12 11.15
N ARG L 107 -16.95 13.52 11.28
CA ARG L 107 -17.24 12.62 12.38
C ARG L 107 -16.51 11.30 12.19
N SER L 108 -16.53 10.50 13.25
CA SER L 108 -15.95 9.17 13.19
C SER L 108 -16.64 8.36 12.10
N PRO L 109 -15.90 7.52 11.36
CA PRO L 109 -14.49 7.14 11.46
C PRO L 109 -13.50 7.96 10.62
N ARG L 110 -13.87 9.18 10.24
CA ARG L 110 -13.07 10.01 9.33
C ARG L 110 -12.50 11.25 10.03
N VAL L 111 -12.08 11.08 11.28
CA VAL L 111 -11.49 12.20 12.03
C VAL L 111 -10.07 12.48 11.59
N THR L 112 -9.30 11.43 11.25
CA THR L 112 -7.92 11.63 10.83
C THR L 112 -7.84 12.27 9.45
N LEU L 113 -8.79 11.98 8.58
CA LEU L 113 -8.83 12.62 7.27
C LEU L 113 -9.11 14.13 7.39
N TRP L 114 -9.94 14.51 8.35
CA TRP L 114 -10.26 15.91 8.59
C TRP L 114 -9.11 16.67 9.22
N ASN L 115 -8.25 15.99 9.97
CA ASN L 115 -7.13 16.65 10.64
C ASN L 115 -5.98 16.90 9.69
N VAL L 116 -5.76 16.01 8.73
CA VAL L 116 -4.74 16.24 7.71
C VAL L 116 -5.17 17.35 6.76
N GLY L 117 -6.48 17.54 6.58
CA GLY L 117 -6.97 18.64 5.78
C GLY L 117 -6.69 20.00 6.39
N VAL L 118 -6.84 20.13 7.70
CA VAL L 118 -6.55 21.38 8.39
C VAL L 118 -5.07 21.75 8.27
N ILE L 119 -4.20 20.76 8.11
CA ILE L 119 -2.78 21.03 7.91
C ILE L 119 -2.53 21.55 6.51
N ILE L 120 -3.25 21.04 5.52
CA ILE L 120 -3.12 21.52 4.15
C ILE L 120 -3.54 22.99 4.07
N PHE L 121 -4.61 23.35 4.76
CA PHE L 121 -5.11 24.72 4.75
C PHE L 121 -4.10 25.70 5.33
N ILE L 122 -3.32 25.27 6.33
CA ILE L 122 -2.30 26.14 6.92
C ILE L 122 -1.16 26.35 5.94
N LEU L 123 -0.71 25.29 5.28
CA LEU L 123 0.40 25.38 4.34
C LEU L 123 0.06 26.14 3.08
N THR L 124 -1.23 26.28 2.74
CA THR L 124 -1.64 26.99 1.55
C THR L 124 -1.78 28.48 1.78
N ILE L 125 -2.17 28.88 2.99
CA ILE L 125 -2.13 30.29 3.36
C ILE L 125 -0.68 30.79 3.38
N ALA L 126 0.24 29.96 3.87
CA ALA L 126 1.63 30.34 3.93
C ALA L 126 2.22 30.52 2.53
N THR L 127 1.96 29.56 1.65
CA THR L 127 2.47 29.61 0.28
C THR L 127 2.01 30.88 -0.45
N ALA L 128 0.71 31.18 -0.40
CA ALA L 128 0.19 32.36 -1.08
C ALA L 128 0.77 33.67 -0.55
N PHE L 129 1.05 33.74 0.76
CA PHE L 129 1.65 34.94 1.33
C PHE L 129 3.07 35.15 0.84
N LEU L 130 3.87 34.09 0.78
CA LEU L 130 5.27 34.24 0.42
C LEU L 130 5.44 34.66 -1.04
N GLY L 131 4.54 34.22 -1.93
CA GLY L 131 4.65 34.59 -3.32
C GLY L 131 4.18 35.98 -3.65
N TYR L 132 3.20 36.48 -2.92
CA TYR L 132 2.77 37.87 -3.07
C TYR L 132 3.88 38.84 -2.69
N CYS L 133 4.78 38.43 -1.81
CA CYS L 133 5.92 39.26 -1.46
C CYS L 133 7.02 39.24 -2.52
N CYS L 134 7.24 38.09 -3.29
CA CYS L 134 8.16 38.01 -4.41
C CYS L 134 7.89 39.06 -5.49
N VAL L 135 6.73 39.68 -5.59
CA VAL L 135 6.50 40.71 -6.59
C VAL L 135 7.24 42.00 -6.20
N TYR L 136 7.24 42.30 -4.91
CA TYR L 136 7.81 43.52 -4.35
C TYR L 136 7.18 44.77 -4.97
N GLY L 137 5.85 44.79 -4.96
CA GLY L 137 5.10 46.01 -5.13
C GLY L 137 4.97 46.76 -3.83
N GLN L 138 4.05 47.72 -3.83
CA GLN L 138 3.83 48.53 -2.65
C GLN L 138 2.98 47.82 -1.60
N MET L 139 2.05 46.95 -2.02
CA MET L 139 1.33 46.13 -1.06
C MET L 139 2.15 44.96 -0.56
N SER L 140 3.01 44.38 -1.36
CA SER L 140 4.00 43.33 -1.07
C SER L 140 5.00 43.69 0.00
N HIS L 141 5.40 44.95 0.12
CA HIS L 141 6.41 45.42 1.08
C HIS L 141 5.84 45.73 2.45
N TRP L 142 4.73 46.39 2.48
CA TRP L 142 4.03 46.79 3.69
C TRP L 142 3.13 45.71 4.26
N GLY L 143 2.79 44.69 3.48
CA GLY L 143 2.14 43.52 4.04
C GLY L 143 3.07 42.61 4.81
N ALA L 144 4.30 42.44 4.32
CA ALA L 144 5.31 41.72 5.07
C ALA L 144 5.80 42.48 6.29
N THR L 145 5.68 43.80 6.29
CA THR L 145 6.08 44.59 7.44
C THR L 145 5.16 44.36 8.64
N VAL L 146 3.85 44.46 8.41
CA VAL L 146 2.90 44.40 9.51
C VAL L 146 2.62 42.98 9.99
N ILE L 147 2.91 41.97 9.17
CA ILE L 147 2.71 40.57 9.59
C ILE L 147 3.92 40.04 10.32
N THR L 148 5.13 40.31 9.86
CA THR L 148 6.32 39.83 10.56
C THR L 148 6.53 40.55 11.88
N ASN L 149 5.98 41.76 12.04
CA ASN L 149 6.08 42.49 13.29
C ASN L 149 5.08 42.04 14.34
N LEU L 150 4.17 41.12 14.01
CA LEU L 150 3.27 40.56 15.00
C LEU L 150 3.96 39.56 15.92
N PHE L 151 5.00 38.90 15.44
CA PHE L 151 5.79 37.98 16.25
C PHE L 151 6.73 38.69 17.20
N SER L 152 6.70 40.02 17.27
CA SER L 152 7.44 40.77 18.28
C SER L 152 6.74 40.81 19.63
N ALA L 153 5.46 40.41 19.69
CA ALA L 153 4.71 40.40 20.94
C ALA L 153 4.86 39.10 21.71
N ILE L 154 5.49 38.08 21.13
CA ILE L 154 5.72 36.84 21.87
C ILE L 154 6.70 37.12 23.01
N PRO L 155 6.40 36.73 24.25
CA PRO L 155 7.26 37.16 25.37
C PRO L 155 8.62 36.51 25.35
N PHE L 156 9.66 37.34 25.44
CA PHE L 156 11.03 36.93 25.71
C PHE L 156 11.76 36.30 24.51
N VAL L 157 11.06 36.04 23.40
CA VAL L 157 11.70 35.57 22.18
C VAL L 157 11.16 36.30 20.96
N GLY L 158 10.49 37.44 21.19
CA GLY L 158 9.81 38.10 20.09
C GLY L 158 10.73 38.90 19.20
N ASN L 159 11.63 39.67 19.82
CA ASN L 159 12.53 40.53 19.06
C ASN L 159 13.67 39.77 18.40
N ASP L 160 13.84 38.48 18.70
CA ASP L 160 14.90 37.67 18.12
C ASP L 160 14.43 36.79 16.97
N ILE L 161 13.15 36.44 16.93
CA ILE L 161 12.60 35.68 15.80
C ILE L 161 12.24 36.60 14.64
N VAL L 162 12.04 37.89 14.88
CA VAL L 162 11.74 38.83 13.81
C VAL L 162 13.01 39.21 13.06
N SER L 163 14.11 39.46 13.79
CA SER L 163 15.38 39.73 13.14
C SER L 163 15.93 38.51 12.43
N TRP L 164 15.48 37.31 12.81
CA TRP L 164 15.86 36.08 12.16
C TRP L 164 15.03 35.79 10.92
N LEU L 165 13.76 36.17 10.91
CA LEU L 165 12.96 36.08 9.69
C LEU L 165 13.45 37.07 8.63
N TRP L 166 13.71 38.30 9.05
CA TRP L 166 14.12 39.35 8.12
C TRP L 166 15.54 39.16 7.61
N GLY L 167 16.42 38.54 8.39
CA GLY L 167 17.81 38.49 8.03
C GLY L 167 18.53 39.79 8.23
N GLY L 168 17.97 40.68 9.02
CA GLY L 168 18.55 41.99 9.26
C GLY L 168 17.68 42.79 10.21
N PHE L 169 17.48 44.06 9.89
CA PHE L 169 16.73 44.98 10.74
C PHE L 169 15.51 45.57 10.04
N SER L 170 15.12 45.04 8.90
CA SER L 170 13.96 45.52 8.16
C SER L 170 13.69 44.55 7.03
N VAL L 171 12.52 44.69 6.43
CA VAL L 171 12.23 43.98 5.18
C VAL L 171 13.18 44.51 4.12
N SER L 172 14.07 43.67 3.65
CA SER L 172 15.19 44.08 2.82
C SER L 172 15.58 42.92 1.92
N ASN L 173 16.76 43.00 1.31
CA ASN L 173 17.14 42.04 0.29
C ASN L 173 17.28 40.61 0.79
N PRO L 174 17.82 40.33 1.98
CA PRO L 174 17.77 38.95 2.49
C PRO L 174 16.36 38.44 2.65
N THR L 175 15.39 39.32 2.91
CA THR L 175 14.02 38.90 3.13
C THR L 175 13.39 38.36 1.84
N ILE L 176 13.63 39.04 0.72
CA ILE L 176 12.99 38.68 -0.53
C ILE L 176 13.65 37.46 -1.16
N GLN L 177 14.96 37.28 -0.95
CA GLN L 177 15.65 36.14 -1.54
C GLN L 177 15.30 34.82 -0.84
N ARG L 178 15.04 34.86 0.47
CA ARG L 178 14.66 33.66 1.20
C ARG L 178 13.18 33.35 1.09
N PHE L 179 12.34 34.35 0.89
CA PHE L 179 10.92 34.12 0.66
C PHE L 179 10.67 33.40 -0.66
N PHE L 180 11.49 33.66 -1.69
CA PHE L 180 11.32 32.97 -2.96
C PHE L 180 11.75 31.52 -2.88
N ALA L 181 12.81 31.22 -2.14
CA ALA L 181 13.31 29.86 -2.06
C ALA L 181 12.40 28.96 -1.21
N LEU L 182 11.80 29.51 -0.16
CA LEU L 182 10.80 28.78 0.59
C LEU L 182 9.52 28.59 -0.19
N HIS L 183 9.24 29.49 -1.14
CA HIS L 183 8.00 29.47 -1.88
C HIS L 183 7.93 28.37 -2.92
N TYR L 184 9.07 27.99 -3.49
CA TYR L 184 9.12 26.84 -4.39
C TYR L 184 8.99 25.53 -3.61
N LEU L 185 9.53 25.49 -2.38
CA LEU L 185 9.56 24.28 -1.59
C LEU L 185 8.18 23.83 -1.14
N VAL L 186 7.44 24.70 -0.48
CA VAL L 186 6.22 24.34 0.26
C VAL L 186 5.16 23.70 -0.64
N PRO L 187 5.02 24.09 -1.91
CA PRO L 187 4.12 23.35 -2.80
C PRO L 187 4.40 21.86 -2.91
N PHE L 188 5.65 21.43 -2.73
CA PHE L 188 5.97 20.01 -2.74
C PHE L 188 5.71 19.33 -1.40
N ILE L 189 5.62 20.08 -0.32
CA ILE L 189 5.17 19.52 0.95
C ILE L 189 3.66 19.33 0.92
N ILE L 190 2.94 20.25 0.28
CA ILE L 190 1.50 20.10 0.10
C ILE L 190 1.18 18.84 -0.69
N ALA L 191 1.98 18.55 -1.73
CA ALA L 191 1.75 17.37 -2.54
C ALA L 191 1.91 16.07 -1.77
N ALA L 192 2.74 16.07 -0.71
CA ALA L 192 2.87 14.89 0.13
C ALA L 192 1.78 14.80 1.18
N MET L 193 1.25 15.93 1.64
CA MET L 193 0.07 15.91 2.48
C MET L 193 -1.16 15.42 1.73
N VAL L 194 -1.22 15.66 0.43
CA VAL L 194 -2.34 15.19 -0.37
C VAL L 194 -2.31 13.68 -0.51
N ILE L 195 -1.11 13.09 -0.62
CA ILE L 195 -0.99 11.64 -0.68
C ILE L 195 -1.45 10.99 0.62
N MET L 196 -1.03 11.55 1.76
CA MET L 196 -1.49 11.06 3.05
C MET L 196 -2.98 11.27 3.23
N HIS L 197 -3.52 12.32 2.63
CA HIS L 197 -4.95 12.60 2.72
C HIS L 197 -5.78 11.55 1.98
N LEU L 198 -5.33 11.13 0.80
CA LEU L 198 -6.03 10.11 0.04
C LEU L 198 -5.93 8.73 0.70
N MET L 199 -4.80 8.43 1.33
CA MET L 199 -4.64 7.16 2.02
C MET L 199 -5.64 7.00 3.16
N ALA L 200 -5.97 8.08 3.87
CA ALA L 200 -6.94 8.02 4.94
C ALA L 200 -8.38 7.92 4.45
N LEU L 201 -8.61 8.17 3.16
CA LEU L 201 -9.94 8.08 2.58
C LEU L 201 -10.21 6.68 2.03
N HIS L 202 -9.16 5.94 1.69
CA HIS L 202 -9.31 4.65 1.04
C HIS L 202 -9.71 3.54 2.01
N ILE L 203 -9.55 3.75 3.31
CA ILE L 203 -9.80 2.69 4.28
C ILE L 203 -11.27 2.63 4.69
N HIS L 204 -11.98 3.75 4.59
CA HIS L 204 -13.41 3.81 4.88
C HIS L 204 -14.24 4.32 3.73
N GLY L 205 -13.63 4.98 2.75
CA GLY L 205 -14.37 5.53 1.64
C GLY L 205 -15.10 6.81 1.97
N SER L 206 -15.89 7.23 1.00
CA SER L 206 -16.65 8.46 1.07
C SER L 206 -18.02 8.23 1.70
N SER L 207 -18.60 9.33 2.17
CA SER L 207 -19.95 9.38 2.67
C SER L 207 -20.91 9.72 1.53
N ASN L 208 -22.14 10.05 1.89
CA ASN L 208 -23.21 10.30 0.93
C ASN L 208 -24.18 11.28 1.57
N PRO L 209 -24.99 11.97 0.77
CA PRO L 209 -25.85 13.03 1.33
C PRO L 209 -26.95 12.56 2.25
N LEU L 210 -27.22 11.26 2.35
CA LEU L 210 -28.24 10.76 3.26
C LEU L 210 -27.69 10.49 4.66
N GLY L 211 -26.40 10.21 4.78
CA GLY L 211 -25.76 10.02 6.05
C GLY L 211 -25.93 8.66 6.65
N ILE L 212 -26.20 7.66 5.83
CA ILE L 212 -26.38 6.28 6.26
C ILE L 212 -25.36 5.45 5.50
N THR L 213 -25.39 4.14 5.70
CA THR L 213 -24.38 3.29 5.09
C THR L 213 -24.57 3.22 3.58
N GLY L 214 -23.45 3.06 2.88
CA GLY L 214 -23.44 2.93 1.43
C GLY L 214 -23.01 1.58 0.91
N ASN L 215 -22.80 0.59 1.79
CA ASN L 215 -22.30 -0.71 1.40
C ASN L 215 -23.34 -1.59 0.72
N LEU L 216 -24.59 -1.15 0.62
CA LEU L 216 -25.65 -1.90 -0.04
C LEU L 216 -25.80 -1.56 -1.51
N ASP L 217 -25.24 -0.46 -1.98
CA ASP L 217 -25.43 0.01 -3.35
C ASP L 217 -24.17 0.77 -3.77
N ARG L 218 -23.30 0.11 -4.51
CA ARG L 218 -22.02 0.66 -4.94
C ARG L 218 -21.86 0.48 -6.44
N ILE L 219 -21.23 1.47 -7.07
CA ILE L 219 -20.90 1.43 -8.49
C ILE L 219 -19.43 1.82 -8.65
N PRO L 220 -18.71 1.35 -9.66
CA PRO L 220 -17.29 1.68 -9.77
C PRO L 220 -17.06 3.09 -10.30
N MET L 221 -15.79 3.49 -10.29
CA MET L 221 -15.41 4.86 -10.63
C MET L 221 -15.36 5.07 -12.14
N HIS L 222 -14.82 4.11 -12.88
CA HIS L 222 -14.62 4.31 -14.31
C HIS L 222 -15.93 4.38 -15.06
N SER L 223 -16.08 5.46 -15.85
CA SER L 223 -17.10 5.75 -16.83
C SER L 223 -18.41 6.24 -16.22
N TYR L 224 -18.55 6.28 -14.91
CA TYR L 224 -19.65 6.96 -14.25
C TYR L 224 -19.20 8.25 -13.58
N PHE L 225 -18.14 8.18 -12.77
CA PHE L 225 -17.63 9.33 -12.04
C PHE L 225 -16.37 9.91 -12.66
N ILE L 226 -15.78 9.24 -13.65
CA ILE L 226 -14.76 9.86 -14.47
C ILE L 226 -15.38 10.86 -15.42
N PHE L 227 -16.53 10.53 -16.01
CA PHE L 227 -17.24 11.40 -16.92
C PHE L 227 -18.14 12.41 -16.23
N LYS L 228 -18.46 12.20 -14.94
CA LYS L 228 -19.11 13.23 -14.14
C LYS L 228 -18.11 14.26 -13.61
N ASP L 229 -16.86 13.84 -13.36
CA ASP L 229 -15.80 14.78 -13.04
C ASP L 229 -15.39 15.64 -14.23
N LEU L 230 -15.54 15.11 -15.45
CA LEU L 230 -15.20 15.83 -16.66
C LEU L 230 -16.13 17.00 -16.94
N VAL L 231 -17.35 16.97 -16.40
CA VAL L 231 -18.29 18.06 -16.59
C VAL L 231 -17.81 19.32 -15.88
N THR L 232 -17.35 19.17 -14.63
CA THR L 232 -16.92 20.32 -13.85
C THR L 232 -15.51 20.80 -14.18
N VAL L 233 -14.69 19.95 -14.80
CA VAL L 233 -13.36 20.39 -15.25
C VAL L 233 -13.49 21.43 -16.36
N PHE L 234 -14.37 21.20 -17.33
CA PHE L 234 -14.50 22.12 -18.46
C PHE L 234 -15.27 23.38 -18.10
N LEU L 235 -16.07 23.36 -17.04
CA LEU L 235 -16.66 24.59 -16.52
C LEU L 235 -15.63 25.41 -15.76
N PHE L 236 -14.73 24.74 -15.05
CA PHE L 236 -13.66 25.43 -14.34
C PHE L 236 -12.74 26.18 -15.30
N MET L 237 -12.30 25.51 -16.37
CA MET L 237 -11.43 26.15 -17.35
C MET L 237 -12.13 27.29 -18.08
N LEU L 238 -13.42 27.14 -18.37
CA LEU L 238 -14.17 28.17 -19.06
C LEU L 238 -14.29 29.45 -18.23
N ILE L 239 -14.58 29.32 -16.94
CA ILE L 239 -14.72 30.50 -16.09
C ILE L 239 -13.35 31.11 -15.81
N LEU L 240 -12.31 30.29 -15.70
CA LEU L 240 -10.96 30.82 -15.52
C LEU L 240 -10.48 31.54 -16.76
N ALA L 241 -10.75 31.00 -17.94
CA ALA L 241 -10.37 31.66 -19.18
C ALA L 241 -11.04 33.02 -19.34
N LEU L 242 -12.29 33.14 -18.89
CA LEU L 242 -12.98 34.43 -18.96
C LEU L 242 -12.30 35.50 -18.12
N PHE L 243 -11.63 35.11 -17.03
CA PHE L 243 -10.95 36.06 -16.16
C PHE L 243 -9.53 36.36 -16.63
N VAL L 244 -8.86 35.37 -17.22
CA VAL L 244 -7.48 35.57 -17.66
C VAL L 244 -7.42 36.42 -18.94
N PHE L 245 -8.45 36.36 -19.79
CA PHE L 245 -8.41 36.97 -21.11
C PHE L 245 -9.27 38.22 -21.25
N TYR L 246 -10.17 38.49 -20.30
CA TYR L 246 -11.11 39.62 -20.44
C TYR L 246 -11.16 40.52 -19.21
N SER L 247 -10.76 40.01 -18.04
CA SER L 247 -10.73 40.81 -16.81
C SER L 247 -9.61 40.32 -15.91
N PRO L 248 -8.35 40.51 -16.32
CA PRO L 248 -7.23 39.88 -15.61
C PRO L 248 -6.72 40.62 -14.39
N ASN L 249 -7.25 41.80 -14.06
CA ASN L 249 -6.79 42.57 -12.91
C ASN L 249 -7.96 43.03 -12.04
N THR L 250 -9.05 42.26 -12.00
CA THR L 250 -10.21 42.61 -11.20
C THR L 250 -10.10 42.09 -9.78
N LEU L 251 -9.42 40.96 -9.58
CA LEU L 251 -9.21 40.37 -8.26
C LEU L 251 -7.85 40.72 -7.67
N GLY L 252 -7.34 41.92 -7.96
CA GLY L 252 -6.12 42.40 -7.36
C GLY L 252 -6.24 43.86 -6.97
N HIS L 253 -5.14 44.39 -6.45
CA HIS L 253 -5.05 45.76 -5.98
C HIS L 253 -4.20 46.62 -6.94
N PRO L 254 -4.61 47.85 -7.27
CA PRO L 254 -3.78 48.67 -8.16
C PRO L 254 -2.44 49.06 -7.60
N ASP L 255 -2.32 49.25 -6.28
CA ASP L 255 -1.08 49.77 -5.70
C ASP L 255 0.09 48.81 -5.81
N ASN L 256 -0.13 47.57 -6.22
CA ASN L 256 0.96 46.63 -6.42
C ASN L 256 1.64 46.78 -7.77
N TYR L 257 1.18 47.68 -8.63
CA TYR L 257 1.91 48.09 -9.82
C TYR L 257 2.80 49.30 -9.58
N ILE L 258 2.87 49.77 -8.35
CA ILE L 258 3.87 50.76 -7.92
C ILE L 258 5.03 49.99 -7.29
N PRO L 259 6.28 50.32 -7.59
CA PRO L 259 7.39 49.62 -6.92
C PRO L 259 7.46 49.97 -5.44
N GLY L 260 7.96 49.00 -4.67
CA GLY L 260 8.01 49.13 -3.23
C GLY L 260 8.93 50.26 -2.80
N ASN L 261 8.42 51.12 -1.92
CA ASN L 261 9.17 52.28 -1.40
C ASN L 261 8.96 52.32 0.11
N PRO L 262 9.97 52.03 0.93
CA PRO L 262 9.75 52.04 2.38
C PRO L 262 9.56 53.42 2.99
N LEU L 263 9.87 54.50 2.30
CA LEU L 263 9.67 55.84 2.84
C LEU L 263 8.24 56.32 2.71
N VAL L 264 7.57 55.95 1.64
CA VAL L 264 6.19 56.34 1.38
C VAL L 264 5.29 55.17 1.78
N THR L 265 4.32 55.45 2.63
CA THR L 265 3.35 54.44 3.05
C THR L 265 2.07 54.57 2.24
N PRO L 266 1.32 53.50 1.98
CA PRO L 266 0.01 53.66 1.35
C PRO L 266 -1.04 54.15 2.33
N ALA L 267 -2.16 54.60 1.76
CA ALA L 267 -3.26 55.09 2.57
C ALA L 267 -4.06 53.95 3.18
N SER L 268 -4.10 52.78 2.53
CA SER L 268 -4.80 51.63 3.05
C SER L 268 -4.01 50.38 2.70
N ILE L 269 -3.61 49.62 3.70
CA ILE L 269 -2.82 48.40 3.53
C ILE L 269 -3.74 47.23 3.86
N VAL L 270 -4.10 46.46 2.83
CA VAL L 270 -5.03 45.34 2.96
C VAL L 270 -4.43 44.12 2.28
N PRO L 271 -4.71 42.88 2.73
CA PRO L 271 -4.28 41.71 1.98
C PRO L 271 -5.15 41.41 0.77
N GLU L 272 -4.84 40.31 0.10
CA GLU L 272 -5.74 39.75 -0.90
C GLU L 272 -7.09 39.40 -0.26
N TRP L 273 -8.07 39.17 -1.13
CA TRP L 273 -9.45 39.06 -0.67
C TRP L 273 -9.70 37.84 0.20
N TYR L 274 -8.85 36.82 0.14
CA TYR L 274 -9.11 35.56 0.82
C TYR L 274 -8.46 35.47 2.19
N LEU L 275 -7.67 36.46 2.59
CA LEU L 275 -7.18 36.59 3.96
C LEU L 275 -7.87 37.72 4.73
N LEU L 276 -8.91 38.33 4.17
CA LEU L 276 -9.59 39.42 4.86
C LEU L 276 -10.45 38.98 6.04
N PRO L 277 -11.12 37.83 6.05
CA PRO L 277 -11.85 37.44 7.27
C PRO L 277 -10.94 37.24 8.47
N PHE L 278 -9.74 36.73 8.26
CA PHE L 278 -8.78 36.54 9.34
C PHE L 278 -8.06 37.82 9.72
N TYR L 279 -7.98 38.78 8.79
CA TYR L 279 -7.39 40.07 9.09
C TYR L 279 -8.33 40.93 9.92
N ALA L 280 -9.63 40.67 9.87
CA ALA L 280 -10.60 41.40 10.68
C ALA L 280 -10.76 40.83 12.07
N ILE L 281 -10.47 39.55 12.26
CA ILE L 281 -10.48 38.96 13.60
C ILE L 281 -9.31 39.48 14.40
N LEU L 282 -8.18 39.77 13.75
CA LEU L 282 -7.00 40.29 14.43
C LEU L 282 -7.25 41.70 14.98
N ARG L 283 -7.87 42.57 14.19
CA ARG L 283 -8.11 43.95 14.59
C ARG L 283 -9.22 44.10 15.62
N SER L 284 -9.95 43.04 15.92
CA SER L 284 -11.03 43.11 16.89
C SER L 284 -10.56 43.13 18.33
N ILE L 285 -9.38 42.58 18.59
CA ILE L 285 -8.82 42.51 19.94
C ILE L 285 -7.90 43.71 20.13
N PRO L 286 -8.09 44.54 21.16
CA PRO L 286 -7.27 45.74 21.30
C PRO L 286 -5.90 45.52 21.92
N ASP L 287 -5.51 44.27 22.19
CA ASP L 287 -4.18 43.95 22.69
C ASP L 287 -3.41 43.18 21.63
N LYS L 288 -2.12 43.49 21.51
CA LYS L 288 -1.33 42.92 20.43
C LYS L 288 -1.11 41.43 20.62
N LEU L 289 -0.81 40.98 21.84
CA LEU L 289 -0.51 39.57 22.05
C LEU L 289 -1.76 38.71 21.89
N LEU L 290 -2.90 39.17 22.40
CA LEU L 290 -4.11 38.37 22.34
C LEU L 290 -4.72 38.32 20.95
N GLY L 291 -4.43 39.32 20.11
CA GLY L 291 -4.93 39.29 18.74
C GLY L 291 -4.23 38.28 17.86
N VAL L 292 -2.95 38.03 18.11
CA VAL L 292 -2.21 37.04 17.34
C VAL L 292 -2.64 35.63 17.72
N ILE L 293 -2.89 35.41 19.01
CA ILE L 293 -3.37 34.11 19.48
C ILE L 293 -4.75 33.83 18.91
N THR L 294 -5.62 34.83 18.91
CA THR L 294 -6.98 34.66 18.42
C THR L 294 -7.04 34.43 16.92
N MET L 295 -6.16 35.08 16.15
CA MET L 295 -6.12 34.86 14.71
C MET L 295 -5.77 33.41 14.38
N PHE L 296 -4.76 32.86 15.05
CA PHE L 296 -4.39 31.47 14.82
C PHE L 296 -5.42 30.50 15.39
N ALA L 297 -6.03 30.83 16.53
CA ALA L 297 -7.08 30.00 17.11
C ALA L 297 -8.29 29.86 16.19
N ALA L 298 -8.53 30.81 15.31
CA ALA L 298 -9.64 30.75 14.37
C ALA L 298 -9.48 29.65 13.32
N ILE L 299 -8.28 29.12 13.15
CA ILE L 299 -8.02 28.03 12.22
C ILE L 299 -7.97 26.69 12.93
N LEU L 300 -7.47 26.66 14.16
CA LEU L 300 -7.37 25.44 14.94
C LEU L 300 -8.66 25.09 15.68
N VAL L 301 -9.64 25.99 15.74
CA VAL L 301 -10.93 25.67 16.33
C VAL L 301 -11.73 24.69 15.49
N LEU L 302 -11.36 24.47 14.24
CA LEU L 302 -11.96 23.41 13.43
C LEU L 302 -11.70 22.02 14.01
N LEU L 303 -10.66 21.86 14.83
CA LEU L 303 -10.29 20.54 15.32
C LEU L 303 -11.15 20.05 16.49
N VAL L 304 -11.90 20.93 17.16
CA VAL L 304 -12.77 20.51 18.25
C VAL L 304 -14.16 20.13 17.80
N LEU L 305 -14.43 20.16 16.51
CA LEU L 305 -15.77 19.90 15.99
C LEU L 305 -16.18 18.43 16.09
N PRO L 306 -15.28 17.45 15.95
CA PRO L 306 -15.68 16.06 16.19
C PRO L 306 -16.15 15.78 17.60
N PHE L 307 -15.87 16.65 18.57
CA PHE L 307 -16.19 16.42 19.97
C PHE L 307 -17.41 17.17 20.47
N THR L 308 -17.78 18.27 19.84
CA THR L 308 -18.91 19.09 20.27
C THR L 308 -20.21 18.78 19.55
N ASP L 309 -20.17 18.03 18.45
CA ASP L 309 -21.38 17.54 17.83
C ASP L 309 -21.92 16.36 18.63
N ARG L 310 -23.08 16.55 19.25
CA ARG L 310 -23.68 15.59 20.16
C ARG L 310 -24.88 14.87 19.57
N SER L 311 -24.87 14.67 18.25
CA SER L 311 -26.00 14.07 17.55
C SER L 311 -25.73 12.61 17.24
N VAL L 312 -26.83 11.84 17.17
CA VAL L 312 -26.77 10.46 16.71
C VAL L 312 -27.02 10.33 15.22
N VAL L 313 -27.31 11.43 14.52
CA VAL L 313 -27.49 11.46 13.08
C VAL L 313 -26.34 12.21 12.45
N ARG L 314 -25.82 11.68 11.35
CA ARG L 314 -24.77 12.33 10.58
C ARG L 314 -25.39 13.26 9.53
N GLY L 315 -24.96 14.51 9.54
CA GLY L 315 -25.31 15.49 8.53
C GLY L 315 -26.55 16.30 8.89
N ASN L 316 -26.79 17.31 8.05
CA ASN L 316 -27.83 18.30 8.27
C ASN L 316 -29.03 18.14 7.34
N THR L 317 -29.11 17.02 6.61
CA THR L 317 -30.19 16.84 5.64
C THR L 317 -31.56 16.84 6.31
N PHE L 318 -31.70 16.14 7.43
CA PHE L 318 -32.99 16.01 8.12
C PHE L 318 -33.08 16.85 9.38
N LYS L 319 -32.34 17.96 9.45
CA LYS L 319 -32.23 18.77 10.64
C LYS L 319 -32.64 20.21 10.33
N VAL L 320 -33.71 20.66 10.98
CA VAL L 320 -34.29 21.96 10.68
C VAL L 320 -33.46 23.08 11.27
N LEU L 321 -33.14 22.99 12.55
CA LEU L 321 -32.45 24.07 13.25
C LEU L 321 -30.97 24.13 12.88
N SER L 322 -30.32 22.99 12.65
CA SER L 322 -28.94 23.00 12.22
C SER L 322 -28.77 23.48 10.79
N LYS L 323 -29.85 23.50 9.99
CA LYS L 323 -29.78 24.07 8.65
C LYS L 323 -29.76 25.60 8.72
N PHE L 324 -30.62 26.19 9.55
CA PHE L 324 -30.68 27.63 9.68
C PHE L 324 -29.36 28.21 10.19
N PHE L 325 -28.73 27.55 11.14
CA PHE L 325 -27.52 28.08 11.76
C PHE L 325 -26.25 27.76 10.98
N PHE L 326 -26.32 26.85 10.00
CA PHE L 326 -25.20 26.67 9.09
C PHE L 326 -25.03 27.87 8.16
N PHE L 327 -26.13 28.50 7.77
CA PHE L 327 -26.11 29.63 6.85
C PHE L 327 -25.92 30.97 7.56
N ILE L 328 -26.25 31.06 8.83
CA ILE L 328 -25.80 32.16 9.66
C ILE L 328 -24.28 32.24 9.68
N PHE L 329 -23.62 31.09 9.80
CA PHE L 329 -22.17 31.05 9.86
C PHE L 329 -21.53 31.39 8.52
N VAL L 330 -22.18 31.05 7.41
CA VAL L 330 -21.61 31.33 6.10
C VAL L 330 -21.60 32.83 5.83
N PHE L 331 -22.73 33.50 6.04
CA PHE L 331 -22.83 34.92 5.78
C PHE L 331 -22.12 35.77 6.83
N ASN L 332 -21.85 35.23 8.01
CA ASN L 332 -20.98 35.89 8.96
C ASN L 332 -19.53 35.88 8.50
N PHE L 333 -19.14 34.86 7.73
CA PHE L 333 -17.77 34.78 7.20
C PHE L 333 -17.57 35.75 6.05
N VAL L 334 -18.65 36.12 5.35
CA VAL L 334 -18.56 37.08 4.27
C VAL L 334 -18.53 38.50 4.81
N LEU L 335 -19.26 38.77 5.89
CA LEU L 335 -19.20 40.08 6.53
C LEU L 335 -17.86 40.33 7.18
N LEU L 336 -17.15 39.28 7.62
CA LEU L 336 -15.82 39.49 8.17
C LEU L 336 -14.83 39.92 7.09
N GLY L 337 -15.01 39.47 5.85
CA GLY L 337 -14.19 39.95 4.76
C GLY L 337 -14.48 41.37 4.38
N GLN L 338 -15.74 41.78 4.42
CA GLN L 338 -16.11 43.16 4.14
C GLN L 338 -15.55 44.11 5.19
N ILE L 339 -15.63 43.71 6.47
CA ILE L 339 -15.11 44.55 7.54
C ILE L 339 -13.61 44.70 7.42
N GLY L 340 -12.91 43.65 7.00
CA GLY L 340 -11.47 43.68 6.84
C GLY L 340 -10.98 44.54 5.69
N ALA L 341 -11.87 44.98 4.81
CA ALA L 341 -11.54 45.88 3.70
C ALA L 341 -12.07 47.30 3.93
N CYS L 342 -12.46 47.62 5.15
CA CYS L 342 -12.95 48.93 5.53
C CYS L 342 -11.92 49.63 6.39
N HIS L 343 -12.19 50.91 6.69
CA HIS L 343 -11.34 51.69 7.57
C HIS L 343 -11.71 51.43 9.02
N VAL L 344 -10.75 51.68 9.91
CA VAL L 344 -10.99 51.60 11.34
C VAL L 344 -11.81 52.83 11.72
N GLU L 345 -13.13 52.64 11.82
CA GLU L 345 -14.06 53.74 11.93
C GLU L 345 -15.32 53.24 12.60
N VAL L 346 -16.06 54.17 13.19
CA VAL L 346 -17.38 53.85 13.73
C VAL L 346 -18.35 53.68 12.56
N PRO L 347 -19.20 52.64 12.55
CA PRO L 347 -19.43 51.51 13.46
C PRO L 347 -18.76 50.20 13.03
N TYR L 348 -17.72 50.28 12.21
CA TYR L 348 -17.05 49.07 11.71
C TYR L 348 -16.14 48.44 12.75
N VAL L 349 -16.04 48.99 13.95
CA VAL L 349 -15.24 48.39 15.02
C VAL L 349 -16.09 47.49 15.90
N LEU L 350 -17.30 47.93 16.24
CA LEU L 350 -18.22 47.08 16.99
C LEU L 350 -18.79 45.97 16.13
N MET L 351 -19.04 46.23 14.85
CA MET L 351 -19.57 45.22 13.96
C MET L 351 -18.62 44.04 13.83
N GLY L 352 -17.32 44.29 13.86
CA GLY L 352 -16.32 43.25 13.79
C GLY L 352 -16.02 42.54 15.08
N GLN L 353 -16.46 43.10 16.20
CA GLN L 353 -16.32 42.46 17.50
C GLN L 353 -17.47 41.51 17.79
N ILE L 354 -18.67 41.85 17.33
CA ILE L 354 -19.82 40.96 17.47
C ILE L 354 -19.72 39.80 16.50
N ALA L 355 -19.25 40.06 15.27
CA ALA L 355 -19.19 39.03 14.25
C ALA L 355 -18.06 38.03 14.47
N THR L 356 -17.01 38.42 15.20
CA THR L 356 -15.96 37.47 15.58
C THR L 356 -16.33 36.66 16.81
N PHE L 357 -17.33 37.09 17.58
CA PHE L 357 -17.87 36.26 18.64
C PHE L 357 -18.79 35.18 18.08
N ILE L 358 -19.54 35.49 17.02
CA ILE L 358 -20.41 34.52 16.39
C ILE L 358 -19.61 33.45 15.66
N TYR L 359 -18.34 33.71 15.35
CA TYR L 359 -17.51 32.72 14.68
C TYR L 359 -17.05 31.66 15.66
N PHE L 360 -16.65 32.08 16.85
CA PHE L 360 -16.17 31.16 17.87
C PHE L 360 -17.33 30.51 18.65
N ALA L 361 -18.47 31.18 18.74
CA ALA L 361 -19.63 30.63 19.44
C ALA L 361 -20.32 29.52 18.66
N TYR L 362 -20.21 29.51 17.33
CA TYR L 362 -20.81 28.44 16.55
C TYR L 362 -20.20 27.09 16.89
N PHE L 363 -18.88 27.03 17.01
CA PHE L 363 -18.21 25.76 17.22
C PHE L 363 -18.37 25.25 18.66
N LEU L 364 -18.57 26.15 19.62
CA LEU L 364 -18.42 25.84 21.04
C LEU L 364 -19.70 25.93 21.86
N ILE L 365 -20.70 26.68 21.44
CA ILE L 365 -21.91 26.89 22.25
C ILE L 365 -23.18 26.50 21.49
N ILE L 366 -23.17 26.63 20.17
CA ILE L 366 -24.40 26.53 19.40
C ILE L 366 -24.64 25.11 18.91
N VAL L 367 -23.62 24.46 18.39
CA VAL L 367 -23.73 23.10 17.86
C VAL L 367 -24.08 22.11 18.96
N PRO L 368 -23.36 22.09 20.10
CA PRO L 368 -23.73 21.10 21.14
C PRO L 368 -25.08 21.35 21.79
N VAL L 369 -25.60 22.56 21.76
CA VAL L 369 -26.87 22.85 22.42
C VAL L 369 -28.05 22.47 21.55
N ILE L 370 -28.01 22.80 20.26
CA ILE L 370 -29.13 22.46 19.39
C ILE L 370 -29.09 21.00 18.96
N SER L 371 -27.90 20.39 18.90
CA SER L 371 -27.81 18.96 18.63
C SER L 371 -28.41 18.13 19.74
N THR L 372 -28.27 18.57 21.00
CA THR L 372 -28.93 17.89 22.11
C THR L 372 -30.44 18.08 22.04
N ILE L 373 -30.89 19.26 21.62
CA ILE L 373 -32.32 19.53 21.53
C ILE L 373 -32.96 18.68 20.44
N GLU L 374 -32.27 18.51 19.31
CA GLU L 374 -32.83 17.74 18.20
C GLU L 374 -32.90 16.25 18.50
N ASN L 375 -31.97 15.72 19.29
CA ASN L 375 -32.07 14.32 19.72
C ASN L 375 -33.35 14.09 20.50
N VAL L 376 -33.63 14.93 21.49
CA VAL L 376 -34.80 14.75 22.34
C VAL L 376 -36.08 15.05 21.58
N LEU L 377 -36.02 15.89 20.54
CA LEU L 377 -37.22 16.17 19.76
C LEU L 377 -37.61 15.00 18.88
N PHE L 378 -36.63 14.20 18.44
CA PHE L 378 -36.94 12.99 17.69
C PHE L 378 -37.54 11.92 18.58
N TYR L 379 -37.13 11.86 19.85
CA TYR L 379 -37.57 10.82 20.76
C TYR L 379 -39.04 10.99 21.13
N ILE L 380 -39.43 12.18 21.57
CA ILE L 380 -40.79 12.38 22.08
C ILE L 380 -41.83 12.45 20.98
N GLY L 381 -41.44 12.73 19.75
CA GLY L 381 -42.37 12.72 18.64
C GLY L 381 -42.82 11.36 18.18
N ARG L 382 -42.12 10.30 18.59
CA ARG L 382 -42.44 8.93 18.23
C ARG L 382 -42.84 8.08 19.42
N VAL L 383 -42.12 8.18 20.53
CA VAL L 383 -42.33 7.28 21.66
C VAL L 383 -43.57 7.73 22.43
N ASN L 384 -44.46 6.78 22.68
CA ASN L 384 -45.70 7.04 23.40
C ASN L 384 -45.53 6.66 24.87
N LYS L 385 -45.78 7.62 25.75
CA LYS L 385 -45.79 7.38 27.20
C LYS L 385 -47.00 8.07 27.81
N MET M 1 -13.99 57.92 5.32
CA MET M 1 -13.48 59.27 5.55
C MET M 1 -14.40 60.28 4.90
N THR M 2 -14.01 61.55 4.97
CA THR M 2 -14.74 62.60 4.28
C THR M 2 -14.53 62.47 2.78
N ALA M 3 -15.54 62.91 2.01
CA ALA M 3 -15.51 62.76 0.56
C ALA M 3 -14.34 63.52 -0.06
N ALA M 4 -13.92 64.64 0.54
CA ALA M 4 -12.80 65.40 0.01
C ALA M 4 -11.48 64.65 0.16
N GLU M 5 -11.38 63.78 1.16
CA GLU M 5 -10.16 63.01 1.39
C GLU M 5 -10.06 61.77 0.51
N HIS M 6 -11.19 61.27 0.02
CA HIS M 6 -11.19 60.14 -0.91
C HIS M 6 -11.12 60.58 -2.36
N GLY M 7 -11.62 61.78 -2.66
CA GLY M 7 -11.65 62.28 -4.01
C GLY M 7 -12.98 62.05 -4.70
N LEU M 8 -13.19 62.78 -5.78
CA LEU M 8 -14.42 62.67 -6.54
C LEU M 8 -14.37 61.44 -7.42
N HIS M 9 -15.54 60.86 -7.68
CA HIS M 9 -15.65 59.64 -8.47
C HIS M 9 -15.58 59.99 -9.94
N ALA M 10 -14.64 59.39 -10.65
CA ALA M 10 -14.51 59.64 -12.07
C ALA M 10 -15.66 59.01 -12.83
N PRO M 11 -16.36 59.75 -13.71
CA PRO M 11 -17.48 59.13 -14.43
C PRO M 11 -17.02 58.11 -15.46
N ALA M 12 -17.98 57.52 -16.16
CA ALA M 12 -17.73 56.44 -17.11
C ALA M 12 -17.97 56.95 -18.54
N TYR M 13 -16.88 57.18 -19.26
CA TYR M 13 -16.94 57.56 -20.66
C TYR M 13 -16.92 56.32 -21.54
N ALA M 14 -17.23 56.50 -22.81
CA ALA M 14 -17.42 55.41 -23.76
C ALA M 14 -16.17 55.29 -24.63
N TRP M 15 -15.17 54.57 -24.12
CA TRP M 15 -13.95 54.34 -24.87
C TRP M 15 -14.18 53.28 -25.94
N SER M 16 -13.54 53.49 -27.09
CA SER M 16 -13.73 52.62 -28.24
C SER M 16 -12.95 51.31 -28.15
N HIS M 17 -12.13 51.14 -27.11
CA HIS M 17 -11.47 49.87 -26.83
C HIS M 17 -12.14 49.10 -25.70
N ASN M 18 -13.20 49.64 -25.12
CA ASN M 18 -14.03 48.89 -24.19
C ASN M 18 -14.91 47.92 -24.95
N GLY M 19 -14.99 46.69 -24.44
CA GLY M 19 -15.74 45.64 -25.06
C GLY M 19 -14.84 44.44 -25.33
N PRO M 20 -15.41 43.22 -25.37
CA PRO M 20 -14.56 42.04 -25.52
C PRO M 20 -14.06 41.77 -26.92
N PHE M 21 -14.57 42.47 -27.95
CA PHE M 21 -14.18 42.24 -29.34
C PHE M 21 -13.55 43.48 -29.98
N GLU M 22 -13.11 44.45 -29.19
CA GLU M 22 -12.63 45.73 -29.69
C GLU M 22 -11.13 45.88 -29.45
N THR M 23 -10.47 46.55 -30.39
CA THR M 23 -9.06 46.84 -30.34
C THR M 23 -8.83 48.31 -29.99
N PHE M 24 -7.56 48.69 -29.88
CA PHE M 24 -7.21 50.10 -29.77
C PHE M 24 -7.48 50.81 -31.09
N ASP M 25 -7.76 52.10 -30.99
CA ASP M 25 -7.74 53.00 -32.15
C ASP M 25 -6.29 53.46 -32.33
N HIS M 26 -5.65 52.99 -33.40
CA HIS M 26 -4.23 53.20 -33.58
C HIS M 26 -3.88 54.57 -34.16
N ALA M 27 -4.87 55.32 -34.65
CA ALA M 27 -4.63 56.69 -35.07
C ALA M 27 -4.61 57.65 -33.90
N SER M 28 -5.21 57.28 -32.78
CA SER M 28 -5.13 58.04 -31.55
C SER M 28 -3.85 57.78 -30.77
N ILE M 29 -3.28 56.57 -30.90
CA ILE M 29 -1.98 56.30 -30.28
C ILE M 29 -0.90 57.15 -30.93
N ARG M 30 -0.85 57.15 -32.27
CA ARG M 30 0.10 57.99 -32.98
C ARG M 30 -0.12 59.46 -32.65
N ARG M 31 -1.37 59.88 -32.64
CA ARG M 31 -1.72 61.24 -32.26
C ARG M 31 -1.39 61.52 -30.79
N GLY M 32 -1.44 60.51 -29.93
CA GLY M 32 -1.14 60.69 -28.52
C GLY M 32 0.33 60.76 -28.18
N TYR M 33 1.19 60.11 -28.95
CA TYR M 33 2.63 60.25 -28.74
C TYR M 33 3.10 61.67 -29.04
N GLN M 34 2.45 62.35 -29.99
CA GLN M 34 2.82 63.73 -30.30
C GLN M 34 2.53 64.65 -29.12
N VAL M 35 1.48 64.36 -28.35
CA VAL M 35 1.17 65.14 -27.17
C VAL M 35 2.12 64.82 -26.02
N TYR M 36 2.71 63.63 -26.00
CA TYR M 36 3.70 63.31 -24.97
C TYR M 36 5.01 64.02 -25.24
N ARG M 37 5.46 64.04 -26.50
CA ARG M 37 6.75 64.59 -26.82
C ARG M 37 6.80 66.10 -26.64
N GLU M 38 5.67 66.79 -26.82
CA GLU M 38 5.63 68.24 -26.85
C GLU M 38 5.08 68.88 -25.57
N VAL M 39 4.52 68.10 -24.64
CA VAL M 39 3.95 68.65 -23.41
C VAL M 39 4.49 67.91 -22.19
N CYS M 40 4.36 66.58 -22.17
CA CYS M 40 4.57 65.83 -20.94
C CYS M 40 6.06 65.56 -20.70
N ALA M 41 6.80 65.25 -21.75
CA ALA M 41 8.15 64.74 -21.62
C ALA M 41 9.13 65.73 -21.01
N ALA M 42 8.75 66.99 -20.84
CA ALA M 42 9.59 67.92 -20.12
C ALA M 42 9.77 67.51 -18.66
N CYS M 43 8.76 66.85 -18.08
CA CYS M 43 8.74 66.57 -16.65
C CYS M 43 8.22 65.17 -16.32
N HIS M 44 8.24 64.24 -17.27
CA HIS M 44 7.79 62.87 -17.03
C HIS M 44 8.59 61.90 -17.87
N SER M 45 8.89 60.76 -17.29
CA SER M 45 9.67 59.71 -17.92
C SER M 45 8.78 58.56 -18.38
N LEU M 46 9.31 57.78 -19.31
CA LEU M 46 8.63 56.63 -19.90
C LEU M 46 9.63 55.47 -20.02
N ASP M 47 10.31 55.16 -18.92
CA ASP M 47 11.53 54.35 -18.94
C ASP M 47 11.32 52.90 -19.34
N ARG M 48 10.09 52.38 -19.33
CA ARG M 48 9.83 50.97 -19.62
C ARG M 48 9.37 50.71 -21.04
N VAL M 49 9.49 51.69 -21.94
CA VAL M 49 9.05 51.58 -23.32
C VAL M 49 10.27 51.72 -24.22
N ALA M 50 10.48 50.73 -25.07
CA ALA M 50 11.57 50.76 -26.03
C ALA M 50 11.11 51.29 -27.38
N TRP M 51 12.08 51.84 -28.13
CA TRP M 51 11.79 52.41 -29.44
C TRP M 51 11.21 51.38 -30.39
N ARG M 52 11.72 50.14 -30.36
CA ARG M 52 11.31 49.12 -31.30
C ARG M 52 9.85 48.71 -31.15
N THR M 53 9.25 48.90 -29.99
CA THR M 53 7.85 48.51 -29.79
C THR M 53 6.86 49.44 -30.49
N LEU M 54 7.31 50.56 -31.02
CA LEU M 54 6.44 51.50 -31.72
C LEU M 54 6.28 51.18 -33.19
N VAL M 55 7.17 50.35 -33.75
CA VAL M 55 7.09 49.97 -35.15
C VAL M 55 5.89 49.05 -35.34
N GLY M 56 5.09 49.33 -36.38
CA GLY M 56 3.90 48.56 -36.66
C GLY M 56 2.72 48.84 -35.76
N VAL M 57 2.82 49.83 -34.88
CA VAL M 57 1.76 50.19 -33.94
C VAL M 57 1.32 51.63 -34.15
N SER M 58 2.28 52.55 -34.22
CA SER M 58 2.02 53.97 -34.37
C SER M 58 2.88 54.65 -35.44
N HIS M 59 4.04 54.10 -35.79
CA HIS M 59 4.97 54.72 -36.72
C HIS M 59 5.63 53.65 -37.56
N THR M 60 6.16 54.07 -38.70
CA THR M 60 6.94 53.18 -39.55
C THR M 60 8.35 53.02 -38.99
N ASN M 61 9.07 52.04 -39.53
CA ASN M 61 10.44 51.80 -39.07
C ASN M 61 11.35 52.97 -39.40
N GLU M 62 11.20 53.56 -40.57
CA GLU M 62 12.02 54.70 -40.94
C GLU M 62 11.72 55.93 -40.10
N GLU M 63 10.47 56.11 -39.68
CA GLU M 63 10.13 57.21 -38.80
C GLU M 63 10.76 57.05 -37.43
N VAL M 64 10.76 55.83 -36.89
CA VAL M 64 11.21 55.62 -35.52
C VAL M 64 12.73 55.78 -35.43
N ARG M 65 13.47 55.35 -36.45
CA ARG M 65 14.92 55.51 -36.44
C ARG M 65 15.33 56.97 -36.36
N ASN M 66 14.59 57.86 -37.04
CA ASN M 66 14.92 59.28 -37.00
C ASN M 66 14.55 59.93 -35.67
N MET M 67 13.62 59.34 -34.91
CA MET M 67 13.28 59.87 -33.61
C MET M 67 14.30 59.47 -32.54
N ALA M 68 14.85 58.26 -32.63
CA ALA M 68 15.86 57.82 -31.69
C ALA M 68 17.22 58.47 -31.92
N GLU M 69 17.54 58.82 -33.16
CA GLU M 69 18.84 59.37 -33.49
C GLU M 69 19.06 60.78 -32.94
N GLU M 70 18.00 61.45 -32.47
CA GLU M 70 18.09 62.79 -31.92
C GLU M 70 18.47 62.81 -30.44
N PHE M 71 18.92 61.69 -29.89
CA PHE M 71 19.34 61.60 -28.49
C PHE M 71 20.71 60.95 -28.42
N GLU M 72 21.36 61.12 -27.27
CA GLU M 72 22.71 60.63 -27.02
C GLU M 72 22.67 59.60 -25.91
N TYR M 73 23.39 58.50 -26.12
CA TYR M 73 23.49 57.41 -25.17
C TYR M 73 24.97 57.14 -24.89
N ASP M 74 25.23 56.32 -23.88
CA ASP M 74 26.58 56.02 -23.44
C ASP M 74 27.08 54.78 -24.15
N ASP M 75 28.15 54.94 -24.92
CA ASP M 75 28.82 53.83 -25.57
C ASP M 75 29.90 53.27 -24.64
N GLU M 76 30.51 52.18 -25.05
CA GLU M 76 31.60 51.59 -24.29
C GLU M 76 32.90 52.35 -24.57
N PRO M 77 33.83 52.39 -23.63
CA PRO M 77 34.94 53.34 -23.72
C PRO M 77 35.89 53.02 -24.87
N ASP M 78 36.75 54.01 -25.16
CA ASP M 78 37.68 53.94 -26.27
C ASP M 78 38.87 53.04 -25.90
N GLU M 79 39.91 53.05 -26.74
CA GLU M 79 41.03 52.14 -26.59
C GLU M 79 41.94 52.53 -25.43
N GLN M 80 41.88 53.77 -24.94
CA GLN M 80 42.62 54.20 -23.77
C GLN M 80 41.82 54.13 -22.48
N GLY M 81 40.49 54.08 -22.56
CA GLY M 81 39.64 53.97 -21.40
C GLY M 81 38.76 55.17 -21.11
N ASN M 82 38.69 56.13 -22.01
CA ASN M 82 37.88 57.31 -21.80
C ASN M 82 36.45 57.08 -22.28
N PRO M 83 35.48 57.81 -21.75
CA PRO M 83 34.08 57.53 -22.10
C PRO M 83 33.72 58.04 -23.50
N LYS M 84 32.73 57.38 -24.09
CA LYS M 84 32.21 57.72 -25.40
C LYS M 84 30.69 57.88 -25.34
N LYS M 85 30.16 58.65 -26.29
CA LYS M 85 28.74 58.76 -26.53
C LYS M 85 28.43 58.33 -27.94
N ARG M 86 27.16 58.02 -28.19
CA ARG M 86 26.71 57.60 -29.51
C ARG M 86 25.26 58.02 -29.69
N PRO M 87 24.73 57.97 -30.93
CA PRO M 87 23.30 58.20 -31.11
C PRO M 87 22.46 57.01 -30.68
N GLY M 88 21.14 57.13 -30.81
CA GLY M 88 20.24 56.10 -30.39
C GLY M 88 19.92 55.10 -31.48
N LYS M 89 19.46 53.94 -31.04
CA LYS M 89 19.04 52.87 -31.94
C LYS M 89 17.75 52.24 -31.44
N LEU M 90 17.24 51.24 -32.15
CA LEU M 90 15.92 50.71 -31.88
C LEU M 90 15.86 49.93 -30.56
N SER M 91 16.95 49.28 -30.18
CA SER M 91 16.98 48.52 -28.95
C SER M 91 17.06 49.40 -27.71
N ASP M 92 17.29 50.71 -27.86
CA ASP M 92 17.39 51.59 -26.73
C ASP M 92 16.01 51.92 -26.16
N TYR M 93 16.02 52.39 -24.92
CA TYR M 93 14.81 52.78 -24.23
C TYR M 93 14.65 54.30 -24.24
N ILE M 94 13.40 54.75 -24.25
CA ILE M 94 13.06 56.16 -24.37
C ILE M 94 13.65 56.92 -23.19
N PRO M 95 14.45 57.98 -23.39
CA PRO M 95 15.12 58.62 -22.26
C PRO M 95 14.25 59.65 -21.57
N GLY M 96 14.57 59.88 -20.29
CA GLY M 96 13.85 60.82 -19.46
C GLY M 96 14.59 62.13 -19.31
N PRO M 97 13.91 63.15 -18.80
CA PRO M 97 14.51 64.49 -18.74
C PRO M 97 15.52 64.69 -17.62
N TYR M 98 15.36 64.03 -16.48
CA TYR M 98 16.17 64.30 -15.30
C TYR M 98 17.20 63.20 -15.05
N PRO M 99 18.39 63.53 -14.52
CA PRO M 99 19.39 62.47 -14.31
C PRO M 99 19.16 61.67 -13.04
N ASN M 100 18.54 62.28 -12.03
CA ASN M 100 18.31 61.60 -10.76
C ASN M 100 17.11 62.25 -10.07
N GLU M 101 16.65 61.60 -9.00
CA GLU M 101 15.49 62.07 -8.26
C GLU M 101 15.76 63.39 -7.54
N GLN M 102 17.01 63.65 -7.17
CA GLN M 102 17.33 64.91 -6.51
C GLN M 102 17.07 66.10 -7.43
N ALA M 103 17.44 65.97 -8.71
CA ALA M 103 17.23 67.03 -9.67
C ALA M 103 15.78 67.17 -10.10
N ALA M 104 15.02 66.08 -10.06
CA ALA M 104 13.60 66.14 -10.42
C ALA M 104 12.80 66.93 -9.40
N ARG M 105 13.09 66.75 -8.12
CA ARG M 105 12.39 67.49 -7.08
C ARG M 105 12.82 68.94 -7.03
N ALA M 106 14.09 69.21 -7.37
CA ALA M 106 14.59 70.58 -7.35
C ALA M 106 13.89 71.48 -8.36
N ALA M 107 13.29 70.92 -9.40
CA ALA M 107 12.64 71.67 -10.45
C ALA M 107 11.12 71.69 -10.33
N ASN M 108 10.56 71.10 -9.28
CA ASN M 108 9.11 70.99 -9.10
C ASN M 108 8.71 71.30 -7.66
N GLN M 109 9.50 72.07 -6.95
CA GLN M 109 9.16 72.57 -5.62
C GLN M 109 8.96 71.43 -4.62
N GLY M 110 9.78 70.38 -4.74
CA GLY M 110 9.80 69.29 -3.80
C GLY M 110 9.03 68.05 -4.24
N ALA M 111 8.09 68.18 -5.18
CA ALA M 111 7.29 67.06 -5.62
C ALA M 111 8.00 66.30 -6.73
N LEU M 112 7.80 64.99 -6.74
CA LEU M 112 8.41 64.11 -7.73
C LEU M 112 7.37 63.70 -8.76
N PRO M 113 7.56 63.95 -10.05
CA PRO M 113 6.64 63.40 -11.05
C PRO M 113 6.89 61.92 -11.26
N PRO M 114 5.86 61.06 -11.22
CA PRO M 114 6.10 59.63 -11.40
C PRO M 114 6.31 59.23 -12.84
N ASP M 115 6.86 58.03 -13.01
CA ASP M 115 6.91 57.39 -14.32
C ASP M 115 5.50 56.98 -14.75
N LEU M 116 5.23 57.14 -16.04
CA LEU M 116 3.88 56.97 -16.58
C LEU M 116 3.70 55.68 -17.36
N SER M 117 4.69 54.80 -17.39
CA SER M 117 4.57 53.54 -18.13
C SER M 117 3.51 52.60 -17.58
N LEU M 118 3.09 52.77 -16.31
CA LEU M 118 2.09 51.91 -15.69
C LEU M 118 1.04 52.69 -14.91
N ILE M 119 0.83 53.97 -15.23
CA ILE M 119 -0.07 54.79 -14.44
C ILE M 119 -1.54 54.43 -14.64
N VAL M 120 -1.89 53.82 -15.76
CA VAL M 120 -3.27 53.45 -16.01
C VAL M 120 -3.67 52.25 -15.15
N LYS M 121 -2.75 51.31 -14.95
CA LYS M 121 -3.02 50.11 -14.18
C LYS M 121 -2.81 50.31 -12.68
N ALA M 122 -2.05 51.33 -12.28
CA ALA M 122 -1.70 51.59 -10.90
C ALA M 122 -2.56 52.67 -10.26
N ARG M 123 -3.74 52.92 -10.79
CA ARG M 123 -4.69 53.88 -10.22
C ARG M 123 -6.09 53.32 -10.35
N HIS M 124 -6.90 53.57 -9.33
CA HIS M 124 -8.29 53.14 -9.35
C HIS M 124 -9.10 54.10 -10.20
N GLY M 125 -9.65 53.58 -11.29
CA GLY M 125 -10.40 54.37 -12.25
C GLY M 125 -9.93 54.11 -13.67
N GLY M 126 -8.65 53.86 -13.83
CA GLY M 126 -8.09 53.57 -15.12
C GLY M 126 -8.12 54.79 -16.02
N CYS M 127 -8.53 54.56 -17.27
CA CYS M 127 -8.53 55.63 -18.26
C CYS M 127 -9.52 56.74 -17.90
N ASP M 128 -10.56 56.42 -17.13
CA ASP M 128 -11.53 57.43 -16.73
C ASP M 128 -10.97 58.41 -15.72
N TYR M 129 -9.96 58.02 -14.94
CA TYR M 129 -9.38 58.90 -13.94
C TYR M 129 -8.31 59.81 -14.50
N ILE M 130 -7.46 59.29 -15.39
CA ILE M 130 -6.43 60.11 -16.02
C ILE M 130 -7.07 61.24 -16.83
N PHE M 131 -8.12 60.92 -17.57
CA PHE M 131 -8.80 61.93 -18.39
C PHE M 131 -9.47 62.99 -17.54
N SER M 132 -10.21 62.58 -16.51
CA SER M 132 -10.92 63.53 -15.68
C SER M 132 -9.99 64.40 -14.84
N LEU M 133 -8.79 63.89 -14.53
CA LEU M 133 -7.82 64.69 -13.80
C LEU M 133 -7.35 65.89 -14.62
N LEU M 134 -7.10 65.67 -15.91
CA LEU M 134 -6.54 66.70 -16.76
C LEU M 134 -7.57 67.74 -17.18
N THR M 135 -8.83 67.33 -17.34
CA THR M 135 -9.92 68.22 -17.70
C THR M 135 -10.74 68.68 -16.50
N GLY M 136 -10.20 68.54 -15.29
CA GLY M 136 -10.93 68.77 -14.06
C GLY M 136 -10.45 69.91 -13.20
N TYR M 137 -9.51 70.72 -13.66
CA TYR M 137 -9.05 71.86 -12.89
C TYR M 137 -10.08 72.98 -13.00
N PRO M 138 -10.69 73.44 -11.91
CA PRO M 138 -11.52 74.64 -11.99
C PRO M 138 -10.67 75.90 -11.92
N ASP M 139 -11.23 76.98 -12.47
CA ASP M 139 -10.49 78.24 -12.57
C ASP M 139 -10.45 79.02 -11.27
N GLU M 140 -11.22 78.62 -10.25
CA GLU M 140 -11.08 79.17 -8.91
C GLU M 140 -11.53 78.10 -7.92
N PRO M 141 -10.79 77.85 -6.84
CA PRO M 141 -11.22 76.80 -5.90
C PRO M 141 -12.51 77.18 -5.20
N PRO M 142 -13.21 76.22 -4.61
CA PRO M 142 -14.44 76.55 -3.90
C PRO M 142 -14.18 77.38 -2.66
N ALA M 143 -15.24 78.04 -2.19
CA ALA M 143 -15.12 78.98 -1.07
C ALA M 143 -14.81 78.23 0.22
N GLY M 144 -13.68 78.57 0.84
CA GLY M 144 -13.33 78.07 2.16
C GLY M 144 -11.99 77.36 2.21
N VAL M 145 -11.69 76.57 1.19
CA VAL M 145 -10.45 75.79 1.19
C VAL M 145 -9.26 76.74 1.05
N ALA M 146 -8.26 76.54 1.90
CA ALA M 146 -7.05 77.36 1.94
C ALA M 146 -5.91 76.50 1.41
N LEU M 147 -5.43 76.82 0.22
CA LEU M 147 -4.40 76.02 -0.41
C LEU M 147 -3.02 76.41 0.14
N PRO M 148 -2.10 75.46 0.31
CA PRO M 148 -0.73 75.85 0.64
C PRO M 148 -0.08 76.56 -0.53
N PRO M 149 1.03 77.27 -0.33
CA PRO M 149 1.72 77.91 -1.46
C PRO M 149 2.33 76.87 -2.39
N GLY M 150 2.02 76.99 -3.68
CA GLY M 150 2.57 76.10 -4.68
C GLY M 150 1.74 74.87 -4.99
N SER M 151 0.44 74.90 -4.72
CA SER M 151 -0.45 73.79 -5.01
C SER M 151 -1.72 74.31 -5.67
N ASN M 152 -2.40 73.41 -6.38
CA ASN M 152 -3.58 73.73 -7.17
C ASN M 152 -4.71 72.79 -6.81
N TYR M 153 -5.94 73.25 -7.00
CA TYR M 153 -7.13 72.49 -6.65
C TYR M 153 -7.58 71.62 -7.80
N ASN M 154 -7.80 70.33 -7.52
CA ASN M 154 -8.40 69.38 -8.45
C ASN M 154 -9.24 68.39 -7.63
N PRO M 155 -10.57 68.39 -7.75
CA PRO M 155 -11.38 67.55 -6.86
C PRO M 155 -11.31 66.07 -7.15
N TYR M 156 -10.71 65.64 -8.25
CA TYR M 156 -10.51 64.22 -8.50
C TYR M 156 -9.28 63.66 -7.80
N PHE M 157 -8.40 64.51 -7.31
CA PHE M 157 -7.22 64.06 -6.57
C PHE M 157 -7.58 63.87 -5.11
N PRO M 158 -7.19 62.77 -4.47
CA PRO M 158 -7.55 62.59 -3.05
C PRO M 158 -6.90 63.65 -2.17
N GLY M 159 -7.75 64.46 -1.54
CA GLY M 159 -7.32 65.56 -0.71
C GLY M 159 -7.70 66.91 -1.28
N GLY M 160 -7.67 67.00 -2.60
CA GLY M 160 -8.06 68.21 -3.30
C GLY M 160 -6.94 69.21 -3.55
N SER M 161 -5.68 68.83 -3.32
CA SER M 161 -4.54 69.73 -3.52
C SER M 161 -3.42 68.93 -4.17
N ILE M 162 -3.09 69.30 -5.40
CA ILE M 162 -2.15 68.56 -6.22
C ILE M 162 -1.05 69.52 -6.66
N ALA M 163 0.16 68.99 -6.77
CA ALA M 163 1.33 69.79 -7.09
C ALA M 163 1.43 70.14 -8.57
N MET M 164 0.84 69.33 -9.44
CA MET M 164 0.76 69.65 -10.86
C MET M 164 -0.22 70.79 -11.09
N ALA M 165 0.10 71.64 -12.06
CA ALA M 165 -0.80 72.66 -12.56
C ALA M 165 -1.34 72.26 -13.91
N ARG M 166 -2.37 72.97 -14.36
CA ARG M 166 -2.95 72.71 -15.68
C ARG M 166 -1.90 72.93 -16.77
N VAL M 167 -1.88 72.03 -17.75
CA VAL M 167 -0.92 72.07 -18.84
C VAL M 167 -1.56 71.93 -20.21
N LEU M 168 -2.88 71.79 -20.30
CA LEU M 168 -3.56 71.60 -21.57
C LEU M 168 -4.45 72.82 -21.86
N PHE M 169 -4.13 73.50 -22.95
CA PHE M 169 -4.92 74.61 -23.46
C PHE M 169 -5.10 74.42 -24.96
N ASP M 170 -6.14 75.06 -25.50
CA ASP M 170 -6.55 74.76 -26.86
C ASP M 170 -5.52 75.23 -27.88
N ASP M 171 -5.23 74.36 -28.85
CA ASP M 171 -4.41 74.68 -30.01
C ASP M 171 -2.96 74.97 -29.62
N MET M 172 -2.42 74.19 -28.69
CA MET M 172 -1.00 74.24 -28.37
C MET M 172 -0.17 73.28 -29.19
N VAL M 173 -0.80 72.34 -29.90
CA VAL M 173 -0.16 71.50 -30.90
C VAL M 173 -0.98 71.60 -32.17
N GLU M 174 -0.30 71.33 -33.29
CA GLU M 174 -0.95 71.22 -34.59
C GLU M 174 -0.71 69.80 -35.11
N TYR M 175 -1.80 69.06 -35.28
CA TYR M 175 -1.71 67.67 -35.69
C TYR M 175 -1.44 67.55 -37.19
N GLU M 176 -0.71 66.50 -37.55
CA GLU M 176 -0.38 66.26 -38.95
C GLU M 176 -1.62 65.98 -39.78
N ASP M 177 -2.49 65.09 -39.30
CA ASP M 177 -3.68 64.71 -40.05
C ASP M 177 -4.73 65.81 -40.08
N GLY M 178 -4.61 66.83 -39.25
CA GLY M 178 -5.51 67.97 -39.29
C GLY M 178 -6.69 67.92 -38.36
N THR M 179 -6.62 67.16 -37.27
CA THR M 179 -7.71 67.12 -36.31
C THR M 179 -7.66 68.37 -35.45
N PRO M 180 -8.81 68.96 -35.10
CA PRO M 180 -8.78 70.11 -34.17
C PRO M 180 -8.25 69.70 -32.81
N ALA M 181 -7.21 70.42 -32.37
CA ALA M 181 -6.51 70.08 -31.13
C ALA M 181 -7.05 70.94 -30.00
N THR M 182 -8.21 70.55 -29.49
CA THR M 182 -8.81 71.17 -28.33
C THR M 182 -8.29 70.49 -27.06
N THR M 183 -8.84 70.89 -25.91
CA THR M 183 -8.38 70.34 -24.64
C THR M 183 -8.85 68.92 -24.45
N SER M 184 -10.14 68.66 -24.69
CA SER M 184 -10.68 67.31 -24.55
C SER M 184 -10.08 66.36 -25.57
N GLN M 185 -9.74 66.85 -26.75
CA GLN M 185 -9.20 65.99 -27.79
C GLN M 185 -7.79 65.51 -27.44
N MET M 186 -6.93 66.43 -26.98
CA MET M 186 -5.57 66.04 -26.62
C MET M 186 -5.54 65.10 -25.43
N ALA M 187 -6.48 65.24 -24.50
CA ALA M 187 -6.55 64.36 -23.35
C ALA M 187 -6.94 62.95 -23.75
N LYS M 188 -7.87 62.81 -24.68
CA LYS M 188 -8.31 61.49 -25.13
C LYS M 188 -7.20 60.70 -25.80
N ASP M 189 -6.20 61.38 -26.35
CA ASP M 189 -5.11 60.72 -27.06
C ASP M 189 -3.99 60.26 -26.14
N VAL M 190 -3.59 61.09 -25.18
CA VAL M 190 -2.55 60.69 -24.22
C VAL M 190 -3.03 59.54 -23.37
N THR M 191 -4.30 59.53 -22.98
CA THR M 191 -4.84 58.44 -22.18
C THR M 191 -4.97 57.16 -23.00
N THR M 192 -5.10 57.27 -24.32
CA THR M 192 -5.10 56.10 -25.18
C THR M 192 -3.69 55.62 -25.48
N PHE M 193 -2.75 56.56 -25.60
CA PHE M 193 -1.35 56.20 -25.78
C PHE M 193 -0.77 55.54 -24.53
N LEU M 194 -1.14 56.05 -23.35
CA LEU M 194 -0.57 55.56 -22.11
C LEU M 194 -1.13 54.21 -21.69
N ASN M 195 -2.36 53.89 -22.10
CA ASN M 195 -2.89 52.55 -21.86
C ASN M 195 -2.17 51.51 -22.70
N TRP M 196 -1.79 51.88 -23.93
CA TRP M 196 -0.96 50.99 -24.74
C TRP M 196 0.40 50.74 -24.10
N CYS M 197 0.95 51.75 -23.42
CA CYS M 197 2.22 51.58 -22.73
C CYS M 197 2.11 50.60 -21.56
N ALA M 198 0.93 50.50 -20.95
CA ALA M 198 0.68 49.56 -19.86
C ALA M 198 0.24 48.19 -20.36
N GLU M 199 -0.47 48.15 -21.48
CA GLU M 199 -1.06 46.92 -22.02
C GLU M 199 -0.75 46.82 -23.50
N PRO M 200 0.47 46.40 -23.87
CA PRO M 200 0.77 46.20 -25.30
C PRO M 200 0.18 44.95 -25.89
N GLU M 201 -0.21 43.98 -25.07
CA GLU M 201 -0.80 42.72 -25.52
C GLU M 201 -2.31 42.78 -25.66
N HIS M 202 -2.91 43.95 -25.49
CA HIS M 202 -4.37 44.09 -25.37
C HIS M 202 -5.10 43.56 -26.60
N ASP M 203 -4.54 43.75 -27.79
CA ASP M 203 -5.26 43.41 -29.01
C ASP M 203 -5.24 41.91 -29.29
N GLU M 204 -4.08 41.26 -29.18
CA GLU M 204 -3.97 39.83 -29.43
C GLU M 204 -4.31 38.97 -28.21
N ARG M 205 -4.38 39.56 -27.01
CA ARG M 205 -4.93 38.85 -25.87
C ARG M 205 -6.41 38.55 -26.08
N LYS M 206 -7.16 39.52 -26.58
CA LYS M 206 -8.60 39.36 -26.78
C LYS M 206 -8.95 38.61 -28.05
N ARG M 207 -7.96 38.27 -28.88
CA ARG M 207 -8.15 37.39 -30.03
C ARG M 207 -7.93 35.93 -29.63
N LEU M 208 -6.89 35.64 -28.86
CA LEU M 208 -6.71 34.30 -28.32
C LEU M 208 -7.75 33.95 -27.27
N GLY M 209 -8.42 34.95 -26.69
CA GLY M 209 -9.51 34.68 -25.77
C GLY M 209 -10.80 34.29 -26.43
N LEU M 210 -11.01 34.68 -27.67
CA LEU M 210 -12.17 34.27 -28.43
C LEU M 210 -12.07 32.80 -28.83
N LYS M 211 -10.88 32.35 -29.21
CA LYS M 211 -10.68 30.95 -29.56
C LYS M 211 -10.83 30.04 -28.35
N THR M 212 -10.22 30.41 -27.22
CA THR M 212 -10.26 29.58 -26.02
C THR M 212 -11.67 29.41 -25.50
N VAL M 213 -12.47 30.46 -25.51
CA VAL M 213 -13.81 30.40 -24.95
C VAL M 213 -14.76 29.63 -25.87
N ILE M 214 -14.55 29.69 -27.19
CA ILE M 214 -15.41 28.96 -28.11
C ILE M 214 -15.11 27.47 -28.05
N ILE M 215 -13.85 27.10 -27.88
CA ILE M 215 -13.48 25.69 -27.82
C ILE M 215 -13.96 25.07 -26.51
N LEU M 216 -13.75 25.76 -25.39
CA LEU M 216 -14.09 25.21 -24.09
C LEU M 216 -15.58 25.22 -23.82
N SER M 217 -16.33 26.14 -24.42
CA SER M 217 -17.78 26.12 -24.30
C SER M 217 -18.41 24.99 -25.10
N SER M 218 -17.79 24.56 -26.18
CA SER M 218 -18.27 23.40 -26.93
C SER M 218 -17.92 22.09 -26.22
N LEU M 219 -16.74 21.99 -25.63
CA LEU M 219 -16.39 20.80 -24.87
C LEU M 219 -17.24 20.65 -23.62
N TYR M 220 -17.71 21.75 -23.04
CA TYR M 220 -18.54 21.68 -21.84
C TYR M 220 -19.95 21.19 -22.16
N LEU M 221 -20.47 21.50 -23.34
CA LEU M 221 -21.79 21.01 -23.72
C LEU M 221 -21.76 19.56 -24.21
N LEU M 222 -20.65 19.15 -24.83
CA LEU M 222 -20.51 17.76 -25.25
C LEU M 222 -20.32 16.83 -24.05
N SER M 223 -19.66 17.31 -23.00
CA SER M 223 -19.50 16.55 -21.77
C SER M 223 -20.82 16.23 -21.08
N ILE M 224 -21.80 17.13 -21.15
CA ILE M 224 -23.09 16.90 -20.52
C ILE M 224 -23.83 15.79 -21.24
N TRP M 225 -23.81 15.79 -22.57
CA TRP M 225 -24.51 14.78 -23.34
C TRP M 225 -23.94 13.40 -23.11
N VAL M 226 -22.61 13.27 -23.12
CA VAL M 226 -21.96 11.98 -22.93
C VAL M 226 -22.27 11.41 -21.56
N LYS M 227 -22.28 12.25 -20.53
CA LYS M 227 -22.52 11.78 -19.17
C LYS M 227 -23.94 11.26 -19.01
N LYS M 228 -24.92 11.96 -19.55
CA LYS M 228 -26.31 11.53 -19.45
C LYS M 228 -26.55 10.21 -20.19
N PHE M 229 -25.88 10.01 -21.32
CA PHE M 229 -26.01 8.75 -22.05
C PHE M 229 -25.48 7.58 -21.23
N LYS M 230 -24.30 7.73 -20.63
CA LYS M 230 -23.67 6.66 -19.87
C LYS M 230 -24.32 6.42 -18.51
N TRP M 231 -25.16 7.33 -18.03
CA TRP M 231 -25.84 7.22 -16.75
C TRP M 231 -27.30 6.80 -16.88
N ALA M 232 -27.75 6.47 -18.09
CA ALA M 232 -29.17 6.24 -18.31
C ALA M 232 -29.63 4.91 -17.72
N GLY M 233 -28.73 3.92 -17.61
CA GLY M 233 -29.11 2.66 -17.02
C GLY M 233 -29.36 2.74 -15.53
N ILE M 234 -28.59 3.58 -14.83
CA ILE M 234 -28.72 3.72 -13.39
C ILE M 234 -29.98 4.51 -13.03
N LYS M 235 -30.27 5.56 -13.79
CA LYS M 235 -31.40 6.44 -13.47
C LYS M 235 -32.76 5.76 -13.62
N THR M 236 -32.91 4.84 -14.56
CA THR M 236 -34.17 4.17 -14.83
C THR M 236 -34.27 2.79 -14.20
N ARG M 237 -33.28 2.41 -13.40
CA ARG M 237 -33.26 1.11 -12.73
C ARG M 237 -34.43 0.97 -11.76
N LYS M 238 -35.00 -0.23 -11.70
CA LYS M 238 -36.17 -0.53 -10.88
C LYS M 238 -35.83 -1.58 -9.84
N PHE M 239 -36.55 -1.56 -8.71
CA PHE M 239 -36.39 -2.51 -7.62
C PHE M 239 -37.75 -2.97 -7.13
N VAL M 240 -37.81 -4.20 -6.66
CA VAL M 240 -39.02 -4.78 -6.11
C VAL M 240 -38.65 -5.74 -4.99
N PHE M 241 -39.51 -5.80 -3.97
CA PHE M 241 -39.29 -6.60 -2.77
C PHE M 241 -40.40 -7.62 -2.59
N ASN M 242 -40.00 -8.85 -2.29
CA ASN M 242 -40.92 -9.93 -1.93
C ASN M 242 -40.42 -10.54 -0.62
N PRO M 243 -41.13 -10.42 0.51
CA PRO M 243 -40.58 -10.89 1.79
C PRO M 243 -40.34 -12.40 1.78
N PRO M 244 -39.15 -12.86 2.16
CA PRO M 244 -38.93 -14.31 2.18
C PRO M 244 -39.79 -15.01 3.22
N LYS M 245 -39.95 -16.31 3.02
CA LYS M 245 -40.83 -17.08 3.87
C LYS M 245 -40.08 -17.43 5.16
N PRO M 246 -40.72 -17.30 6.35
CA PRO M 246 -39.94 -17.46 7.58
C PRO M 246 -39.61 -18.90 7.90
N ARG M 247 -38.52 -19.38 7.32
CA ARG M 247 -37.95 -20.68 7.66
C ARG M 247 -36.43 -20.70 7.75
N LYS M 248 -35.76 -19.68 7.22
CA LYS M 248 -34.30 -19.65 7.21
C LYS M 248 -33.74 -19.56 8.62
N LYS N 1 -45.33 -9.99 -6.51
CA LYS N 1 -45.76 -10.68 -7.72
C LYS N 1 -44.59 -11.43 -8.34
N SER N 2 -44.83 -12.08 -9.47
CA SER N 2 -43.83 -12.94 -10.08
C SER N 2 -42.63 -12.14 -10.56
N THR N 3 -41.47 -12.77 -10.46
CA THR N 3 -40.21 -12.19 -10.93
C THR N 3 -40.04 -12.30 -12.44
N TYR N 4 -40.85 -13.12 -13.11
CA TYR N 4 -40.80 -13.23 -14.56
C TYR N 4 -41.55 -12.12 -15.27
N ARG N 5 -42.34 -11.32 -14.56
CA ARG N 5 -43.01 -10.16 -15.10
C ARG N 5 -42.13 -8.94 -14.90
N THR N 6 -41.67 -8.37 -16.00
CA THR N 6 -40.78 -7.21 -15.96
C THR N 6 -41.61 -5.93 -15.83
N PRO N 7 -41.14 -4.92 -15.08
CA PRO N 7 -41.86 -3.65 -15.02
C PRO N 7 -41.83 -2.91 -16.35
N ASN N 8 -42.53 -1.78 -16.36
CA ASN N 8 -42.76 -1.02 -17.58
C ASN N 8 -41.63 -0.02 -17.83
N PHE N 9 -41.08 -0.07 -19.04
CA PHE N 9 -40.05 0.87 -19.50
C PHE N 9 -40.51 1.65 -20.73
N ASP N 10 -41.82 1.70 -20.99
CA ASP N 10 -42.31 2.26 -22.25
C ASP N 10 -42.13 3.77 -22.36
N ASP N 11 -41.87 4.47 -21.25
CA ASP N 11 -41.67 5.91 -21.28
C ASP N 11 -40.25 6.32 -21.62
N VAL N 12 -39.30 5.38 -21.66
CA VAL N 12 -37.90 5.69 -21.95
C VAL N 12 -37.38 4.97 -23.18
N LEU N 13 -38.16 4.10 -23.80
CA LEU N 13 -37.69 3.28 -24.91
C LEU N 13 -37.96 3.96 -26.24
N LYS N 14 -37.05 3.72 -27.18
CA LYS N 14 -37.30 4.11 -28.56
C LYS N 14 -38.33 3.18 -29.19
N GLU N 15 -39.19 3.76 -30.03
CA GLU N 15 -40.16 2.96 -30.76
C GLU N 15 -39.46 1.97 -31.67
N ASN N 16 -38.49 2.45 -32.44
CA ASN N 16 -37.68 1.64 -33.34
C ASN N 16 -36.25 1.69 -32.85
N ASN N 17 -35.75 0.56 -32.33
CA ASN N 17 -34.37 0.53 -31.86
C ASN N 17 -33.38 0.83 -32.98
N ASP N 18 -33.42 0.05 -34.07
CA ASP N 18 -32.41 0.19 -35.16
C ASP N 18 -31.08 -0.43 -34.72
N ALA N 19 -30.53 -0.12 -33.55
CA ALA N 19 -29.26 -0.70 -33.03
C ALA N 19 -28.13 0.15 -33.59
N ASP N 20 -28.16 0.43 -34.88
CA ASP N 20 -27.25 1.38 -35.53
C ASP N 20 -27.66 2.85 -35.27
N LYS N 21 -28.90 3.15 -34.91
CA LYS N 21 -29.44 4.48 -34.65
C LYS N 21 -28.88 5.04 -33.34
N GLY N 22 -28.61 4.16 -32.37
CA GLY N 22 -28.01 4.58 -31.12
C GLY N 22 -26.51 4.65 -31.13
N ARG N 23 -25.85 3.98 -32.08
CA ARG N 23 -24.41 3.92 -32.14
C ARG N 23 -23.79 4.98 -33.05
N SER N 24 -24.57 5.58 -33.94
CA SER N 24 -24.03 6.64 -34.79
C SER N 24 -24.04 7.99 -34.09
N TYR N 25 -25.10 8.29 -33.34
CA TYR N 25 -25.23 9.57 -32.68
C TYR N 25 -24.48 9.64 -31.36
N ALA N 26 -24.16 8.49 -30.76
CA ALA N 26 -23.41 8.48 -29.51
C ALA N 26 -21.91 8.55 -29.74
N TYR N 27 -21.44 7.94 -30.82
CA TYR N 27 -20.02 7.90 -31.13
C TYR N 27 -19.59 9.01 -32.08
N PHE N 28 -20.52 9.87 -32.51
CA PHE N 28 -20.15 11.14 -33.14
C PHE N 28 -19.81 12.19 -32.10
N MET N 29 -20.45 12.13 -30.92
CA MET N 29 -20.20 13.10 -29.87
C MET N 29 -18.95 12.75 -29.07
N VAL N 30 -18.66 11.46 -28.91
CA VAL N 30 -17.42 11.05 -28.24
C VAL N 30 -16.22 11.30 -29.14
N GLY N 31 -16.41 11.28 -30.46
CA GLY N 31 -15.32 11.60 -31.37
C GLY N 31 -15.06 13.09 -31.46
N ALA N 32 -16.11 13.90 -31.46
CA ALA N 32 -15.94 15.35 -31.48
C ALA N 32 -15.29 15.86 -30.20
N MET N 33 -15.56 15.22 -29.07
CA MET N 33 -14.99 15.65 -27.81
C MET N 33 -13.51 15.32 -27.71
N GLY N 34 -13.06 14.30 -28.44
CA GLY N 34 -11.66 13.92 -28.47
C GLY N 34 -10.88 14.66 -29.54
N LEU N 35 -11.58 15.14 -30.56
CA LEU N 35 -10.94 15.96 -31.59
C LEU N 35 -10.62 17.36 -31.06
N LEU N 36 -11.57 17.97 -30.35
CA LEU N 36 -11.33 19.29 -29.80
C LEU N 36 -10.34 19.24 -28.64
N SER N 37 -10.31 18.15 -27.89
CA SER N 37 -9.42 18.01 -26.75
C SER N 37 -7.99 17.67 -27.17
N SER N 38 -7.79 17.09 -28.34
CA SER N 38 -6.46 16.84 -28.87
C SER N 38 -5.86 18.08 -29.53
N ALA N 39 -6.71 19.01 -29.97
CA ALA N 39 -6.26 20.30 -30.46
C ALA N 39 -6.05 21.30 -29.35
N GLY N 40 -6.86 21.22 -28.29
CA GLY N 40 -6.68 22.07 -27.14
C GLY N 40 -5.52 21.68 -26.26
N ALA N 41 -5.23 20.38 -26.18
CA ALA N 41 -4.07 19.89 -25.45
C ALA N 41 -2.76 20.08 -26.20
N LYS N 42 -2.79 20.67 -27.37
CA LYS N 42 -1.62 20.94 -28.18
C LYS N 42 -1.25 22.41 -28.21
N SER N 43 -2.23 23.28 -28.44
CA SER N 43 -2.03 24.71 -28.27
C SER N 43 -1.51 25.04 -26.88
N THR N 44 -1.94 24.28 -25.87
CA THR N 44 -1.42 24.45 -24.53
C THR N 44 0.07 24.09 -24.45
N VAL N 45 0.45 22.95 -25.03
CA VAL N 45 1.83 22.49 -24.93
C VAL N 45 2.78 23.42 -25.66
N GLU N 46 2.42 23.85 -26.88
CA GLU N 46 3.29 24.71 -27.66
C GLU N 46 3.28 26.16 -27.16
N THR N 47 2.35 26.52 -26.29
CA THR N 47 2.37 27.84 -25.67
C THR N 47 3.39 27.91 -24.54
N PHE N 48 3.56 26.82 -23.80
CA PHE N 48 4.58 26.78 -22.74
C PHE N 48 5.96 26.56 -23.33
N ILE N 49 6.06 25.78 -24.40
CA ILE N 49 7.34 25.47 -25.02
C ILE N 49 7.94 26.70 -25.70
N SER N 50 7.10 27.61 -26.18
CA SER N 50 7.58 28.79 -26.89
C SER N 50 8.02 29.91 -25.97
N SER N 51 7.67 29.85 -24.68
CA SER N 51 8.20 30.80 -23.72
C SER N 51 9.72 30.68 -23.56
N MET N 52 10.27 29.49 -23.79
CA MET N 52 11.70 29.25 -23.64
C MET N 52 12.51 29.68 -24.86
N THR N 53 11.88 30.26 -25.88
CA THR N 53 12.61 30.79 -27.02
C THR N 53 13.11 32.20 -26.69
N ALA N 54 13.95 32.72 -27.58
CA ALA N 54 14.58 34.01 -27.35
C ALA N 54 13.56 35.13 -27.22
N THR N 55 13.64 35.89 -26.24
CA THR N 55 12.74 36.96 -25.84
C THR N 55 13.07 38.26 -26.57
N ALA N 56 12.12 39.18 -26.85
CA ALA N 56 12.10 40.31 -27.77
C ALA N 56 13.37 41.15 -27.66
N ASP N 57 13.90 41.33 -26.45
CA ASP N 57 15.09 42.13 -26.23
C ASP N 57 16.38 41.43 -26.66
N VAL N 58 16.37 40.11 -26.81
CA VAL N 58 17.54 39.38 -27.28
C VAL N 58 17.60 39.34 -28.80
N LEU N 59 16.44 39.28 -29.46
CA LEU N 59 16.41 39.32 -30.91
C LEU N 59 16.78 40.70 -31.46
N ALA N 60 16.48 41.76 -30.71
CA ALA N 60 16.84 43.10 -31.12
C ALA N 60 18.35 43.31 -31.17
N MET N 61 19.10 42.66 -30.28
CA MET N 61 20.55 42.78 -30.22
C MET N 61 21.26 41.69 -31.02
N ALA N 62 20.57 41.13 -32.00
CA ALA N 62 21.14 40.06 -32.82
C ALA N 62 22.01 40.56 -33.94
N LYS N 63 21.48 41.43 -34.80
CA LYS N 63 22.14 41.85 -36.02
C LYS N 63 22.50 43.34 -35.88
N VAL N 64 23.80 43.61 -35.65
CA VAL N 64 24.29 44.91 -35.19
C VAL N 64 24.90 45.70 -36.36
N GLU N 65 25.02 46.92 -36.29
CA GLU N 65 25.63 47.90 -37.23
C GLU N 65 26.24 49.06 -36.43
N VAL N 66 27.54 48.94 -36.11
CA VAL N 66 28.28 50.05 -35.43
C VAL N 66 28.25 51.29 -36.33
N ASN N 67 28.78 51.18 -37.57
CA ASN N 67 28.92 52.31 -38.52
C ASN N 67 29.72 51.72 -39.68
N LEU N 68 30.36 52.55 -40.51
CA LEU N 68 31.28 52.01 -41.54
C LEU N 68 32.59 52.81 -41.48
N ALA N 69 32.74 54.17 -41.08
CA ALA N 69 33.94 54.97 -40.85
C ALA N 69 34.21 55.09 -39.35
N ALA N 70 34.09 53.97 -38.63
CA ALA N 70 34.34 53.91 -37.19
C ALA N 70 35.48 52.99 -36.81
N ILE N 71 35.88 52.07 -37.68
CA ILE N 71 37.01 51.17 -37.44
C ILE N 71 38.10 51.51 -38.44
N PRO N 72 39.17 52.23 -38.06
CA PRO N 72 40.24 52.51 -39.04
C PRO N 72 40.96 51.27 -39.56
N LEU N 73 41.97 51.55 -40.41
CA LEU N 73 42.53 50.53 -41.31
C LEU N 73 43.16 49.38 -40.54
N GLY N 74 44.21 49.68 -39.77
CA GLY N 74 45.10 48.69 -39.20
C GLY N 74 44.69 48.29 -37.80
N LYS N 75 43.42 47.98 -37.64
CA LYS N 75 42.82 47.65 -36.36
C LYS N 75 42.10 46.33 -36.45
N ASN N 76 41.57 45.88 -35.33
CA ASN N 76 40.26 45.24 -35.33
C ASN N 76 39.70 45.14 -33.92
N VAL N 77 38.38 44.98 -33.90
CA VAL N 77 37.57 44.94 -32.70
C VAL N 77 36.88 43.58 -32.68
N VAL N 78 37.04 42.82 -31.59
CA VAL N 78 36.23 41.61 -31.43
C VAL N 78 34.97 42.05 -30.71
N VAL N 79 34.00 42.51 -31.48
CA VAL N 79 32.71 42.89 -30.91
C VAL N 79 32.05 41.65 -30.34
N LYS N 80 31.24 41.86 -29.31
CA LYS N 80 30.41 40.83 -28.69
C LYS N 80 29.10 40.68 -29.48
N TRP N 81 29.23 40.62 -30.80
CA TRP N 81 28.05 40.70 -31.68
C TRP N 81 27.29 39.40 -31.60
N GLN N 82 26.06 39.46 -31.09
CA GLN N 82 25.20 38.30 -30.97
C GLN N 82 25.78 37.24 -30.01
N GLY N 83 26.80 37.60 -29.23
CA GLY N 83 27.39 36.69 -28.27
C GLY N 83 28.61 35.94 -28.77
N LYS N 84 29.45 36.56 -29.60
CA LYS N 84 30.56 35.85 -30.24
C LYS N 84 31.84 36.67 -30.32
N PRO N 85 33.04 36.00 -30.30
CA PRO N 85 34.30 36.65 -30.76
C PRO N 85 34.43 36.68 -32.28
N VAL N 86 33.87 37.73 -32.87
CA VAL N 86 33.84 37.89 -34.32
C VAL N 86 34.80 39.00 -34.72
N PHE N 87 35.43 38.82 -35.88
CA PHE N 87 36.71 39.47 -36.20
C PHE N 87 36.49 40.54 -37.26
N ILE N 88 36.15 41.75 -36.81
CA ILE N 88 35.95 42.90 -37.70
C ILE N 88 37.26 43.20 -38.40
N ARG N 89 37.22 43.74 -39.61
CA ARG N 89 38.43 44.06 -40.38
C ARG N 89 38.10 45.08 -41.48
N HIS N 90 38.42 46.36 -41.26
CA HIS N 90 38.25 47.38 -42.29
C HIS N 90 39.41 47.33 -43.28
N ARG N 91 39.17 47.74 -44.53
CA ARG N 91 39.96 47.36 -45.69
C ARG N 91 40.45 48.55 -46.51
N THR N 92 41.19 48.18 -47.55
CA THR N 92 41.63 49.01 -48.67
C THR N 92 41.71 48.09 -49.88
N PRO N 93 41.79 48.54 -51.15
CA PRO N 93 41.97 47.57 -52.22
C PRO N 93 43.23 46.80 -51.80
N HIS N 94 43.94 47.30 -50.77
CA HIS N 94 45.17 46.61 -50.22
C HIS N 94 44.75 45.31 -49.55
N GLU N 95 44.03 44.46 -50.30
CA GLU N 95 43.56 43.16 -49.82
C GLU N 95 43.61 42.09 -50.92
N ILE N 96 43.10 42.35 -52.14
CA ILE N 96 43.24 41.38 -53.24
C ILE N 96 44.66 41.40 -53.81
N GLN N 97 45.49 42.37 -53.37
CA GLN N 97 46.95 42.31 -53.53
C GLN N 97 47.49 40.88 -53.44
N GLU N 98 47.25 40.26 -52.28
CA GLU N 98 48.14 39.29 -51.71
C GLU N 98 47.39 38.19 -50.97
N ALA N 99 46.06 38.20 -51.03
CA ALA N 99 45.24 37.24 -50.30
C ALA N 99 45.26 35.88 -50.97
N ASN N 100 45.48 35.81 -52.29
CA ASN N 100 45.55 34.55 -53.02
C ASN N 100 46.81 34.52 -53.91
N SER N 101 47.97 34.79 -53.34
CA SER N 101 49.25 34.60 -54.02
C SER N 101 49.83 33.22 -53.75
N VAL N 102 48.98 32.23 -53.47
CA VAL N 102 49.39 30.88 -53.08
C VAL N 102 48.49 29.92 -53.83
N ASP N 103 49.06 28.81 -54.30
CA ASP N 103 48.25 27.88 -55.06
C ASP N 103 47.31 27.18 -54.09
N MET N 104 46.04 27.04 -54.48
CA MET N 104 45.06 26.55 -53.54
C MET N 104 45.29 25.12 -53.09
N SER N 105 45.82 24.25 -53.94
CA SER N 105 45.78 22.81 -53.62
C SER N 105 46.86 22.37 -52.65
N ALA N 106 47.62 23.30 -52.06
CA ALA N 106 48.53 23.01 -50.96
C ALA N 106 47.82 23.18 -49.61
N LEU N 107 46.73 22.44 -49.40
CA LEU N 107 45.77 22.78 -48.37
C LEU N 107 45.02 21.53 -47.93
N LYS N 108 44.16 21.67 -46.67
CA LYS N 108 43.22 20.62 -46.31
C LYS N 108 42.32 20.28 -47.49
N ASP N 109 41.38 21.22 -48.10
CA ASP N 109 40.56 21.12 -49.30
C ASP N 109 39.98 22.52 -49.56
N PRO N 110 40.28 23.18 -50.73
CA PRO N 110 40.23 24.66 -50.78
C PRO N 110 38.94 25.32 -51.24
N GLN N 111 39.05 26.63 -51.52
CA GLN N 111 38.00 27.63 -51.59
C GLN N 111 38.65 28.87 -52.21
N THR N 112 37.83 29.72 -52.82
CA THR N 112 38.31 30.86 -53.61
C THR N 112 37.71 32.17 -53.09
N ASP N 113 38.39 33.28 -53.40
CA ASP N 113 37.97 34.60 -52.95
C ASP N 113 36.53 34.91 -53.34
N ALA N 114 36.15 34.63 -54.59
CA ALA N 114 34.80 34.94 -55.04
C ALA N 114 33.75 34.13 -54.31
N ASP N 115 34.09 32.93 -53.87
CA ASP N 115 33.21 32.14 -53.00
C ASP N 115 33.25 32.63 -51.57
N ARG N 116 34.32 33.30 -51.19
CA ARG N 116 34.52 33.77 -49.83
C ARG N 116 33.61 34.94 -49.49
N VAL N 117 33.80 36.09 -50.15
CA VAL N 117 32.95 37.25 -49.93
C VAL N 117 33.17 38.18 -51.10
N LYS N 118 32.08 38.74 -51.64
CA LYS N 118 32.11 39.57 -52.83
C LYS N 118 31.72 41.01 -52.52
N ASP N 119 31.41 41.31 -51.26
CA ASP N 119 31.55 42.64 -50.68
C ASP N 119 32.92 42.66 -50.03
N PRO N 120 33.98 43.02 -50.76
CA PRO N 120 35.34 42.64 -50.32
C PRO N 120 36.14 43.70 -49.55
N GLN N 121 35.57 44.88 -49.24
CA GLN N 121 36.28 45.93 -48.50
C GLN N 121 35.66 46.22 -47.13
N TRP N 122 34.90 45.29 -46.55
CA TRP N 122 34.76 45.20 -45.09
C TRP N 122 34.59 43.73 -44.73
N LEU N 123 35.52 43.21 -43.94
CA LEU N 123 35.68 41.78 -43.71
C LEU N 123 35.30 41.46 -42.28
N ILE N 124 34.56 40.37 -42.11
CA ILE N 124 34.25 39.87 -40.77
C ILE N 124 34.31 38.35 -40.80
N MET N 125 34.83 37.75 -39.73
CA MET N 125 34.99 36.30 -39.65
C MET N 125 34.87 35.89 -38.18
N LEU N 126 34.34 34.69 -37.96
CA LEU N 126 34.10 34.13 -36.64
C LEU N 126 35.41 33.71 -35.96
N GLY N 127 35.31 33.46 -34.66
CA GLY N 127 36.36 32.86 -33.87
C GLY N 127 35.95 31.54 -33.26
N ILE N 128 34.79 31.01 -33.65
CA ILE N 128 34.35 29.72 -33.11
C ILE N 128 35.17 28.65 -33.79
N CYS N 129 36.31 28.30 -33.20
CA CYS N 129 37.24 27.40 -33.85
C CYS N 129 36.79 25.95 -33.70
N THR N 130 37.11 25.15 -34.71
CA THR N 130 36.86 23.71 -34.65
C THR N 130 38.03 22.99 -33.97
N HIS N 131 38.42 23.43 -32.78
CA HIS N 131 38.99 22.52 -31.79
C HIS N 131 38.04 22.45 -30.60
N LEU N 132 37.95 23.51 -29.81
CA LEU N 132 36.95 23.65 -28.76
C LEU N 132 36.61 25.13 -28.54
N GLY N 133 37.04 26.03 -29.44
CA GLY N 133 36.71 27.44 -29.39
C GLY N 133 37.86 28.42 -29.22
N CYS N 134 39.04 28.10 -29.76
CA CYS N 134 40.23 28.90 -29.51
C CYS N 134 40.12 30.29 -30.15
N VAL N 135 40.99 31.20 -29.70
CA VAL N 135 40.95 32.61 -30.09
C VAL N 135 42.28 32.97 -30.72
N PRO N 136 42.31 33.47 -31.98
CA PRO N 136 43.55 34.03 -32.55
C PRO N 136 43.96 35.45 -32.14
N ILE N 137 44.94 35.97 -32.88
CA ILE N 137 45.74 37.13 -32.51
C ILE N 137 44.98 38.43 -32.75
N GLY N 138 45.60 39.52 -32.31
CA GLY N 138 45.53 40.78 -33.02
C GLY N 138 46.93 41.31 -33.30
N GLU N 139 47.28 41.76 -34.59
CA GLU N 139 48.44 42.58 -34.96
C GLU N 139 49.79 41.89 -34.68
N ALA N 140 50.01 40.73 -35.41
CA ALA N 140 51.39 40.23 -35.55
C ALA N 140 51.51 39.15 -36.62
N GLY N 141 52.76 38.73 -36.86
CA GLY N 141 53.08 37.54 -37.64
C GLY N 141 53.99 37.78 -38.84
N ASP N 142 54.16 36.77 -39.69
CA ASP N 142 55.02 36.88 -40.86
C ASP N 142 54.26 37.51 -42.01
N PHE N 143 53.13 36.90 -42.41
CA PHE N 143 52.26 37.54 -43.39
C PHE N 143 51.50 38.70 -42.78
N GLY N 144 51.06 38.55 -41.52
CA GLY N 144 50.19 39.51 -40.86
C GLY N 144 48.85 38.90 -40.51
N GLY N 145 48.87 37.61 -40.17
CA GLY N 145 47.65 36.84 -39.97
C GLY N 145 47.24 36.66 -38.53
N TRP N 146 46.55 35.55 -38.22
CA TRP N 146 45.92 35.34 -36.91
C TRP N 146 46.35 34.00 -36.32
N PHE N 147 46.79 34.05 -35.07
CA PHE N 147 47.75 33.09 -34.49
C PHE N 147 47.06 32.22 -33.45
N CYS N 148 47.07 30.90 -33.69
CA CYS N 148 46.50 29.95 -32.75
C CYS N 148 47.61 29.40 -31.85
N PRO N 149 47.62 29.70 -30.54
CA PRO N 149 48.56 29.03 -29.63
C PRO N 149 48.07 27.69 -29.09
N CYS N 150 46.82 27.33 -29.38
CA CYS N 150 46.11 26.21 -28.79
C CYS N 150 46.82 24.89 -29.13
N HIS N 151 46.84 24.54 -30.42
CA HIS N 151 47.70 23.47 -30.94
C HIS N 151 48.78 24.04 -31.83
N GLY N 152 48.37 24.74 -32.90
CA GLY N 152 49.27 25.51 -33.74
C GLY N 152 48.63 25.82 -35.08
N SER N 153 48.72 27.08 -35.48
CA SER N 153 48.14 27.56 -36.73
C SER N 153 48.47 29.04 -36.85
N HIS N 154 48.47 29.59 -38.06
CA HIS N 154 48.47 31.03 -38.27
C HIS N 154 47.59 31.30 -39.49
N TYR N 155 46.41 31.85 -39.26
CA TYR N 155 45.49 32.16 -40.34
C TYR N 155 46.02 33.36 -41.12
N ASP N 156 46.48 33.16 -42.36
CA ASP N 156 47.21 34.18 -43.10
C ASP N 156 46.30 35.36 -43.43
N ILE N 157 46.80 36.35 -44.18
CA ILE N 157 46.02 37.57 -44.49
C ILE N 157 44.66 37.22 -45.07
N SER N 158 44.57 36.14 -45.85
CA SER N 158 43.29 35.69 -46.35
C SER N 158 42.55 34.84 -45.33
N GLY N 159 43.30 34.21 -44.41
CA GLY N 159 42.70 33.54 -43.26
C GLY N 159 42.65 32.04 -43.33
N ARG N 160 43.76 31.40 -43.71
CA ARG N 160 43.78 29.98 -44.04
C ARG N 160 44.96 29.26 -43.40
N ILE N 161 44.98 27.95 -43.65
CA ILE N 161 46.05 27.07 -43.16
C ILE N 161 47.38 27.57 -43.71
N ARG N 162 48.44 27.49 -42.88
CA ARG N 162 49.80 27.25 -43.40
C ARG N 162 50.19 25.81 -43.06
N LYS N 163 50.11 25.46 -41.77
CA LYS N 163 50.00 24.08 -41.32
C LYS N 163 49.16 24.03 -40.07
N GLY N 164 48.77 22.81 -39.70
CA GLY N 164 48.24 22.53 -38.40
C GLY N 164 47.26 21.39 -38.48
N PRO N 165 46.80 20.90 -37.33
CA PRO N 165 45.73 19.90 -37.32
C PRO N 165 44.34 20.48 -37.50
N ALA N 166 44.24 21.77 -37.80
CA ALA N 166 42.94 22.40 -38.01
C ALA N 166 42.41 22.02 -39.40
N PRO N 167 41.22 21.42 -39.51
CA PRO N 167 40.83 20.81 -40.80
C PRO N 167 40.22 21.79 -41.78
N LEU N 168 39.73 22.93 -41.32
CA LEU N 168 38.91 23.78 -42.17
C LEU N 168 38.78 25.17 -41.55
N ASN N 169 38.52 26.15 -42.40
CA ASN N 169 38.26 27.52 -41.97
C ASN N 169 36.76 27.70 -41.82
N LEU N 170 36.35 28.60 -40.92
CA LEU N 170 35.02 28.49 -40.31
C LEU N 170 33.89 28.97 -41.20
N GLU N 171 33.77 30.28 -41.32
CA GLU N 171 32.49 30.94 -41.49
C GLU N 171 32.82 32.42 -41.67
N ILE N 172 32.33 33.04 -42.73
CA ILE N 172 32.27 34.49 -42.82
C ILE N 172 30.82 34.90 -42.67
N PRO N 173 30.36 35.41 -41.56
CA PRO N 173 28.95 35.66 -41.27
C PRO N 173 28.23 36.38 -42.39
N ALA N 174 27.10 35.90 -42.66
CA ALA N 174 26.30 36.17 -43.85
C ALA N 174 25.72 37.57 -43.74
N TYR N 175 26.49 38.54 -44.01
CA TYR N 175 26.31 39.98 -43.89
C TYR N 175 26.03 40.54 -45.28
N GLU N 176 24.98 41.25 -45.36
CA GLU N 176 24.48 41.68 -46.66
C GLU N 176 24.61 43.20 -46.75
N PHE N 177 24.84 43.69 -47.97
CA PHE N 177 25.04 45.13 -48.22
C PHE N 177 23.79 45.71 -48.85
N ASP N 178 23.38 46.89 -48.36
CA ASP N 178 22.32 47.66 -48.99
C ASP N 178 22.62 49.16 -49.05
N GLY N 179 23.71 49.62 -48.44
CA GLY N 179 24.05 51.03 -48.40
C GLY N 179 23.78 51.71 -47.07
N ASP N 180 24.77 52.47 -46.60
CA ASP N 180 24.77 53.27 -45.38
C ASP N 180 24.93 52.50 -44.08
N LYS N 181 24.72 51.18 -44.06
CA LYS N 181 24.96 50.36 -42.88
C LYS N 181 25.13 48.96 -43.47
N VAL N 182 26.08 48.17 -42.96
CA VAL N 182 26.17 46.73 -43.31
C VAL N 182 25.76 45.96 -42.06
N ILE N 183 24.75 45.12 -42.24
CA ILE N 183 24.20 44.32 -41.15
C ILE N 183 25.06 43.05 -41.04
N VAL N 184 25.65 42.84 -39.87
CA VAL N 184 26.40 41.62 -39.59
C VAL N 184 25.44 40.58 -39.04
N GLY N 185 25.14 39.56 -39.85
CA GLY N 185 24.24 38.48 -39.46
C GLY N 185 23.07 38.32 -40.42
N GLU O 1 -11.24 78.23 -34.22
CA GLU O 1 -12.60 78.18 -34.76
C GLU O 1 -13.46 77.24 -33.91
N VAL O 2 -12.91 76.08 -33.59
CA VAL O 2 -13.60 75.05 -32.81
C VAL O 2 -13.12 75.19 -31.36
N THR O 3 -14.02 75.61 -30.48
CA THR O 3 -13.72 75.62 -29.06
C THR O 3 -13.90 74.22 -28.48
N ASP O 4 -13.44 74.04 -27.25
CA ASP O 4 -13.42 72.72 -26.63
C ASP O 4 -14.85 72.24 -26.35
N GLN O 5 -15.06 70.94 -26.56
CA GLN O 5 -16.41 70.40 -26.59
C GLN O 5 -17.02 70.23 -25.20
N LEU O 6 -16.19 70.04 -24.17
CA LEU O 6 -16.71 69.70 -22.85
C LEU O 6 -17.32 70.91 -22.16
N GLU O 7 -16.82 72.11 -22.42
CA GLU O 7 -17.41 73.31 -21.85
C GLU O 7 -18.76 73.64 -22.49
N ASP O 8 -18.98 73.21 -23.73
CA ASP O 8 -20.26 73.46 -24.38
C ASP O 8 -21.36 72.64 -23.73
N LEU O 9 -21.02 71.43 -23.27
CA LEU O 9 -21.98 70.58 -22.59
C LEU O 9 -22.12 70.95 -21.12
N ARG O 10 -21.02 71.27 -20.45
CA ARG O 10 -21.07 71.72 -19.07
C ARG O 10 -21.93 72.96 -18.91
N GLU O 11 -21.91 73.85 -19.91
CA GLU O 11 -22.72 75.07 -19.85
C GLU O 11 -24.17 74.80 -20.22
N HIS O 12 -24.41 73.84 -21.12
CA HIS O 12 -25.78 73.54 -21.53
C HIS O 12 -26.57 72.88 -20.42
N PHE O 13 -25.93 72.02 -19.62
CA PHE O 13 -26.63 71.30 -18.55
C PHE O 13 -26.68 72.08 -17.25
N LYS O 14 -25.97 73.20 -17.15
CA LYS O 14 -26.19 74.13 -16.04
C LYS O 14 -27.48 74.92 -16.18
N ASN O 15 -28.19 74.80 -17.31
CA ASN O 15 -29.53 75.33 -17.48
C ASN O 15 -30.62 74.27 -17.25
N THR O 16 -30.23 73.02 -17.02
CA THR O 16 -31.18 71.98 -16.68
C THR O 16 -31.95 72.33 -15.42
N GLU O 17 -33.19 71.86 -15.33
CA GLU O 17 -33.99 72.05 -14.13
C GLU O 17 -33.25 71.57 -12.87
N GLU O 18 -32.59 70.41 -12.96
CA GLU O 18 -31.73 69.94 -11.89
C GLU O 18 -30.46 70.78 -11.77
N GLY O 19 -30.00 71.37 -12.87
CA GLY O 19 -28.80 72.20 -12.83
C GLY O 19 -29.01 73.61 -12.34
N LYS O 20 -30.22 74.13 -12.42
CA LYS O 20 -30.49 75.47 -11.91
C LYS O 20 -30.50 75.48 -10.38
N ALA O 21 -31.02 74.42 -9.76
CA ALA O 21 -31.11 74.37 -8.31
C ALA O 21 -29.76 74.16 -7.66
N LEU O 22 -28.92 73.30 -8.23
CA LEU O 22 -27.63 72.97 -7.62
C LEU O 22 -26.64 74.12 -7.69
N VAL O 23 -26.86 75.11 -8.57
CA VAL O 23 -25.99 76.27 -8.61
C VAL O 23 -26.22 77.16 -7.41
N HIS O 24 -27.48 77.55 -7.17
CA HIS O 24 -27.78 78.50 -6.12
C HIS O 24 -27.52 77.95 -4.73
N HIS O 25 -27.67 76.64 -4.52
CA HIS O 25 -27.33 76.07 -3.23
C HIS O 25 -25.84 76.18 -2.93
N TYR O 26 -25.00 76.24 -3.97
CA TYR O 26 -23.58 76.48 -3.78
C TYR O 26 -23.26 77.96 -3.60
N GLU O 27 -24.07 78.86 -4.16
CA GLU O 27 -23.78 80.28 -4.08
C GLU O 27 -24.15 80.88 -2.74
N GLU O 28 -25.39 80.64 -2.39
CA GLU O 28 -25.88 81.05 -1.05
C GLU O 28 -24.96 80.51 0.03
N CYS O 29 -24.23 79.50 -0.33
CA CYS O 29 -23.45 78.98 0.74
C CYS O 29 -22.07 79.65 0.67
N ALA O 30 -21.66 80.11 -0.50
CA ALA O 30 -20.39 80.84 -0.64
C ALA O 30 -20.48 82.18 0.06
N GLU O 31 -21.65 82.80 0.01
CA GLU O 31 -21.85 84.06 0.70
C GLU O 31 -21.81 83.93 2.22
N ARG O 32 -22.09 82.73 2.75
CA ARG O 32 -21.98 82.51 4.18
C ARG O 32 -20.53 82.44 4.65
N VAL O 33 -19.64 81.85 3.85
CA VAL O 33 -18.24 81.71 4.24
C VAL O 33 -17.46 83.00 4.11
N LYS O 34 -18.01 84.01 3.42
CA LYS O 34 -17.32 85.29 3.26
C LYS O 34 -17.02 85.94 4.61
N ILE O 35 -17.83 85.67 5.63
CA ILE O 35 -17.81 86.43 6.87
C ILE O 35 -17.24 85.61 8.03
N GLN O 36 -17.51 84.31 8.08
CA GLN O 36 -17.40 83.56 9.33
C GLN O 36 -15.98 83.52 9.89
N GLN O 37 -14.94 83.53 9.05
CA GLN O 37 -13.57 83.69 9.52
C GLN O 37 -12.99 85.06 9.19
N GLN O 38 -13.66 85.86 8.37
CA GLN O 38 -13.34 87.28 8.29
C GLN O 38 -13.44 87.94 9.65
N GLN O 39 -14.36 87.47 10.50
CA GLN O 39 -14.45 87.91 11.87
C GLN O 39 -13.14 87.59 12.61
N PRO O 40 -12.89 88.24 13.76
CA PRO O 40 -11.73 87.87 14.56
C PRO O 40 -11.75 86.40 14.96
N GLY O 41 -10.59 85.91 15.40
CA GLY O 41 -10.39 84.49 15.60
C GLY O 41 -10.06 83.81 14.29
N TYR O 42 -8.98 84.26 13.65
CA TYR O 42 -8.70 83.85 12.29
C TYR O 42 -8.23 82.40 12.21
N ALA O 43 -7.09 82.09 12.83
CA ALA O 43 -6.46 80.79 12.70
C ALA O 43 -6.43 80.00 14.01
N ASP O 44 -6.99 80.54 15.09
CA ASP O 44 -7.05 79.84 16.38
C ASP O 44 -8.35 79.06 16.57
N LEU O 45 -9.31 79.18 15.66
CA LEU O 45 -10.59 78.50 15.83
C LEU O 45 -10.43 76.99 15.60
N GLU O 46 -11.30 76.21 16.23
CA GLU O 46 -11.26 74.76 16.10
C GLU O 46 -11.46 74.31 14.67
N HIS O 47 -12.46 74.88 13.99
CA HIS O 47 -12.83 74.43 12.66
C HIS O 47 -13.54 75.58 11.95
N LYS O 48 -13.80 75.39 10.67
CA LYS O 48 -14.47 76.40 9.87
C LYS O 48 -15.06 75.77 8.63
N GLU O 49 -16.07 76.44 8.08
CA GLU O 49 -16.91 75.85 7.06
C GLU O 49 -16.33 76.07 5.67
N ASP O 50 -16.28 74.99 4.88
CA ASP O 50 -15.97 75.04 3.47
C ASP O 50 -17.27 74.93 2.68
N CYS O 51 -17.12 74.89 1.35
CA CYS O 51 -18.28 74.61 0.50
C CYS O 51 -17.88 73.49 -0.47
N VAL O 52 -17.13 72.46 -0.03
CA VAL O 52 -16.69 71.35 -0.89
C VAL O 52 -17.86 70.43 -1.22
N GLU O 53 -18.76 70.20 -0.27
CA GLU O 53 -19.86 69.27 -0.50
C GLU O 53 -20.86 69.80 -1.51
N GLU O 54 -21.20 71.08 -1.46
CA GLU O 54 -22.10 71.66 -2.45
C GLU O 54 -21.46 71.68 -3.83
N PHE O 55 -20.14 71.82 -3.89
CA PHE O 55 -19.44 71.79 -5.17
C PHE O 55 -19.40 70.36 -5.74
N PHE O 56 -19.30 69.35 -4.88
CA PHE O 56 -19.33 67.98 -5.36
C PHE O 56 -20.71 67.58 -5.86
N HIS O 57 -21.77 68.08 -5.23
CA HIS O 57 -23.11 67.74 -5.65
C HIS O 57 -23.40 68.25 -7.06
N LEU O 58 -22.98 69.47 -7.37
CA LEU O 58 -23.15 70.00 -8.72
C LEU O 58 -22.26 69.25 -9.71
N GLN O 59 -21.00 69.01 -9.34
CA GLN O 59 -20.07 68.37 -10.25
C GLN O 59 -20.47 66.93 -10.56
N HIS O 60 -20.96 66.19 -9.57
CA HIS O 60 -21.32 64.80 -9.81
C HIS O 60 -22.49 64.68 -10.79
N TYR O 61 -23.49 65.54 -10.64
CA TYR O 61 -24.62 65.50 -11.56
C TYR O 61 -24.21 65.94 -12.95
N LEU O 62 -23.45 67.02 -13.05
CA LEU O 62 -22.95 67.51 -14.34
C LEU O 62 -22.10 66.49 -15.05
N ASP O 63 -21.49 65.54 -14.34
CA ASP O 63 -20.65 64.52 -14.95
C ASP O 63 -21.43 63.29 -15.40
N THR O 64 -22.57 63.00 -14.79
CA THR O 64 -23.39 61.88 -15.23
C THR O 64 -24.23 62.20 -16.45
N ALA O 65 -24.40 63.48 -16.78
CA ALA O 65 -25.14 63.90 -17.96
C ALA O 65 -24.26 64.08 -19.20
N THR O 66 -23.00 64.44 -19.01
CA THR O 66 -22.09 64.73 -20.11
C THR O 66 -21.21 63.55 -20.50
N ALA O 67 -21.04 62.56 -19.62
CA ALA O 67 -20.16 61.43 -19.90
C ALA O 67 -20.62 60.60 -21.10
N PRO O 68 -21.87 60.13 -21.17
CA PRO O 68 -22.26 59.28 -22.30
C PRO O 68 -22.47 59.99 -23.63
N ARG O 69 -22.26 61.30 -23.68
CA ARG O 69 -22.49 62.09 -24.89
C ARG O 69 -21.23 62.65 -25.51
N LEU O 70 -20.14 62.75 -24.75
CA LEU O 70 -19.00 63.56 -25.19
C LEU O 70 -18.24 62.91 -26.33
N PHE O 71 -17.97 61.61 -26.23
CA PHE O 71 -17.08 60.95 -27.17
C PHE O 71 -17.70 60.74 -28.55
N ASP O 72 -19.01 60.99 -28.70
CA ASP O 72 -19.61 61.05 -30.03
C ASP O 72 -19.28 62.35 -30.75
N LYS O 73 -18.89 63.40 -30.02
CA LYS O 73 -18.50 64.67 -30.60
C LYS O 73 -17.03 64.76 -30.90
N LEU O 74 -16.18 64.12 -30.10
CA LEU O 74 -14.77 64.06 -30.39
C LEU O 74 -14.51 63.11 -31.55
N LYS O 75 -13.33 63.23 -32.14
CA LYS O 75 -12.94 62.39 -33.25
C LYS O 75 -12.37 61.08 -32.76
N PRO P 1 -22.79 11.90 19.75
CA PRO P 1 -22.39 10.92 20.74
C PRO P 1 -22.95 11.15 22.14
N GLN P 2 -24.20 11.60 22.17
CA GLN P 2 -25.00 11.52 23.38
C GLN P 2 -25.63 10.14 23.47
N SER P 3 -25.53 9.53 24.63
CA SER P 3 -26.04 8.18 24.83
C SER P 3 -27.56 8.15 24.77
N PHE P 4 -28.09 6.99 24.35
CA PHE P 4 -29.54 6.81 24.29
C PHE P 4 -30.16 6.65 25.66
N THR P 5 -29.41 6.13 26.63
CA THR P 5 -29.88 6.11 28.01
C THR P 5 -30.19 7.51 28.51
N SER P 6 -29.36 8.49 28.14
CA SER P 6 -29.56 9.87 28.55
C SER P 6 -30.72 10.53 27.81
N ILE P 7 -30.91 10.20 26.53
CA ILE P 7 -31.99 10.79 25.75
C ILE P 7 -33.34 10.40 26.35
N ALA P 8 -33.50 9.12 26.70
CA ALA P 8 -34.74 8.63 27.28
C ALA P 8 -34.93 9.08 28.72
N ARG P 9 -33.84 9.27 29.47
CA ARG P 9 -33.93 9.88 30.79
C ARG P 9 -34.60 11.24 30.74
N ILE P 10 -34.23 12.07 29.77
CA ILE P 10 -34.82 13.39 29.62
C ILE P 10 -36.23 13.28 29.05
N GLY P 11 -36.41 12.44 28.05
CA GLY P 11 -37.68 12.37 27.34
C GLY P 11 -38.82 11.87 28.18
N ASP P 12 -38.57 10.85 29.01
CA ASP P 12 -39.62 10.31 29.84
C ASP P 12 -39.98 11.22 31.00
N TYR P 13 -39.11 12.16 31.37
CA TYR P 13 -39.49 13.20 32.32
C TYR P 13 -40.43 14.22 31.69
N ILE P 14 -40.27 14.49 30.39
CA ILE P 14 -41.14 15.44 29.71
C ILE P 14 -42.52 14.82 29.49
N LEU P 15 -42.55 13.56 29.05
CA LEU P 15 -43.80 12.93 28.67
C LEU P 15 -44.71 12.65 29.85
N LYS P 16 -44.15 12.24 30.99
CA LYS P 16 -44.95 11.97 32.18
C LYS P 16 -45.29 13.23 32.97
N SER P 17 -44.87 14.42 32.51
CA SER P 17 -45.24 15.69 33.11
C SER P 17 -46.47 16.24 32.41
N PRO P 18 -47.52 16.68 33.12
CA PRO P 18 -48.69 17.20 32.38
C PRO P 18 -48.41 18.50 31.64
N VAL P 19 -47.79 19.47 32.31
CA VAL P 19 -47.63 20.80 31.73
C VAL P 19 -46.52 20.83 30.67
N LEU P 20 -45.50 19.99 30.80
CA LEU P 20 -44.41 20.01 29.84
C LEU P 20 -44.76 19.29 28.54
N SER P 21 -45.61 18.27 28.61
CA SER P 21 -45.88 17.44 27.44
C SER P 21 -46.91 18.05 26.49
N LYS P 22 -47.38 19.26 26.75
CA LYS P 22 -48.33 19.94 25.88
C LYS P 22 -47.73 21.14 25.16
N LEU P 23 -46.50 21.54 25.50
CA LEU P 23 -45.80 22.60 24.80
C LEU P 23 -44.66 22.09 23.92
N CYS P 24 -44.10 20.91 24.22
CA CYS P 24 -42.97 20.38 23.49
C CYS P 24 -43.30 19.22 22.57
N VAL P 25 -44.46 18.59 22.74
CA VAL P 25 -44.87 17.47 21.88
C VAL P 25 -45.46 18.01 20.58
N PRO P 26 -46.34 19.01 20.59
CA PRO P 26 -46.73 19.64 19.32
C PRO P 26 -45.58 20.22 18.54
N VAL P 27 -44.59 20.79 19.25
CA VAL P 27 -43.41 21.33 18.59
C VAL P 27 -42.60 20.21 17.95
N ALA P 28 -42.55 19.05 18.59
CA ALA P 28 -41.76 17.94 18.09
C ALA P 28 -42.43 17.20 16.94
N ASN P 29 -43.75 17.31 16.81
CA ASN P 29 -44.45 16.69 15.70
C ASN P 29 -44.26 17.47 14.40
N GLN P 30 -44.21 18.79 14.47
CA GLN P 30 -43.89 19.59 13.30
C GLN P 30 -42.42 19.50 12.92
N PHE P 31 -41.55 19.19 13.88
CA PHE P 31 -40.13 19.04 13.58
C PHE P 31 -39.86 17.79 12.75
N ILE P 32 -40.66 16.74 12.94
CA ILE P 32 -40.44 15.48 12.23
C ILE P 32 -41.02 15.54 10.82
N ASN P 33 -42.15 16.23 10.64
CA ASN P 33 -42.76 16.33 9.33
C ASN P 33 -42.00 17.28 8.41
N LEU P 34 -41.34 18.30 8.94
CA LEU P 34 -40.49 19.17 8.14
C LEU P 34 -39.14 18.56 7.79
N ALA P 35 -38.74 17.48 8.46
CA ALA P 35 -37.45 16.86 8.16
C ALA P 35 -37.49 16.10 6.84
N GLY P 36 -38.53 15.30 6.65
CA GLY P 36 -38.79 14.70 5.35
C GLY P 36 -38.21 13.34 5.09
N TYR P 37 -37.81 12.61 6.13
CA TYR P 37 -37.32 11.25 5.92
C TYR P 37 -38.44 10.27 5.62
N LYS P 38 -39.66 10.56 6.05
CA LYS P 38 -40.78 9.68 5.77
C LYS P 38 -41.21 9.71 4.30
N LYS P 39 -40.83 10.76 3.56
CA LYS P 39 -41.17 10.86 2.15
C LYS P 39 -40.22 10.08 1.27
N LEU P 40 -39.02 9.77 1.75
CA LEU P 40 -38.10 8.88 1.07
C LEU P 40 -38.35 7.41 1.38
N GLY P 41 -39.32 7.11 2.23
CA GLY P 41 -39.58 5.75 2.63
C GLY P 41 -38.70 5.22 3.73
N LEU P 42 -38.37 6.05 4.72
CA LEU P 42 -37.47 5.71 5.81
C LEU P 42 -38.14 5.92 7.15
N LYS P 43 -37.79 5.05 8.09
CA LYS P 43 -38.09 5.21 9.50
C LYS P 43 -36.88 5.84 10.19
N PHE P 44 -37.10 6.40 11.38
CA PHE P 44 -36.02 7.15 12.01
C PHE P 44 -34.86 6.26 12.40
N ASP P 45 -35.12 5.05 12.88
CA ASP P 45 -34.05 4.18 13.33
C ASP P 45 -33.15 3.71 12.19
N ASP P 46 -33.52 3.96 10.94
CA ASP P 46 -32.63 3.69 9.82
C ASP P 46 -31.56 4.77 9.68
N LEU P 47 -31.83 5.98 10.14
CA LEU P 47 -30.92 7.12 10.00
C LEU P 47 -29.77 7.09 11.01
N ILE P 48 -29.88 6.29 12.06
CA ILE P 48 -28.85 6.27 13.10
C ILE P 48 -27.55 5.74 12.51
N ALA P 49 -26.45 6.39 12.87
CA ALA P 49 -25.14 5.96 12.42
C ALA P 49 -24.73 4.66 13.10
N GLU P 50 -24.02 3.82 12.35
CA GLU P 50 -23.80 2.43 12.71
C GLU P 50 -22.33 2.03 12.65
N GLU P 51 -21.42 3.00 12.68
CA GLU P 51 -19.98 2.74 12.65
C GLU P 51 -19.41 2.81 14.06
N ASN P 52 -19.96 1.96 14.93
CA ASN P 52 -19.52 1.88 16.31
C ASN P 52 -19.96 0.53 16.88
N PRO P 53 -19.29 0.03 17.93
CA PRO P 53 -19.59 -1.33 18.40
C PRO P 53 -20.95 -1.52 19.03
N ILE P 54 -21.54 -0.51 19.67
CA ILE P 54 -22.84 -0.71 20.29
C ILE P 54 -23.93 -0.85 19.23
N MET P 55 -23.75 -0.25 18.05
CA MET P 55 -24.73 -0.38 16.99
C MET P 55 -24.49 -1.61 16.13
N GLN P 56 -23.24 -2.09 16.06
CA GLN P 56 -22.98 -3.35 15.38
C GLN P 56 -23.54 -4.53 16.16
N THR P 57 -23.58 -4.42 17.48
CA THR P 57 -24.13 -5.48 18.32
C THR P 57 -25.64 -5.56 18.19
N ALA P 58 -26.31 -4.40 18.19
CA ALA P 58 -27.76 -4.35 18.05
C ALA P 58 -28.25 -4.88 16.71
N LEU P 59 -27.46 -4.72 15.65
CA LEU P 59 -27.89 -5.16 14.32
C LEU P 59 -27.70 -6.65 14.11
N ARG P 60 -26.67 -7.24 14.72
CA ARG P 60 -26.53 -8.69 14.71
C ARG P 60 -27.72 -9.38 15.37
N ARG P 61 -28.24 -8.81 16.45
CA ARG P 61 -29.31 -9.41 17.23
C ARG P 61 -30.69 -9.09 16.70
N LEU P 62 -30.80 -8.25 15.67
CA LEU P 62 -32.10 -7.96 15.09
C LEU P 62 -32.61 -9.19 14.34
N PRO P 63 -33.90 -9.52 14.45
CA PRO P 63 -34.42 -10.65 13.67
C PRO P 63 -34.29 -10.41 12.17
N GLU P 64 -34.25 -11.51 11.42
CA GLU P 64 -33.94 -11.43 10.01
C GLU P 64 -35.11 -10.95 9.16
N ASP P 65 -36.34 -11.19 9.58
CA ASP P 65 -37.48 -10.63 8.86
C ASP P 65 -37.44 -9.11 8.88
N GLU P 66 -37.05 -8.52 10.01
CA GLU P 66 -36.92 -7.08 10.12
C GLU P 66 -35.64 -6.56 9.51
N SER P 67 -34.60 -7.39 9.44
CA SER P 67 -33.34 -6.99 8.81
C SER P 67 -33.42 -6.98 7.29
N TYR P 68 -34.15 -7.91 6.69
CA TYR P 68 -34.30 -7.90 5.24
C TYR P 68 -35.13 -6.71 4.78
N ALA P 69 -36.12 -6.30 5.56
CA ALA P 69 -36.96 -5.16 5.20
C ALA P 69 -36.22 -3.83 5.36
N ARG P 70 -35.27 -3.76 6.29
CA ARG P 70 -34.46 -2.56 6.47
C ARG P 70 -33.54 -2.32 5.27
N ALA P 71 -32.90 -3.37 4.76
CA ALA P 71 -32.01 -3.22 3.61
C ALA P 71 -32.74 -2.77 2.36
N TYR P 72 -33.99 -3.17 2.16
CA TYR P 72 -34.75 -2.71 1.02
C TYR P 72 -35.12 -1.24 1.13
N ARG P 73 -35.45 -0.78 2.34
CA ARG P 73 -35.77 0.63 2.54
C ARG P 73 -34.58 1.53 2.28
N ILE P 74 -33.37 1.06 2.58
CA ILE P 74 -32.17 1.85 2.40
C ILE P 74 -31.75 1.90 0.94
N ILE P 75 -31.93 0.79 0.21
CA ILE P 75 -31.60 0.77 -1.21
C ILE P 75 -32.59 1.63 -2.00
N ARG P 76 -33.87 1.50 -1.67
CA ARG P 76 -34.90 2.32 -2.30
C ARG P 76 -34.68 3.81 -2.06
N ALA P 77 -34.06 4.16 -0.93
CA ALA P 77 -33.86 5.57 -0.60
C ALA P 77 -32.68 6.16 -1.36
N HIS P 78 -31.57 5.42 -1.48
CA HIS P 78 -30.44 5.88 -2.29
C HIS P 78 -30.84 6.11 -3.74
N GLN P 79 -31.75 5.30 -4.26
CA GLN P 79 -32.19 5.41 -5.65
C GLN P 79 -33.17 6.57 -5.84
N THR P 80 -34.04 6.92 -4.89
CA THR P 80 -34.97 8.06 -4.97
C THR P 80 -34.22 9.41 -4.98
N GLU P 81 -32.99 9.49 -4.51
CA GLU P 81 -32.15 10.69 -4.39
C GLU P 81 -31.25 10.86 -5.63
N LEU P 82 -30.63 9.84 -6.17
CA LEU P 82 -29.90 9.88 -7.47
C LEU P 82 -30.90 10.39 -8.49
N THR P 83 -32.22 10.26 -8.31
CA THR P 83 -33.05 10.81 -9.39
C THR P 83 -33.62 12.18 -9.08
N HIS P 84 -33.40 12.71 -7.86
CA HIS P 84 -33.92 14.02 -7.46
C HIS P 84 -35.44 14.06 -7.53
N HIS P 85 -36.08 13.01 -7.02
CA HIS P 85 -37.53 12.92 -6.91
C HIS P 85 -37.90 12.44 -5.52
N LEU P 86 -39.20 12.47 -5.24
CA LEU P 86 -39.79 11.86 -4.07
C LEU P 86 -40.68 10.71 -4.49
N LEU P 87 -41.00 9.84 -3.52
CA LEU P 87 -41.83 8.69 -3.80
C LEU P 87 -43.30 9.11 -3.92
N PRO P 88 -44.16 8.22 -4.42
CA PRO P 88 -45.59 8.53 -4.42
C PRO P 88 -46.13 8.66 -3.01
N ARG P 89 -47.24 9.41 -2.91
CA ARG P 89 -47.82 9.75 -1.61
C ARG P 89 -48.44 8.56 -0.91
N ASN P 90 -48.67 7.45 -1.60
CA ASN P 90 -49.19 6.22 -1.00
C ASN P 90 -48.09 5.22 -0.65
N GLU P 91 -46.82 5.56 -0.88
CA GLU P 91 -45.69 4.76 -0.44
C GLU P 91 -44.90 5.42 0.69
N TRP P 92 -45.39 6.54 1.22
CA TRP P 92 -44.74 7.18 2.35
C TRP P 92 -44.95 6.38 3.62
N ILE P 93 -43.99 6.48 4.52
CA ILE P 93 -44.14 5.90 5.85
C ILE P 93 -45.17 6.72 6.62
N LYS P 94 -46.09 6.02 7.27
CA LYS P 94 -47.10 6.66 8.11
C LYS P 94 -46.66 6.66 9.56
N ALA P 95 -47.36 7.46 10.38
CA ALA P 95 -46.97 7.63 11.77
C ALA P 95 -47.16 6.38 12.61
N GLN P 96 -48.11 5.52 12.26
CA GLN P 96 -48.28 4.26 12.99
C GLN P 96 -47.06 3.37 12.81
N GLU P 97 -46.49 3.35 11.61
CA GLU P 97 -45.37 2.48 11.27
C GLU P 97 -44.02 3.02 11.74
N ASP P 98 -43.96 4.30 12.15
CA ASP P 98 -42.70 4.92 12.55
C ASP P 98 -42.43 4.60 14.01
N VAL P 99 -42.08 3.35 14.25
CA VAL P 99 -41.94 2.80 15.59
C VAL P 99 -40.46 2.56 15.87
N PRO P 100 -40.01 2.63 17.13
CA PRO P 100 -38.61 2.32 17.43
C PRO P 100 -38.32 0.82 17.54
N TYR P 101 -38.09 0.21 16.38
CA TYR P 101 -37.86 -1.23 16.32
C TYR P 101 -36.47 -1.62 16.84
N LEU P 102 -35.54 -0.68 16.93
CA LEU P 102 -34.16 -0.96 17.30
C LEU P 102 -33.77 -0.38 18.65
N LEU P 103 -34.57 0.51 19.21
CA LEU P 103 -34.28 1.07 20.52
C LEU P 103 -34.09 0.03 21.62
N PRO P 104 -34.96 -0.98 21.79
CA PRO P 104 -34.75 -1.93 22.89
C PRO P 104 -33.46 -2.72 22.79
N TYR P 105 -33.01 -3.07 21.58
CA TYR P 105 -31.74 -3.76 21.44
C TYR P 105 -30.56 -2.86 21.77
N ILE P 106 -30.72 -1.55 21.60
CA ILE P 106 -29.63 -0.61 21.90
C ILE P 106 -29.48 -0.43 23.40
N LEU P 107 -30.59 -0.29 24.12
CA LEU P 107 -30.52 0.03 25.54
C LEU P 107 -29.90 -1.11 26.35
N GLU P 108 -30.09 -2.36 25.93
CA GLU P 108 -29.48 -3.49 26.61
C GLU P 108 -28.02 -3.69 26.26
N ALA P 109 -27.57 -3.22 25.10
CA ALA P 109 -26.15 -3.22 24.79
C ALA P 109 -25.42 -2.12 25.55
N GLU P 110 -26.10 -1.02 25.87
CA GLU P 110 -25.48 0.05 26.62
C GLU P 110 -25.41 -0.24 28.11
N ALA P 111 -26.44 -0.87 28.68
CA ALA P 111 -26.44 -1.20 30.09
C ALA P 111 -25.40 -2.26 30.45
N ALA P 112 -24.99 -3.07 29.48
CA ALA P 112 -24.01 -4.11 29.71
C ALA P 112 -22.58 -3.61 29.57
N ALA P 113 -22.35 -2.63 28.68
CA ALA P 113 -21.04 -2.04 28.53
C ALA P 113 -20.69 -1.14 29.71
N LYS P 114 -21.69 -0.49 30.29
CA LYS P 114 -21.48 0.33 31.46
C LYS P 114 -21.21 -0.53 32.70
N GLU P 115 -21.95 -1.64 32.83
CA GLU P 115 -21.71 -2.57 33.91
C GLU P 115 -20.29 -3.14 33.88
N LYS P 116 -19.75 -3.37 32.68
CA LYS P 116 -18.41 -3.93 32.55
C LYS P 116 -17.35 -2.92 32.97
N ASP P 117 -17.52 -1.66 32.58
CA ASP P 117 -16.53 -0.65 32.94
C ASP P 117 -16.53 -0.37 34.43
N GLU P 118 -17.70 -0.36 35.07
CA GLU P 118 -17.75 -0.18 36.51
C GLU P 118 -17.07 -1.29 37.28
N LEU P 119 -16.98 -2.50 36.70
CA LEU P 119 -16.32 -3.62 37.34
C LEU P 119 -14.84 -3.70 37.01
N ASP P 120 -14.44 -3.19 35.85
CA ASP P 120 -13.05 -3.24 35.45
C ASP P 120 -12.18 -2.21 36.18
N ASN P 121 -12.80 -1.22 36.80
CA ASN P 121 -12.09 -0.14 37.50
C ASN P 121 -12.78 0.15 38.83
N ILE P 122 -13.09 -0.91 39.56
CA ILE P 122 -13.69 -0.84 40.87
C ILE P 122 -12.60 -0.90 41.92
N GLU P 123 -12.89 -0.36 43.10
CA GLU P 123 -12.03 -0.47 44.26
C GLU P 123 -12.78 -1.20 45.37
N VAL P 124 -12.03 -1.89 46.22
CA VAL P 124 -12.60 -2.96 47.04
C VAL P 124 -13.04 -2.42 48.39
N SER P 125 -14.06 -3.06 48.96
CA SER P 125 -14.56 -2.75 50.29
C SER P 125 -13.89 -3.67 51.29
N LYS P 126 -12.87 -3.16 51.98
CA LYS P 126 -12.15 -3.95 52.98
C LYS P 126 -11.28 -3.05 53.84
N GLY Q 1 3.25 -7.62 3.00
CA GLY Q 1 3.05 -7.08 4.33
C GLY Q 1 2.01 -7.82 5.11
N PRO Q 2 1.76 -7.38 6.35
CA PRO Q 2 0.74 -8.02 7.17
C PRO Q 2 -0.59 -7.32 7.01
N PRO Q 3 -1.68 -7.93 7.48
CA PRO Q 3 -2.96 -7.21 7.50
C PRO Q 3 -2.95 -6.08 8.52
N SER Q 4 -3.74 -5.06 8.22
CA SER Q 4 -3.90 -3.90 9.08
C SER Q 4 -5.21 -4.01 9.84
N GLY Q 5 -5.57 -2.95 10.55
CA GLY Q 5 -6.80 -2.95 11.31
C GLY Q 5 -8.03 -3.01 10.42
N LYS Q 6 -9.05 -3.72 10.89
CA LYS Q 6 -10.26 -3.87 10.09
C LYS Q 6 -11.08 -2.59 10.12
N THR Q 7 -11.94 -2.46 9.12
CA THR Q 7 -12.59 -1.21 8.75
C THR Q 7 -14.09 -1.42 8.65
N TYR Q 8 -14.78 -0.41 8.15
CA TYR Q 8 -16.21 -0.45 7.87
C TYR Q 8 -16.50 -0.45 6.38
N MET Q 9 -15.54 -0.93 5.57
CA MET Q 9 -15.73 -1.08 4.14
C MET Q 9 -14.75 -2.11 3.63
N GLY Q 10 -15.22 -2.97 2.73
CA GLY Q 10 -14.39 -3.96 2.08
C GLY Q 10 -14.18 -3.73 0.60
N TRP Q 11 -14.40 -4.78 -0.20
CA TRP Q 11 -14.23 -4.72 -1.64
C TRP Q 11 -15.30 -5.56 -2.33
N TRP Q 12 -15.27 -5.60 -3.66
CA TRP Q 12 -16.23 -6.35 -4.45
C TRP Q 12 -16.23 -7.82 -4.07
N GLY Q 13 -17.38 -8.30 -3.63
CA GLY Q 13 -17.55 -9.65 -3.13
C GLY Q 13 -17.75 -9.70 -1.63
N HIS Q 14 -17.19 -8.73 -0.91
CA HIS Q 14 -17.29 -8.67 0.55
C HIS Q 14 -17.22 -7.19 0.96
N MET Q 15 -18.40 -6.54 1.02
CA MET Q 15 -18.47 -5.11 1.27
C MET Q 15 -18.87 -4.77 2.68
N GLY Q 16 -19.37 -5.73 3.45
CA GLY Q 16 -19.60 -5.54 4.86
C GLY Q 16 -20.97 -5.06 5.25
N GLY Q 17 -21.94 -5.15 4.35
CA GLY Q 17 -23.30 -4.81 4.68
C GLY Q 17 -24.06 -5.99 5.23
N PRO Q 18 -25.37 -5.83 5.40
CA PRO Q 18 -26.21 -6.96 5.79
C PRO Q 18 -26.54 -7.86 4.61
N LYS Q 19 -26.94 -9.08 4.94
CA LYS Q 19 -27.28 -10.06 3.93
C LYS Q 19 -28.63 -9.73 3.30
N GLN Q 20 -28.69 -9.85 1.98
CA GLN Q 20 -29.86 -9.51 1.19
C GLN Q 20 -30.59 -10.77 0.75
N LYS Q 21 -31.92 -10.72 0.81
CA LYS Q 21 -32.75 -11.83 0.37
C LYS Q 21 -34.12 -11.27 0.02
N GLY Q 22 -34.54 -11.48 -1.22
CA GLY Q 22 -35.85 -11.11 -1.67
C GLY Q 22 -35.98 -9.82 -2.43
N ILE Q 23 -34.86 -9.25 -2.91
CA ILE Q 23 -34.86 -8.02 -3.69
C ILE Q 23 -34.44 -8.36 -5.11
N THR Q 24 -35.21 -7.88 -6.08
CA THR Q 24 -34.98 -8.10 -7.49
C THR Q 24 -34.85 -6.76 -8.20
N SER Q 25 -33.91 -6.69 -9.15
CA SER Q 25 -33.61 -5.47 -9.89
C SER Q 25 -33.73 -5.72 -11.39
N TYR Q 26 -34.17 -4.69 -12.11
CA TYR Q 26 -34.31 -4.71 -13.56
C TYR Q 26 -33.69 -3.45 -14.16
N ALA Q 27 -33.21 -3.54 -15.40
CA ALA Q 27 -32.63 -2.41 -16.10
C ALA Q 27 -32.70 -2.63 -17.60
N VAL Q 28 -32.43 -1.55 -18.34
CA VAL Q 28 -32.44 -1.53 -19.80
C VAL Q 28 -31.17 -0.84 -20.28
N SER Q 29 -30.74 -1.21 -21.48
CA SER Q 29 -29.51 -0.66 -22.03
C SER Q 29 -29.68 0.83 -22.36
N PRO Q 30 -28.62 1.63 -22.27
CA PRO Q 30 -28.70 3.01 -22.77
C PRO Q 30 -28.88 3.12 -24.26
N TYR Q 31 -28.23 2.26 -25.04
CA TYR Q 31 -28.38 2.25 -26.49
C TYR Q 31 -29.81 2.04 -26.93
N ALA Q 32 -30.65 1.42 -26.11
CA ALA Q 32 -32.03 1.12 -26.43
C ALA Q 32 -33.01 2.18 -25.96
N GLN Q 33 -32.54 3.25 -25.33
CA GLN Q 33 -33.37 4.31 -24.79
C GLN Q 33 -33.29 5.54 -25.68
N LYS Q 34 -34.33 6.37 -25.62
CA LYS Q 34 -34.37 7.55 -26.44
C LYS Q 34 -33.43 8.62 -25.89
N PRO Q 35 -32.79 9.44 -26.75
CA PRO Q 35 -31.77 10.38 -26.24
C PRO Q 35 -32.32 11.45 -25.33
N LEU Q 36 -31.68 11.42 -23.91
CA LEU Q 36 -31.87 12.49 -22.91
C LEU Q 36 -33.31 13.00 -22.87
N GLN Q 37 -34.36 12.23 -22.54
CA GLN Q 37 -35.78 12.65 -22.35
C GLN Q 37 -35.96 13.16 -20.92
N GLY Q 38 -34.88 13.61 -20.26
CA GLY Q 38 -34.81 13.86 -18.79
C GLY Q 38 -34.38 15.28 -18.46
N ILE Q 39 -34.13 16.13 -19.45
CA ILE Q 39 -33.73 17.52 -19.27
C ILE Q 39 -34.94 18.43 -19.04
N PHE Q 40 -36.02 18.24 -19.81
CA PHE Q 40 -37.22 19.06 -19.71
C PHE Q 40 -38.36 18.23 -19.13
N HIS Q 41 -39.26 18.93 -18.45
CA HIS Q 41 -40.04 18.41 -17.33
C HIS Q 41 -39.16 18.13 -16.12
N ASN Q 42 -37.92 18.65 -16.12
CA ASN Q 42 -37.00 18.57 -14.98
C ASN Q 42 -36.36 19.90 -14.66
N ALA Q 43 -36.21 20.81 -15.64
CA ALA Q 43 -35.63 22.12 -15.42
C ALA Q 43 -36.67 23.18 -15.07
N VAL Q 44 -37.96 22.85 -15.11
CA VAL Q 44 -39.04 23.76 -14.76
C VAL Q 44 -39.89 23.18 -13.63
N PHE Q 45 -40.41 21.97 -13.82
CA PHE Q 45 -41.36 21.40 -12.87
C PHE Q 45 -40.67 20.84 -11.64
N ASN Q 46 -39.54 20.17 -11.83
CA ASN Q 46 -38.82 19.60 -10.70
C ASN Q 46 -37.92 20.65 -10.05
N SER Q 47 -37.24 21.46 -10.86
CA SER Q 47 -36.33 22.46 -10.31
C SER Q 47 -37.04 23.48 -9.44
N PHE Q 48 -38.34 23.72 -9.68
CA PHE Q 48 -39.11 24.62 -8.85
C PHE Q 48 -39.48 23.99 -7.51
N ARG Q 49 -39.76 22.69 -7.51
CA ARG Q 49 -40.02 21.98 -6.27
C ARG Q 49 -38.78 21.99 -5.36
N ARG Q 50 -37.61 21.74 -5.93
CA ARG Q 50 -36.38 21.76 -5.15
C ARG Q 50 -36.08 23.15 -4.61
N PHE Q 51 -36.40 24.19 -5.37
CA PHE Q 51 -36.17 25.55 -4.90
C PHE Q 51 -37.08 25.90 -3.75
N LYS Q 52 -38.37 25.57 -3.86
CA LYS Q 52 -39.34 25.95 -2.85
C LYS Q 52 -39.14 25.22 -1.53
N SER Q 53 -38.44 24.09 -1.53
CA SER Q 53 -38.27 23.32 -0.31
C SER Q 53 -37.21 23.91 0.61
N GLN Q 54 -36.24 24.63 0.05
CA GLN Q 54 -35.00 24.93 0.76
C GLN Q 54 -34.62 26.42 0.74
N PHE Q 55 -35.31 27.24 -0.03
CA PHE Q 55 -34.92 28.65 -0.18
C PHE Q 55 -35.12 29.45 1.10
N LEU Q 56 -35.97 29.00 2.00
CA LEU Q 56 -36.24 29.73 3.23
C LEU Q 56 -35.12 29.62 4.26
N TYR Q 57 -34.31 28.56 4.21
CA TYR Q 57 -33.21 28.40 5.14
C TYR Q 57 -31.98 29.19 4.75
N VAL Q 58 -31.99 29.84 3.58
CA VAL Q 58 -30.86 30.63 3.10
C VAL Q 58 -31.18 32.12 3.13
N LEU Q 59 -32.41 32.50 2.79
CA LEU Q 59 -32.73 33.89 2.52
C LEU Q 59 -33.15 34.67 3.78
N ILE Q 60 -33.50 34.00 4.85
CA ILE Q 60 -33.80 34.70 6.11
C ILE Q 60 -32.47 35.06 6.77
N PRO Q 61 -31.47 34.17 6.81
CA PRO Q 61 -30.14 34.62 7.24
C PRO Q 61 -29.54 35.70 6.36
N ALA Q 62 -29.67 35.57 5.04
CA ALA Q 62 -29.12 36.58 4.14
C ALA Q 62 -29.78 37.93 4.32
N GLY Q 63 -31.08 37.94 4.60
CA GLY Q 63 -31.76 39.20 4.85
C GLY Q 63 -31.33 39.88 6.13
N ILE Q 64 -31.00 39.09 7.16
CA ILE Q 64 -30.55 39.66 8.42
C ILE Q 64 -29.20 40.32 8.25
N TYR Q 65 -28.26 39.64 7.59
CA TYR Q 65 -26.89 40.14 7.48
C TYR Q 65 -26.75 41.28 6.48
N TRP Q 66 -27.60 41.33 5.46
CA TRP Q 66 -27.55 42.43 4.51
C TRP Q 66 -28.19 43.71 5.05
N TYR Q 67 -29.26 43.58 5.82
CA TYR Q 67 -29.85 44.73 6.48
C TYR Q 67 -28.90 45.34 7.49
N TRP Q 68 -28.13 44.51 8.18
CA TRP Q 68 -27.17 44.99 9.16
C TRP Q 68 -26.00 45.72 8.50
N TRP Q 69 -25.69 45.37 7.25
CA TRP Q 69 -24.58 45.99 6.54
C TRP Q 69 -24.95 47.36 5.99
N LYS Q 70 -26.17 47.52 5.48
CA LYS Q 70 -26.64 48.79 4.97
C LYS Q 70 -26.87 49.84 6.04
N ASN Q 71 -27.39 49.46 7.20
CA ASN Q 71 -27.55 50.43 8.29
C ASN Q 71 -26.20 50.87 8.84
N GLY Q 72 -25.18 50.03 8.72
CA GLY Q 72 -23.84 50.44 9.11
C GLY Q 72 -23.21 51.41 8.13
N ASN Q 73 -23.42 51.18 6.83
CA ASN Q 73 -22.92 52.11 5.82
C ASN Q 73 -23.55 53.48 5.98
N GLU Q 74 -24.87 53.55 5.90
CA GLU Q 74 -25.60 54.81 5.91
C GLU Q 74 -25.28 55.65 7.14
N TYR Q 75 -25.00 55.02 8.27
CA TYR Q 75 -24.61 55.74 9.47
C TYR Q 75 -23.19 56.28 9.34
N ASN Q 76 -22.31 55.54 8.66
CA ASN Q 76 -20.94 56.01 8.44
C ASN Q 76 -20.91 57.12 7.39
N GLU Q 77 -21.73 57.00 6.34
CA GLU Q 77 -21.97 58.11 5.42
C GLU Q 77 -22.34 59.41 6.13
N PHE Q 78 -23.11 59.32 7.21
CA PHE Q 78 -23.70 60.48 7.85
C PHE Q 78 -22.72 61.16 8.80
N LEU Q 79 -21.91 60.37 9.50
CA LEU Q 79 -20.97 60.90 10.47
C LEU Q 79 -19.91 61.79 9.83
N TYR Q 80 -19.51 61.50 8.60
CA TYR Q 80 -18.47 62.25 7.92
C TYR Q 80 -19.05 63.26 6.92
N SER Q 81 -20.31 63.63 7.11
CA SER Q 81 -20.95 64.72 6.38
C SER Q 81 -20.84 66.00 7.21
N LYS Q 82 -21.35 67.10 6.64
CA LYS Q 82 -21.38 68.37 7.36
C LYS Q 82 -22.45 68.37 8.45
N ALA Q 83 -23.54 67.65 8.23
CA ALA Q 83 -24.61 67.57 9.21
C ALA Q 83 -24.28 66.66 10.38
N GLY Q 84 -23.34 65.73 10.21
CA GLY Q 84 -23.02 64.75 11.24
C GLY Q 84 -21.66 64.96 11.87
N ARG Q 85 -21.24 66.21 11.96
CA ARG Q 85 -19.96 66.55 12.56
C ARG Q 85 -20.02 66.60 14.07
N GLU Q 86 -21.16 66.97 14.65
CA GLU Q 86 -21.29 67.06 16.09
C GLU Q 86 -21.43 65.69 16.74
N GLU Q 87 -22.11 64.75 16.08
CA GLU Q 87 -22.24 63.41 16.62
C GLU Q 87 -20.94 62.60 16.47
N LEU Q 88 -20.15 62.90 15.44
CA LEU Q 88 -18.85 62.25 15.29
C LEU Q 88 -17.90 62.62 16.42
N GLU Q 89 -18.04 63.82 16.97
CA GLU Q 89 -17.11 64.27 18.00
C GLU Q 89 -17.36 63.59 19.33
N ARG Q 90 -18.61 63.16 19.59
CA ARG Q 90 -18.94 62.50 20.84
C ARG Q 90 -18.59 61.02 20.83
N VAL Q 91 -19.06 60.28 19.81
CA VAL Q 91 -18.91 58.83 19.78
C VAL Q 91 -17.48 58.37 19.53
N ASN Q 92 -16.54 59.29 19.32
CA ASN Q 92 -15.14 58.91 19.22
C ASN Q 92 -14.52 58.73 20.60
N VAL Q 93 -14.58 59.77 21.43
CA VAL Q 93 -14.04 59.72 22.78
C VAL Q 93 -15.18 59.56 23.77
N SER R 1 -25.77 1.76 -42.20
CA SER R 1 -25.41 0.43 -41.76
C SER R 1 -23.89 0.23 -41.78
N SER R 2 -23.27 0.56 -42.91
CA SER R 2 -21.82 0.53 -43.02
C SER R 2 -21.14 1.73 -42.36
N LEU R 3 -21.89 2.62 -41.72
CA LEU R 3 -21.33 3.81 -41.09
C LEU R 3 -20.67 3.50 -39.73
N TYR R 4 -20.57 2.23 -39.35
CA TYR R 4 -19.82 1.83 -38.16
C TYR R 4 -18.66 0.88 -38.45
N LYS R 5 -18.86 -0.10 -39.34
CA LYS R 5 -17.84 -1.14 -39.52
C LYS R 5 -16.55 -0.61 -40.13
N THR R 6 -16.54 0.58 -40.73
CA THR R 6 -15.35 1.22 -41.26
C THR R 6 -15.07 2.58 -40.66
N PHE R 7 -16.12 3.29 -40.21
CA PHE R 7 -15.97 4.66 -39.73
C PHE R 7 -15.68 4.71 -38.23
N PHE R 8 -16.24 3.76 -37.45
CA PHE R 8 -16.18 3.78 -36.00
C PHE R 8 -15.62 2.50 -35.37
N LYS R 9 -15.80 1.35 -36.03
CA LYS R 9 -15.55 0.03 -35.42
C LYS R 9 -14.15 -0.07 -34.81
N ARG R 10 -13.17 0.06 -35.66
CA ARG R 10 -11.76 0.16 -35.29
C ARG R 10 -11.56 1.40 -34.42
N ASN R 11 -10.41 1.50 -33.73
CA ASN R 11 -10.05 2.77 -33.11
C ASN R 11 -8.60 3.14 -33.39
N ALA R 12 -7.89 2.31 -34.15
CA ALA R 12 -6.83 2.83 -35.00
C ALA R 12 -7.41 3.63 -36.17
N VAL R 13 -8.71 3.46 -36.46
CA VAL R 13 -9.43 4.33 -37.38
C VAL R 13 -9.68 5.70 -36.77
N PHE R 14 -9.79 5.78 -35.45
CA PHE R 14 -10.50 6.82 -34.74
C PHE R 14 -9.57 7.59 -33.85
N VAL R 15 -8.44 7.00 -33.46
CA VAL R 15 -7.30 7.77 -33.00
C VAL R 15 -6.63 8.46 -34.18
N GLY R 16 -6.48 7.74 -35.30
CA GLY R 16 -5.88 8.35 -36.47
C GLY R 16 -6.75 9.42 -37.09
N THR R 17 -8.13 9.09 -37.23
CA THR R 17 -8.97 10.19 -37.69
C THR R 17 -9.01 11.33 -36.68
N ILE R 18 -8.96 11.15 -35.44
CA ILE R 18 -9.06 12.25 -34.48
C ILE R 18 -7.80 13.10 -34.50
N PHE R 19 -6.63 12.45 -34.43
CA PHE R 19 -5.38 13.20 -34.42
C PHE R 19 -5.12 13.88 -35.75
N ALA R 20 -5.41 13.19 -36.86
CA ALA R 20 -5.25 13.82 -38.17
C ALA R 20 -6.25 14.94 -38.39
N GLY R 21 -7.50 14.76 -37.93
CA GLY R 21 -8.50 15.79 -38.06
C GLY R 21 -8.33 16.98 -37.14
N ALA R 22 -7.44 16.86 -36.15
CA ALA R 22 -7.19 17.97 -35.24
C ALA R 22 -6.25 19.00 -35.85
N PHE R 23 -5.39 18.59 -36.78
CA PHE R 23 -4.46 19.53 -37.40
C PHE R 23 -5.16 20.40 -38.41
N VAL R 24 -5.97 19.81 -39.30
CA VAL R 24 -6.72 20.62 -40.27
C VAL R 24 -7.81 21.44 -39.61
N PHE R 25 -8.18 21.13 -38.36
CA PHE R 25 -9.12 21.96 -37.64
C PHE R 25 -8.48 23.26 -37.20
N GLN R 26 -7.24 23.21 -36.71
CA GLN R 26 -6.57 24.40 -36.21
C GLN R 26 -6.36 25.43 -37.31
N THR R 27 -5.79 25.01 -38.44
CA THR R 27 -5.46 25.95 -39.50
C THR R 27 -6.70 26.57 -40.11
N VAL R 28 -7.80 25.81 -40.15
CA VAL R 28 -9.05 26.33 -40.69
C VAL R 28 -9.76 27.19 -39.66
N PHE R 29 -9.66 26.81 -38.39
CA PHE R 29 -10.32 27.57 -37.32
C PHE R 29 -9.63 28.90 -37.06
N ASP R 30 -8.30 28.95 -37.20
CA ASP R 30 -7.59 30.19 -36.95
C ASP R 30 -7.82 31.22 -38.05
N THR R 31 -7.85 30.77 -39.31
CA THR R 31 -8.09 31.67 -40.42
C THR R 31 -9.47 32.32 -40.34
N ALA R 32 -10.45 31.62 -39.77
CA ALA R 32 -11.81 32.14 -39.71
C ALA R 32 -12.01 33.15 -38.59
N ILE R 33 -11.33 32.95 -37.46
CA ILE R 33 -11.43 33.89 -36.34
C ILE R 33 -10.66 35.16 -36.65
N THR R 34 -9.48 35.01 -37.26
CA THR R 34 -8.65 36.16 -37.58
C THR R 34 -9.29 37.04 -38.65
N SER R 35 -10.11 36.46 -39.54
CA SER R 35 -10.80 37.26 -40.54
C SER R 35 -12.00 37.99 -39.96
N TRP R 36 -12.68 37.39 -38.98
CA TRP R 36 -13.81 38.05 -38.36
C TRP R 36 -13.37 39.15 -37.41
N TYR R 37 -12.24 38.96 -36.75
CA TYR R 37 -11.75 39.94 -35.77
C TYR R 37 -11.27 41.20 -36.47
N GLU R 38 -10.51 41.05 -37.55
CA GLU R 38 -9.99 42.20 -38.27
C GLU R 38 -11.07 42.95 -39.03
N ASN R 39 -12.14 42.27 -39.45
CA ASN R 39 -13.23 42.94 -40.16
C ASN R 39 -14.17 43.65 -39.20
N HIS R 40 -14.30 43.15 -37.96
CA HIS R 40 -15.14 43.81 -36.97
C HIS R 40 -14.54 45.12 -36.48
N ASN R 41 -13.22 45.27 -36.59
CA ASN R 41 -12.48 46.44 -36.12
C ASN R 41 -11.72 47.10 -37.26
N LYS R 42 -12.32 47.14 -38.45
CA LYS R 42 -11.68 47.76 -39.60
C LYS R 42 -11.79 49.27 -39.49
N GLY R 43 -10.69 49.96 -39.79
CA GLY R 43 -10.56 51.39 -39.61
C GLY R 43 -9.71 51.77 -38.42
N LYS R 44 -9.65 50.90 -37.41
CA LYS R 44 -8.85 51.13 -36.22
C LYS R 44 -7.43 50.58 -36.34
N LEU R 45 -7.21 49.61 -37.21
CA LEU R 45 -5.94 48.90 -37.25
C LEU R 45 -4.85 49.76 -37.86
N TRP R 46 -3.61 49.30 -37.72
CA TRP R 46 -2.47 50.06 -38.23
C TRP R 46 -2.40 50.04 -39.74
N LYS R 47 -2.73 48.92 -40.37
CA LYS R 47 -2.66 48.84 -41.82
C LYS R 47 -3.65 49.77 -42.49
N ASP R 48 -4.77 50.07 -41.84
CA ASP R 48 -5.71 51.05 -42.36
C ASP R 48 -5.23 52.47 -42.15
N VAL R 49 -4.55 52.73 -41.02
CA VAL R 49 -3.99 54.06 -40.78
C VAL R 49 -2.81 54.32 -41.71
N LYS R 50 -1.95 53.32 -41.89
CA LYS R 50 -0.80 53.45 -42.78
C LYS R 50 -1.23 53.70 -44.21
N ALA R 51 -2.38 53.18 -44.62
CA ALA R 51 -2.90 53.38 -45.96
C ALA R 51 -3.62 54.71 -46.15
N ARG R 52 -3.81 55.50 -45.09
CA ARG R 52 -4.46 56.80 -45.17
C ARG R 52 -3.47 57.96 -45.14
N ILE R 53 -2.25 57.74 -44.65
CA ILE R 53 -1.20 58.76 -44.68
C ILE R 53 0.01 58.06 -45.30
N ALA R 54 0.14 58.15 -46.62
CA ALA R 54 1.25 57.53 -47.33
C ALA R 54 2.43 58.50 -47.41
N LYS S 1 4.50 -29.51 -38.19
CA LYS S 1 3.77 -28.36 -38.72
C LYS S 1 3.32 -27.46 -37.58
N THR S 2 4.28 -26.73 -37.00
CA THR S 2 4.05 -25.87 -35.85
C THR S 2 4.62 -24.49 -36.16
N GLY S 3 3.87 -23.45 -35.81
CA GLY S 3 4.32 -22.09 -36.06
C GLY S 3 5.28 -21.58 -35.00
N LEU S 4 6.07 -20.59 -35.40
CA LEU S 4 7.02 -19.94 -34.49
C LEU S 4 6.29 -18.97 -33.57
N HIS S 5 6.53 -19.10 -32.26
CA HIS S 5 5.92 -18.23 -31.26
C HIS S 5 6.94 -17.61 -30.31
N PHE S 6 7.95 -18.37 -29.86
CA PHE S 6 9.03 -17.86 -29.02
C PHE S 6 8.54 -17.30 -27.68
N GLY S 7 7.33 -17.67 -27.26
CA GLY S 7 6.78 -17.22 -25.99
C GLY S 7 5.97 -15.95 -26.03
N ARG S 8 5.97 -15.20 -27.13
CA ARG S 8 5.30 -13.90 -27.22
C ARG S 8 4.00 -13.98 -28.03
N LEU S 9 4.09 -14.41 -29.29
CA LEU S 9 2.92 -14.49 -30.17
C LEU S 9 3.30 -15.37 -31.35
N SER S 10 2.36 -16.22 -31.77
CA SER S 10 2.61 -17.18 -32.83
C SER S 10 2.44 -16.54 -34.20
N LEU S 11 2.40 -17.40 -35.21
CA LEU S 11 2.29 -16.94 -36.59
C LEU S 11 0.94 -16.28 -36.86
N ARG S 12 -0.12 -16.73 -36.18
CA ARG S 12 -1.46 -16.36 -36.61
C ARG S 12 -1.98 -15.09 -35.93
N SER S 13 -1.44 -14.74 -34.76
CA SER S 13 -1.65 -13.38 -34.24
C SER S 13 -0.45 -12.48 -34.54
N LEU S 14 0.38 -12.88 -35.50
CA LEU S 14 1.12 -11.96 -36.34
C LEU S 14 0.44 -11.73 -37.69
N THR S 15 -0.51 -12.62 -38.06
CA THR S 15 -1.29 -12.45 -39.28
C THR S 15 -2.14 -11.17 -39.21
N ALA S 16 -3.12 -11.14 -38.31
CA ALA S 16 -3.98 -9.97 -38.14
C ALA S 16 -3.43 -9.04 -37.07
N TYR S 17 -2.15 -8.74 -37.19
CA TYR S 17 -1.39 -7.88 -36.29
C TYR S 17 -0.49 -6.92 -37.04
N ALA S 18 0.13 -7.38 -38.14
CA ALA S 18 1.03 -6.59 -38.95
C ALA S 18 0.24 -5.57 -39.77
N PRO S 19 -0.95 -5.92 -40.28
CA PRO S 19 -1.86 -4.86 -40.71
C PRO S 19 -2.14 -3.84 -39.64
N ASN S 20 -2.61 -4.39 -38.48
CA ASN S 20 -2.92 -3.41 -37.45
C ASN S 20 -1.67 -2.65 -37.01
N LEU S 21 -0.35 -3.12 -37.09
CA LEU S 21 0.87 -2.36 -36.84
C LEU S 21 1.10 -1.33 -37.94
N MET S 22 0.83 -1.72 -39.17
CA MET S 22 0.86 -0.71 -40.23
C MET S 22 0.04 0.51 -39.73
N LEU S 23 -1.08 0.27 -39.02
CA LEU S 23 -2.01 1.37 -38.62
C LEU S 23 -1.65 1.97 -37.27
N TRP S 24 -1.21 1.15 -36.31
CA TRP S 24 -0.79 1.69 -35.03
C TRP S 24 0.47 2.53 -35.16
N GLY S 25 1.22 2.12 -36.16
CA GLY S 25 2.22 3.08 -36.60
C GLY S 25 1.58 4.37 -37.05
N GLY S 26 0.64 4.28 -38.00
CA GLY S 26 -0.07 5.44 -38.49
C GLY S 26 -1.03 6.06 -37.50
N ALA S 27 -1.26 5.51 -36.29
CA ALA S 27 -2.20 6.07 -35.33
C ALA S 27 -1.59 7.22 -34.54
N SER S 28 -0.30 6.76 -34.43
CA SER S 28 0.48 7.69 -33.63
C SER S 28 1.37 8.61 -34.44
N MET S 29 1.59 8.35 -35.74
CA MET S 29 2.19 9.35 -36.62
C MET S 29 1.17 10.02 -37.54
N LEU S 30 -0.11 9.66 -37.45
CA LEU S 30 -1.14 10.69 -37.57
C LEU S 30 -1.27 11.49 -36.29
N GLY S 31 -0.69 10.99 -35.20
CA GLY S 31 -0.31 11.74 -34.01
C GLY S 31 1.01 12.47 -34.11
N LEU S 32 1.67 12.39 -35.27
CA LEU S 32 2.70 13.33 -35.68
C LEU S 32 2.13 14.38 -36.62
N PHE S 33 0.81 14.51 -36.67
CA PHE S 33 0.15 15.76 -36.96
C PHE S 33 -0.07 16.58 -35.68
N VAL S 34 0.50 16.13 -34.56
CA VAL S 34 0.29 16.72 -33.24
C VAL S 34 1.67 17.16 -32.74
N PHE S 35 1.95 18.46 -32.85
CA PHE S 35 3.13 19.16 -32.35
C PHE S 35 4.31 18.96 -33.32
N THR S 36 4.12 18.17 -34.36
CA THR S 36 4.95 18.32 -35.55
C THR S 36 4.76 19.67 -36.22
N GLU S 37 3.64 20.34 -35.98
CA GLU S 37 3.17 21.47 -36.78
C GLU S 37 3.25 22.79 -36.05
N GLY S 38 3.49 22.79 -34.73
CA GLY S 38 3.56 24.02 -33.98
C GLY S 38 4.76 24.87 -34.35
N TRP S 39 5.90 24.23 -34.66
CA TRP S 39 7.08 24.89 -35.20
C TRP S 39 7.40 24.32 -36.58
N PRO S 40 7.82 25.16 -37.53
CA PRO S 40 7.77 24.76 -38.95
C PRO S 40 8.80 23.70 -39.30
N LYS S 41 8.33 22.61 -39.91
CA LYS S 41 9.18 21.66 -40.60
C LYS S 41 8.30 20.91 -41.60
N PHE S 42 8.85 19.86 -42.19
CA PHE S 42 8.20 19.18 -43.31
C PHE S 42 8.78 17.78 -43.44
N GLN S 43 7.91 16.81 -43.76
CA GLN S 43 8.26 15.39 -43.71
C GLN S 43 7.85 14.70 -45.03
N ASP S 44 8.23 15.31 -46.14
CA ASP S 44 8.08 14.71 -47.48
C ASP S 44 8.63 13.28 -47.54
N THR T 2 -19.40 1.27 44.99
CA THR T 2 -18.03 1.77 45.00
C THR T 2 -17.47 1.81 43.58
N GLY T 3 -16.72 2.87 43.27
CA GLY T 3 -16.18 3.03 41.93
C GLY T 3 -15.05 4.02 41.93
N LEU T 4 -14.59 4.34 40.71
CA LEU T 4 -13.38 5.10 40.50
C LEU T 4 -13.59 6.13 39.39
N HIS T 5 -12.93 7.28 39.55
CA HIS T 5 -13.09 8.42 38.65
C HIS T 5 -12.24 8.21 37.40
N PHE T 6 -12.87 8.18 36.21
CA PHE T 6 -12.11 8.25 34.96
C PHE T 6 -12.99 8.31 33.71
N GLY T 7 -12.45 8.98 32.68
CA GLY T 7 -12.77 8.80 31.27
C GLY T 7 -11.82 7.89 30.51
N ARG T 8 -11.94 6.57 30.67
CA ARG T 8 -11.03 5.53 30.12
C ARG T 8 -9.55 5.89 30.16
N LEU T 9 -9.14 6.61 31.20
CA LEU T 9 -7.75 6.64 31.70
C LEU T 9 -7.89 7.11 33.13
N SER T 10 -7.47 6.29 34.08
CA SER T 10 -7.91 6.49 35.45
C SER T 10 -6.87 7.18 36.32
N LEU T 11 -7.39 7.89 37.31
CA LEU T 11 -6.57 8.57 38.31
C LEU T 11 -5.78 7.58 39.16
N ARG T 12 -6.20 6.32 39.12
CA ARG T 12 -5.36 5.15 39.26
C ARG T 12 -3.97 5.35 38.68
N SER T 13 -3.91 5.50 37.36
CA SER T 13 -2.68 5.66 36.61
C SER T 13 -2.53 7.09 36.10
N LEU T 14 -3.12 8.10 36.80
CA LEU T 14 -2.78 9.52 36.69
C LEU T 14 -1.86 9.89 37.85
N THR T 15 -2.12 9.47 39.18
CA THR T 15 -1.33 9.72 40.39
C THR T 15 -0.24 8.68 40.60
N ALA T 16 -0.38 7.48 40.04
CA ALA T 16 0.77 6.60 39.87
C ALA T 16 1.63 7.04 38.69
N TYR T 17 1.00 7.58 37.66
CA TYR T 17 1.67 8.14 36.49
C TYR T 17 2.07 9.59 36.70
N ALA T 18 1.94 10.19 37.80
CA ALA T 18 2.02 11.61 38.17
C ALA T 18 3.44 12.01 38.53
N PRO T 19 4.10 10.92 39.34
CA PRO T 19 5.57 10.98 39.47
C PRO T 19 6.27 10.81 38.14
N ASN T 20 5.68 10.07 37.20
CA ASN T 20 6.28 9.86 35.89
C ASN T 20 5.91 10.95 34.89
N LEU T 21 4.65 11.37 34.81
CA LEU T 21 4.24 12.23 33.70
C LEU T 21 4.69 13.69 33.87
N MET T 22 5.47 14.01 34.91
CA MET T 22 6.17 15.28 35.01
C MET T 22 7.68 15.13 35.03
N LEU T 23 8.09 13.84 35.14
CA LEU T 23 9.52 13.46 35.10
C LEU T 23 9.81 12.99 33.68
N TRP T 24 9.11 12.01 33.18
CA TRP T 24 9.14 11.51 31.77
C TRP T 24 8.50 12.60 30.92
N GLY T 25 7.53 13.33 31.49
CA GLY T 25 6.91 14.47 30.80
C GLY T 25 7.86 15.64 30.87
N GLY T 26 8.65 15.72 31.95
CA GLY T 26 9.67 16.77 32.11
C GLY T 26 11.00 16.23 31.62
N ALA T 27 11.01 15.12 30.88
CA ALA T 27 12.23 14.55 30.27
C ALA T 27 12.48 15.29 28.97
N SER T 28 11.58 16.19 28.59
CA SER T 28 11.71 16.99 27.37
C SER T 28 12.02 18.47 27.63
N MET T 29 12.08 18.93 28.88
CA MET T 29 12.91 20.09 29.15
C MET T 29 13.88 19.90 30.30
N LEU T 30 14.17 18.65 30.65
CA LEU T 30 15.55 18.20 30.77
C LEU T 30 16.22 18.23 29.40
N GLY T 31 15.41 18.22 28.33
CA GLY T 31 15.88 18.46 26.99
C GLY T 31 16.15 19.92 26.67
N LEU T 32 15.70 20.85 27.51
CA LEU T 32 15.83 22.28 27.20
C LEU T 32 17.08 22.83 27.85
N PHE T 33 17.56 22.15 28.88
CA PHE T 33 18.98 22.22 29.20
C PHE T 33 19.78 22.12 27.91
N VAL T 34 19.51 21.08 27.11
CA VAL T 34 20.27 20.89 25.88
C VAL T 34 19.70 21.65 24.68
N PHE T 35 18.38 21.64 24.46
CA PHE T 35 17.79 22.10 23.19
C PHE T 35 18.12 23.55 22.82
N THR T 36 18.47 24.43 23.78
CA THR T 36 18.26 25.87 23.58
C THR T 36 19.50 26.74 23.82
N GLU T 37 20.68 26.33 23.36
CA GLU T 37 21.84 27.23 23.36
C GLU T 37 22.52 27.22 22.01
N GLY T 38 23.65 27.93 21.95
CA GLY T 38 24.26 28.34 20.71
C GLY T 38 23.81 29.68 20.20
N TRP T 39 22.73 30.25 20.77
CA TRP T 39 22.16 31.52 20.38
C TRP T 39 22.32 32.56 21.49
N PRO T 40 22.30 33.88 21.18
CA PRO T 40 22.28 34.89 22.26
C PRO T 40 20.90 35.15 22.84
N LYS T 41 19.94 34.25 22.60
CA LYS T 41 18.58 34.35 23.14
C LYS T 41 18.52 34.65 24.63
N PHE T 42 18.99 33.69 25.43
CA PHE T 42 18.82 33.66 26.87
C PHE T 42 20.14 33.36 27.57
N GLN T 43 21.20 34.09 27.24
CA GLN T 43 22.50 33.84 27.87
C GLN T 43 22.49 34.11 29.37
N ASP T 44 21.42 34.68 29.91
CA ASP T 44 21.25 34.75 31.36
C ASP T 44 21.25 33.36 31.99
N THR T 45 20.70 32.36 31.30
CA THR T 45 20.53 31.01 31.83
C THR T 45 21.30 29.95 31.06
N LEU T 46 22.25 30.35 30.21
CA LEU T 46 23.14 29.41 29.52
C LEU T 46 24.41 29.16 30.34
N TYR T 47 25.18 30.22 30.57
CA TYR T 47 26.52 30.14 31.16
C TYR T 47 26.49 30.29 32.68
N LYS T 48 25.33 30.15 33.32
CA LYS T 48 25.25 30.49 34.73
C LYS T 48 25.86 29.43 35.64
N LYS T 49 25.74 28.15 35.30
CA LYS T 49 26.47 27.13 36.04
C LYS T 49 27.97 27.35 35.87
N ILE T 50 28.70 27.19 36.96
CA ILE T 50 30.14 27.44 36.97
C ILE T 50 30.88 26.41 36.12
N PRO T 51 30.38 25.16 35.93
CA PRO T 51 30.93 24.37 34.80
C PRO T 51 30.77 25.08 33.47
N LEU T 52 29.68 25.83 33.33
CA LEU T 52 29.39 26.57 32.12
C LEU T 52 29.88 28.01 32.22
C1 UQ6 U . 15.94 0.90 4.39
C1M UQ6 U . 17.04 1.73 5.09
C2 UQ6 U . 16.14 -0.47 4.37
O2 UQ6 U . 17.28 -1.00 4.97
C3 UQ6 U . 15.22 -1.31 3.76
C4 UQ6 U . 14.09 -0.79 3.18
C5 UQ6 U . 13.89 0.59 3.19
O5 UQ6 U . 12.74 1.10 2.58
C6 UQ6 U . 14.81 1.44 3.80
O3 UQ6 U . 15.43 -2.72 3.77
C3M UQ6 U . 15.95 -3.25 2.58
O4 UQ6 U . 13.14 -1.63 2.54
C4M UQ6 U . 12.35 -2.47 3.34
C7 UQ6 U . 14.54 2.98 3.78
C8 UQ6 U . 15.55 3.59 2.77
C9 UQ6 U . 15.61 4.88 2.39
C10 UQ6 U . 16.73 5.17 1.39
C11 UQ6 U . 14.66 6.00 2.91
C12 UQ6 U . 14.06 6.85 1.76
C13 UQ6 U . 14.51 8.38 1.84
C14 UQ6 U . 14.11 9.27 0.90
C15 UQ6 U . 13.22 8.80 -0.25
C16 UQ6 U . 14.56 10.79 1.01
C17 UQ6 U . 13.43 11.79 0.62
C18 UQ6 U . 13.19 12.90 1.68
C19 UQ6 U . 14.01 13.95 1.82
C20 UQ6 U . 15.25 14.07 0.94
C21 UQ6 U . 13.72 15.04 2.88
C22 UQ6 U . 13.35 16.36 2.17
C23 UQ6 U . 13.49 17.54 3.19
C24 UQ6 U . 12.62 18.56 3.31
C25 UQ6 U . 11.37 18.65 2.45
C26 UQ6 U . 12.88 19.67 4.37
C27 UQ6 U . 14.29 20.29 4.22
C28 UQ6 U . 14.26 21.83 4.40
C29 UQ6 U . 14.23 22.42 5.60
C30 UQ6 U . 14.22 21.60 6.90
C31 UQ6 U . 14.19 23.97 5.67
C32 UQ6 U . 12.92 24.42 6.39
C33 UQ6 U . 12.88 25.96 6.51
C34 UQ6 U . 13.18 26.63 7.62
C35 UQ6 U . 13.64 25.99 8.93
C36 UQ6 U . 13.07 28.15 7.54
P 8PE V . 34.27 -12.23 -0.46
N 8PE V . 32.09 -14.36 -2.86
O11 8PE V . 34.97 -11.69 -1.85
O12 8PE V . 33.62 -11.06 0.24
O13 8PE V . 33.16 -13.40 -0.83
O14 8PE V . 35.32 -12.81 0.44
C11 8PE V . 31.79 -13.09 -0.81
C12 8PE V . 31.13 -13.63 -2.07
C1 8PE V . 34.17 -11.52 -2.98
C2 8PE V . 33.86 -10.04 -3.18
C3 8PE V . 32.38 -9.75 -3.20
O31 8PE V . 32.18 -8.39 -3.06
O32 8PE V . 32.97 -7.80 -5.05
C31 8PE V . 32.07 -7.75 -4.28
C32 8PE V . 30.81 -6.98 -4.64
C33 8PE V . 31.08 -6.02 -5.79
C34 8PE V . 31.95 -4.86 -5.37
C35 8PE V . 33.28 -4.83 -6.12
C36 8PE V . 33.98 -3.53 -5.78
C37 8PE V . 33.71 -2.45 -6.84
C38 8PE V . 33.57 -1.07 -6.21
C39 8PE V . 34.15 0.02 -7.11
C3A 8PE V . 33.20 0.31 -8.26
C3B 8PE V . 33.91 0.86 -9.51
C3C 8PE V . 33.36 0.23 -10.78
C3D 8PE V . 32.02 0.86 -11.13
C3E 8PE V . 31.35 0.08 -12.25
C3F 8PE V . 29.96 0.65 -12.43
C3G 8PE V . 29.62 0.82 -13.90
C3H 8PE V . 28.41 1.74 -13.98
C3I 8PE V . 28.00 1.90 -15.43
O21 8PE V . 34.39 -9.32 -2.12
O22 8PE V . 34.73 -7.13 -2.35
C21 8PE V . 35.15 -8.22 -2.52
C22 8PE V . 36.48 -8.45 -3.20
C23 8PE V . 37.61 -7.86 -2.36
C24 8PE V . 37.71 -6.35 -2.54
C25 8PE V . 38.20 -5.99 -3.93
C26 8PE V . 38.69 -4.56 -3.97
C27 8PE V . 39.40 -4.34 -5.31
C28 8PE V . 39.20 -2.92 -5.81
C29 8PE V . 37.79 -2.73 -6.36
C2A 8PE V . 37.72 -1.49 -7.24
C2B 8PE V . 37.70 -0.22 -6.38
C2C 8PE V . 37.90 1.04 -7.22
C2D 8PE V . 39.27 1.15 -7.91
C2E 8PE V . 40.43 0.97 -6.94
P 9PE W . 0.38 8.46 14.89
N 9PE W . 1.40 8.56 18.92
O11 9PE W . -0.97 8.21 13.98
O12 9PE W . 0.58 7.28 15.81
O13 9PE W . 0.23 9.84 15.78
O14 9PE W . 1.55 8.56 13.95
C11 9PE W . 0.15 9.77 17.19
C12 9PE W . 1.52 9.48 17.80
C1 9PE W . -2.10 8.99 14.20
C2 9PE W . -1.99 10.35 13.54
C3 9PE W . -1.03 10.32 12.35
O31 9PE W . 0.29 10.58 12.73
O32 9PE W . 0.83 10.72 10.55
C31 9PE W . 1.21 10.56 11.65
C32 9PE W . 2.71 10.38 11.89
C33 9PE W . 3.14 9.07 11.24
C34 9PE W . 4.42 9.19 10.38
C35 9PE W . 4.14 9.23 8.88
C36 9PE W . 5.18 8.43 8.10
C37 9PE W . 4.75 8.26 6.65
O21 9PE W . -3.26 10.68 13.05
O22 9PE W . -4.55 10.52 14.88
C21 9PE W . -4.16 11.19 13.98
C22 9PE W . -4.63 12.62 13.83
C23 9PE W . -3.47 13.49 13.38
C24 9PE W . -3.37 13.51 11.86
C25 9PE W . -2.33 14.53 11.40
C26 9PE W . -0.92 14.08 11.74
C27 9PE W . -0.02 14.13 10.50
C28 9PE W . 1.46 14.13 10.87
C29 9PE W . 2.26 14.60 9.67
C2A 9PE W . 3.62 13.91 9.62
C2B 9PE W . 4.38 14.48 8.43
C2C 9PE W . 5.20 13.44 7.65
C2D 9PE W . 5.24 13.80 6.16
C2E 9PE W . 6.56 13.49 5.47
C2F 9PE W . 7.02 14.70 4.65
C2G 9PE W . 7.57 15.81 5.56
C2H 9PE W . 8.86 16.45 5.04
C2I 9PE W . 10.00 16.18 6.01
P 9PE X . 6.03 -7.37 -14.76
N 9PE X . 9.32 -9.69 -16.56
O11 9PE X . 7.19 -6.24 -14.98
O12 9PE X . 5.02 -6.87 -13.76
O13 9PE X . 6.72 -8.77 -14.19
O14 9PE X . 5.34 -7.65 -16.07
C11 9PE X . 8.03 -9.09 -14.59
C12 9PE X . 8.00 -9.79 -15.94
C1 9PE X . 7.06 -5.28 -15.98
C2 9PE X . 7.58 -3.96 -15.42
C3 9PE X . 8.45 -3.24 -16.45
O31 9PE X . 8.60 -1.90 -16.07
O32 9PE X . 10.54 -1.69 -17.17
C31 9PE X . 9.82 -1.28 -16.33
C32 9PE X . 10.21 -0.05 -15.52
C33 9PE X . 8.99 0.83 -15.26
C34 9PE X . 9.28 2.29 -15.60
C35 9PE X . 8.36 3.19 -14.80
C36 9PE X . 8.03 4.47 -15.56
C37 9PE X . 8.10 5.69 -14.65
O21 9PE X . 6.51 -3.16 -14.98
O22 9PE X . 5.58 -2.86 -17.00
C21 9PE X . 5.75 -2.47 -15.91
C22 9PE X . 5.11 -1.16 -15.45
C23 9PE X . 4.08 -0.71 -16.46
C24 9PE X . 3.20 0.39 -15.86
C25 9PE X . 3.95 1.72 -15.76
C26 9PE X . 3.68 2.48 -14.44
C27 9PE X . 2.89 3.76 -14.64
C28 9PE X . 2.07 4.13 -13.41
C29 9PE X . 2.28 5.55 -12.86
C2A 9PE X . 2.92 5.48 -11.47
C2B 9PE X . 1.89 5.02 -10.43
C2C 9PE X . 1.64 6.00 -9.29
C2D 9PE X . 2.06 5.37 -7.96
C2E 9PE X . 3.58 5.26 -7.90
C2F 9PE X . 4.13 5.88 -6.62
C2G 9PE X . 4.03 7.41 -6.65
C2H 9PE X . 4.92 8.02 -5.56
C2I 9PE X . 4.13 8.07 -4.26
CHA HEM Y . 25.88 23.58 -6.92
CHB HEM Y . 25.05 18.82 -7.15
CHC HEM Y . 20.89 19.42 -4.84
CHD HEM Y . 21.55 24.19 -4.92
C1A HEM Y . 26.05 22.24 -7.12
C2A HEM Y . 27.25 21.61 -7.58
C3A HEM Y . 27.01 20.30 -7.64
C4A HEM Y . 25.66 20.05 -7.23
CMA HEM Y . 28.02 19.24 -8.09
CAA HEM Y . 28.57 22.33 -7.91
CBA HEM Y . 29.48 22.30 -6.69
CGA HEM Y . 30.64 23.24 -6.81
O1A HEM Y . 31.67 22.87 -7.42
O2A HEM Y . 30.55 24.36 -6.26
C1B HEM Y . 23.87 18.53 -6.54
C2B HEM Y . 23.25 17.24 -6.35
C3B HEM Y . 22.09 17.43 -5.69
C4B HEM Y . 21.95 18.84 -5.47
CMB HEM Y . 23.85 15.90 -6.82
CAB HEM Y . 21.01 16.42 -5.24
CBB HEM Y . 20.86 15.21 -5.77
C1C HEM Y . 20.67 20.76 -4.74
C2C HEM Y . 19.42 21.40 -4.38
C3C HEM Y . 19.62 22.71 -4.43
C4C HEM Y . 20.99 22.95 -4.79
CMC HEM Y . 18.11 20.66 -4.04
CAC HEM Y . 18.65 23.87 -4.13
CBC HEM Y . 17.70 23.75 -3.21
C1D HEM Y . 22.79 24.46 -5.43
C2D HEM Y . 23.42 25.75 -5.51
C3D HEM Y . 24.62 25.59 -6.06
C4D HEM Y . 24.79 24.19 -6.35
CMD HEM Y . 22.79 27.07 -5.03
CAD HEM Y . 25.64 26.72 -6.34
CBD HEM Y . 26.49 26.97 -5.11
CGD HEM Y . 27.68 26.06 -5.09
O1D HEM Y . 27.83 25.29 -4.12
O2D HEM Y . 28.48 26.10 -6.06
NA HEM Y . 25.09 21.26 -6.92
NB HEM Y . 23.04 19.49 -5.99
NC HEM Y . 21.61 21.74 -4.98
ND HEM Y . 23.65 23.53 -5.95
FE HEM Y . 23.49 21.51 -5.78
P CN5 Z . 6.19 3.42 -0.06
O11 CN5 Z . 4.89 2.49 -0.19
O12 CN5 Z . 7.02 3.28 -1.30
O13 CN5 Z . 7.15 2.90 1.10
O14 CN5 Z . 5.67 4.76 0.40
C1 CN5 Z . 3.80 2.97 -1.03
C2 CN5 Z . 2.52 2.32 -0.59
C3 CN5 Z . 2.40 0.86 -0.94
O31 CN5 Z . 1.02 0.63 -1.28
O32 CN5 Z . 0.02 -1.36 -1.45
C31 CN5 Z . 0.42 -0.45 -0.77
C32 CN5 Z . 0.34 -0.37 0.72
C33 CN5 Z . -0.70 0.57 1.23
C34 CN5 Z . -0.40 2.03 0.89
C35 CN5 Z . -1.10 2.53 -0.35
C36 CN5 Z . -1.04 4.01 -0.54
C37 CN5 Z . 0.31 4.57 -0.96
C38 CN5 Z . 0.23 5.62 -2.02
C39 CN5 Z . -1.11 6.29 -2.14
C3A CN5 Z . -1.59 6.43 -3.55
C3B CN5 Z . -2.61 7.52 -3.76
C3C CN5 Z . -2.98 7.72 -5.21
C3D CN5 Z . -2.02 7.06 -6.16
C3E CN5 Z . -2.54 6.80 -7.55
C3F CN5 Z . -3.15 8.04 -8.17
P' CN5 Z . 8.92 6.91 3.03
O1' CN5 Z . 8.40 8.12 2.12
O2' CN5 Z . 8.57 7.26 4.46
O3' CN5 Z . 7.99 5.64 2.64
O4' CN5 Z . 10.35 6.74 2.63
C1' CN5 Z . 8.64 9.49 2.58
C2' CN5 Z . 9.76 10.10 1.77
C3' CN5 Z . 9.30 11.14 0.78
O41 CN5 Z . 7.86 11.08 0.68
O42 CN5 Z . 6.36 12.01 -0.67
C41 CN5 Z . 7.27 12.13 0.10
C42 CN5 Z . 7.86 13.42 0.54
CA CN5 Z . 8.10 4.39 3.38
CB CN5 Z . 8.95 3.47 2.55
OA CN5 Z . 10.32 3.85 2.68
CC CN5 Z . 8.52 3.37 1.11
P CN3 AA . 32.69 -8.51 9.99
O11 CN3 AA . 32.96 -7.81 11.47
O12 CN3 AA . 31.48 -9.41 10.07
O13 CN3 AA . 32.41 -7.40 8.80
O14 CN3 AA . 33.89 -9.33 9.62
C1 CN3 AA . 32.45 -6.56 11.83
C2 CN3 AA . 33.54 -5.48 11.63
C3 CN3 AA . 33.00 -4.06 11.44
O31 CN3 AA . 33.77 -3.40 10.48
O32 CN3 AA . 32.56 -1.55 10.19
C31 CN3 AA . 33.09 -2.48 9.69
C32 CN3 AA . 33.02 -2.66 8.18
C33 CN3 AA . 32.32 -1.47 7.55
O21 CN3 AA . 34.37 -5.48 12.74
O22 CN3 AA . 36.00 -4.40 11.60
C21 CN3 AA . 35.51 -4.66 12.65
C22 CN3 AA . 36.10 -4.11 13.96
C23 CN3 AA . 37.20 -3.07 13.79
C24 CN3 AA . 38.50 -3.68 14.29
P' CN3 AA . 32.92 -9.67 3.07
O1' CN3 AA . 34.33 -9.01 2.51
O2' CN3 AA . 31.73 -9.02 2.41
O3' CN3 AA . 32.84 -9.45 4.70
O4' CN3 AA . 32.90 -11.15 2.78
C1' CN3 AA . 34.36 -8.23 1.36
C2' CN3 AA . 34.98 -6.87 1.66
C3' CN3 AA . 34.52 -6.35 3.02
O41 CN3 AA . 34.45 -4.95 2.99
O42 CN3 AA . 32.86 -4.45 4.48
C41 CN3 AA . 33.21 -4.46 3.34
C42 CN3 AA . 32.27 -3.98 2.25
C43 CN3 AA . 32.52 -2.49 2.00
C44 CN3 AA . 31.30 -1.61 2.30
C45 CN3 AA . 31.72 -0.37 3.08
C46 CN3 AA . 32.63 0.54 2.24
C47 CN3 AA . 32.10 1.97 2.15
C48 CN3 AA . 31.96 2.66 3.51
C49 CN3 AA . 32.53 4.06 3.47
C4A CN3 AA . 31.65 5.02 2.67
C4B CN3 AA . 32.49 6.17 2.14
O51 CN3 AA . 36.38 -6.98 1.64
O52 CN3 AA . 37.59 -5.55 2.86
C51 CN3 AA . 37.07 -5.78 1.81
C52 CN3 AA . 37.17 -4.77 0.68
C53 CN3 AA . 37.18 -3.34 1.20
C54 CN3 AA . 36.39 -2.40 0.27
C55 CN3 AA . 37.20 -2.06 -0.98
C56 CN3 AA . 36.29 -1.55 -2.12
C57 CN3 AA . 36.06 -0.04 -2.03
C58 CN3 AA . 37.29 0.75 -2.47
C59 CN3 AA . 36.87 1.87 -3.41
CA CN3 AA . 32.06 -8.42 5.20
CB CN3 AA . 31.94 -8.59 6.71
OA CN3 AA . 30.59 -8.35 7.05
CC CN3 AA . 32.87 -7.64 7.50
CHA HEM BA . 18.52 -2.36 -3.55
CHB HEM BA . 18.08 2.32 -2.50
CHC HEM BA . 19.95 3.39 -6.80
CHD HEM BA . 19.58 -1.23 -8.11
C1A HEM BA . 18.32 -1.19 -2.86
C2A HEM BA . 18.01 -1.07 -1.45
C3A HEM BA . 17.89 0.21 -1.16
C4A HEM BA . 18.11 0.96 -2.37
CMA HEM BA . 17.55 0.79 0.23
CAA HEM BA . 17.86 -2.23 -0.46
CBA HEM BA . 19.14 -2.48 0.32
CGA HEM BA . 20.31 -2.84 -0.55
O1A HEM BA . 20.17 -3.73 -1.42
O2A HEM BA . 21.39 -2.23 -0.37
C1B HEM BA . 18.57 3.03 -3.57
C2B HEM BA . 18.72 4.46 -3.64
C3B HEM BA . 19.25 4.76 -4.83
C4B HEM BA . 19.43 3.53 -5.54
CMB HEM BA . 18.33 5.41 -2.50
CAB HEM BA . 19.62 6.13 -5.45
CBB HEM BA . 19.22 7.30 -4.96
C1C HEM BA . 20.05 2.24 -7.52
C2C HEM BA . 20.68 2.10 -8.81
C3C HEM BA . 20.59 0.81 -9.17
C4C HEM BA . 19.89 0.11 -8.13
CMC HEM BA . 21.34 3.28 -9.55
CAC HEM BA . 21.08 0.09 -10.45
CBC HEM BA . 21.31 0.70 -11.60
C1D HEM BA . 19.27 -1.96 -6.99
C2D HEM BA . 19.08 -3.38 -6.91
C3D HEM BA . 18.79 -3.71 -5.65
C4D HEM BA . 18.77 -2.48 -4.89
CMD HEM BA . 19.21 -4.36 -8.10
CAD HEM BA . 18.50 -5.10 -5.07
CBD HEM BA . 19.78 -5.80 -4.62
CGD HEM BA . 19.52 -7.10 -3.91
O1D HEM BA . 18.45 -7.27 -3.29
O2D HEM BA . 20.42 -7.97 -3.97
NA HEM BA . 18.37 0.08 -3.38
NB HEM BA . 19.02 2.48 -4.74
NC HEM BA . 19.58 1.01 -7.13
ND HEM BA . 19.07 -1.44 -5.74
FE HEM BA . 19.06 0.55 -5.22
CHA HEM CA . 50.53 38.58 -13.75
CHB HEM CA . 52.30 43.09 -13.99
CHC HEM CA . 53.52 42.86 -9.31
CHD HEM CA . 51.53 38.47 -9.05
C1A HEM CA . 50.93 39.80 -14.22
C2A HEM CA . 50.81 40.24 -15.59
C3A HEM CA . 51.31 41.49 -15.67
C4A HEM CA . 51.74 41.89 -14.35
CMA HEM CA . 51.39 42.35 -16.95
CAA HEM CA . 50.22 39.39 -16.74
CBA HEM CA . 51.16 38.24 -17.09
CGA HEM CA . 50.84 37.66 -18.43
O1A HEM CA . 51.77 37.11 -19.08
O2A HEM CA . 49.67 37.77 -18.88
C1B HEM CA . 52.80 43.42 -12.76
C2B HEM CA . 53.43 44.67 -12.38
C3B HEM CA . 53.78 44.59 -11.09
C4B HEM CA . 53.35 43.31 -10.60
CMB HEM CA . 53.70 45.85 -13.36
CAB HEM CA . 54.46 45.63 -10.17
CBB HEM CA . 54.07 46.90 -10.18
C1C HEM CA . 53.18 41.61 -8.85
C2C HEM CA . 53.61 40.96 -7.61
C3C HEM CA . 53.06 39.75 -7.57
C4C HEM CA . 52.25 39.59 -8.75
CMC HEM CA . 54.57 41.59 -6.58
CAC HEM CA . 53.15 38.66 -6.49
CBC HEM CA . 52.85 38.94 -5.23
C1D HEM CA . 51.12 38.09 -10.30
C2D HEM CA . 50.57 36.81 -10.66
C3D HEM CA . 50.29 36.83 -11.96
C4D HEM CA . 50.66 38.14 -12.47
CMD HEM CA . 50.36 35.63 -9.69
CAD HEM CA . 49.67 35.68 -12.78
CBD HEM CA . 50.72 34.65 -13.16
CGD HEM CA . 50.02 33.48 -13.80
O1D HEM CA . 48.83 33.62 -14.18
O2D HEM CA . 50.65 32.40 -13.93
NA HEM CA . 51.49 40.83 -13.49
NB HEM CA . 52.77 42.62 -11.64
NC HEM CA . 52.36 40.73 -9.51
ND HEM CA . 51.16 38.88 -11.42
FE HEM CA . 51.97 40.77 -11.53
FE1 FES DA . 0.63 60.40 15.16
FE2 FES DA . -1.99 59.36 13.78
S1 FES DA . -1.55 60.59 15.59
S2 FES DA . 0.19 59.16 13.35
P 6PH EA . -16.11 3.10 -24.68
O11 6PH EA . -15.89 4.60 -24.03
O12 6PH EA . -17.39 2.51 -24.14
O13 6PH EA . -16.19 3.20 -26.17
O14 6PH EA . -14.95 2.21 -24.29
C1 6PH EA . -15.09 5.53 -24.69
C2 6PH EA . -13.61 5.28 -24.39
C3 6PH EA . -12.76 6.21 -25.25
O31 6PH EA . -13.26 7.51 -25.14
O32 6PH EA . -12.41 8.11 -27.15
C31 6PH EA . -12.78 8.44 -26.08
C32 6PH EA . -12.77 9.92 -25.69
C33 6PH EA . -11.47 10.20 -24.97
C34 6PH EA . -11.68 11.12 -23.77
C35 6PH EA . -11.93 12.54 -24.24
C36 6PH EA . -11.87 13.48 -23.04
C37 6PH EA . -10.42 13.79 -22.66
C38 6PH EA . -10.35 14.96 -21.71
C39 6PH EA . -8.89 15.27 -21.40
C3A 6PH EA . -8.78 16.47 -20.47
C3B 6PH EA . -8.32 16.03 -19.09
C3C 6PH EA . -8.31 17.23 -18.15
C3D 6PH EA . -7.85 16.82 -16.75
O21 6PH EA . -13.40 5.52 -23.03
O22 6PH EA . -11.54 4.24 -23.02
C21 6PH EA . -12.20 5.06 -22.47
C22 6PH EA . -11.73 5.63 -21.14
C23 6PH EA . -11.07 6.98 -21.35
C24 6PH EA . -11.64 7.97 -20.34
C25 6PH EA . -11.10 9.38 -20.61
C26 6PH EA . -9.99 9.82 -19.65
C27 6PH EA . -10.31 11.22 -19.15
C28 6PH EA . -9.25 11.66 -18.14
C29 6PH EA . -9.75 12.88 -17.38
C2A 6PH EA . -10.19 12.45 -15.99
C2B 6PH EA . -10.97 13.57 -15.31
C2C 6PH EA . -10.63 13.66 -13.82
C2D 6PH EA . -11.19 12.47 -13.04
C2E 6PH EA . -10.25 12.04 -11.92
C2F 6PH EA . -8.97 11.38 -12.45
P CN3 FA . -27.30 16.93 -14.96
O11 CN3 FA . -26.36 17.90 -15.88
O12 CN3 FA . -28.43 16.35 -15.77
O13 CN3 FA . -27.93 17.83 -13.73
O14 CN3 FA . -26.47 15.80 -14.41
C1 CN3 FA . -25.40 18.68 -15.22
C2 CN3 FA . -25.08 19.95 -15.98
C3 CN3 FA . -26.30 20.87 -15.94
O31 CN3 FA . -27.27 20.30 -16.76
O32 CN3 FA . -28.43 21.52 -18.23
C31 CN3 FA . -28.30 21.17 -17.10
C32 CN3 FA . -29.25 21.66 -16.01
C33 CN3 FA . -29.79 20.47 -15.22
O21 CN3 FA . -23.93 20.56 -15.48
O22 CN3 FA . -24.77 20.98 -13.42
C21 CN3 FA . -23.83 20.93 -14.13
C22 CN3 FA . -22.45 21.30 -13.58
C23 CN3 FA . -22.40 21.29 -12.07
C24 CN3 FA . -22.68 22.68 -11.49
P' CN3 FA . -27.03 18.48 -7.84
O1' CN3 FA . -26.27 19.81 -7.25
O2' CN3 FA . -26.05 17.35 -7.97
O3' CN3 FA . -27.66 18.82 -9.31
O4' CN3 FA . -28.12 18.07 -6.88
C1' CN3 FA . -25.87 20.77 -8.17
C2' CN3 FA . -25.23 21.96 -7.45
C3' CN3 FA . -23.73 21.72 -7.26
O41 CN3 FA . -23.06 22.87 -6.84
O42 CN3 FA . -21.20 21.65 -6.62
C41 CN3 FA . -21.67 22.70 -6.87
C42 CN3 FA . -20.77 23.87 -7.22
C43 CN3 FA . -20.12 23.62 -8.57
C44 CN3 FA . -19.18 24.79 -8.91
C45 CN3 FA . -18.26 24.40 -10.05
C46 CN3 FA . -17.64 25.64 -10.70
C47 CN3 FA . -16.14 25.66 -10.48
C48 CN3 FA . -15.56 27.03 -10.80
C49 CN3 FA . -15.92 28.05 -9.72
C4A CN3 FA . -14.80 29.07 -9.54
C4B CN3 FA . -15.41 30.43 -9.21
O51 CN3 FA . -25.39 23.15 -8.17
O52 CN3 FA . -27.22 23.73 -9.31
C51 CN3 FA . -26.69 23.68 -8.25
C52 CN3 FA . -27.43 24.19 -7.01
C53 CN3 FA . -26.46 24.82 -6.02
C54 CN3 FA . -26.06 26.22 -6.46
C55 CN3 FA . -24.62 26.49 -6.00
C56 CN3 FA . -24.32 27.99 -5.87
C57 CN3 FA . -23.37 28.30 -4.72
C58 CN3 FA . -21.91 28.11 -5.11
C59 CN3 FA . -21.21 29.46 -5.12
CA CN3 FA . -27.77 17.80 -10.25
CB CN3 FA . -28.54 18.27 -11.48
OA CN3 FA . -29.87 18.45 -11.12
CC CN3 FA . -28.45 17.23 -12.59
CHA HEM GA . 3.80 34.67 -7.41
CHB HEM GA . 0.68 31.63 -5.29
CHC HEM GA . 3.27 27.85 -6.75
CHD HEM GA . 6.46 30.90 -8.69
C1A HEM GA . 2.71 34.16 -6.76
C2A HEM GA . 1.59 34.93 -6.33
C3A HEM GA . 0.73 34.10 -5.75
C4A HEM GA . 1.27 32.77 -5.78
CMA HEM GA . -0.61 34.51 -5.14
CAA HEM GA . 1.41 36.46 -6.53
CBA HEM GA . 0.57 36.70 -7.78
CGA HEM GA . 0.64 38.12 -8.26
O1A HEM GA . 1.51 38.41 -9.12
O2A HEM GA . -0.17 38.96 -7.80
C1B HEM GA . 1.07 30.33 -5.50
C2B HEM GA . 0.39 29.13 -5.08
C3B HEM GA . 1.13 28.09 -5.50
C4B HEM GA . 2.28 28.61 -6.18
CMB HEM GA . -0.94 29.09 -4.30
CAB HEM GA . 0.91 26.57 -5.33
CBB HEM GA . 0.16 26.03 -4.38
C1C HEM GA . 4.40 28.34 -7.33
C2C HEM GA . 5.55 27.57 -7.71
C3C HEM GA . 6.44 28.40 -8.23
C4C HEM GA . 5.88 29.74 -8.23
CMC HEM GA . 5.74 26.05 -7.52
CAC HEM GA . 7.82 27.94 -8.77
CBC HEM GA . 8.81 28.80 -8.93
C1D HEM GA . 6.01 32.18 -8.53
C2D HEM GA . 6.67 33.36 -9.03
C3D HEM GA . 5.95 34.42 -8.68
C4D HEM GA . 4.80 33.94 -7.94
CMD HEM GA . 7.98 33.38 -9.83
CAD HEM GA . 6.29 35.88 -9.02
CBD HEM GA . 5.75 36.22 -10.39
CGD HEM GA . 4.32 36.70 -10.30
O1D HEM GA . 3.45 36.06 -10.94
O2D HEM GA . 4.06 37.68 -9.58
NA HEM GA . 2.50 32.84 -6.41
NB HEM GA . 2.22 29.98 -6.16
NC HEM GA . 4.62 29.66 -7.66
ND HEM GA . 4.87 32.56 -7.87
FE HEM GA . 3.46 31.27 -7.18
CHA HEM HA . -12.41 14.38 0.49
CHB HEM HA . -8.72 16.06 -2.10
CHC HEM HA . -8.21 19.65 1.06
CHD HEM HA . -11.32 17.45 4.04
C1A HEM HA . -11.52 14.56 -0.53
C2A HEM HA . -11.50 13.87 -1.80
C3A HEM HA . -10.48 14.32 -2.51
C4A HEM HA . -9.81 15.33 -1.74
CMA HEM HA . -10.10 13.84 -3.92
CAA HEM HA . -12.48 12.78 -2.24
CBA HEM HA . -13.59 13.34 -3.12
CGA HEM HA . -14.42 14.37 -2.42
O1A HEM HA . -14.87 14.13 -1.27
O2A HEM HA . -14.65 15.45 -3.02
C1B HEM HA . -8.27 17.20 -1.49
C2B HEM HA . -7.24 18.08 -1.99
C3B HEM HA . -7.10 19.09 -1.11
C4B HEM HA . -8.04 18.85 -0.03
CMB HEM HA . -6.49 17.85 -3.30
CAB HEM HA . -6.15 20.30 -1.12
CBB HEM HA . -5.10 20.42 -1.92
C1C HEM HA . -9.04 19.39 2.13
C2C HEM HA . -9.29 20.28 3.23
C3C HEM HA . -10.16 19.68 4.05
C4C HEM HA . -10.47 18.39 3.49
CMC HEM HA . -8.64 21.67 3.34
CAC HEM HA . -10.76 20.16 5.40
CBC HEM HA . -10.22 21.09 6.17
C1D HEM HA . -11.90 16.42 3.34
C2D HEM HA . -12.91 15.52 3.83
C3D HEM HA . -13.22 14.67 2.84
C4D HEM HA . -12.40 15.00 1.71
CMD HEM HA . -13.52 15.56 5.24
CAD HEM HA . -14.24 13.51 2.89
CBD HEM HA . -15.64 13.98 2.50
CGD HEM HA . -16.62 12.84 2.37
O1D HEM HA . -17.82 13.10 2.57
O2D HEM HA . -16.21 11.69 2.07
NA HEM HA . -10.47 15.47 -0.53
NB HEM HA . -8.74 17.71 -0.30
NC HEM HA . -9.78 18.25 2.31
ND HEM HA . -11.60 16.08 2.04
FE HEM HA . -10.17 16.92 0.84
P 8PE IA . -29.79 19.28 0.06
N 8PE IA . -29.29 15.90 -3.03
O11 8PE IA . -28.90 20.58 -0.43
O12 8PE IA . -30.96 19.13 -0.88
O13 8PE IA . -28.87 17.90 0.03
O14 8PE IA . -30.28 19.49 1.47
C11 8PE IA . -29.32 16.82 -0.74
C12 8PE IA . -28.98 17.07 -2.22
C1 8PE IA . -29.49 21.84 -0.29
C2 8PE IA . -28.47 22.96 -0.02
C3 8PE IA . -27.42 22.53 1.00
O31 8PE IA . -26.18 23.03 0.61
O32 8PE IA . -25.63 21.66 -1.05
C31 8PE IA . -25.41 22.02 0.05
C32 8PE IA . -24.31 21.38 0.87
C33 8PE IA . -22.98 22.04 0.62
C34 8PE IA . -23.10 23.54 0.90
C35 8PE IA . -21.77 24.13 1.39
C36 8PE IA . -21.19 25.12 0.40
C37 8PE IA . -21.97 26.43 0.38
C38 8PE IA . -21.09 27.58 0.82
C39 8PE IA . -20.02 27.92 -0.22
C3A 8PE IA . -19.30 29.20 0.18
C3B 8PE IA . -18.26 28.94 1.26
C3C 8PE IA . -18.07 30.12 2.23
C3D 8PE IA . -17.87 29.63 3.66
C3E 8PE IA . -16.47 29.04 3.83
C3F 8PE IA . -16.31 28.59 5.29
C3G 8PE IA . -14.89 28.08 5.52
C3H 8PE IA . -14.47 28.40 6.95
C3I 8PE IA . -13.00 28.07 7.15
O21 8PE IA . -27.81 23.33 -1.20
O22 8PE IA . -29.03 25.14 -1.67
C21 8PE IA . -27.95 24.68 -1.56
C22 8PE IA . -26.71 25.53 -1.83
C23 8PE IA . -27.10 27.01 -1.85
C24 8PE IA . -25.86 27.88 -1.59
C25 8PE IA . -26.29 29.34 -1.46
C26 8PE IA . -25.31 30.15 -0.61
C27 8PE IA . -24.11 30.59 -1.46
C28 8PE IA . -22.97 30.98 -0.53
C29 8PE IA . -21.96 31.87 -1.25
C2A 8PE IA . -22.18 33.30 -0.79
C2B 8PE IA . -21.26 34.26 -1.56
C2C 8PE IA . -21.53 35.70 -1.12
C2D 8PE IA . -20.81 36.69 -2.03
C2E 8PE IA . -19.29 36.53 -1.94
C1 UQ6 JA . -9.75 11.16 -7.33
C1M UQ6 JA . -9.88 12.22 -8.44
C2 UQ6 JA . -10.93 10.60 -6.87
O2 UQ6 JA . -12.15 11.01 -7.43
C3 UQ6 JA . -10.93 9.64 -5.87
C4 UQ6 JA . -9.73 9.23 -5.33
C5 UQ6 JA . -8.54 9.78 -5.78
O5 UQ6 JA . -7.35 9.36 -5.21
C6 UQ6 JA . -8.54 10.75 -6.78
O3 UQ6 JA . -12.15 9.07 -5.42
C3M UQ6 JA . -12.64 9.56 -4.21
O4 UQ6 JA . -9.69 8.25 -4.29
C4M UQ6 JA . -10.06 6.93 -4.58
C7 UQ6 JA . -7.17 11.36 -7.26
C8 UQ6 JA . -7.13 12.82 -6.76
C9 UQ6 JA . -6.10 13.67 -6.92
C10 UQ6 JA . -6.32 15.07 -6.32
C11 UQ6 JA . -4.76 13.33 -7.67
C12 UQ6 JA . -3.51 13.72 -6.85
C13 UQ6 JA . -2.74 14.94 -7.50
C14 UQ6 JA . -1.55 15.37 -7.00
C15 UQ6 JA . -0.93 14.65 -5.80
C16 UQ6 JA . -0.80 16.59 -7.67
C17 UQ6 JA . 0.71 16.33 -7.79
C18 UQ6 JA . 1.35 17.33 -8.80
C19 UQ6 JA . 2.68 17.38 -8.99
C20 UQ6 JA . 3.62 16.46 -8.21
C21 UQ6 JA . 3.26 18.40 -10.01
C22 UQ6 JA . 4.12 17.68 -11.10
C23 UQ6 JA . 4.59 18.78 -12.11
C24 UQ6 JA . 5.80 18.81 -12.71
C25 UQ6 JA . 6.86 17.74 -12.43
C26 UQ6 JA . 6.11 19.99 -13.68
C27 UQ6 JA . 6.82 19.59 -15.00
C28 UQ6 JA . 7.55 20.85 -15.53
C29 UQ6 JA . 8.43 20.80 -16.54
C30 UQ6 JA . 8.74 19.47 -17.22
C31 UQ6 JA . 9.11 22.13 -16.99
C32 UQ6 JA . 10.59 21.95 -17.32
C33 UQ6 JA . 11.34 23.24 -16.89
C34 UQ6 JA . 11.84 23.44 -15.67
C35 UQ6 JA . 11.74 22.40 -14.56
C36 UQ6 JA . 12.56 24.75 -15.34
CHA HEM KA . 1.72 64.02 -11.45
CHB HEM KA . 0.22 63.03 -15.92
CHC HEM KA . 2.41 67.01 -17.51
CHD HEM KA . 4.22 67.84 -13.11
C1A HEM KA . 1.08 63.43 -12.50
C2A HEM KA . 0.16 62.32 -12.41
C3A HEM KA . -0.26 62.04 -13.65
C4A HEM KA . 0.37 62.97 -14.56
CMA HEM KA . -1.24 60.92 -14.04
CAA HEM KA . -0.23 61.56 -11.13
CBA HEM KA . -1.58 62.00 -10.57
CGA HEM KA . -1.92 61.11 -9.42
O1A HEM KA . -3.10 61.10 -8.99
O2A HEM KA . -1.02 60.39 -8.91
C1B HEM KA . 0.57 64.07 -16.72
C2B HEM KA . 0.03 64.39 -18.02
C3B HEM KA . 0.65 65.50 -18.46
C4B HEM KA . 1.58 65.91 -17.44
CMB HEM KA . -1.04 63.52 -18.72
CAB HEM KA . 0.47 66.31 -19.77
CBB HEM KA . -0.51 66.10 -20.64
C1C HEM KA . 3.10 67.58 -16.47
C2C HEM KA . 3.91 68.76 -16.56
C3C HEM KA . 4.41 69.02 -15.36
C4C HEM KA . 3.94 67.99 -14.44
CMC HEM KA . 4.14 69.58 -17.85
CAC HEM KA . 5.34 70.23 -15.08
CBC HEM KA . 5.74 70.61 -13.86
C1D HEM KA . 3.66 66.89 -12.27
C2D HEM KA . 3.84 66.81 -10.83
C3D HEM KA . 3.16 65.77 -10.38
C4D HEM KA . 2.52 65.14 -11.51
CMD HEM KA . 4.69 67.79 -9.99
CAD HEM KA . 3.04 65.26 -8.92
CBD HEM KA . 1.67 65.57 -8.35
CGD HEM KA . 1.68 65.52 -6.85
O1D HEM KA . 0.81 66.18 -6.22
O2D HEM KA . 2.54 64.82 -6.27
NA HEM KA . 1.17 63.81 -13.82
NB HEM KA . 1.51 65.03 -16.39
NC HEM KA . 3.14 67.12 -15.18
ND HEM KA . 2.85 65.84 -12.65
FE HEM KA . 2.14 65.50 -14.50
FE1 FES LA . 43.12 26.84 -35.06
FE2 FES LA . 44.96 24.96 -33.37
S1 FES LA . 44.81 25.46 -35.53
S2 FES LA . 43.27 26.33 -32.89
P 6PH MA . -3.02 28.90 -30.72
O11 6PH MA . -3.88 28.83 -29.31
O12 6PH MA . -3.97 28.93 -31.89
O13 6PH MA . -2.17 30.14 -30.74
O14 6PH MA . -2.13 27.68 -30.81
C1 6PH MA . -3.27 29.34 -28.17
C2 6PH MA . -4.26 29.50 -27.02
C3 6PH MA . -5.60 30.03 -27.51
O31 6PH MA . -6.59 29.04 -27.38
O32 6PH MA . -6.77 28.57 -29.56
C31 6PH MA . -6.72 28.15 -28.46
C32 6PH MA . -6.82 26.63 -28.24
C33 6PH MA . -6.74 26.23 -26.77
C34 6PH MA . -8.08 25.71 -26.25
C35 6PH MA . -8.19 25.87 -24.74
C36 6PH MA . -7.28 24.87 -24.00
C37 6PH MA . -7.97 23.55 -23.73
C38 6PH MA . -7.95 23.19 -22.25
C39 6PH MA . -6.61 22.59 -21.82
C3A 6PH MA . -6.36 21.15 -22.31
C3B 6PH MA . -7.35 20.13 -21.73
C3C 6PH MA . -8.01 19.34 -22.87
C3D 6PH MA . -9.03 20.21 -23.59
O21 6PH MA . -4.41 28.27 -26.39
O22 6PH MA . -2.63 27.48 -25.27
C21 6PH MA . -3.62 28.13 -25.24
C22 6PH MA . -4.03 28.82 -23.95
C23 6PH MA . -3.83 27.87 -22.78
C24 6PH MA . -4.54 28.43 -21.55
C25 6PH MA . -5.99 27.97 -21.55
C26 6PH MA . -6.82 28.82 -20.58
C27 6PH MA . -7.73 27.99 -19.67
C28 6PH MA . -7.15 27.86 -18.26
C29 6PH MA . -7.23 26.42 -17.77
C2A 6PH MA . -6.21 25.52 -18.49
C2B 6PH MA . -4.94 25.32 -17.69
C2C 6PH MA . -4.08 24.33 -18.47
C2D 6PH MA . -2.72 24.16 -17.80
C2E 6PH MA . -2.36 22.68 -17.80
C2F 6PH MA . -0.95 22.50 -17.25
#